data_3B78
#
_entry.id   3B78
#
_cell.length_a   327.136
_cell.length_b   68.128
_cell.length_c   190.577
_cell.angle_alpha   90.000
_cell.angle_beta   102.994
_cell.angle_gamma   90.000
#
_symmetry.space_group_name_H-M   'C 1 2 1'
#
loop_
_entity.id
_entity.type
_entity.pdbx_description
1 polymer 'Elongation factor 2'
2 polymer 'Exotoxin A'
3 non-polymer NICOTINAMIDE-ADENINE-DINUCLEOTIDE
4 water water
#
loop_
_entity_poly.entity_id
_entity_poly.type
_entity_poly.pdbx_seq_one_letter_code
_entity_poly.pdbx_strand_id
1 'polypeptide(L)'
;MVAFTVDQMRSLMDKVTNVRNMSVIAHVDHGKSTLTDSLVQRAGIISAAKAGEARFTDTRKDEQERGITIKSTAISLYSE
MSDEDVKEIKQKTDGNSFLINLIDSPGHVDFSSEVTAALRVTDGALVVVDTIEGVCVQTETVLRQALGERIKPVVVINKV
DRALLELQVSKEDLYQTFARTVESVNVIVSTYADEVLGDVQVYPARGTVAFGSGLHGWAFTIRQFATRYAKKFGVDKAKM
MDRLWGDSFFNPKTKKWTNKDTDAEGKPLERAFNMFILDPIFRLFTAIMNFKKDEIPVLLEKLEIVLKGDEKDLEGKALL
KVVMRKFLPAADALLEMIVLHLPSPVTAQAYRAEQLYEGPADDANCIAIKNCDPKADLMLYVSKMVPTSDKGRFYAFGRV
FAGTVKSGQKVRIQGPNYVPGKKDDLFIKAIQRVVLMMGRFVEPIDDCPAGNIIGLVGIDQFLLKTGTLTTSETAHNMKV
MKFSVSPVVQVAVEVKNANDLPKLVEGLKRLSKSDPCVLTYMSESGEHIVAGTGELHLEICLQDLEHDHAGVPLKISPPV
VAYRETVESESSQTALSKSPNKHNRIYLKAEPIDEEVSLAIENGIINPRDDFKARARIMADDYGWDVTDARKIWCFGPDG
NGPNLVIDQTKAVQYLHEIKDSVVAAFQWATKEGPIFGEEMRSVRVNILDVTLHADAI(DDE)RGGGQIIPTMRRATYAG
FLLADPKIQEPVFLVEIQCPEQAVGGIYSVLNKKRGQVVSEEQRPGTPLFTVKAYLPVNESFGFTGELRQATGGQAFPQM
VFDHWSTLGSDPLDPTSKAGEIVLAARKRHGMKEEVPGWQEYYDKL
;
A,C,E
2 'polypeptide(L)'
;AFLGDGGDVSFSTRGTQNWTVERLLQAHRQLEERGYVFVGYHGTFLEAAQSIVFGGVRARSQDLDAIWRGFYIAGDPALA
YGYAQDQEPDARGRIRNGALLRVYVPRSSLPGFYRTSLTLAAPEAAGEVERLIGHPLPLRLDAITGPEEEGGHLETILGW
PLAERTVVIPSAIPTDPRNVGGDLDPSSIPDKEQAISALPDYASQPG
;
B,D,F
#
loop_
_chem_comp.id
_chem_comp.type
_chem_comp.name
_chem_comp.formula
NAD non-polymer NICOTINAMIDE-ADENINE-DINUCLEOTIDE 'C21 H27 N7 O14 P2'
#
# COMPACT_ATOMS: atom_id res chain seq x y z
N VAL A 2 12.83 0.73 32.71
CA VAL A 2 12.94 -0.40 33.63
C VAL A 2 13.11 -1.71 32.86
N ALA A 3 14.19 -2.42 33.16
CA ALA A 3 14.50 -3.66 32.47
C ALA A 3 13.77 -4.86 33.09
N PHE A 4 13.19 -5.69 32.22
CA PHE A 4 12.47 -6.88 32.67
C PHE A 4 12.90 -8.10 31.86
N THR A 5 12.73 -9.28 32.45
CA THR A 5 13.00 -10.53 31.77
C THR A 5 11.70 -11.05 31.14
N VAL A 6 11.81 -12.02 30.24
CA VAL A 6 10.63 -12.59 29.60
C VAL A 6 9.71 -13.23 30.63
N ASP A 7 10.29 -13.75 31.71
CA ASP A 7 9.51 -14.35 32.79
C ASP A 7 8.62 -13.31 33.46
N GLN A 8 9.22 -12.20 33.86
CA GLN A 8 8.50 -11.12 34.52
C GLN A 8 7.37 -10.58 33.65
N MET A 9 7.63 -10.47 32.35
CA MET A 9 6.62 -10.00 31.41
C MET A 9 5.42 -10.93 31.39
N ARG A 10 5.69 -12.23 31.33
CA ARG A 10 4.63 -13.23 31.31
C ARG A 10 3.78 -13.18 32.59
N SER A 11 4.44 -13.08 33.73
CA SER A 11 3.73 -12.99 35.01
C SER A 11 2.89 -11.72 35.05
N LEU A 12 3.33 -10.71 34.31
CA LEU A 12 2.64 -9.43 34.27
C LEU A 12 1.44 -9.52 33.34
N MET A 13 1.60 -10.24 32.24
CA MET A 13 0.51 -10.42 31.27
C MET A 13 -0.52 -11.43 31.78
N ASP A 14 -0.16 -12.13 32.85
CA ASP A 14 -1.06 -13.13 33.43
C ASP A 14 -2.18 -12.45 34.21
N LYS A 15 -1.83 -11.47 35.02
CA LYS A 15 -2.82 -10.67 35.73
C LYS A 15 -3.39 -9.62 34.78
N VAL A 16 -4.40 -10.00 34.02
CA VAL A 16 -4.92 -9.15 32.96
C VAL A 16 -5.86 -8.07 33.49
N THR A 17 -6.20 -8.16 34.77
CA THR A 17 -6.99 -7.11 35.42
C THR A 17 -6.14 -5.86 35.64
N ASN A 18 -4.82 -6.05 35.64
CA ASN A 18 -3.89 -4.94 35.83
C ASN A 18 -3.20 -4.53 34.53
N VAL A 19 -3.90 -4.74 33.42
CA VAL A 19 -3.40 -4.34 32.10
C VAL A 19 -4.21 -3.18 31.56
N ARG A 20 -3.54 -2.26 30.87
CA ARG A 20 -4.21 -1.10 30.28
C ARG A 20 -3.90 -0.96 28.80
N ASN A 21 -4.86 -1.35 27.96
CA ASN A 21 -4.72 -1.16 26.52
C ASN A 21 -5.31 0.18 26.10
N MET A 22 -4.44 1.11 25.70
CA MET A 22 -4.89 2.45 25.34
C MET A 22 -4.06 3.09 24.24
N SER A 23 -4.55 4.21 23.72
CA SER A 23 -3.84 4.97 22.71
C SER A 23 -3.90 6.47 23.04
N VAL A 24 -3.15 7.26 22.29
CA VAL A 24 -3.11 8.70 22.51
C VAL A 24 -3.78 9.45 21.37
N ILE A 25 -4.86 10.16 21.70
CA ILE A 25 -5.58 10.96 20.71
C ILE A 25 -5.17 12.43 20.82
N ALA A 26 -4.34 12.88 19.88
CA ALA A 26 -3.83 14.23 19.92
C ALA A 26 -3.37 14.72 18.55
N HIS A 27 -3.46 16.03 18.34
CA HIS A 27 -2.95 16.64 17.12
C HIS A 27 -1.44 16.74 17.24
N VAL A 28 -0.73 16.40 16.16
CA VAL A 28 0.73 16.43 16.15
C VAL A 28 1.29 17.76 16.67
N ASP A 29 0.62 18.85 16.32
CA ASP A 29 1.06 20.18 16.74
C ASP A 29 0.81 20.48 18.21
N HIS A 30 0.04 19.62 18.88
CA HIS A 30 -0.23 19.79 20.30
C HIS A 30 0.66 18.91 21.17
N GLY A 31 1.87 18.65 20.70
CA GLY A 31 2.85 17.88 21.46
C GLY A 31 2.44 16.44 21.74
N LYS A 32 1.89 15.77 20.74
CA LYS A 32 1.48 14.38 20.90
C LYS A 32 2.68 13.49 21.22
N SER A 33 3.70 13.56 20.38
CA SER A 33 4.90 12.75 20.56
C SER A 33 5.65 13.16 21.83
N THR A 34 5.55 14.44 22.18
CA THR A 34 6.25 14.95 23.36
C THR A 34 5.77 14.27 24.64
N LEU A 35 4.46 14.27 24.85
CA LEU A 35 3.89 13.61 26.03
C LEU A 35 4.15 12.11 26.01
N THR A 36 4.19 11.53 24.81
CA THR A 36 4.47 10.11 24.65
C THR A 36 5.90 9.79 25.10
N ASP A 37 6.81 10.71 24.81
CA ASP A 37 8.21 10.54 25.21
C ASP A 37 8.36 10.55 26.73
N SER A 38 7.60 11.43 27.38
CA SER A 38 7.62 11.51 28.84
C SER A 38 7.24 10.18 29.46
N LEU A 39 6.28 9.49 28.84
CA LEU A 39 5.79 8.22 29.35
C LEU A 39 6.82 7.10 29.22
N VAL A 40 7.46 7.01 28.06
CA VAL A 40 8.43 5.95 27.80
C VAL A 40 9.74 6.16 28.57
N GLN A 41 10.08 7.42 28.83
CA GLN A 41 11.31 7.74 29.54
C GLN A 41 11.13 7.53 31.04
N ARG A 42 9.89 7.38 31.47
CA ARG A 42 9.56 7.19 32.87
C ARG A 42 9.22 5.73 33.19
N ALA A 43 8.30 5.16 32.41
CA ALA A 43 7.81 3.82 32.68
C ALA A 43 8.07 2.84 31.53
N GLY A 44 8.84 3.28 30.54
CA GLY A 44 9.16 2.44 29.40
C GLY A 44 9.84 1.15 29.82
N ILE A 45 9.36 0.03 29.29
CA ILE A 45 9.89 -1.29 29.66
C ILE A 45 10.98 -1.77 28.70
N ILE A 46 12.20 -1.88 29.21
CA ILE A 46 13.31 -2.42 28.44
C ILE A 46 13.47 -3.90 28.80
N SER A 47 14.19 -4.65 27.96
CA SER A 47 14.34 -6.08 28.17
C SER A 47 15.79 -6.51 28.38
N ALA A 48 16.07 -7.08 29.55
CA ALA A 48 17.37 -7.71 29.77
C ALA A 48 17.38 -9.03 29.01
N GLY A 67 18.92 -7.77 17.36
CA GLY A 67 18.92 -8.90 16.46
C GLY A 67 17.91 -8.55 15.41
N ILE A 68 16.71 -9.09 15.55
CA ILE A 68 15.59 -8.78 14.65
C ILE A 68 14.84 -7.57 15.14
N THR A 69 14.81 -6.51 14.34
CA THR A 69 14.14 -5.28 14.72
C THR A 69 12.85 -5.16 13.93
N ILE A 70 11.96 -4.28 14.38
CA ILE A 70 10.67 -4.06 13.72
C ILE A 70 10.32 -2.58 13.69
N LYS A 71 9.25 -2.25 13.00
CA LYS A 71 8.76 -0.87 13.01
C LYS A 71 7.90 -0.66 14.25
N SER A 72 8.31 0.27 15.10
CA SER A 72 7.60 0.53 16.36
C SER A 72 6.10 0.66 16.14
N THR A 73 5.34 -0.24 16.75
CA THR A 73 3.89 -0.25 16.61
C THR A 73 3.20 -0.13 17.97
N ALA A 74 3.89 -0.59 19.02
CA ALA A 74 3.35 -0.55 20.37
C ALA A 74 4.46 -0.45 21.41
N ILE A 75 4.15 0.17 22.54
CA ILE A 75 5.13 0.35 23.62
C ILE A 75 4.60 -0.18 24.94
N SER A 76 5.46 -0.87 25.68
CA SER A 76 5.07 -1.42 26.98
C SER A 76 5.52 -0.50 28.12
N LEU A 77 4.57 -0.20 29.03
CA LEU A 77 4.83 0.68 30.16
C LEU A 77 4.53 -0.03 31.47
N TYR A 78 5.34 0.25 32.49
CA TYR A 78 5.12 -0.34 33.81
C TYR A 78 4.90 0.73 34.87
N SER A 79 3.81 0.59 35.62
CA SER A 79 3.49 1.53 36.69
C SER A 79 3.19 0.79 37.98
N GLU A 80 3.65 1.34 39.09
CA GLU A 80 3.45 0.72 40.40
C GLU A 80 2.77 1.71 41.35
N MET A 81 1.81 1.22 42.13
CA MET A 81 1.06 2.08 43.04
C MET A 81 0.91 1.48 44.43
N SER A 82 0.20 2.20 45.30
CA SER A 82 0.04 1.79 46.69
C SER A 82 -1.23 0.96 46.90
N ASP A 83 -1.30 0.30 48.05
CA ASP A 83 -2.46 -0.51 48.40
C ASP A 83 -3.71 0.34 48.49
N GLU A 84 -3.53 1.58 48.93
CA GLU A 84 -4.66 2.51 49.09
C GLU A 84 -4.97 3.24 47.80
N ASP A 85 -4.01 3.25 46.88
CA ASP A 85 -4.23 3.80 45.55
C ASP A 85 -5.06 2.82 44.72
N VAL A 86 -4.72 1.53 44.84
CA VAL A 86 -5.43 0.48 44.12
C VAL A 86 -6.87 0.35 44.60
N LYS A 87 -7.10 0.70 45.86
CA LYS A 87 -8.44 0.61 46.45
C LYS A 87 -9.42 1.60 45.81
N GLU A 88 -8.89 2.63 45.16
CA GLU A 88 -9.71 3.65 44.54
C GLU A 88 -10.19 3.21 43.16
N ILE A 89 -9.63 2.10 42.67
CA ILE A 89 -10.00 1.58 41.36
C ILE A 89 -11.33 0.84 41.42
N LYS A 90 -12.31 1.32 40.65
CA LYS A 90 -13.64 0.74 40.67
C LYS A 90 -13.79 -0.46 39.73
N GLN A 91 -12.71 -1.21 39.56
CA GLN A 91 -12.74 -2.45 38.80
C GLN A 91 -11.82 -3.47 39.44
N LYS A 92 -12.10 -4.76 39.22
CA LYS A 92 -11.33 -5.82 39.84
C LYS A 92 -9.84 -5.63 39.60
N THR A 93 -9.05 -5.76 40.67
CA THR A 93 -7.61 -5.57 40.58
C THR A 93 -6.87 -6.69 41.30
N ASP A 94 -5.60 -6.89 40.95
CA ASP A 94 -4.79 -7.94 41.55
C ASP A 94 -3.33 -7.53 41.65
N GLY A 95 -2.98 -6.88 42.76
CA GLY A 95 -1.61 -6.46 42.98
C GLY A 95 -1.40 -4.98 42.72
N ASN A 96 -0.16 -4.52 42.88
CA ASN A 96 0.17 -3.12 42.69
C ASN A 96 0.85 -2.84 41.35
N SER A 97 1.26 -3.90 40.68
CA SER A 97 1.93 -3.76 39.38
C SER A 97 0.90 -3.59 38.27
N PHE A 98 1.25 -2.79 37.27
CA PHE A 98 0.36 -2.53 36.14
C PHE A 98 1.13 -2.49 34.82
N LEU A 99 0.64 -3.25 33.84
CA LEU A 99 1.23 -3.25 32.51
C LEU A 99 0.38 -2.42 31.56
N ILE A 100 1.00 -1.42 30.95
CA ILE A 100 0.29 -0.52 30.05
C ILE A 100 0.78 -0.65 28.61
N ASN A 101 -0.13 -0.95 27.70
CA ASN A 101 0.19 -1.03 26.29
C ASN A 101 -0.18 0.26 25.55
N LEU A 102 0.83 1.03 25.18
CA LEU A 102 0.62 2.27 24.45
C LEU A 102 0.65 2.01 22.95
N ILE A 103 -0.53 1.92 22.34
CA ILE A 103 -0.64 1.62 20.92
C ILE A 103 -0.38 2.85 20.07
N ASP A 104 0.57 2.74 19.14
CA ASP A 104 0.89 3.84 18.26
C ASP A 104 -0.29 4.18 17.36
N SER A 105 -0.42 5.45 17.00
CA SER A 105 -1.50 5.90 16.12
C SER A 105 -0.98 6.86 15.05
N PRO A 106 -1.71 6.97 13.94
CA PRO A 106 -1.32 7.85 12.82
C PRO A 106 -1.16 9.31 13.24
N GLY A 107 -0.47 10.09 12.42
CA GLY A 107 -0.23 11.49 12.72
C GLY A 107 -1.31 12.40 12.18
N HIS A 108 -1.98 11.96 11.13
CA HIS A 108 -3.06 12.74 10.53
C HIS A 108 -4.30 11.87 10.31
N VAL A 109 -5.46 12.49 10.50
CA VAL A 109 -6.75 11.80 10.37
C VAL A 109 -6.99 11.30 8.94
N ASP A 110 -6.24 11.83 7.98
CA ASP A 110 -6.34 11.37 6.60
C ASP A 110 -6.09 9.87 6.51
N PHE A 111 -5.28 9.35 7.42
CA PHE A 111 -5.04 7.91 7.53
C PHE A 111 -6.13 7.27 8.37
N SER A 112 -7.37 7.38 7.88
CA SER A 112 -8.55 6.98 8.63
C SER A 112 -8.60 5.47 8.92
N SER A 113 -8.17 4.67 7.94
CA SER A 113 -8.25 3.22 8.05
C SER A 113 -7.39 2.68 9.19
N GLU A 114 -6.20 3.27 9.38
CA GLU A 114 -5.30 2.82 10.43
C GLU A 114 -5.55 3.53 11.77
N VAL A 115 -6.38 4.58 11.73
CA VAL A 115 -6.86 5.21 12.94
C VAL A 115 -7.85 4.26 13.62
N THR A 116 -8.69 3.63 12.81
CA THR A 116 -9.68 2.67 13.30
C THR A 116 -9.00 1.42 13.85
N ALA A 117 -7.97 0.96 13.15
CA ALA A 117 -7.22 -0.22 13.56
C ALA A 117 -6.63 -0.06 14.96
N ALA A 118 -6.07 1.11 15.22
CA ALA A 118 -5.47 1.38 16.52
C ALA A 118 -6.52 1.40 17.63
N LEU A 119 -7.63 2.08 17.36
CA LEU A 119 -8.70 2.22 18.34
C LEU A 119 -9.39 0.90 18.64
N ARG A 120 -9.43 0.01 17.65
CA ARG A 120 -10.15 -1.25 17.78
C ARG A 120 -9.47 -2.22 18.74
N VAL A 121 -8.16 -2.11 18.86
CA VAL A 121 -7.40 -2.98 19.77
C VAL A 121 -7.12 -2.28 21.10
N THR A 122 -7.75 -1.13 21.33
CA THR A 122 -7.60 -0.40 22.59
C THR A 122 -8.92 -0.34 23.35
N ASP A 123 -8.82 -0.05 24.66
CA ASP A 123 -9.99 0.02 25.52
C ASP A 123 -10.12 1.41 26.15
N GLY A 124 -9.00 2.11 26.25
CA GLY A 124 -8.97 3.45 26.80
C GLY A 124 -8.26 4.42 25.88
N ALA A 125 -8.37 5.71 26.18
CA ALA A 125 -7.74 6.73 25.34
C ALA A 125 -7.33 7.95 26.14
N LEU A 126 -6.08 8.40 25.93
CA LEU A 126 -5.61 9.63 26.52
C LEU A 126 -5.77 10.76 25.52
N VAL A 127 -6.78 11.60 25.73
CA VAL A 127 -7.09 12.69 24.81
C VAL A 127 -6.39 13.98 25.19
N VAL A 128 -5.55 14.47 24.29
CA VAL A 128 -4.80 15.70 24.52
C VAL A 128 -5.48 16.89 23.84
N VAL A 129 -5.68 17.97 24.59
CA VAL A 129 -6.25 19.19 24.04
C VAL A 129 -5.40 20.40 24.42
N ASP A 130 -5.51 21.47 23.65
CA ASP A 130 -4.73 22.67 23.90
C ASP A 130 -5.43 23.61 24.87
N THR A 131 -4.64 24.30 25.69
CA THR A 131 -5.17 25.25 26.65
C THR A 131 -5.90 26.39 25.95
N ILE A 132 -5.21 27.05 25.03
CA ILE A 132 -5.76 28.21 24.32
C ILE A 132 -6.73 27.81 23.22
N GLU A 133 -6.27 26.97 22.29
CA GLU A 133 -7.07 26.60 21.13
C GLU A 133 -8.12 25.54 21.43
N GLY A 134 -8.09 25.02 22.65
CA GLY A 134 -9.08 24.04 23.09
C GLY A 134 -9.08 22.76 22.28
N VAL A 135 -10.27 22.32 21.87
CA VAL A 135 -10.42 21.10 21.10
C VAL A 135 -10.52 21.40 19.60
N CYS A 136 -9.54 20.95 18.84
CA CYS A 136 -9.55 21.17 17.39
C CYS A 136 -10.50 20.21 16.68
N VAL A 137 -10.75 20.49 15.40
CA VAL A 137 -11.71 19.70 14.62
C VAL A 137 -11.27 18.25 14.44
N GLN A 138 -9.98 18.04 14.21
CA GLN A 138 -9.45 16.69 14.04
C GLN A 138 -9.65 15.84 15.30
N THR A 139 -9.14 16.34 16.42
CA THR A 139 -9.26 15.63 17.68
C THR A 139 -10.70 15.29 17.99
N GLU A 140 -11.60 16.23 17.68
CA GLU A 140 -13.03 16.05 17.92
C GLU A 140 -13.58 14.90 17.08
N THR A 141 -13.14 14.83 15.83
CA THR A 141 -13.59 13.78 14.92
C THR A 141 -13.10 12.41 15.36
N VAL A 142 -11.83 12.34 15.76
CA VAL A 142 -11.22 11.08 16.18
C VAL A 142 -11.83 10.60 17.49
N LEU A 143 -12.01 11.52 18.43
CA LEU A 143 -12.64 11.19 19.70
C LEU A 143 -14.03 10.62 19.47
N ARG A 144 -14.72 11.18 18.47
CA ARG A 144 -16.04 10.71 18.10
C ARG A 144 -16.00 9.25 17.66
N GLN A 145 -14.96 8.89 16.92
CA GLN A 145 -14.79 7.52 16.44
C GLN A 145 -14.42 6.59 17.60
N ALA A 146 -13.56 7.08 18.49
CA ALA A 146 -13.15 6.31 19.66
C ALA A 146 -14.35 5.95 20.52
N LEU A 147 -15.25 6.91 20.70
CA LEU A 147 -16.45 6.68 21.49
C LEU A 147 -17.38 5.67 20.79
N GLY A 148 -17.35 5.68 19.47
CA GLY A 148 -18.11 4.72 18.69
C GLY A 148 -17.59 3.31 18.89
N GLU A 149 -16.31 3.20 19.22
CA GLU A 149 -15.69 1.91 19.52
C GLU A 149 -15.87 1.58 20.99
N ARG A 150 -16.62 2.41 21.70
CA ARG A 150 -16.86 2.24 23.14
C ARG A 150 -15.55 2.30 23.91
N ILE A 151 -14.78 3.34 23.66
CA ILE A 151 -13.51 3.56 24.34
C ILE A 151 -13.66 4.68 25.37
N LYS A 152 -13.20 4.44 26.59
CA LYS A 152 -13.29 5.44 27.64
C LYS A 152 -12.14 6.43 27.56
N PRO A 153 -12.44 7.73 27.68
CA PRO A 153 -11.46 8.81 27.56
C PRO A 153 -10.99 9.35 28.90
N VAL A 154 -9.71 9.73 28.95
CA VAL A 154 -9.20 10.60 30.00
C VAL A 154 -8.54 11.78 29.31
N VAL A 155 -8.69 12.98 29.87
CA VAL A 155 -8.24 14.18 29.19
C VAL A 155 -7.02 14.82 29.86
N VAL A 156 -6.14 15.38 29.03
CA VAL A 156 -5.04 16.18 29.53
C VAL A 156 -4.97 17.49 28.74
N ILE A 157 -5.04 18.61 29.46
CA ILE A 157 -4.96 19.91 28.82
C ILE A 157 -3.49 20.34 28.72
N ASN A 158 -2.98 20.36 27.50
CA ASN A 158 -1.56 20.57 27.25
C ASN A 158 -1.24 22.03 26.92
N LYS A 159 0.06 22.35 26.93
CA LYS A 159 0.53 23.66 26.54
C LYS A 159 -0.01 24.79 27.42
N VAL A 160 0.01 24.57 28.73
CA VAL A 160 -0.39 25.60 29.68
C VAL A 160 0.66 26.71 29.69
N ASP A 161 1.91 26.33 29.45
CA ASP A 161 3.02 27.28 29.44
C ASP A 161 2.73 28.50 28.57
N ARG A 162 2.08 28.27 27.43
CA ARG A 162 1.80 29.35 26.50
C ARG A 162 0.87 30.40 27.09
N ALA A 163 -0.06 29.95 27.93
CA ALA A 163 -1.02 30.86 28.57
C ALA A 163 -0.33 31.73 29.60
N LEU A 164 0.76 31.24 30.17
CA LEU A 164 1.48 31.97 31.22
C LEU A 164 2.57 32.88 30.64
N LEU A 165 3.41 32.31 29.80
CA LEU A 165 4.57 33.02 29.26
C LEU A 165 4.20 34.01 28.16
N GLU A 166 3.24 33.64 27.32
CA GLU A 166 2.86 34.47 26.18
C GLU A 166 1.66 35.35 26.48
N LEU A 167 0.55 34.74 26.87
CA LEU A 167 -0.68 35.48 27.14
C LEU A 167 -0.67 36.17 28.49
N GLN A 168 0.15 35.66 29.41
CA GLN A 168 0.25 36.22 30.75
C GLN A 168 -1.14 36.39 31.38
N VAL A 169 -1.94 35.33 31.30
CA VAL A 169 -3.29 35.34 31.86
C VAL A 169 -3.27 35.34 33.39
N SER A 170 -4.39 35.74 33.97
CA SER A 170 -4.56 35.67 35.42
C SER A 170 -4.97 34.25 35.81
N LYS A 171 -4.96 33.97 37.11
CA LYS A 171 -5.34 32.65 37.59
C LYS A 171 -6.80 32.31 37.27
N GLU A 172 -7.69 33.28 37.51
CA GLU A 172 -9.11 33.07 37.22
C GLU A 172 -9.36 32.89 35.72
N ASP A 173 -8.65 33.67 34.90
CA ASP A 173 -8.77 33.54 33.45
C ASP A 173 -8.39 32.14 33.01
N LEU A 174 -7.27 31.65 33.53
CA LEU A 174 -6.80 30.31 33.19
C LEU A 174 -7.80 29.24 33.62
N TYR A 175 -8.35 29.40 34.82
CA TYR A 175 -9.35 28.47 35.34
C TYR A 175 -10.55 28.39 34.40
N GLN A 176 -11.14 29.54 34.11
CA GLN A 176 -12.29 29.61 33.22
C GLN A 176 -11.98 29.00 31.86
N THR A 177 -10.74 29.16 31.42
CA THR A 177 -10.30 28.58 30.15
C THR A 177 -10.38 27.04 30.21
N PHE A 178 -9.90 26.47 31.30
CA PHE A 178 -9.98 25.02 31.52
C PHE A 178 -11.43 24.58 31.57
N ALA A 179 -12.25 25.32 32.30
CA ALA A 179 -13.66 25.00 32.46
C ALA A 179 -14.36 24.89 31.10
N ARG A 180 -14.12 25.86 30.24
CA ARG A 180 -14.71 25.86 28.90
C ARG A 180 -14.20 24.69 28.09
N THR A 181 -12.92 24.40 28.21
CA THR A 181 -12.31 23.27 27.51
C THR A 181 -12.97 21.97 27.93
N VAL A 182 -13.02 21.74 29.24
CA VAL A 182 -13.65 20.55 29.79
C VAL A 182 -15.10 20.45 29.33
N GLU A 183 -15.76 21.60 29.24
CA GLU A 183 -17.16 21.65 28.80
C GLU A 183 -17.29 21.18 27.35
N SER A 184 -16.43 21.71 26.48
CA SER A 184 -16.43 21.32 25.08
C SER A 184 -16.26 19.81 24.94
N VAL A 185 -15.28 19.25 25.65
CA VAL A 185 -14.99 17.83 25.57
C VAL A 185 -16.20 16.99 25.95
N ASN A 186 -16.84 17.35 27.06
CA ASN A 186 -17.97 16.59 27.58
C ASN A 186 -19.22 16.69 26.71
N VAL A 187 -19.34 17.78 25.95
CA VAL A 187 -20.42 17.90 24.98
C VAL A 187 -20.28 16.84 23.89
N ILE A 188 -19.04 16.62 23.45
CA ILE A 188 -18.74 15.58 22.49
C ILE A 188 -18.95 14.20 23.11
N VAL A 189 -18.52 14.05 24.37
CA VAL A 189 -18.63 12.78 25.07
C VAL A 189 -20.08 12.37 25.31
N SER A 190 -20.84 13.25 25.95
CA SER A 190 -22.24 12.96 26.27
C SER A 190 -23.07 12.72 25.01
N THR A 191 -22.68 13.33 23.91
CA THR A 191 -23.41 13.19 22.65
C THR A 191 -23.13 11.86 21.96
N TYR A 192 -21.87 11.44 21.94
CA TYR A 192 -21.47 10.27 21.15
C TYR A 192 -21.06 9.05 21.96
N ALA A 193 -20.95 9.19 23.28
CA ALA A 193 -20.66 8.04 24.13
C ALA A 193 -21.88 7.13 24.16
N ASP A 194 -21.63 5.83 24.17
CA ASP A 194 -22.71 4.85 24.13
C ASP A 194 -23.37 4.73 25.51
N GLU A 195 -24.71 4.74 25.52
CA GLU A 195 -25.48 4.75 26.76
C GLU A 195 -25.20 3.53 27.64
N VAL A 196 -24.65 2.47 27.04
CA VAL A 196 -24.40 1.23 27.77
C VAL A 196 -23.09 1.29 28.56
N LEU A 197 -22.55 2.50 28.71
CA LEU A 197 -21.30 2.69 29.43
C LEU A 197 -21.49 3.52 30.69
N GLY A 198 -22.62 4.22 30.78
CA GLY A 198 -22.89 5.10 31.89
C GLY A 198 -22.12 6.39 31.78
N ASP A 199 -22.32 7.28 32.75
CA ASP A 199 -21.63 8.57 32.77
C ASP A 199 -20.12 8.39 32.61
N VAL A 200 -19.60 8.77 31.45
CA VAL A 200 -18.18 8.60 31.17
C VAL A 200 -17.52 9.95 30.86
N GLN A 201 -18.23 11.03 31.17
CA GLN A 201 -17.67 12.38 31.03
C GLN A 201 -16.49 12.54 31.98
N VAL A 202 -15.59 13.46 31.64
CA VAL A 202 -14.41 13.70 32.45
C VAL A 202 -14.61 14.85 33.43
N TYR A 203 -14.14 14.66 34.66
CA TYR A 203 -14.22 15.69 35.69
C TYR A 203 -12.87 15.85 36.37
N PRO A 204 -12.36 17.09 36.42
CA PRO A 204 -11.09 17.38 37.09
C PRO A 204 -11.10 16.94 38.54
N ALA A 205 -12.19 17.21 39.25
CA ALA A 205 -12.30 16.86 40.67
C ALA A 205 -12.33 15.35 40.90
N ARG A 206 -12.47 14.58 39.82
CA ARG A 206 -12.51 13.13 39.94
C ARG A 206 -11.19 12.51 39.47
N GLY A 207 -10.31 13.34 38.92
CA GLY A 207 -8.99 12.89 38.54
C GLY A 207 -8.87 12.41 37.11
N THR A 208 -9.90 12.64 36.31
CA THR A 208 -9.90 12.22 34.91
C THR A 208 -9.43 13.32 33.96
N VAL A 209 -8.93 14.41 34.54
CA VAL A 209 -8.42 15.52 33.75
C VAL A 209 -7.09 16.02 34.32
N ALA A 210 -6.07 16.09 33.47
CA ALA A 210 -4.77 16.56 33.90
C ALA A 210 -4.41 17.86 33.18
N PHE A 211 -3.51 18.63 33.76
CA PHE A 211 -3.09 19.90 33.18
C PHE A 211 -1.57 19.95 33.20
N GLY A 212 -0.98 20.54 32.16
CA GLY A 212 0.46 20.69 32.13
C GLY A 212 1.01 21.11 30.78
N SER A 213 2.33 21.03 30.67
CA SER A 213 3.02 21.40 29.45
C SER A 213 4.05 20.33 29.09
N GLY A 214 3.77 19.61 28.00
CA GLY A 214 4.68 18.59 27.53
C GLY A 214 6.04 19.16 27.19
N LEU A 215 6.04 20.38 26.67
CA LEU A 215 7.27 21.08 26.31
C LEU A 215 8.28 21.05 27.46
N HIS A 216 7.84 21.48 28.64
CA HIS A 216 8.72 21.56 29.80
C HIS A 216 8.68 20.29 30.65
N GLY A 217 7.76 19.39 30.33
CA GLY A 217 7.71 18.09 30.97
C GLY A 217 7.07 18.06 32.34
N TRP A 218 6.07 18.92 32.56
CA TRP A 218 5.34 18.90 33.82
C TRP A 218 3.84 18.80 33.61
N ALA A 219 3.17 18.17 34.56
CA ALA A 219 1.72 17.99 34.51
C ALA A 219 1.21 17.59 35.90
N PHE A 220 -0.09 17.79 36.12
CA PHE A 220 -0.67 17.49 37.43
C PHE A 220 -2.15 17.12 37.33
N THR A 221 -2.65 16.48 38.38
CA THR A 221 -4.07 16.22 38.54
C THR A 221 -4.52 16.79 39.88
N ILE A 222 -5.82 17.00 40.05
CA ILE A 222 -6.34 17.51 41.31
C ILE A 222 -6.03 16.54 42.44
N ARG A 223 -5.98 15.26 42.10
CA ARG A 223 -5.71 14.21 43.08
C ARG A 223 -4.30 14.31 43.66
N GLN A 224 -3.35 14.75 42.84
CA GLN A 224 -1.98 14.90 43.29
C GLN A 224 -1.85 16.01 44.32
N PHE A 225 -2.62 17.07 44.13
CA PHE A 225 -2.61 18.19 45.07
C PHE A 225 -3.49 17.90 46.29
N ALA A 226 -4.54 17.12 46.08
CA ALA A 226 -5.40 16.69 47.16
C ALA A 226 -4.60 15.86 48.16
N THR A 227 -3.70 15.02 47.65
CA THR A 227 -2.84 14.20 48.49
C THR A 227 -1.93 15.08 49.35
N ARG A 228 -1.46 16.18 48.78
CA ARG A 228 -0.61 17.13 49.50
C ARG A 228 -1.35 17.78 50.66
N TYR A 229 -2.47 18.42 50.36
CA TYR A 229 -3.21 19.20 51.34
C TYR A 229 -4.12 18.37 52.24
N ALA A 230 -4.28 17.10 51.89
CA ALA A 230 -5.15 16.21 52.67
C ALA A 230 -4.75 16.20 54.14
N LYS A 231 -3.45 16.20 54.39
CA LYS A 231 -2.92 16.14 55.75
C LYS A 231 -3.10 17.48 56.45
N LYS A 232 -2.57 18.53 55.83
CA LYS A 232 -2.50 19.85 56.45
C LYS A 232 -3.86 20.56 56.50
N PHE A 233 -4.92 19.79 56.26
CA PHE A 233 -6.28 20.29 56.40
C PHE A 233 -7.13 19.29 57.18
N GLY A 234 -6.50 18.19 57.60
CA GLY A 234 -7.17 17.15 58.33
C GLY A 234 -8.43 16.70 57.61
N VAL A 235 -8.26 16.29 56.36
CA VAL A 235 -9.39 15.90 55.52
C VAL A 235 -9.01 14.80 54.54
N ASP A 236 -9.88 13.79 54.41
CA ASP A 236 -9.68 12.74 53.43
C ASP A 236 -9.62 13.37 52.03
N LYS A 237 -8.62 12.98 51.25
CA LYS A 237 -8.36 13.62 49.96
C LYS A 237 -9.57 13.60 49.03
N ALA A 238 -10.53 12.72 49.32
CA ALA A 238 -11.77 12.64 48.55
C ALA A 238 -12.52 13.97 48.65
N LYS A 239 -12.69 14.45 49.88
CA LYS A 239 -13.36 15.72 50.12
C LYS A 239 -12.49 16.90 49.70
N MET A 240 -11.18 16.73 49.83
CA MET A 240 -10.25 17.80 49.51
C MET A 240 -10.22 18.15 48.03
N MET A 241 -10.16 17.12 47.18
CA MET A 241 -10.11 17.36 45.74
C MET A 241 -11.49 17.73 45.18
N ASP A 242 -12.54 17.42 45.92
CA ASP A 242 -13.88 17.87 45.54
C ASP A 242 -13.95 19.39 45.69
N ARG A 243 -13.11 19.92 46.57
CA ARG A 243 -13.05 21.36 46.80
C ARG A 243 -12.09 22.06 45.85
N LEU A 244 -11.04 21.36 45.45
CA LEU A 244 -10.00 21.93 44.60
C LEU A 244 -10.48 22.19 43.17
N TRP A 245 -11.78 22.04 42.95
CA TRP A 245 -12.39 22.41 41.67
C TRP A 245 -13.83 22.90 41.88
N GLY A 246 -14.24 23.87 41.08
CA GLY A 246 -15.57 24.42 41.19
C GLY A 246 -15.67 25.58 42.16
N ASP A 247 -16.85 25.74 42.76
CA ASP A 247 -17.10 26.87 43.65
C ASP A 247 -16.87 26.55 45.11
N SER A 248 -15.61 26.28 45.45
CA SER A 248 -15.20 26.13 46.84
C SER A 248 -14.17 27.20 47.18
N PHE A 249 -14.39 27.91 48.28
CA PHE A 249 -13.56 29.05 48.65
C PHE A 249 -13.08 28.94 50.09
N PHE A 250 -11.76 29.04 50.26
CA PHE A 250 -11.17 29.05 51.59
C PHE A 250 -10.80 30.48 51.98
N ASN A 251 -11.59 31.07 52.87
CA ASN A 251 -11.33 32.42 53.34
C ASN A 251 -10.05 32.49 54.16
N PRO A 252 -9.02 33.17 53.63
CA PRO A 252 -7.70 33.25 54.26
C PRO A 252 -7.74 34.03 55.58
N LYS A 253 -8.68 34.95 55.71
CA LYS A 253 -8.77 35.79 56.91
C LYS A 253 -9.43 35.04 58.06
N THR A 254 -10.42 34.21 57.73
CA THR A 254 -11.17 33.50 58.76
C THR A 254 -10.72 32.04 58.87
N LYS A 255 -9.94 31.58 57.90
CA LYS A 255 -9.53 30.18 57.84
C LYS A 255 -10.74 29.27 57.77
N LYS A 256 -11.73 29.70 57.00
CA LYS A 256 -12.98 28.94 56.86
C LYS A 256 -13.24 28.55 55.41
N TRP A 257 -13.90 27.41 55.24
CA TRP A 257 -14.32 26.97 53.91
C TRP A 257 -15.75 27.46 53.63
N THR A 258 -16.00 27.84 52.38
CA THR A 258 -17.30 28.38 51.99
C THR A 258 -17.65 27.99 50.56
N ASN A 259 -18.93 28.12 50.22
CA ASN A 259 -19.40 27.92 48.87
C ASN A 259 -19.83 29.26 48.29
N LYS A 260 -19.62 30.30 49.09
CA LYS A 260 -19.98 31.66 48.71
C LYS A 260 -18.72 32.41 48.29
N ASP A 261 -18.75 33.00 47.11
CA ASP A 261 -17.57 33.66 46.54
C ASP A 261 -17.38 35.09 47.05
N THR A 262 -18.05 35.42 48.15
CA THR A 262 -17.86 36.71 48.82
C THR A 262 -17.96 36.56 50.33
N ASP A 263 -17.16 37.32 51.05
CA ASP A 263 -17.23 37.32 52.51
C ASP A 263 -18.39 38.18 52.99
N ALA A 264 -18.51 38.35 54.30
CA ALA A 264 -19.61 39.11 54.88
C ALA A 264 -19.65 40.54 54.35
N GLU A 265 -18.49 41.15 54.18
CA GLU A 265 -18.41 42.54 53.73
C GLU A 265 -18.52 42.68 52.21
N GLY A 266 -18.75 41.55 51.53
CA GLY A 266 -18.96 41.55 50.10
C GLY A 266 -17.68 41.59 49.27
N LYS A 267 -16.58 41.12 49.87
CA LYS A 267 -15.31 41.08 49.17
C LYS A 267 -15.11 39.75 48.45
N PRO A 268 -14.58 39.80 47.23
CA PRO A 268 -14.37 38.60 46.40
C PRO A 268 -13.44 37.59 47.07
N LEU A 269 -13.79 36.31 46.97
CA LEU A 269 -12.96 35.24 47.49
C LEU A 269 -12.36 34.42 46.36
N GLU A 270 -11.10 34.04 46.50
CA GLU A 270 -10.43 33.23 45.50
C GLU A 270 -10.80 31.77 45.67
N ARG A 271 -11.13 31.10 44.57
CA ARG A 271 -11.50 29.68 44.62
C ARG A 271 -10.28 28.83 44.98
N ALA A 272 -10.54 27.65 45.52
CA ALA A 272 -9.47 26.77 46.00
C ALA A 272 -8.50 26.37 44.90
N PHE A 273 -9.01 26.15 43.70
CA PHE A 273 -8.17 25.74 42.58
C PHE A 273 -7.11 26.80 42.29
N ASN A 274 -7.51 28.06 42.33
CA ASN A 274 -6.61 29.18 42.09
C ASN A 274 -5.63 29.40 43.24
N MET A 275 -6.07 29.07 44.45
CA MET A 275 -5.32 29.39 45.65
C MET A 275 -4.26 28.33 45.98
N PHE A 276 -4.63 27.06 45.89
CA PHE A 276 -3.75 25.98 46.31
C PHE A 276 -2.98 25.33 45.16
N ILE A 277 -3.49 25.47 43.95
CA ILE A 277 -2.86 24.83 42.79
C ILE A 277 -2.14 25.81 41.88
N LEU A 278 -2.90 26.75 41.30
CA LEU A 278 -2.34 27.69 40.34
C LEU A 278 -1.35 28.67 40.98
N ASP A 279 -1.67 29.16 42.17
CA ASP A 279 -0.83 30.16 42.83
C ASP A 279 0.61 29.70 43.00
N PRO A 280 0.83 28.49 43.56
CA PRO A 280 2.19 27.98 43.70
C PRO A 280 2.93 27.97 42.36
N ILE A 281 2.24 27.56 41.31
CA ILE A 281 2.85 27.49 39.98
C ILE A 281 3.13 28.88 39.43
N PHE A 282 2.15 29.77 39.53
CA PHE A 282 2.31 31.15 39.07
C PHE A 282 3.48 31.84 39.77
N ARG A 283 3.64 31.57 41.06
CA ARG A 283 4.70 32.16 41.84
C ARG A 283 6.09 31.73 41.37
N LEU A 284 6.21 30.45 41.03
CA LEU A 284 7.47 29.94 40.49
C LEU A 284 7.78 30.59 39.14
N PHE A 285 6.78 30.63 38.27
CA PHE A 285 6.94 31.24 36.96
C PHE A 285 7.37 32.70 37.05
N THR A 286 6.79 33.41 38.01
CA THR A 286 7.09 34.82 38.21
C THR A 286 8.49 35.03 38.79
N ALA A 287 8.80 34.28 39.84
CA ALA A 287 10.09 34.39 40.51
C ALA A 287 11.24 34.03 39.57
N ILE A 288 11.12 32.87 38.91
CA ILE A 288 12.17 32.37 38.04
C ILE A 288 12.36 33.23 36.78
N MET A 289 11.25 33.52 36.09
CA MET A 289 11.34 34.25 34.82
C MET A 289 11.69 35.72 35.00
N ASN A 290 11.53 36.24 36.21
CA ASN A 290 11.95 37.62 36.52
C ASN A 290 13.30 37.67 37.23
N PHE A 291 13.99 36.53 37.27
CA PHE A 291 15.35 36.48 37.80
C PHE A 291 15.49 37.09 39.18
N LYS A 292 14.50 36.84 40.03
CA LYS A 292 14.54 37.29 41.42
C LYS A 292 15.28 36.27 42.28
N LYS A 293 16.61 36.33 42.20
CA LYS A 293 17.48 35.34 42.82
C LYS A 293 17.28 35.17 44.32
N ASP A 294 16.62 36.15 44.95
CA ASP A 294 16.42 36.11 46.39
C ASP A 294 15.14 35.36 46.78
N GLU A 295 14.15 35.39 45.90
CA GLU A 295 12.88 34.71 46.16
C GLU A 295 12.95 33.23 45.83
N ILE A 296 13.54 32.91 44.68
CA ILE A 296 13.59 31.54 44.18
C ILE A 296 13.96 30.50 45.24
N PRO A 297 15.08 30.71 45.95
CA PRO A 297 15.50 29.74 46.98
C PRO A 297 14.42 29.52 48.04
N VAL A 298 13.89 30.60 48.59
CA VAL A 298 12.86 30.51 49.62
C VAL A 298 11.62 29.82 49.09
N LEU A 299 11.32 30.04 47.81
CA LEU A 299 10.14 29.48 47.18
C LEU A 299 10.31 27.98 46.93
N LEU A 300 11.53 27.58 46.62
CA LEU A 300 11.85 26.18 46.36
C LEU A 300 11.84 25.34 47.63
N GLU A 301 12.43 25.86 48.70
CA GLU A 301 12.43 25.16 49.98
C GLU A 301 11.01 25.00 50.49
N LYS A 302 10.17 25.98 50.17
CA LYS A 302 8.78 25.99 50.59
C LYS A 302 8.01 24.80 50.01
N LEU A 303 8.27 24.51 48.74
CA LEU A 303 7.62 23.39 48.06
C LEU A 303 8.49 22.14 48.14
N GLU A 304 9.59 22.25 48.87
CA GLU A 304 10.55 21.15 48.99
C GLU A 304 11.02 20.65 47.63
N ILE A 305 11.55 21.57 46.82
CA ILE A 305 12.11 21.23 45.53
C ILE A 305 13.63 21.35 45.58
N VAL A 306 14.31 20.21 45.65
CA VAL A 306 15.77 20.18 45.80
C VAL A 306 16.47 20.11 44.45
N LEU A 307 17.43 20.99 44.24
CA LEU A 307 18.23 20.99 43.02
C LEU A 307 19.59 20.32 43.26
N LYS A 308 20.33 20.08 42.18
CA LYS A 308 21.61 19.39 42.27
C LYS A 308 22.71 20.10 41.47
N GLY A 309 23.78 20.47 42.18
CA GLY A 309 24.95 21.06 41.57
C GLY A 309 24.71 21.97 40.37
N ASP A 310 24.89 21.42 39.17
CA ASP A 310 24.75 22.18 37.93
C ASP A 310 23.42 22.93 37.85
N GLU A 311 22.36 22.31 38.35
CA GLU A 311 21.02 22.89 38.26
C GLU A 311 20.90 24.16 39.10
N LYS A 312 21.74 24.28 40.12
CA LYS A 312 21.65 25.41 41.05
C LYS A 312 22.21 26.71 40.46
N ASP A 313 22.76 26.64 39.26
CA ASP A 313 23.33 27.82 38.63
C ASP A 313 22.47 28.29 37.44
N LEU A 314 21.48 27.48 37.09
CA LEU A 314 20.62 27.79 35.96
C LEU A 314 19.72 29.00 36.24
N GLU A 315 19.18 29.58 35.18
CA GLU A 315 18.27 30.72 35.29
C GLU A 315 17.40 30.84 34.05
N GLY A 316 16.33 31.60 34.15
CA GLY A 316 15.40 31.77 33.04
C GLY A 316 14.63 30.50 32.76
N LYS A 317 14.32 30.27 31.48
CA LYS A 317 13.59 29.08 31.08
C LYS A 317 14.33 27.80 31.50
N ALA A 318 15.65 27.84 31.41
CA ALA A 318 16.47 26.69 31.77
C ALA A 318 16.16 26.21 33.18
N LEU A 319 16.15 27.15 34.13
CA LEU A 319 15.85 26.82 35.52
C LEU A 319 14.39 26.44 35.70
N LEU A 320 13.50 27.18 35.05
CA LEU A 320 12.07 26.93 35.15
C LEU A 320 11.73 25.51 34.71
N LYS A 321 12.40 25.02 33.67
CA LYS A 321 12.14 23.69 33.16
C LYS A 321 12.56 22.62 34.16
N VAL A 322 13.70 22.83 34.80
CA VAL A 322 14.22 21.87 35.77
C VAL A 322 13.34 21.84 37.02
N VAL A 323 12.98 23.01 37.53
CA VAL A 323 12.17 23.13 38.73
C VAL A 323 10.79 22.52 38.54
N MET A 324 10.13 22.90 37.45
CA MET A 324 8.79 22.42 37.18
C MET A 324 8.70 20.90 36.99
N ARG A 325 9.64 20.33 36.25
CA ARG A 325 9.48 18.92 35.90
C ARG A 325 9.88 17.95 37.03
N LYS A 326 10.56 18.46 38.05
CA LYS A 326 10.82 17.67 39.25
C LYS A 326 9.83 18.02 40.35
N PHE A 327 9.07 19.09 40.15
CA PHE A 327 8.02 19.48 41.08
C PHE A 327 6.73 18.74 40.70
N LEU A 328 6.50 18.62 39.40
CA LEU A 328 5.30 17.94 38.91
C LEU A 328 5.61 17.12 37.66
N PRO A 329 6.34 16.00 37.81
CA PRO A 329 6.67 15.11 36.69
C PRO A 329 5.45 14.75 35.85
N ALA A 330 5.49 15.09 34.57
CA ALA A 330 4.35 14.88 33.68
C ALA A 330 3.88 13.43 33.64
N ALA A 331 4.81 12.51 33.46
CA ALA A 331 4.47 11.10 33.29
C ALA A 331 3.64 10.54 34.44
N ASP A 332 3.93 10.98 35.66
CA ASP A 332 3.22 10.51 36.84
C ASP A 332 1.74 10.87 36.81
N ALA A 333 1.44 12.11 36.45
CA ALA A 333 0.06 12.57 36.33
C ALA A 333 -0.72 11.74 35.32
N LEU A 334 -0.07 11.42 34.20
CA LEU A 334 -0.70 10.65 33.13
C LEU A 334 -0.91 9.20 33.52
N LEU A 335 0.13 8.58 34.05
CA LEU A 335 0.05 7.19 34.50
C LEU A 335 -0.99 7.02 35.59
N GLU A 336 -1.10 8.02 36.45
CA GLU A 336 -2.10 8.01 37.52
C GLU A 336 -3.51 7.83 36.95
N MET A 337 -3.89 8.68 36.02
CA MET A 337 -5.20 8.60 35.39
C MET A 337 -5.38 7.28 34.65
N ILE A 338 -4.36 6.89 33.88
CA ILE A 338 -4.43 5.68 33.07
C ILE A 338 -4.73 4.45 33.93
N VAL A 339 -3.97 4.27 35.00
CA VAL A 339 -4.14 3.12 35.89
C VAL A 339 -5.44 3.17 36.68
N LEU A 340 -5.79 4.36 37.17
CA LEU A 340 -6.93 4.49 38.07
C LEU A 340 -8.28 4.59 37.36
N HIS A 341 -8.28 5.08 36.12
CA HIS A 341 -9.53 5.39 35.44
C HIS A 341 -9.76 4.66 34.12
N LEU A 342 -8.68 4.32 33.41
CA LEU A 342 -8.83 3.57 32.17
C LEU A 342 -9.14 2.09 32.45
N PRO A 343 -10.11 1.53 31.71
CA PRO A 343 -10.60 0.16 31.90
C PRO A 343 -9.55 -0.89 31.55
N SER A 344 -9.62 -2.03 32.22
CA SER A 344 -8.77 -3.18 31.89
C SER A 344 -9.46 -3.98 30.80
N PRO A 345 -8.71 -4.89 30.14
CA PRO A 345 -9.33 -5.75 29.14
C PRO A 345 -10.58 -6.45 29.68
N VAL A 346 -10.50 -6.93 30.92
CA VAL A 346 -11.62 -7.61 31.56
C VAL A 346 -12.89 -6.74 31.56
N THR A 347 -12.74 -5.50 32.01
CA THR A 347 -13.87 -4.58 32.13
C THR A 347 -14.42 -4.15 30.78
N ALA A 348 -13.53 -3.78 29.86
CA ALA A 348 -13.93 -3.24 28.57
C ALA A 348 -14.59 -4.27 27.67
N GLN A 349 -14.00 -5.46 27.58
CA GLN A 349 -14.48 -6.50 26.68
C GLN A 349 -15.91 -6.95 27.01
N ALA A 350 -16.33 -6.66 28.25
CA ALA A 350 -17.68 -7.02 28.68
C ALA A 350 -18.74 -6.30 27.86
N TYR A 351 -18.42 -5.09 27.41
CA TYR A 351 -19.36 -4.29 26.64
C TYR A 351 -18.86 -4.00 25.22
N ARG A 352 -17.68 -4.50 24.89
CA ARG A 352 -17.13 -4.31 23.54
C ARG A 352 -17.28 -5.55 22.68
N ALA A 353 -17.55 -6.69 23.32
CA ALA A 353 -17.60 -7.97 22.64
C ALA A 353 -18.58 -7.99 21.46
N GLU A 354 -19.86 -7.76 21.74
CA GLU A 354 -20.89 -7.75 20.71
C GLU A 354 -20.46 -6.93 19.50
N GLN A 355 -19.99 -5.72 19.76
CA GLN A 355 -19.61 -4.79 18.72
C GLN A 355 -18.49 -5.34 17.86
N LEU A 356 -17.57 -6.07 18.49
CA LEU A 356 -16.38 -6.58 17.80
C LEU A 356 -16.57 -7.97 17.20
N TYR A 357 -17.77 -8.53 17.35
CA TYR A 357 -18.04 -9.86 16.82
C TYR A 357 -19.11 -9.83 15.73
N GLU A 358 -18.70 -10.20 14.51
CA GLU A 358 -19.60 -10.24 13.37
C GLU A 358 -20.45 -11.51 13.38
N GLY A 359 -21.00 -11.85 14.54
CA GLY A 359 -21.83 -13.03 14.67
C GLY A 359 -22.79 -12.92 15.84
N PRO A 360 -23.41 -14.05 16.21
CA PRO A 360 -24.37 -14.14 17.32
C PRO A 360 -23.78 -13.63 18.63
N ALA A 361 -24.58 -12.88 19.39
CA ALA A 361 -24.11 -12.31 20.65
C ALA A 361 -24.02 -13.35 21.75
N ASP A 362 -24.81 -14.41 21.62
CA ASP A 362 -24.82 -15.48 22.61
C ASP A 362 -23.98 -16.66 22.14
N ASP A 363 -23.13 -16.42 21.15
CA ASP A 363 -22.20 -17.43 20.66
C ASP A 363 -21.22 -17.80 21.76
N ALA A 364 -20.66 -19.01 21.68
CA ALA A 364 -19.69 -19.47 22.67
C ALA A 364 -18.42 -18.62 22.62
N ASN A 365 -18.05 -18.17 21.43
CA ASN A 365 -16.87 -17.34 21.26
C ASN A 365 -17.10 -15.90 21.69
N CYS A 366 -18.30 -15.38 21.41
CA CYS A 366 -18.66 -14.02 21.80
C CYS A 366 -18.74 -13.91 23.32
N ILE A 367 -19.24 -14.98 23.95
CA ILE A 367 -19.31 -15.05 25.41
C ILE A 367 -17.91 -15.18 25.99
N ALA A 368 -17.04 -15.88 25.28
CA ALA A 368 -15.66 -16.05 25.71
C ALA A 368 -14.90 -14.73 25.67
N ILE A 369 -15.34 -13.84 24.78
CA ILE A 369 -14.73 -12.52 24.66
C ILE A 369 -15.25 -11.56 25.73
N LYS A 370 -16.52 -11.70 26.09
CA LYS A 370 -17.11 -10.88 27.14
C LYS A 370 -16.42 -11.16 28.47
N ASN A 371 -16.12 -12.44 28.71
CA ASN A 371 -15.51 -12.86 29.96
C ASN A 371 -13.98 -12.82 29.88
N CYS A 372 -13.46 -12.47 28.72
CA CYS A 372 -12.02 -12.47 28.50
C CYS A 372 -11.47 -13.82 28.95
N ASP A 373 -12.09 -14.89 28.46
CA ASP A 373 -11.80 -16.25 28.90
C ASP A 373 -10.54 -16.82 28.24
N PRO A 374 -9.49 -17.02 29.05
CA PRO A 374 -8.20 -17.56 28.61
C PRO A 374 -8.27 -19.05 28.25
N LYS A 375 -9.34 -19.72 28.69
CA LYS A 375 -9.48 -21.16 28.50
C LYS A 375 -10.22 -21.53 27.23
N ALA A 376 -11.13 -20.65 26.79
CA ALA A 376 -11.97 -20.94 25.63
C ALA A 376 -11.18 -21.00 24.32
N ASP A 377 -11.91 -21.15 23.22
CA ASP A 377 -11.29 -21.18 21.89
C ASP A 377 -10.62 -19.84 21.58
N LEU A 378 -9.45 -19.91 20.95
CA LEU A 378 -8.67 -18.73 20.62
C LEU A 378 -9.43 -17.74 19.74
N MET A 379 -9.39 -16.48 20.12
CA MET A 379 -9.96 -15.41 19.30
C MET A 379 -8.97 -14.25 19.26
N LEU A 380 -8.04 -14.31 18.32
CA LEU A 380 -6.99 -13.30 18.19
C LEU A 380 -7.26 -12.38 17.02
N TYR A 381 -7.13 -11.08 17.24
CA TYR A 381 -7.40 -10.09 16.22
C TYR A 381 -6.11 -9.50 15.65
N VAL A 382 -5.94 -9.61 14.33
CA VAL A 382 -4.77 -9.03 13.67
C VAL A 382 -5.13 -7.69 13.04
N SER A 383 -4.60 -6.61 13.61
CA SER A 383 -4.94 -5.26 13.16
C SER A 383 -4.05 -4.76 12.04
N LYS A 384 -2.81 -5.25 11.98
CA LYS A 384 -1.87 -4.80 10.96
C LYS A 384 -0.67 -5.72 10.84
N MET A 385 0.01 -5.62 9.69
CA MET A 385 1.27 -6.35 9.48
C MET A 385 2.44 -5.39 9.65
N VAL A 386 3.45 -5.82 10.39
CA VAL A 386 4.58 -4.95 10.70
C VAL A 386 5.87 -5.39 10.02
N PRO A 387 6.53 -4.48 9.29
CA PRO A 387 7.81 -4.74 8.62
C PRO A 387 8.89 -5.13 9.63
N THR A 388 9.71 -6.11 9.27
CA THR A 388 10.75 -6.59 10.17
C THR A 388 12.10 -6.65 9.46
N SER A 389 13.16 -6.83 10.24
CA SER A 389 14.50 -6.96 9.68
C SER A 389 14.77 -8.42 9.28
N ASP A 390 13.89 -9.31 9.71
CA ASP A 390 13.97 -10.71 9.33
C ASP A 390 13.58 -10.85 7.86
N LYS A 391 14.54 -10.57 6.98
CA LYS A 391 14.27 -10.55 5.54
C LYS A 391 13.13 -9.60 5.23
N GLY A 392 12.27 -9.97 4.29
CA GLY A 392 11.15 -9.14 3.92
C GLY A 392 9.85 -9.54 4.58
N ARG A 393 9.94 -10.40 5.58
CA ARG A 393 8.77 -10.93 6.27
C ARG A 393 8.07 -9.88 7.12
N PHE A 394 6.78 -10.09 7.35
CA PHE A 394 6.00 -9.20 8.21
C PHE A 394 5.48 -9.96 9.42
N TYR A 395 5.49 -9.31 10.59
CA TYR A 395 4.91 -9.91 11.78
C TYR A 395 3.48 -9.42 11.99
N ALA A 396 2.60 -10.34 12.34
CA ALA A 396 1.20 -10.02 12.58
C ALA A 396 1.02 -9.38 13.96
N PHE A 397 0.60 -8.11 13.97
CA PHE A 397 0.35 -7.41 15.22
C PHE A 397 -1.14 -7.43 15.53
N GLY A 398 -1.49 -7.70 16.79
CA GLY A 398 -2.87 -7.74 17.19
C GLY A 398 -3.11 -7.93 18.67
N ARG A 399 -4.26 -8.51 19.00
CA ARG A 399 -4.67 -8.67 20.38
C ARG A 399 -5.49 -9.94 20.59
N VAL A 400 -5.23 -10.64 21.68
CA VAL A 400 -6.00 -11.83 22.04
C VAL A 400 -7.24 -11.43 22.82
N PHE A 401 -8.40 -11.73 22.27
CA PHE A 401 -9.67 -11.42 22.94
C PHE A 401 -10.21 -12.62 23.71
N ALA A 402 -9.79 -13.81 23.30
CA ALA A 402 -10.20 -15.04 23.95
C ALA A 402 -9.16 -16.13 23.77
N GLY A 403 -9.07 -17.03 24.74
CA GLY A 403 -8.11 -18.12 24.70
C GLY A 403 -6.69 -17.65 24.87
N THR A 404 -5.74 -18.52 24.54
CA THR A 404 -4.32 -18.18 24.63
C THR A 404 -3.59 -18.63 23.36
N VAL A 405 -2.77 -17.75 22.80
CA VAL A 405 -1.98 -18.08 21.63
C VAL A 405 -0.67 -18.71 22.07
N LYS A 406 -0.20 -19.71 21.33
CA LYS A 406 1.00 -20.44 21.70
C LYS A 406 1.92 -20.67 20.51
N SER A 407 3.22 -20.69 20.77
CA SER A 407 4.20 -21.00 19.72
C SER A 407 4.01 -22.43 19.26
N GLY A 408 3.85 -22.61 17.95
CA GLY A 408 3.65 -23.93 17.38
C GLY A 408 2.18 -24.26 17.20
N GLN A 409 1.33 -23.63 18.02
CA GLN A 409 -0.11 -23.85 17.96
C GLN A 409 -0.65 -23.66 16.56
N LYS A 410 -1.33 -24.67 16.04
CA LYS A 410 -1.97 -24.58 14.74
C LYS A 410 -3.28 -23.82 14.85
N VAL A 411 -3.45 -22.81 14.01
CA VAL A 411 -4.60 -21.91 14.10
C VAL A 411 -5.39 -21.85 12.81
N ARG A 412 -6.62 -21.35 12.91
CA ARG A 412 -7.44 -21.10 11.73
C ARG A 412 -7.33 -19.63 11.34
N ILE A 413 -6.59 -19.36 10.26
CA ILE A 413 -6.43 -18.00 9.77
C ILE A 413 -7.59 -17.62 8.86
N GLN A 414 -8.50 -16.82 9.38
CA GLN A 414 -9.70 -16.44 8.65
C GLN A 414 -9.55 -15.05 8.02
N GLY A 415 -9.47 -15.01 6.69
CA GLY A 415 -9.35 -13.76 5.98
C GLY A 415 -10.62 -12.94 6.01
N PRO A 416 -10.58 -11.73 5.44
CA PRO A 416 -11.71 -10.80 5.43
C PRO A 416 -12.97 -11.41 4.83
N ASN A 417 -12.82 -12.08 3.70
CA ASN A 417 -13.95 -12.63 2.96
C ASN A 417 -14.38 -14.01 3.45
N TYR A 418 -13.78 -14.47 4.53
CA TYR A 418 -14.09 -15.78 5.10
C TYR A 418 -15.48 -15.83 5.74
N VAL A 419 -16.15 -16.97 5.61
CA VAL A 419 -17.45 -17.20 6.23
C VAL A 419 -17.55 -18.63 6.72
N PRO A 420 -17.96 -18.83 7.99
CA PRO A 420 -18.14 -20.17 8.55
C PRO A 420 -19.07 -21.02 7.68
N GLY A 421 -18.51 -22.05 7.06
CA GLY A 421 -19.25 -22.89 6.13
C GLY A 421 -18.43 -23.15 4.88
N LYS A 422 -18.10 -22.07 4.17
CA LYS A 422 -17.19 -22.15 3.04
C LYS A 422 -15.76 -22.35 3.53
N LYS A 423 -14.87 -22.72 2.61
CA LYS A 423 -13.44 -22.77 2.92
C LYS A 423 -12.71 -21.66 2.19
N ASP A 424 -13.46 -20.67 1.74
CA ASP A 424 -12.90 -19.51 1.06
C ASP A 424 -12.17 -18.63 2.05
N ASP A 425 -10.97 -18.20 1.69
CA ASP A 425 -10.20 -17.27 2.51
C ASP A 425 -9.85 -17.90 3.85
N LEU A 426 -9.47 -19.18 3.82
CA LEU A 426 -9.12 -19.93 5.03
C LEU A 426 -7.77 -20.61 4.90
N PHE A 427 -6.98 -20.56 5.98
CA PHE A 427 -5.67 -21.21 6.00
C PHE A 427 -5.40 -21.77 7.39
N ILE A 428 -5.34 -23.10 7.49
CA ILE A 428 -5.08 -23.77 8.76
C ILE A 428 -3.59 -24.07 8.91
N LYS A 429 -2.85 -23.11 9.42
CA LYS A 429 -1.40 -23.24 9.53
C LYS A 429 -0.97 -23.19 11.00
N ALA A 430 0.34 -23.20 11.21
CA ALA A 430 0.89 -23.18 12.56
C ALA A 430 1.69 -21.91 12.81
N ILE A 431 1.56 -21.37 14.02
CA ILE A 431 2.28 -20.16 14.41
C ILE A 431 3.73 -20.51 14.74
N GLN A 432 4.66 -19.96 13.97
CA GLN A 432 6.09 -20.15 14.25
C GLN A 432 6.41 -19.77 15.69
N ARG A 433 6.45 -18.47 15.95
CA ARG A 433 6.85 -17.95 17.25
C ARG A 433 5.95 -16.78 17.66
N VAL A 434 5.51 -16.79 18.92
CA VAL A 434 4.77 -15.68 19.49
C VAL A 434 5.73 -14.72 20.17
N VAL A 435 5.67 -13.45 19.80
CA VAL A 435 6.65 -12.49 20.28
C VAL A 435 6.04 -11.25 20.92
N LEU A 436 6.74 -10.69 21.89
CA LEU A 436 6.37 -9.41 22.47
C LEU A 436 6.92 -8.31 21.57
N MET A 437 6.10 -7.29 21.31
CA MET A 437 6.53 -6.17 20.47
C MET A 437 6.92 -4.96 21.30
N MET A 438 8.17 -4.97 21.78
CA MET A 438 8.70 -3.92 22.63
C MET A 438 9.21 -2.76 21.78
N GLY A 439 8.29 -2.04 21.15
CA GLY A 439 8.66 -0.93 20.29
C GLY A 439 9.37 -1.41 19.03
N ARG A 440 10.69 -1.22 18.99
CA ARG A 440 11.48 -1.58 17.83
C ARG A 440 12.09 -2.99 17.93
N PHE A 441 11.91 -3.64 19.07
CA PHE A 441 12.52 -4.95 19.31
C PHE A 441 11.50 -6.05 19.51
N VAL A 442 11.97 -7.30 19.51
CA VAL A 442 11.10 -8.45 19.60
C VAL A 442 11.60 -9.48 20.62
N GLU A 443 10.68 -9.98 21.44
CA GLU A 443 11.02 -10.98 22.45
C GLU A 443 10.09 -12.20 22.38
N PRO A 444 10.64 -13.35 21.96
CA PRO A 444 9.88 -14.60 21.83
C PRO A 444 9.39 -15.10 23.18
N ILE A 445 8.15 -15.59 23.22
CA ILE A 445 7.58 -16.15 24.44
C ILE A 445 6.76 -17.39 24.10
N ASP A 446 6.45 -18.19 25.12
CA ASP A 446 5.72 -19.44 24.92
C ASP A 446 4.27 -19.22 24.51
N ASP A 447 3.48 -18.65 25.41
CA ASP A 447 2.07 -18.41 25.15
C ASP A 447 1.66 -16.98 25.48
N CYS A 448 0.35 -16.71 25.46
CA CYS A 448 -0.17 -15.38 25.70
C CYS A 448 -1.68 -15.40 25.91
N PRO A 449 -2.13 -15.24 27.16
CA PRO A 449 -3.54 -15.26 27.56
C PRO A 449 -4.35 -14.11 26.95
N ALA A 450 -5.67 -14.23 27.00
CA ALA A 450 -6.56 -13.21 26.44
C ALA A 450 -6.47 -11.89 27.20
N GLY A 451 -6.62 -10.78 26.47
CA GLY A 451 -6.57 -9.46 27.06
C GLY A 451 -5.28 -8.72 26.74
N ASN A 452 -4.31 -9.45 26.18
CA ASN A 452 -3.00 -8.87 25.91
C ASN A 452 -2.75 -8.58 24.43
N ILE A 453 -1.91 -7.58 24.18
CA ILE A 453 -1.45 -7.27 22.83
C ILE A 453 -0.21 -8.13 22.55
N ILE A 454 -0.11 -8.63 21.33
CA ILE A 454 0.99 -9.53 20.98
C ILE A 454 1.30 -9.54 19.49
N GLY A 455 2.44 -10.12 19.13
CA GLY A 455 2.84 -10.26 17.75
C GLY A 455 2.99 -11.71 17.35
N LEU A 456 2.85 -12.00 16.07
CA LEU A 456 2.91 -13.37 15.58
C LEU A 456 3.86 -13.52 14.40
N VAL A 457 4.55 -14.66 14.33
CA VAL A 457 5.50 -14.92 13.26
C VAL A 457 5.02 -16.06 12.36
N GLY A 458 5.11 -15.85 11.05
CA GLY A 458 4.74 -16.88 10.09
C GLY A 458 3.27 -16.87 9.70
N ILE A 459 2.76 -15.69 9.38
CA ILE A 459 1.36 -15.54 8.99
C ILE A 459 1.22 -14.56 7.82
N ASP A 460 2.29 -13.81 7.57
CA ASP A 460 2.27 -12.74 6.57
C ASP A 460 1.96 -13.21 5.15
N GLN A 461 2.00 -14.52 4.92
CA GLN A 461 1.74 -15.06 3.59
C GLN A 461 0.29 -15.55 3.43
N PHE A 462 -0.49 -15.41 4.49
CA PHE A 462 -1.90 -15.80 4.46
C PHE A 462 -2.78 -14.60 4.77
N LEU A 463 -2.23 -13.67 5.54
CA LEU A 463 -2.91 -12.42 5.84
C LEU A 463 -2.20 -11.25 5.16
N LEU A 464 -2.95 -10.48 4.39
CA LEU A 464 -2.41 -9.29 3.74
C LEU A 464 -2.21 -8.19 4.78
N LYS A 465 -3.25 -7.94 5.56
CA LYS A 465 -3.20 -6.92 6.60
C LYS A 465 -4.03 -7.31 7.83
N THR A 466 -5.35 -7.39 7.65
CA THR A 466 -6.27 -7.68 8.74
C THR A 466 -6.80 -9.11 8.63
N GLY A 467 -7.16 -9.68 9.77
CA GLY A 467 -7.72 -11.03 9.80
C GLY A 467 -8.12 -11.45 11.20
N THR A 468 -8.69 -12.65 11.30
CA THR A 468 -9.12 -13.19 12.59
C THR A 468 -8.60 -14.61 12.77
N LEU A 469 -7.97 -14.87 13.91
CA LEU A 469 -7.45 -16.19 14.23
C LEU A 469 -8.33 -16.88 15.26
N THR A 470 -8.76 -18.10 14.95
CA THR A 470 -9.65 -18.84 15.82
C THR A 470 -9.20 -20.29 15.97
N THR A 471 -9.96 -21.07 16.72
CA THR A 471 -9.72 -22.51 16.86
C THR A 471 -11.03 -23.27 16.83
N SER A 472 -12.13 -22.53 16.74
CA SER A 472 -13.47 -23.11 16.64
C SER A 472 -13.92 -23.14 15.18
N GLU A 473 -14.52 -24.26 14.78
CA GLU A 473 -14.97 -24.45 13.41
C GLU A 473 -16.32 -23.78 13.16
N THR A 474 -16.75 -22.95 14.10
CA THR A 474 -18.04 -22.27 14.00
C THR A 474 -17.94 -20.78 14.27
N ALA A 475 -16.71 -20.29 14.46
CA ALA A 475 -16.49 -18.89 14.81
C ALA A 475 -16.49 -17.97 13.59
N HIS A 476 -17.23 -16.88 13.69
CA HIS A 476 -17.24 -15.86 12.64
C HIS A 476 -16.03 -14.95 12.80
N ASN A 477 -15.82 -14.08 11.83
CA ASN A 477 -14.76 -13.08 11.92
C ASN A 477 -15.12 -12.02 12.96
N MET A 478 -14.10 -11.29 13.41
CA MET A 478 -14.34 -10.12 14.25
C MET A 478 -14.48 -8.92 13.34
N LYS A 479 -15.15 -7.88 13.83
CA LYS A 479 -15.42 -6.68 13.02
C LYS A 479 -14.26 -6.42 12.05
N VAL A 480 -14.52 -6.67 10.77
CA VAL A 480 -13.49 -6.60 9.75
C VAL A 480 -13.19 -5.16 9.30
N MET A 481 -11.92 -4.86 9.15
CA MET A 481 -11.49 -3.59 8.57
C MET A 481 -11.18 -3.80 7.10
N LYS A 482 -11.99 -3.17 6.24
CA LYS A 482 -11.84 -3.34 4.80
C LYS A 482 -10.51 -2.80 4.29
N PHE A 483 -9.82 -3.63 3.50
CA PHE A 483 -8.56 -3.26 2.89
C PHE A 483 -8.42 -3.91 1.51
N SER A 484 -7.58 -3.33 0.67
CA SER A 484 -7.32 -3.86 -0.67
C SER A 484 -5.91 -3.54 -1.13
N VAL A 485 -5.29 -4.51 -1.80
CA VAL A 485 -3.91 -4.36 -2.26
C VAL A 485 -3.88 -3.85 -3.70
N SER A 486 -5.04 -3.85 -4.35
CA SER A 486 -5.15 -3.44 -5.75
C SER A 486 -4.53 -2.07 -5.98
N PRO A 487 -3.49 -2.01 -6.82
CA PRO A 487 -2.82 -0.77 -7.21
C PRO A 487 -3.65 0.01 -8.23
N VAL A 488 -4.43 0.96 -7.76
CA VAL A 488 -5.30 1.73 -8.64
C VAL A 488 -4.67 3.04 -9.12
N VAL A 489 -3.59 3.45 -8.46
CA VAL A 489 -2.86 4.64 -8.85
C VAL A 489 -1.36 4.38 -8.88
N GLN A 490 -0.65 4.98 -9.82
CA GLN A 490 0.77 4.75 -9.96
C GLN A 490 1.51 5.93 -10.58
N VAL A 491 2.83 5.93 -10.43
CA VAL A 491 3.67 6.98 -10.99
C VAL A 491 4.96 6.37 -11.51
N ALA A 492 5.58 7.05 -12.47
CA ALA A 492 6.89 6.65 -12.97
C ALA A 492 7.98 7.36 -12.18
N VAL A 493 8.92 6.60 -11.64
CA VAL A 493 10.00 7.16 -10.84
C VAL A 493 11.32 7.15 -11.62
N GLU A 494 12.04 8.27 -11.57
CA GLU A 494 13.25 8.44 -12.35
C GLU A 494 14.24 9.32 -11.61
N VAL A 495 15.53 8.99 -11.69
CA VAL A 495 16.55 9.77 -11.02
C VAL A 495 16.96 10.98 -11.85
N LYS A 496 17.22 12.09 -11.19
CA LYS A 496 17.63 13.31 -11.88
C LYS A 496 19.10 13.23 -12.28
N ASN A 497 19.90 12.60 -11.44
CA ASN A 497 21.31 12.37 -11.74
C ASN A 497 21.56 10.89 -12.05
N ALA A 498 21.96 10.61 -13.28
CA ALA A 498 22.08 9.24 -13.78
C ALA A 498 22.95 8.32 -12.94
N ASN A 499 23.82 8.91 -12.12
CA ASN A 499 24.72 8.12 -11.28
C ASN A 499 24.00 7.49 -10.09
N ASP A 500 22.82 8.01 -9.77
CA ASP A 500 22.07 7.56 -8.59
C ASP A 500 21.14 6.40 -8.93
N LEU A 501 21.23 5.89 -10.16
CA LEU A 501 20.35 4.81 -10.61
C LEU A 501 20.35 3.61 -9.65
N PRO A 502 21.53 3.09 -9.29
CA PRO A 502 21.62 1.94 -8.39
C PRO A 502 20.92 2.18 -7.05
N LYS A 503 21.02 3.41 -6.55
CA LYS A 503 20.43 3.76 -5.25
C LYS A 503 18.90 3.75 -5.32
N LEU A 504 18.36 4.05 -6.49
CA LEU A 504 16.92 4.01 -6.70
C LEU A 504 16.43 2.57 -6.82
N VAL A 505 17.24 1.73 -7.46
CA VAL A 505 16.89 0.33 -7.66
C VAL A 505 16.73 -0.40 -6.33
N GLU A 506 17.63 -0.15 -5.40
CA GLU A 506 17.58 -0.77 -4.08
C GLU A 506 16.57 -0.06 -3.19
N GLY A 507 16.33 1.21 -3.47
CA GLY A 507 15.35 2.00 -2.74
C GLY A 507 13.94 1.49 -2.98
N LEU A 508 13.65 1.18 -4.24
CA LEU A 508 12.35 0.62 -4.62
C LEU A 508 12.19 -0.76 -4.01
N LYS A 509 13.31 -1.44 -3.88
CA LYS A 509 13.34 -2.82 -3.38
C LYS A 509 12.94 -2.85 -1.91
N ARG A 510 13.33 -1.80 -1.18
CA ARG A 510 13.10 -1.75 0.25
C ARG A 510 11.84 -0.96 0.61
N LEU A 511 11.39 -0.13 -0.32
CA LEU A 511 10.10 0.54 -0.17
C LEU A 511 9.00 -0.51 -0.30
N SER A 512 9.24 -1.51 -1.14
CA SER A 512 8.30 -2.59 -1.37
C SER A 512 8.19 -3.50 -0.16
N LYS A 513 9.17 -3.41 0.73
CA LYS A 513 9.23 -4.30 1.89
C LYS A 513 8.71 -3.64 3.16
N SER A 514 8.60 -2.32 3.14
CA SER A 514 8.11 -1.58 4.29
C SER A 514 6.59 -1.53 4.32
N ASP A 515 5.96 -2.05 3.26
CA ASP A 515 4.51 -2.06 3.16
C ASP A 515 4.02 -3.10 2.16
N PRO A 516 3.18 -4.04 2.63
CA PRO A 516 2.64 -5.12 1.81
C PRO A 516 1.70 -4.64 0.70
N CYS A 517 1.22 -3.40 0.82
CA CYS A 517 0.25 -2.86 -0.13
C CYS A 517 0.89 -1.95 -1.18
N VAL A 518 2.20 -1.78 -1.10
CA VAL A 518 2.93 -1.00 -2.10
C VAL A 518 3.50 -1.92 -3.16
N LEU A 519 3.51 -1.45 -4.41
CA LEU A 519 3.97 -2.27 -5.53
C LEU A 519 4.97 -1.54 -6.41
N THR A 520 6.17 -2.11 -6.53
CA THR A 520 7.18 -1.58 -7.42
C THR A 520 7.51 -2.61 -8.49
N TYR A 521 7.44 -2.20 -9.75
CA TYR A 521 7.74 -3.09 -10.86
C TYR A 521 8.29 -2.32 -12.05
N MET A 522 8.64 -3.05 -13.11
CA MET A 522 9.16 -2.43 -14.31
C MET A 522 8.29 -2.75 -15.51
N SER A 523 7.85 -1.71 -16.21
CA SER A 523 7.10 -1.88 -17.45
C SER A 523 8.04 -2.43 -18.53
N GLU A 524 7.47 -2.81 -19.67
CA GLU A 524 8.27 -3.30 -20.78
C GLU A 524 9.27 -2.25 -21.25
N SER A 525 8.88 -0.98 -21.22
CA SER A 525 9.73 0.10 -21.69
C SER A 525 10.87 0.41 -20.71
N GLY A 526 10.90 -0.31 -19.60
CA GLY A 526 11.98 -0.16 -18.63
C GLY A 526 11.71 0.80 -17.50
N GLU A 527 10.59 1.51 -17.56
CA GLU A 527 10.23 2.47 -16.53
C GLU A 527 10.10 1.82 -15.15
N HIS A 528 10.60 2.52 -14.13
CA HIS A 528 10.39 2.09 -12.75
C HIS A 528 9.04 2.59 -12.25
N ILE A 529 8.12 1.67 -12.00
CA ILE A 529 6.77 2.04 -11.60
C ILE A 529 6.51 1.84 -10.11
N VAL A 530 5.82 2.80 -9.50
CA VAL A 530 5.41 2.70 -8.11
C VAL A 530 3.90 2.86 -8.03
N ALA A 531 3.21 1.82 -7.58
CA ALA A 531 1.75 1.82 -7.53
C ALA A 531 1.25 1.70 -6.10
N GLY A 532 0.18 2.42 -5.79
CA GLY A 532 -0.40 2.42 -4.45
C GLY A 532 -1.88 2.16 -4.46
N THR A 533 -2.49 2.24 -3.27
CA THR A 533 -3.91 1.97 -3.11
C THR A 533 -4.75 3.24 -3.14
N GLY A 534 -4.08 4.39 -3.07
CA GLY A 534 -4.78 5.67 -3.08
C GLY A 534 -3.84 6.83 -3.29
N GLU A 535 -4.41 8.02 -3.46
CA GLU A 535 -3.63 9.23 -3.69
C GLU A 535 -2.66 9.49 -2.54
N LEU A 536 -3.19 9.56 -1.33
CA LEU A 536 -2.39 9.83 -0.15
C LEU A 536 -1.37 8.74 0.11
N HIS A 537 -1.81 7.49 0.01
CA HIS A 537 -0.94 6.34 0.23
C HIS A 537 0.29 6.38 -0.67
N LEU A 538 0.06 6.69 -1.94
CA LEU A 538 1.14 6.79 -2.91
C LEU A 538 2.01 8.01 -2.64
N GLU A 539 1.40 9.07 -2.12
CA GLU A 539 2.10 10.30 -1.81
C GLU A 539 3.21 10.09 -0.78
N ILE A 540 2.86 9.47 0.35
CA ILE A 540 3.81 9.26 1.43
C ILE A 540 4.87 8.23 1.05
N CYS A 541 4.53 7.31 0.17
CA CYS A 541 5.47 6.30 -0.30
C CYS A 541 6.57 6.95 -1.12
N LEU A 542 6.20 7.94 -1.92
CA LEU A 542 7.16 8.67 -2.74
C LEU A 542 8.02 9.61 -1.90
N GLN A 543 7.47 10.03 -0.76
CA GLN A 543 8.20 10.86 0.18
C GLN A 543 9.19 10.01 0.98
N ASP A 544 8.74 8.81 1.36
CA ASP A 544 9.60 7.87 2.06
C ASP A 544 10.73 7.41 1.16
N LEU A 545 10.45 7.33 -0.13
CA LEU A 545 11.42 6.85 -1.11
C LEU A 545 12.51 7.89 -1.39
N GLU A 546 12.11 9.15 -1.53
CA GLU A 546 13.04 10.20 -1.89
C GLU A 546 13.89 10.68 -0.71
N HIS A 547 13.53 10.26 0.49
CA HIS A 547 14.23 10.73 1.69
C HIS A 547 14.88 9.60 2.49
N ASP A 548 14.31 8.41 2.43
CA ASP A 548 14.79 7.30 3.27
C ASP A 548 15.31 6.12 2.47
N HIS A 549 14.43 5.49 1.70
CA HIS A 549 14.78 4.27 0.98
C HIS A 549 15.77 4.52 -0.16
N ALA A 550 15.69 5.70 -0.77
CA ALA A 550 16.63 6.10 -1.81
C ALA A 550 17.51 7.25 -1.32
N GLY A 551 16.89 8.38 -1.03
CA GLY A 551 17.60 9.54 -0.52
C GLY A 551 18.16 10.44 -1.60
N VAL A 552 17.93 10.06 -2.86
CA VAL A 552 18.42 10.83 -4.00
C VAL A 552 17.31 11.63 -4.65
N PRO A 553 17.64 12.79 -5.23
CA PRO A 553 16.67 13.62 -5.95
C PRO A 553 15.95 12.83 -7.03
N LEU A 554 14.62 12.85 -6.99
CA LEU A 554 13.83 12.05 -7.92
C LEU A 554 12.96 12.90 -8.85
N LYS A 555 12.81 12.43 -10.07
CA LYS A 555 11.88 13.02 -11.03
C LYS A 555 10.64 12.14 -11.08
N ILE A 556 9.53 12.65 -10.57
CA ILE A 556 8.31 11.86 -10.49
C ILE A 556 7.18 12.45 -11.34
N SER A 557 6.55 11.59 -12.14
CA SER A 557 5.46 12.01 -13.01
C SER A 557 4.17 12.15 -12.21
N PRO A 558 3.21 12.94 -12.73
CA PRO A 558 1.92 13.10 -12.07
C PRO A 558 1.23 11.75 -11.87
N PRO A 559 0.44 11.63 -10.80
CA PRO A 559 -0.27 10.38 -10.47
C PRO A 559 -1.21 9.95 -11.60
N VAL A 560 -1.13 8.67 -11.95
CA VAL A 560 -1.96 8.12 -13.02
C VAL A 560 -2.81 6.95 -12.51
N VAL A 561 -4.06 6.92 -12.94
CA VAL A 561 -4.98 5.85 -12.55
C VAL A 561 -4.75 4.61 -13.41
N ALA A 562 -4.76 3.44 -12.78
CA ALA A 562 -4.60 2.18 -13.49
C ALA A 562 -5.94 1.71 -14.05
N TYR A 563 -5.94 1.32 -15.33
CA TYR A 563 -7.15 0.85 -15.97
C TYR A 563 -7.03 -0.61 -16.39
N ARG A 564 -8.11 -1.15 -16.92
CA ARG A 564 -8.11 -2.52 -17.42
C ARG A 564 -8.62 -2.59 -18.86
N GLU A 565 -8.00 -3.44 -19.66
CA GLU A 565 -8.45 -3.67 -21.03
C GLU A 565 -9.25 -4.96 -21.08
N THR A 566 -10.40 -4.94 -21.74
CA THR A 566 -11.25 -6.12 -21.80
C THR A 566 -12.00 -6.21 -23.14
N VAL A 567 -12.70 -7.32 -23.35
CA VAL A 567 -13.54 -7.48 -24.53
C VAL A 567 -14.90 -7.89 -24.03
N GLU A 568 -15.95 -7.58 -24.79
CA GLU A 568 -17.26 -8.04 -24.37
C GLU A 568 -18.09 -8.65 -25.48
N SER A 569 -17.42 -9.46 -26.28
CA SER A 569 -18.05 -10.22 -27.34
C SER A 569 -16.95 -11.06 -27.97
N GLU A 570 -17.35 -12.07 -28.75
CA GLU A 570 -16.39 -12.95 -29.39
C GLU A 570 -15.77 -12.30 -30.64
N SER A 571 -14.52 -12.67 -30.93
CA SER A 571 -13.83 -12.15 -32.10
C SER A 571 -14.67 -12.28 -33.36
N SER A 572 -14.90 -11.15 -34.04
CA SER A 572 -15.65 -11.13 -35.29
C SER A 572 -15.23 -12.26 -36.21
N GLN A 573 -13.92 -12.51 -36.25
CA GLN A 573 -13.37 -13.60 -37.06
C GLN A 573 -12.11 -14.17 -36.41
N THR A 574 -11.67 -15.32 -36.92
CA THR A 574 -10.50 -15.99 -36.37
C THR A 574 -9.24 -15.14 -36.51
N ALA A 575 -8.46 -15.06 -35.45
CA ALA A 575 -7.20 -14.33 -35.47
C ALA A 575 -6.08 -15.27 -35.93
N LEU A 576 -5.27 -14.79 -36.86
CA LEU A 576 -4.17 -15.58 -37.40
C LEU A 576 -2.87 -14.80 -37.38
N SER A 577 -1.78 -15.47 -37.04
CA SER A 577 -0.47 -14.83 -36.96
C SER A 577 0.65 -15.81 -37.33
N LYS A 578 1.62 -15.33 -38.09
CA LYS A 578 2.77 -16.16 -38.48
C LYS A 578 4.01 -15.82 -37.66
N SER A 579 4.91 -16.79 -37.55
CA SER A 579 6.20 -16.55 -36.92
C SER A 579 7.11 -15.82 -37.90
N PRO A 580 8.13 -15.13 -37.38
CA PRO A 580 9.08 -14.39 -38.22
C PRO A 580 9.67 -15.24 -39.34
N ASN A 581 9.97 -16.50 -39.06
CA ASN A 581 10.54 -17.38 -40.08
C ASN A 581 9.49 -17.97 -41.03
N LYS A 582 8.23 -17.63 -40.77
CA LYS A 582 7.13 -17.98 -41.68
C LYS A 582 6.76 -19.45 -41.65
N HIS A 583 7.28 -20.20 -40.68
CA HIS A 583 7.02 -21.64 -40.61
C HIS A 583 5.98 -22.03 -39.57
N ASN A 584 5.64 -21.11 -38.68
CA ASN A 584 4.70 -21.41 -37.61
C ASN A 584 3.48 -20.48 -37.63
N ARG A 585 2.30 -21.07 -37.42
CA ARG A 585 1.06 -20.31 -37.41
C ARG A 585 0.21 -20.62 -36.18
N ILE A 586 -0.46 -19.60 -35.65
CA ILE A 586 -1.37 -19.77 -34.53
C ILE A 586 -2.73 -19.17 -34.86
N TYR A 587 -3.77 -19.99 -34.79
CA TYR A 587 -5.14 -19.54 -34.98
C TYR A 587 -5.84 -19.49 -33.63
N LEU A 588 -6.35 -18.33 -33.27
CA LEU A 588 -7.02 -18.19 -31.99
C LEU A 588 -8.22 -17.25 -32.06
N LYS A 589 -8.98 -17.21 -30.97
CA LYS A 589 -10.15 -16.35 -30.89
C LYS A 589 -10.36 -15.90 -29.46
N ALA A 590 -10.66 -14.62 -29.27
CA ALA A 590 -10.86 -14.05 -27.95
C ALA A 590 -12.35 -13.96 -27.60
N GLU A 591 -12.64 -14.04 -26.31
CA GLU A 591 -14.01 -13.90 -25.84
C GLU A 591 -14.04 -13.49 -24.37
N PRO A 592 -15.11 -12.78 -23.96
CA PRO A 592 -15.24 -12.27 -22.59
C PRO A 592 -15.40 -13.38 -21.56
N ILE A 593 -14.85 -13.15 -20.37
CA ILE A 593 -15.07 -14.04 -19.23
C ILE A 593 -16.08 -13.37 -18.29
N ASP A 594 -17.05 -14.16 -17.82
CA ASP A 594 -18.07 -13.64 -16.90
C ASP A 594 -17.44 -13.01 -15.68
N GLU A 595 -18.06 -11.95 -15.17
CA GLU A 595 -17.59 -11.29 -13.96
C GLU A 595 -17.53 -12.25 -12.77
N GLU A 596 -18.51 -13.14 -12.69
CA GLU A 596 -18.55 -14.13 -11.62
C GLU A 596 -17.26 -14.94 -11.62
N VAL A 597 -16.83 -15.35 -12.82
CA VAL A 597 -15.63 -16.16 -12.98
C VAL A 597 -14.37 -15.36 -12.67
N SER A 598 -14.32 -14.12 -13.14
CA SER A 598 -13.18 -13.25 -12.87
C SER A 598 -13.02 -12.99 -11.38
N LEU A 599 -14.14 -12.75 -10.71
CA LEU A 599 -14.14 -12.55 -9.26
C LEU A 599 -13.70 -13.82 -8.56
N ALA A 600 -14.19 -14.96 -9.03
CA ALA A 600 -13.81 -16.25 -8.46
C ALA A 600 -12.30 -16.46 -8.54
N ILE A 601 -11.71 -16.09 -9.67
CA ILE A 601 -10.28 -16.21 -9.87
C ILE A 601 -9.51 -15.28 -8.95
N GLU A 602 -9.99 -14.05 -8.83
CA GLU A 602 -9.36 -13.05 -7.96
C GLU A 602 -9.55 -13.40 -6.48
N ASN A 603 -10.52 -14.27 -6.21
CA ASN A 603 -10.82 -14.66 -4.83
C ASN A 603 -10.32 -16.05 -4.45
N GLY A 604 -9.48 -16.62 -5.30
CA GLY A 604 -8.85 -17.90 -5.01
C GLY A 604 -9.74 -19.11 -5.19
N ILE A 605 -11.03 -18.88 -5.40
CA ILE A 605 -11.97 -19.97 -5.65
C ILE A 605 -11.51 -20.81 -6.84
N ILE A 606 -11.30 -20.15 -7.98
CA ILE A 606 -10.71 -20.79 -9.14
C ILE A 606 -9.21 -20.53 -9.13
N ASN A 607 -8.43 -21.56 -8.81
CA ASN A 607 -7.02 -21.39 -8.54
C ASN A 607 -6.11 -22.00 -9.60
N PRO A 608 -5.07 -21.26 -10.03
CA PRO A 608 -4.08 -21.72 -11.00
C PRO A 608 -3.23 -22.87 -10.47
N ARG A 609 -3.07 -22.93 -9.16
CA ARG A 609 -2.24 -23.95 -8.52
C ARG A 609 -3.08 -25.15 -8.15
N ASP A 610 -4.35 -25.11 -8.51
CA ASP A 610 -5.31 -26.16 -8.16
C ASP A 610 -5.19 -27.34 -9.12
N ASP A 611 -5.62 -28.51 -8.68
CA ASP A 611 -5.68 -29.68 -9.53
C ASP A 611 -6.57 -29.39 -10.73
N PHE A 612 -6.05 -29.59 -11.94
CA PHE A 612 -6.78 -29.20 -13.15
C PHE A 612 -8.13 -29.89 -13.27
N LYS A 613 -8.29 -31.03 -12.59
CA LYS A 613 -9.57 -31.75 -12.63
C LYS A 613 -10.54 -31.28 -11.55
N ALA A 614 -10.02 -30.96 -10.37
CA ALA A 614 -10.84 -30.43 -9.29
C ALA A 614 -11.32 -29.03 -9.65
N ARG A 615 -10.45 -28.25 -10.26
CA ARG A 615 -10.78 -26.89 -10.69
C ARG A 615 -11.81 -26.92 -11.81
N ALA A 616 -11.67 -27.87 -12.72
CA ALA A 616 -12.59 -28.00 -13.85
C ALA A 616 -14.00 -28.33 -13.39
N ARG A 617 -14.09 -29.16 -12.35
CA ARG A 617 -15.39 -29.53 -11.79
C ARG A 617 -16.10 -28.32 -11.20
N ILE A 618 -15.33 -27.42 -10.60
CA ILE A 618 -15.86 -26.19 -10.01
C ILE A 618 -16.38 -25.24 -11.08
N MET A 619 -15.60 -25.05 -12.14
CA MET A 619 -15.97 -24.13 -13.21
C MET A 619 -17.17 -24.63 -14.00
N ALA A 620 -17.30 -25.95 -14.10
CA ALA A 620 -18.40 -26.56 -14.83
C ALA A 620 -19.69 -26.55 -14.01
N ASP A 621 -19.58 -26.91 -12.74
CA ASP A 621 -20.75 -27.02 -11.86
C ASP A 621 -21.27 -25.65 -11.42
N ASP A 622 -20.37 -24.78 -11.02
CA ASP A 622 -20.75 -23.52 -10.38
C ASP A 622 -20.76 -22.33 -11.33
N TYR A 623 -20.10 -22.46 -12.47
CA TYR A 623 -19.97 -21.32 -13.38
C TYR A 623 -20.34 -21.61 -14.83
N GLY A 624 -20.90 -22.78 -15.08
CA GLY A 624 -21.42 -23.12 -16.40
C GLY A 624 -20.36 -23.21 -17.49
N TRP A 625 -19.20 -23.75 -17.15
CA TRP A 625 -18.16 -24.01 -18.13
C TRP A 625 -18.28 -25.42 -18.69
N ASP A 626 -17.81 -25.61 -19.92
CA ASP A 626 -17.64 -26.95 -20.47
C ASP A 626 -16.40 -27.56 -19.84
N VAL A 627 -16.59 -28.64 -19.07
CA VAL A 627 -15.48 -29.27 -18.37
C VAL A 627 -14.37 -29.66 -19.35
N THR A 628 -14.72 -29.81 -20.62
CA THR A 628 -13.73 -30.06 -21.66
C THR A 628 -12.76 -28.89 -21.75
N ASP A 629 -13.31 -27.69 -21.85
CA ASP A 629 -12.50 -26.47 -21.89
C ASP A 629 -11.76 -26.25 -20.57
N ALA A 630 -12.47 -26.36 -19.46
CA ALA A 630 -11.91 -26.10 -18.14
C ALA A 630 -10.72 -26.99 -17.81
N ARG A 631 -10.71 -28.19 -18.39
CA ARG A 631 -9.60 -29.13 -18.18
C ARG A 631 -8.43 -28.81 -19.10
N LYS A 632 -8.65 -27.93 -20.07
CA LYS A 632 -7.61 -27.59 -21.03
C LYS A 632 -7.07 -26.17 -20.84
N ILE A 633 -7.19 -25.66 -19.62
CA ILE A 633 -6.57 -24.39 -19.28
C ILE A 633 -5.05 -24.53 -19.31
N TRP A 634 -4.40 -23.67 -20.08
CA TRP A 634 -2.94 -23.70 -20.19
C TRP A 634 -2.27 -22.79 -19.16
N CYS A 635 -2.91 -21.68 -18.84
CA CYS A 635 -2.35 -20.74 -17.87
C CYS A 635 -3.31 -19.60 -17.53
N PHE A 636 -3.01 -18.91 -16.43
CA PHE A 636 -3.68 -17.66 -16.09
C PHE A 636 -2.73 -16.52 -16.40
N GLY A 637 -3.23 -15.29 -16.34
CA GLY A 637 -2.40 -14.12 -16.60
C GLY A 637 -3.11 -12.82 -16.32
N PRO A 638 -2.35 -11.75 -16.03
CA PRO A 638 -0.88 -11.78 -15.98
C PRO A 638 -0.37 -12.43 -14.69
N ASP A 639 0.96 -12.43 -14.53
CA ASP A 639 1.60 -12.98 -13.33
C ASP A 639 1.21 -14.43 -13.06
N GLY A 640 0.66 -15.10 -14.06
CA GLY A 640 0.29 -16.50 -13.94
C GLY A 640 -0.87 -16.78 -13.00
N ASN A 641 -1.63 -15.74 -12.66
CA ASN A 641 -2.76 -15.91 -11.75
C ASN A 641 -3.87 -14.89 -11.96
N GLY A 642 -3.76 -14.09 -13.01
CA GLY A 642 -4.75 -13.07 -13.30
C GLY A 642 -6.05 -13.62 -13.84
N PRO A 643 -7.07 -12.76 -13.94
CA PRO A 643 -8.40 -13.09 -14.47
C PRO A 643 -8.39 -13.21 -15.99
N ASN A 644 -7.40 -13.92 -16.53
CA ASN A 644 -7.32 -14.18 -17.97
C ASN A 644 -6.85 -15.61 -18.23
N LEU A 645 -7.45 -16.26 -19.22
CA LEU A 645 -7.20 -17.68 -19.45
C LEU A 645 -6.84 -18.02 -20.89
N VAL A 646 -5.95 -18.99 -21.05
CA VAL A 646 -5.68 -19.57 -22.36
C VAL A 646 -6.25 -20.98 -22.41
N ILE A 647 -7.20 -21.21 -23.31
CA ILE A 647 -7.80 -22.53 -23.46
C ILE A 647 -7.29 -23.21 -24.73
N ASP A 648 -6.74 -24.41 -24.58
CA ASP A 648 -6.28 -25.20 -25.71
C ASP A 648 -7.47 -25.92 -26.34
N GLN A 649 -7.86 -25.48 -27.53
CA GLN A 649 -8.98 -26.08 -28.26
C GLN A 649 -8.55 -26.64 -29.61
N THR A 650 -7.30 -27.05 -29.71
CA THR A 650 -6.78 -27.58 -30.96
C THR A 650 -7.05 -29.08 -31.06
N LYS A 651 -6.97 -29.60 -32.28
CA LYS A 651 -7.20 -31.02 -32.52
C LYS A 651 -6.07 -31.60 -33.36
N ALA A 652 -5.42 -32.64 -32.84
CA ALA A 652 -4.39 -33.35 -33.59
C ALA A 652 -3.30 -32.42 -34.11
N VAL A 653 -2.65 -31.71 -33.20
CA VAL A 653 -1.52 -30.86 -33.55
C VAL A 653 -0.22 -31.49 -33.05
N GLN A 654 0.67 -31.79 -33.98
CA GLN A 654 1.93 -32.44 -33.63
C GLN A 654 2.90 -31.47 -32.96
N TYR A 655 3.49 -31.92 -31.84
CA TYR A 655 4.48 -31.15 -31.10
C TYR A 655 3.86 -29.96 -30.37
N LEU A 656 2.53 -29.93 -30.28
CA LEU A 656 1.84 -28.84 -29.61
C LEU A 656 2.40 -28.57 -28.22
N HIS A 657 2.70 -29.64 -27.49
CA HIS A 657 3.21 -29.51 -26.13
C HIS A 657 4.60 -28.91 -26.08
N GLU A 658 5.32 -28.96 -27.21
CA GLU A 658 6.69 -28.47 -27.27
C GLU A 658 6.77 -26.95 -27.39
N ILE A 659 5.62 -26.30 -27.53
CA ILE A 659 5.57 -24.85 -27.62
C ILE A 659 4.74 -24.25 -26.50
N LYS A 660 4.24 -25.10 -25.60
CA LYS A 660 3.35 -24.66 -24.53
C LYS A 660 3.98 -23.59 -23.64
N ASP A 661 5.24 -23.80 -23.27
CA ASP A 661 5.95 -22.86 -22.40
C ASP A 661 6.12 -21.51 -23.07
N SER A 662 6.24 -21.51 -24.39
CA SER A 662 6.39 -20.27 -25.15
C SER A 662 5.05 -19.55 -25.28
N VAL A 663 3.99 -20.32 -25.50
CA VAL A 663 2.64 -19.75 -25.60
C VAL A 663 2.23 -19.11 -24.29
N VAL A 664 2.50 -19.80 -23.18
CA VAL A 664 2.18 -19.29 -21.86
C VAL A 664 2.93 -18.01 -21.57
N ALA A 665 4.22 -18.00 -21.91
CA ALA A 665 5.06 -16.83 -21.71
C ALA A 665 4.52 -15.63 -22.48
N ALA A 666 4.16 -15.85 -23.74
CA ALA A 666 3.61 -14.79 -24.58
C ALA A 666 2.33 -14.22 -23.97
N PHE A 667 1.54 -15.09 -23.34
CA PHE A 667 0.29 -14.68 -22.73
C PHE A 667 0.53 -13.80 -21.51
N GLN A 668 1.59 -14.11 -20.77
CA GLN A 668 1.95 -13.32 -19.59
C GLN A 668 2.28 -11.89 -19.98
N TRP A 669 2.94 -11.71 -21.11
CA TRP A 669 3.31 -10.37 -21.59
C TRP A 669 2.13 -9.67 -22.26
N ALA A 670 1.29 -10.45 -22.94
CA ALA A 670 0.14 -9.91 -23.64
C ALA A 670 -0.92 -9.38 -22.67
N THR A 671 -1.09 -10.07 -21.55
CA THR A 671 -2.12 -9.70 -20.58
C THR A 671 -1.65 -8.61 -19.61
N LYS A 672 -0.35 -8.44 -19.49
CA LYS A 672 0.20 -7.42 -18.61
C LYS A 672 0.06 -6.03 -19.24
N GLU A 673 0.29 -5.96 -20.55
CA GLU A 673 0.15 -4.70 -21.29
C GLU A 673 -0.64 -4.91 -22.57
N GLY A 674 -1.91 -4.52 -22.55
CA GLY A 674 -2.80 -4.72 -23.68
C GLY A 674 -2.53 -3.80 -24.86
N PRO A 675 -3.16 -4.11 -26.00
CA PRO A 675 -3.02 -3.40 -27.28
C PRO A 675 -3.69 -2.03 -27.31
N ILE A 676 -4.65 -1.79 -26.41
CA ILE A 676 -5.39 -0.53 -26.40
C ILE A 676 -4.52 0.66 -25.98
N PHE A 677 -3.88 0.55 -24.83
CA PHE A 677 -3.00 1.62 -24.36
C PHE A 677 -2.02 1.17 -23.27
N GLY A 678 -1.72 -0.13 -23.25
CA GLY A 678 -0.68 -0.64 -22.38
C GLY A 678 -1.13 -1.09 -21.01
N GLU A 679 -2.44 -1.03 -20.76
CA GLU A 679 -2.98 -1.44 -19.47
C GLU A 679 -3.23 -2.94 -19.42
N GLU A 680 -3.26 -3.49 -18.21
CA GLU A 680 -3.50 -4.92 -18.02
C GLU A 680 -4.84 -5.35 -18.58
N MET A 681 -4.90 -6.60 -19.03
CA MET A 681 -6.15 -7.19 -19.48
C MET A 681 -6.94 -7.72 -18.30
N ARG A 682 -8.24 -7.88 -18.49
CA ARG A 682 -9.08 -8.48 -17.46
C ARG A 682 -10.31 -9.15 -18.09
N SER A 683 -10.65 -10.33 -17.59
CA SER A 683 -11.80 -11.07 -18.07
C SER A 683 -11.68 -11.40 -19.54
N VAL A 684 -10.47 -11.73 -19.98
CA VAL A 684 -10.23 -12.08 -21.37
C VAL A 684 -9.88 -13.56 -21.52
N ARG A 685 -10.72 -14.29 -22.24
CA ARG A 685 -10.47 -15.70 -22.51
C ARG A 685 -9.99 -15.89 -23.95
N VAL A 686 -8.87 -16.57 -24.12
CA VAL A 686 -8.32 -16.84 -25.43
C VAL A 686 -8.42 -18.31 -25.79
N ASN A 687 -9.06 -18.61 -26.92
CA ASN A 687 -9.20 -19.97 -27.40
C ASN A 687 -8.28 -20.26 -28.57
N ILE A 688 -7.27 -21.09 -28.35
CA ILE A 688 -6.39 -21.54 -29.42
C ILE A 688 -7.11 -22.60 -30.25
N LEU A 689 -7.52 -22.22 -31.46
CA LEU A 689 -8.33 -23.08 -32.30
C LEU A 689 -7.49 -24.05 -33.13
N ASP A 690 -6.31 -23.59 -33.56
CA ASP A 690 -5.48 -24.40 -34.45
C ASP A 690 -4.02 -23.91 -34.42
N VAL A 691 -3.10 -24.84 -34.66
CA VAL A 691 -1.68 -24.52 -34.68
C VAL A 691 -0.94 -25.36 -35.72
N THR A 692 -0.10 -24.71 -36.51
CA THR A 692 0.76 -25.40 -37.45
C THR A 692 2.22 -25.12 -37.11
N LEU A 693 3.02 -26.17 -36.97
CA LEU A 693 4.41 -26.01 -36.58
C LEU A 693 5.35 -26.68 -37.57
N HIS A 694 6.60 -26.19 -37.60
CA HIS A 694 7.64 -26.83 -38.38
C HIS A 694 8.13 -28.08 -37.66
N ALA A 695 8.32 -29.15 -38.42
CA ALA A 695 8.71 -30.45 -37.85
C ALA A 695 9.98 -30.33 -37.00
N ASP A 696 10.93 -29.53 -37.47
CA ASP A 696 12.20 -29.37 -36.77
C ASP A 696 12.09 -28.35 -35.65
N ALA A 697 12.48 -28.75 -34.45
CA ALA A 697 12.35 -27.91 -33.26
C ALA A 697 13.22 -26.65 -33.30
N ILE A 698 14.20 -26.64 -34.20
CA ILE A 698 15.11 -25.49 -34.31
C ILE A 698 14.35 -24.27 -34.80
N DDE A 699 13.31 -24.49 -35.60
CA DDE A 699 12.58 -23.40 -36.24
C DDE A 699 11.26 -23.10 -35.54
O DDE A 699 10.38 -22.48 -36.13
CB DDE A 699 12.34 -23.71 -37.71
CG DDE A 699 13.60 -23.96 -38.49
ND1 DDE A 699 14.47 -22.94 -38.83
CD2 DDE A 699 14.14 -25.10 -38.98
CE1 DDE A 699 15.49 -23.46 -39.51
NE2 DDE A 699 15.31 -24.76 -39.61
N ARG A 700 11.13 -23.53 -34.29
CA ARG A 700 9.94 -23.22 -33.50
C ARG A 700 10.26 -23.01 -32.03
N GLY A 701 11.36 -22.33 -31.75
CA GLY A 701 11.73 -22.00 -30.39
C GLY A 701 10.97 -20.79 -29.86
N GLY A 702 11.36 -20.32 -28.69
CA GLY A 702 10.71 -19.18 -28.07
C GLY A 702 10.71 -17.94 -28.95
N GLY A 703 11.86 -17.67 -29.57
CA GLY A 703 12.00 -16.51 -30.42
C GLY A 703 11.02 -16.51 -31.59
N GLN A 704 10.57 -17.71 -31.96
CA GLN A 704 9.63 -17.86 -33.07
C GLN A 704 8.18 -17.86 -32.62
N ILE A 705 7.89 -18.57 -31.53
CA ILE A 705 6.52 -18.75 -31.06
C ILE A 705 6.00 -17.55 -30.27
N ILE A 706 6.80 -17.06 -29.34
CA ILE A 706 6.38 -15.98 -28.45
C ILE A 706 5.79 -14.77 -29.19
N PRO A 707 6.52 -14.24 -30.19
CA PRO A 707 5.98 -13.10 -30.93
C PRO A 707 4.71 -13.46 -31.68
N THR A 708 4.64 -14.69 -32.19
CA THR A 708 3.47 -15.16 -32.92
C THR A 708 2.23 -15.16 -32.03
N MET A 709 2.36 -15.76 -30.85
CA MET A 709 1.24 -15.86 -29.92
C MET A 709 0.79 -14.48 -29.44
N ARG A 710 1.75 -13.62 -29.12
CA ARG A 710 1.44 -12.28 -28.64
C ARG A 710 0.63 -11.50 -29.65
N ARG A 711 1.06 -11.53 -30.90
CA ARG A 711 0.42 -10.76 -31.96
C ARG A 711 -0.95 -11.34 -32.32
N ALA A 712 -1.05 -12.67 -32.28
CA ALA A 712 -2.33 -13.33 -32.52
C ALA A 712 -3.32 -12.95 -31.43
N THR A 713 -2.83 -12.90 -30.19
CA THR A 713 -3.66 -12.53 -29.05
C THR A 713 -4.17 -11.10 -29.22
N TYR A 714 -3.28 -10.20 -29.62
CA TYR A 714 -3.64 -8.81 -29.88
C TYR A 714 -4.69 -8.68 -30.97
N ALA A 715 -4.47 -9.40 -32.06
CA ALA A 715 -5.40 -9.40 -33.18
C ALA A 715 -6.77 -9.91 -32.75
N GLY A 716 -6.77 -10.98 -31.97
CA GLY A 716 -8.00 -11.59 -31.48
C GLY A 716 -8.72 -10.68 -30.50
N PHE A 717 -7.95 -9.98 -29.68
CA PHE A 717 -8.50 -9.04 -28.72
C PHE A 717 -9.22 -7.90 -29.43
N LEU A 718 -8.54 -7.31 -30.41
CA LEU A 718 -9.09 -6.15 -31.13
C LEU A 718 -10.28 -6.51 -32.02
N LEU A 719 -10.49 -7.81 -32.24
CA LEU A 719 -11.60 -8.28 -33.05
C LEU A 719 -12.85 -8.55 -32.20
N ALA A 720 -12.70 -8.47 -30.88
CA ALA A 720 -13.77 -8.78 -29.95
C ALA A 720 -14.33 -7.50 -29.31
N ASP A 721 -14.65 -6.51 -30.14
CA ASP A 721 -14.99 -5.16 -29.69
C ASP A 721 -14.43 -4.79 -28.30
N PRO A 722 -13.20 -4.24 -28.28
CA PRO A 722 -12.49 -3.92 -27.04
C PRO A 722 -13.19 -2.88 -26.18
N LYS A 723 -12.95 -2.95 -24.87
CA LYS A 723 -13.48 -2.00 -23.91
C LYS A 723 -12.43 -1.76 -22.84
N ILE A 724 -12.63 -0.72 -22.05
CA ILE A 724 -11.76 -0.48 -20.90
C ILE A 724 -12.57 -0.42 -19.61
N GLN A 725 -11.94 -0.82 -18.51
CA GLN A 725 -12.59 -0.80 -17.21
C GLN A 725 -11.87 0.19 -16.29
N GLU A 726 -12.65 0.88 -15.46
CA GLU A 726 -12.09 1.83 -14.50
C GLU A 726 -12.28 1.30 -13.09
N PRO A 727 -11.28 1.52 -12.22
CA PRO A 727 -11.36 1.15 -10.81
C PRO A 727 -12.36 2.02 -10.07
N VAL A 728 -13.07 1.44 -9.12
CA VAL A 728 -14.06 2.18 -8.36
C VAL A 728 -13.93 1.91 -6.86
N PHE A 729 -13.88 2.97 -6.07
CA PHE A 729 -13.78 2.86 -4.63
C PHE A 729 -15.16 2.64 -3.99
N LEU A 730 -15.17 1.98 -2.84
CA LEU A 730 -16.32 2.01 -1.96
C LEU A 730 -15.96 2.94 -0.80
N VAL A 731 -16.71 4.02 -0.66
CA VAL A 731 -16.42 5.02 0.37
C VAL A 731 -17.38 4.92 1.55
N GLU A 732 -16.83 4.97 2.76
CA GLU A 732 -17.63 4.96 3.98
C GLU A 732 -17.30 6.21 4.79
N ILE A 733 -18.31 7.05 5.01
CA ILE A 733 -18.09 8.34 5.67
C ILE A 733 -18.95 8.51 6.92
N GLN A 734 -18.30 8.73 8.06
CA GLN A 734 -19.00 9.13 9.27
C GLN A 734 -19.09 10.65 9.32
N CYS A 735 -20.24 11.16 9.74
CA CYS A 735 -20.45 12.60 9.75
C CYS A 735 -21.69 12.98 10.54
N PRO A 736 -21.60 14.05 11.35
CA PRO A 736 -22.73 14.59 12.11
C PRO A 736 -23.86 15.01 11.17
N GLU A 737 -25.09 14.74 11.57
CA GLU A 737 -26.26 15.06 10.76
C GLU A 737 -26.19 16.46 10.13
N GLN A 738 -25.72 17.42 10.91
CA GLN A 738 -25.64 18.80 10.47
C GLN A 738 -24.82 19.00 9.20
N ALA A 739 -23.72 18.27 9.09
CA ALA A 739 -22.79 18.45 7.98
C ALA A 739 -22.89 17.35 6.92
N VAL A 740 -23.84 16.44 7.09
CA VAL A 740 -24.02 15.34 6.14
C VAL A 740 -24.32 15.86 4.73
N GLY A 741 -25.00 17.00 4.66
CA GLY A 741 -25.35 17.60 3.39
C GLY A 741 -24.15 17.83 2.49
N GLY A 742 -23.03 18.20 3.09
CA GLY A 742 -21.81 18.45 2.34
C GLY A 742 -21.30 17.21 1.63
N ILE A 743 -21.53 16.05 2.23
CA ILE A 743 -21.11 14.78 1.64
C ILE A 743 -21.72 14.59 0.25
N TYR A 744 -23.03 14.82 0.16
CA TYR A 744 -23.75 14.68 -1.11
C TYR A 744 -23.35 15.76 -2.11
N SER A 745 -23.06 16.95 -1.59
CA SER A 745 -22.63 18.06 -2.43
C SER A 745 -21.36 17.71 -3.19
N VAL A 746 -20.43 17.04 -2.50
CA VAL A 746 -19.16 16.67 -3.09
C VAL A 746 -19.28 15.48 -4.04
N LEU A 747 -20.13 14.52 -3.67
CA LEU A 747 -20.32 13.32 -4.48
C LEU A 747 -21.00 13.62 -5.81
N ASN A 748 -21.87 14.63 -5.82
CA ASN A 748 -22.66 14.97 -7.00
C ASN A 748 -21.84 15.49 -8.16
N LYS A 749 -20.61 15.91 -7.90
CA LYS A 749 -19.72 16.38 -8.95
C LYS A 749 -18.50 15.47 -9.09
N LYS A 750 -18.63 14.25 -8.58
CA LYS A 750 -17.57 13.25 -8.67
C LYS A 750 -18.11 11.94 -9.24
N ARG A 751 -19.22 12.02 -9.96
CA ARG A 751 -19.88 10.83 -10.50
C ARG A 751 -20.09 9.79 -9.41
N GLY A 752 -20.29 10.26 -8.18
CA GLY A 752 -20.52 9.39 -7.05
C GLY A 752 -21.87 8.71 -7.10
N GLN A 753 -21.98 7.56 -6.44
CA GLN A 753 -23.24 6.81 -6.40
C GLN A 753 -23.53 6.33 -4.98
N VAL A 754 -24.50 6.97 -4.35
CA VAL A 754 -24.87 6.64 -2.98
C VAL A 754 -25.40 5.21 -2.85
N VAL A 755 -24.78 4.44 -1.97
CA VAL A 755 -25.19 3.06 -1.71
C VAL A 755 -26.21 3.00 -0.58
N SER A 756 -25.93 3.74 0.50
CA SER A 756 -26.82 3.74 1.65
C SER A 756 -26.52 4.88 2.64
N GLU A 757 -27.52 5.26 3.40
CA GLU A 757 -27.36 6.26 4.46
C GLU A 757 -27.96 5.74 5.76
N GLU A 758 -27.11 5.52 6.75
CA GLU A 758 -27.57 4.97 8.02
C GLU A 758 -27.21 5.90 9.17
N GLN A 759 -28.05 5.89 10.21
CA GLN A 759 -27.81 6.73 11.38
C GLN A 759 -27.59 5.90 12.62
N ARG A 760 -26.53 6.22 13.36
CA ARG A 760 -26.25 5.57 14.63
C ARG A 760 -27.34 5.95 15.64
N PRO A 761 -28.11 4.95 16.10
CA PRO A 761 -29.25 5.16 17.00
C PRO A 761 -28.89 5.91 18.27
N GLY A 762 -29.56 7.03 18.52
CA GLY A 762 -29.33 7.82 19.72
C GLY A 762 -28.43 9.02 19.49
N THR A 763 -27.40 8.81 18.67
CA THR A 763 -26.47 9.87 18.33
C THR A 763 -26.89 10.52 17.02
N PRO A 764 -26.34 11.71 16.72
CA PRO A 764 -26.60 12.37 15.44
C PRO A 764 -25.52 12.04 14.41
N LEU A 765 -24.92 10.86 14.53
CA LEU A 765 -23.84 10.44 13.63
C LEU A 765 -24.37 9.58 12.49
N PHE A 766 -24.11 10.00 11.26
CA PHE A 766 -24.56 9.28 10.07
C PHE A 766 -23.41 8.58 9.36
N THR A 767 -23.68 7.38 8.85
CA THR A 767 -22.72 6.68 8.02
C THR A 767 -23.21 6.64 6.58
N VAL A 768 -22.45 7.24 5.67
CA VAL A 768 -22.82 7.26 4.27
C VAL A 768 -21.86 6.43 3.43
N LYS A 769 -22.39 5.45 2.71
CA LYS A 769 -21.59 4.63 1.82
C LYS A 769 -21.92 4.93 0.37
N ALA A 770 -20.89 5.03 -0.46
CA ALA A 770 -21.10 5.37 -1.88
C ALA A 770 -19.93 4.89 -2.74
N TYR A 771 -20.22 4.69 -4.02
CA TYR A 771 -19.19 4.34 -4.99
C TYR A 771 -18.58 5.59 -5.58
N LEU A 772 -17.25 5.63 -5.62
CA LEU A 772 -16.54 6.78 -6.15
C LEU A 772 -15.43 6.32 -7.08
N PRO A 773 -15.53 6.68 -8.36
CA PRO A 773 -14.49 6.33 -9.35
C PRO A 773 -13.13 6.83 -8.88
N VAL A 774 -12.12 5.98 -8.96
CA VAL A 774 -10.78 6.32 -8.49
C VAL A 774 -10.23 7.57 -9.18
N ASN A 775 -10.56 7.74 -10.45
CA ASN A 775 -10.10 8.90 -11.21
C ASN A 775 -10.89 10.18 -10.90
N GLU A 776 -11.76 10.08 -9.90
CA GLU A 776 -12.54 11.22 -9.43
C GLU A 776 -12.22 11.48 -7.96
N SER A 777 -11.30 10.70 -7.41
CA SER A 777 -11.00 10.73 -5.98
C SER A 777 -9.81 11.60 -5.62
N PHE A 778 -9.18 12.19 -6.64
CA PHE A 778 -8.02 13.05 -6.41
C PHE A 778 -8.41 14.35 -5.72
N GLY A 779 -7.89 14.56 -4.52
CA GLY A 779 -8.21 15.72 -3.72
C GLY A 779 -9.60 15.63 -3.11
N PHE A 780 -10.10 14.41 -3.00
CA PHE A 780 -11.45 14.17 -2.48
C PHE A 780 -11.59 14.52 -1.00
N THR A 781 -10.63 14.09 -0.19
CA THR A 781 -10.68 14.35 1.25
C THR A 781 -10.56 15.83 1.54
N GLY A 782 -9.83 16.54 0.68
CA GLY A 782 -9.67 17.98 0.84
C GLY A 782 -10.98 18.72 0.61
N GLU A 783 -11.71 18.31 -0.41
CA GLU A 783 -12.99 18.93 -0.74
C GLU A 783 -14.06 18.55 0.28
N LEU A 784 -14.03 17.29 0.72
CA LEU A 784 -14.96 16.83 1.73
C LEU A 784 -14.70 17.56 3.04
N ARG A 785 -13.43 17.74 3.36
CA ARG A 785 -13.01 18.53 4.51
C ARG A 785 -13.63 19.91 4.42
N GLN A 786 -13.40 20.58 3.29
CA GLN A 786 -13.89 21.92 3.05
C GLN A 786 -15.40 22.03 3.20
N ALA A 787 -16.11 21.00 2.76
CA ALA A 787 -17.57 21.04 2.65
C ALA A 787 -18.28 20.60 3.93
N THR A 788 -17.55 19.99 4.86
CA THR A 788 -18.15 19.50 6.09
C THR A 788 -17.52 20.13 7.31
N GLY A 789 -16.66 21.12 7.09
CA GLY A 789 -15.96 21.78 8.16
C GLY A 789 -15.04 20.83 8.90
N GLY A 790 -14.62 19.75 8.24
CA GLY A 790 -13.73 18.77 8.83
C GLY A 790 -14.43 17.79 9.74
N GLN A 791 -15.76 17.77 9.66
CA GLN A 791 -16.57 16.88 10.51
C GLN A 791 -16.62 15.46 9.94
N ALA A 792 -16.52 15.35 8.62
CA ALA A 792 -16.60 14.05 7.95
C ALA A 792 -15.34 13.21 8.17
N PHE A 793 -15.55 11.90 8.29
CA PHE A 793 -14.45 10.96 8.49
C PHE A 793 -14.44 9.92 7.36
N PRO A 794 -13.71 10.22 6.27
CA PRO A 794 -13.68 9.41 5.04
C PRO A 794 -12.97 8.08 5.21
N GLN A 795 -13.31 7.12 4.36
CA GLN A 795 -12.74 5.78 4.44
C GLN A 795 -13.08 5.02 3.17
N MET A 796 -12.11 4.83 2.29
CA MET A 796 -12.38 4.22 1.00
C MET A 796 -11.43 3.09 0.62
N VAL A 797 -12.00 2.02 0.09
CA VAL A 797 -11.25 0.85 -0.33
C VAL A 797 -11.72 0.42 -1.72
N PHE A 798 -10.79 -0.11 -2.51
CA PHE A 798 -11.15 -0.56 -3.85
C PHE A 798 -12.28 -1.58 -3.79
N ASP A 799 -13.32 -1.38 -4.59
CA ASP A 799 -14.48 -2.24 -4.56
C ASP A 799 -14.60 -3.11 -5.81
N HIS A 800 -14.70 -2.48 -6.98
CA HIS A 800 -14.90 -3.22 -8.22
C HIS A 800 -14.38 -2.47 -9.45
N TRP A 801 -14.28 -3.20 -10.56
CA TRP A 801 -13.98 -2.60 -11.85
C TRP A 801 -15.27 -2.30 -12.59
N SER A 802 -15.28 -1.22 -13.36
CA SER A 802 -16.48 -0.84 -14.10
C SER A 802 -16.17 -0.58 -15.56
N THR A 803 -16.86 -1.30 -16.45
CA THR A 803 -16.64 -1.14 -17.88
C THR A 803 -17.30 0.12 -18.40
N LEU A 804 -16.54 0.92 -19.14
CA LEU A 804 -17.08 2.11 -19.76
C LEU A 804 -17.87 1.75 -21.01
N GLY A 805 -19.01 2.39 -21.19
CA GLY A 805 -19.85 2.12 -22.35
C GLY A 805 -19.24 2.63 -23.63
N SER A 806 -18.56 3.78 -23.55
CA SER A 806 -17.98 4.42 -24.72
C SER A 806 -16.94 3.54 -25.43
N ASP A 807 -16.65 3.86 -26.69
CA ASP A 807 -15.69 3.12 -27.49
C ASP A 807 -14.30 3.71 -27.36
N PRO A 808 -13.37 2.94 -26.78
CA PRO A 808 -11.97 3.36 -26.58
C PRO A 808 -11.26 3.70 -27.89
N LEU A 809 -11.80 3.22 -29.00
CA LEU A 809 -11.21 3.47 -30.32
C LEU A 809 -11.64 4.82 -30.88
N ASP A 810 -12.60 5.45 -30.20
CA ASP A 810 -13.09 6.77 -30.60
C ASP A 810 -12.45 7.85 -29.73
N PRO A 811 -11.56 8.65 -30.32
CA PRO A 811 -10.77 9.66 -29.61
C PRO A 811 -11.61 10.74 -28.91
N THR A 812 -12.86 10.91 -29.33
CA THR A 812 -13.71 11.95 -28.76
C THR A 812 -14.56 11.45 -27.58
N SER A 813 -14.79 10.14 -27.54
CA SER A 813 -15.60 9.55 -26.47
C SER A 813 -14.84 9.58 -25.15
N LYS A 814 -15.54 9.30 -24.07
CA LYS A 814 -14.94 9.31 -22.73
C LYS A 814 -13.81 8.30 -22.60
N ALA A 815 -14.06 7.08 -23.07
CA ALA A 815 -13.05 6.02 -23.03
C ALA A 815 -11.89 6.33 -23.96
N GLY A 816 -12.21 6.77 -25.18
CA GLY A 816 -11.20 7.08 -26.17
C GLY A 816 -10.34 8.25 -25.75
N GLU A 817 -10.98 9.25 -25.14
CA GLU A 817 -10.25 10.41 -24.66
C GLU A 817 -9.18 9.98 -23.66
N ILE A 818 -9.53 9.06 -22.79
CA ILE A 818 -8.59 8.51 -21.81
C ILE A 818 -7.45 7.80 -22.51
N VAL A 819 -7.80 6.95 -23.49
CA VAL A 819 -6.83 6.21 -24.26
C VAL A 819 -5.82 7.12 -24.96
N LEU A 820 -6.34 8.10 -25.71
CA LEU A 820 -5.49 9.02 -26.47
C LEU A 820 -4.47 9.71 -25.58
N ALA A 821 -4.93 10.22 -24.44
CA ALA A 821 -4.06 10.92 -23.50
C ALA A 821 -2.92 10.01 -23.03
N ALA A 822 -3.26 8.76 -22.74
CA ALA A 822 -2.27 7.80 -22.27
C ALA A 822 -1.27 7.46 -23.37
N ARG A 823 -1.77 7.23 -24.58
CA ARG A 823 -0.91 6.87 -25.70
C ARG A 823 0.10 7.98 -26.01
N LYS A 824 -0.35 9.23 -26.02
CA LYS A 824 0.55 10.36 -26.17
C LYS A 824 1.61 10.38 -25.08
N ARG A 825 1.15 10.18 -23.85
CA ARG A 825 2.00 10.20 -22.68
C ARG A 825 3.09 9.13 -22.73
N HIS A 826 2.78 8.01 -23.40
CA HIS A 826 3.73 6.91 -23.50
C HIS A 826 4.54 6.96 -24.79
N GLY A 827 4.30 7.98 -25.60
CA GLY A 827 5.02 8.14 -26.85
C GLY A 827 4.53 7.19 -27.94
N MET A 828 3.44 6.50 -27.67
CA MET A 828 2.84 5.60 -28.65
C MET A 828 2.21 6.40 -29.77
N LYS A 829 1.87 5.73 -30.87
CA LYS A 829 1.12 6.34 -31.94
C LYS A 829 -0.30 6.65 -31.43
N GLU A 830 -0.72 7.89 -31.59
CA GLU A 830 -2.01 8.34 -31.05
C GLU A 830 -3.17 7.37 -31.31
N GLU A 831 -3.39 7.03 -32.57
CA GLU A 831 -4.48 6.13 -32.93
C GLU A 831 -4.20 4.68 -32.52
N VAL A 832 -5.21 4.03 -31.95
CA VAL A 832 -5.10 2.63 -31.56
C VAL A 832 -4.94 1.75 -32.80
N PRO A 833 -3.96 0.83 -32.76
CA PRO A 833 -3.68 -0.06 -33.90
C PRO A 833 -4.87 -0.92 -34.27
N GLY A 834 -5.08 -1.12 -35.58
CA GLY A 834 -6.11 -2.02 -36.05
C GLY A 834 -5.65 -3.45 -35.94
N TRP A 835 -6.59 -4.39 -35.93
CA TRP A 835 -6.25 -5.80 -35.79
C TRP A 835 -5.39 -6.30 -36.95
N GLN A 836 -5.55 -5.68 -38.12
CA GLN A 836 -4.77 -6.06 -39.30
C GLN A 836 -3.27 -5.93 -39.03
N GLU A 837 -2.92 -5.04 -38.11
CA GLU A 837 -1.54 -4.76 -37.77
C GLU A 837 -0.87 -5.98 -37.16
N TYR A 838 -1.62 -6.73 -36.35
CA TYR A 838 -1.10 -7.89 -35.67
C TYR A 838 -1.50 -9.18 -36.38
N TYR A 839 -2.53 -9.08 -37.20
CA TYR A 839 -2.95 -10.19 -38.04
C TYR A 839 -1.84 -10.44 -39.06
N ASP A 840 -1.77 -11.65 -39.59
CA ASP A 840 -0.79 -11.98 -40.60
C ASP A 840 -0.92 -11.02 -41.78
N LYS A 841 0.20 -10.45 -42.22
CA LYS A 841 0.19 -9.51 -43.33
C LYS A 841 0.11 -10.23 -44.67
N LEU A 842 -1.07 -10.22 -45.26
CA LEU A 842 -1.31 -10.94 -46.51
C LEU A 842 -2.68 -10.60 -47.09
N ALA B 1 34.77 9.43 -36.42
CA ALA B 1 33.36 9.49 -36.04
C ALA B 1 32.47 9.84 -37.23
N PHE B 2 31.40 9.07 -37.40
CA PHE B 2 30.51 9.25 -38.54
C PHE B 2 29.05 9.40 -38.12
N LEU B 3 28.83 9.68 -36.84
CA LEU B 3 27.48 9.73 -36.29
C LEU B 3 26.87 11.13 -36.31
N GLY B 4 27.64 12.11 -36.77
CA GLY B 4 27.17 13.48 -36.83
C GLY B 4 27.26 14.18 -35.49
N ASP B 5 26.54 15.30 -35.36
CA ASP B 5 26.55 16.09 -34.14
C ASP B 5 25.33 15.82 -33.27
N GLY B 6 25.53 15.84 -31.96
CA GLY B 6 24.44 15.65 -31.02
C GLY B 6 24.87 14.92 -29.77
N GLY B 7 23.91 14.34 -29.07
CA GLY B 7 24.18 13.61 -27.85
C GLY B 7 24.74 12.22 -28.13
N ASP B 8 24.98 11.47 -27.06
CA ASP B 8 25.47 10.10 -27.18
C ASP B 8 24.39 9.18 -27.74
N VAL B 9 24.71 8.49 -28.83
CA VAL B 9 23.76 7.58 -29.45
C VAL B 9 23.74 6.23 -28.74
N SER B 10 22.54 5.75 -28.43
CA SER B 10 22.38 4.45 -27.80
C SER B 10 21.14 3.75 -28.37
N PHE B 11 21.08 2.44 -28.21
CA PHE B 11 19.94 1.68 -28.70
C PHE B 11 19.06 1.21 -27.56
N SER B 12 17.75 1.30 -27.76
CA SER B 12 16.79 0.98 -26.72
C SER B 12 15.49 0.47 -27.30
N THR B 13 14.70 -0.20 -26.47
CA THR B 13 13.36 -0.63 -26.84
C THR B 13 12.52 0.59 -27.22
N ARG B 14 12.79 1.70 -26.54
CA ARG B 14 12.04 2.94 -26.75
C ARG B 14 12.46 3.59 -28.07
N GLY B 15 13.51 3.07 -28.67
CA GLY B 15 14.03 3.60 -29.91
C GLY B 15 15.46 4.10 -29.76
N THR B 16 16.10 4.38 -30.88
CA THR B 16 17.47 4.88 -30.89
C THR B 16 17.54 6.28 -30.29
N GLN B 17 18.35 6.42 -29.24
CA GLN B 17 18.47 7.68 -28.52
C GLN B 17 19.37 8.68 -29.25
N ASN B 18 18.98 9.95 -29.21
CA ASN B 18 19.75 11.02 -29.82
C ASN B 18 20.02 10.79 -31.31
N TRP B 19 18.99 10.41 -32.03
CA TRP B 19 19.12 10.13 -33.45
C TRP B 19 17.88 10.55 -34.22
N THR B 20 17.90 11.79 -34.71
CA THR B 20 16.79 12.32 -35.49
C THR B 20 17.07 12.18 -36.98
N VAL B 21 16.04 12.34 -37.79
CA VAL B 21 16.18 12.31 -39.24
C VAL B 21 17.20 13.35 -39.69
N GLU B 22 17.14 14.53 -39.06
CA GLU B 22 18.06 15.61 -39.40
C GLU B 22 19.51 15.21 -39.15
N ARG B 23 19.77 14.60 -38.00
CA ARG B 23 21.12 14.15 -37.68
C ARG B 23 21.58 13.07 -38.66
N LEU B 24 20.66 12.23 -39.10
CA LEU B 24 20.97 11.20 -40.08
C LEU B 24 21.40 11.83 -41.39
N LEU B 25 20.66 12.86 -41.82
CA LEU B 25 20.95 13.57 -43.06
C LEU B 25 22.35 14.18 -43.04
N GLN B 26 22.78 14.61 -41.86
CA GLN B 26 24.11 15.18 -41.71
C GLN B 26 25.17 14.09 -41.77
N ALA B 27 24.93 13.00 -41.05
CA ALA B 27 25.85 11.87 -41.02
C ALA B 27 25.99 11.24 -42.41
N HIS B 28 24.88 11.13 -43.12
CA HIS B 28 24.90 10.55 -44.46
C HIS B 28 25.71 11.42 -45.41
N ARG B 29 25.45 12.71 -45.40
CA ARG B 29 26.15 13.66 -46.27
C ARG B 29 27.66 13.63 -46.02
N GLN B 30 28.06 13.70 -44.76
CA GLN B 30 29.46 13.69 -44.39
C GLN B 30 30.14 12.37 -44.75
N LEU B 31 29.36 11.31 -44.86
CA LEU B 31 29.88 10.02 -45.30
C LEU B 31 30.23 10.06 -46.78
N GLU B 32 29.31 10.54 -47.60
CA GLU B 32 29.52 10.68 -49.03
C GLU B 32 30.68 11.64 -49.33
N GLU B 33 30.80 12.68 -48.52
CA GLU B 33 31.86 13.67 -48.69
C GLU B 33 33.23 13.04 -48.47
N ARG B 34 33.25 11.86 -47.88
CA ARG B 34 34.50 11.17 -47.59
C ARG B 34 34.66 9.90 -48.41
N GLY B 35 33.85 9.78 -49.46
CA GLY B 35 33.99 8.68 -50.39
C GLY B 35 33.33 7.39 -49.95
N TYR B 36 32.28 7.52 -49.14
CA TYR B 36 31.50 6.35 -48.73
C TYR B 36 30.15 6.30 -49.44
N VAL B 37 29.64 5.10 -49.64
CA VAL B 37 28.37 4.93 -50.34
C VAL B 37 27.46 3.96 -49.58
N PHE B 38 26.17 4.27 -49.55
CA PHE B 38 25.17 3.44 -48.89
C PHE B 38 24.86 2.20 -49.72
N VAL B 39 24.86 1.04 -49.07
CA VAL B 39 24.64 -0.22 -49.79
C VAL B 39 23.50 -1.07 -49.22
N GLY B 40 22.89 -0.64 -48.13
CA GLY B 40 21.73 -1.35 -47.61
C GLY B 40 21.52 -1.32 -46.11
N TYR B 41 20.53 -2.09 -45.66
CA TYR B 41 20.15 -2.14 -44.26
C TYR B 41 20.55 -3.46 -43.60
N HIS B 42 20.82 -3.40 -42.30
CA HIS B 42 21.03 -4.59 -41.50
C HIS B 42 20.18 -4.50 -40.24
N GLY B 43 19.28 -5.46 -40.07
CA GLY B 43 18.45 -5.51 -38.88
C GLY B 43 19.00 -6.50 -37.88
N THR B 44 19.04 -6.10 -36.61
CA THR B 44 19.58 -6.96 -35.56
C THR B 44 19.06 -6.55 -34.18
N PHE B 45 19.49 -7.25 -33.14
CA PHE B 45 19.08 -6.94 -31.78
C PHE B 45 19.91 -5.80 -31.19
N LEU B 46 19.45 -5.26 -30.07
CA LEU B 46 20.02 -4.04 -29.51
C LEU B 46 21.52 -4.11 -29.21
N GLU B 47 21.95 -5.14 -28.48
CA GLU B 47 23.36 -5.27 -28.13
C GLU B 47 24.25 -5.46 -29.36
N ALA B 48 23.72 -6.13 -30.37
CA ALA B 48 24.45 -6.31 -31.63
C ALA B 48 24.62 -4.98 -32.33
N ALA B 49 23.58 -4.15 -32.27
CA ALA B 49 23.60 -2.81 -32.87
C ALA B 49 24.67 -1.94 -32.20
N GLN B 50 24.72 -2.01 -30.88
CA GLN B 50 25.74 -1.28 -30.13
C GLN B 50 27.13 -1.74 -30.53
N SER B 51 27.27 -3.05 -30.69
CA SER B 51 28.54 -3.65 -31.07
C SER B 51 28.97 -3.20 -32.47
N ILE B 52 28.03 -3.25 -33.40
CA ILE B 52 28.32 -2.94 -34.79
C ILE B 52 28.64 -1.46 -35.01
N VAL B 53 27.88 -0.58 -34.38
CA VAL B 53 28.04 0.86 -34.59
C VAL B 53 29.28 1.43 -33.91
N PHE B 54 29.61 0.94 -32.73
CA PHE B 54 30.71 1.49 -31.95
C PHE B 54 31.99 0.65 -31.99
N GLY B 55 31.85 -0.65 -32.25
CA GLY B 55 32.99 -1.53 -32.33
C GLY B 55 33.34 -1.93 -33.76
N GLY B 56 32.38 -1.77 -34.66
CA GLY B 56 32.57 -2.12 -36.05
C GLY B 56 32.15 -3.55 -36.36
N VAL B 57 31.83 -3.81 -37.62
CA VAL B 57 31.50 -5.16 -38.07
C VAL B 57 32.70 -6.08 -37.92
N ARG B 58 32.53 -7.21 -37.24
CA ARG B 58 33.61 -8.17 -37.03
C ARG B 58 33.20 -9.57 -37.43
N ALA B 59 34.08 -10.27 -38.13
CA ALA B 59 33.80 -11.64 -38.56
C ALA B 59 33.49 -12.56 -37.38
N ARG B 60 32.56 -13.48 -37.60
CA ARG B 60 32.13 -14.40 -36.56
C ARG B 60 31.56 -15.67 -37.17
N SER B 61 31.53 -16.74 -36.40
CA SER B 61 30.95 -18.01 -36.86
C SER B 61 29.43 -17.89 -36.95
N GLN B 62 28.89 -18.22 -38.13
CA GLN B 62 27.46 -18.16 -38.36
C GLN B 62 26.94 -19.51 -38.86
N ASP B 63 25.64 -19.75 -38.65
CA ASP B 63 25.07 -21.06 -38.90
C ASP B 63 24.66 -21.28 -40.36
N LEU B 64 25.65 -21.53 -41.20
CA LEU B 64 25.43 -21.84 -42.61
C LEU B 64 26.63 -22.56 -43.20
N ASP B 65 26.63 -22.76 -44.51
CA ASP B 65 27.77 -23.37 -45.19
C ASP B 65 28.91 -22.36 -45.27
N ALA B 66 30.13 -22.84 -45.03
CA ALA B 66 31.31 -22.00 -45.00
C ALA B 66 31.44 -21.08 -46.21
N ILE B 67 31.07 -21.58 -47.39
CA ILE B 67 31.30 -20.84 -48.63
C ILE B 67 30.41 -19.62 -48.80
N TRP B 68 29.36 -19.53 -48.00
CA TRP B 68 28.42 -18.41 -48.09
C TRP B 68 28.55 -17.46 -46.91
N ARG B 69 29.58 -17.65 -46.09
CA ARG B 69 29.76 -16.82 -44.91
C ARG B 69 30.05 -15.37 -45.27
N GLY B 70 29.53 -14.45 -44.45
CA GLY B 70 29.70 -13.04 -44.68
C GLY B 70 28.66 -12.23 -43.94
N PHE B 71 28.62 -10.94 -44.23
CA PHE B 71 27.68 -10.03 -43.57
C PHE B 71 26.50 -9.78 -44.49
N TYR B 72 25.30 -10.04 -43.97
CA TYR B 72 24.09 -9.98 -44.78
C TYR B 72 23.32 -8.68 -44.56
N ILE B 73 23.03 -7.99 -45.67
CA ILE B 73 22.24 -6.77 -45.62
C ILE B 73 21.14 -6.82 -46.69
N ALA B 74 20.29 -5.79 -46.70
CA ALA B 74 19.21 -5.73 -47.66
C ALA B 74 18.98 -4.32 -48.14
N GLY B 75 18.79 -4.15 -49.45
CA GLY B 75 18.51 -2.84 -50.00
C GLY B 75 17.19 -2.31 -49.50
N ASP B 76 16.19 -3.20 -49.41
CA ASP B 76 14.89 -2.85 -48.89
C ASP B 76 14.85 -3.05 -47.39
N PRO B 77 14.62 -1.97 -46.62
CA PRO B 77 14.58 -2.01 -45.16
C PRO B 77 13.56 -3.02 -44.64
N ALA B 78 12.45 -3.19 -45.37
CA ALA B 78 11.41 -4.13 -44.99
C ALA B 78 11.97 -5.53 -44.76
N LEU B 79 12.91 -5.95 -45.60
CA LEU B 79 13.53 -7.26 -45.46
C LEU B 79 14.40 -7.33 -44.21
N ALA B 80 15.25 -6.31 -44.01
CA ALA B 80 16.14 -6.27 -42.86
C ALA B 80 15.35 -6.08 -41.57
N TYR B 81 14.18 -5.47 -41.70
CA TYR B 81 13.31 -5.19 -40.58
C TYR B 81 12.95 -6.47 -39.81
N GLY B 82 12.68 -7.54 -40.55
CA GLY B 82 12.28 -8.80 -39.96
C GLY B 82 13.32 -9.41 -39.05
N TYR B 83 14.57 -8.96 -39.17
CA TYR B 83 15.66 -9.48 -38.37
C TYR B 83 16.02 -8.54 -37.22
N ALA B 84 15.32 -7.42 -37.16
CA ALA B 84 15.60 -6.42 -36.12
C ALA B 84 14.84 -6.73 -34.83
N GLN B 85 15.22 -7.81 -34.18
CA GLN B 85 14.58 -8.23 -32.93
C GLN B 85 15.35 -9.36 -32.27
N ASP B 86 15.02 -9.65 -31.02
CA ASP B 86 15.63 -10.76 -30.30
C ASP B 86 15.29 -12.08 -30.99
N GLN B 87 16.26 -12.98 -31.04
CA GLN B 87 16.05 -14.31 -31.59
C GLN B 87 15.88 -15.29 -30.44
N GLU B 88 16.25 -14.86 -29.24
CA GLU B 88 16.18 -15.68 -28.04
C GLU B 88 15.53 -14.93 -26.88
N PRO B 89 14.48 -15.51 -26.29
CA PRO B 89 13.85 -14.91 -25.10
C PRO B 89 14.78 -15.02 -23.91
N ASP B 90 14.61 -14.15 -22.92
CA ASP B 90 15.33 -14.31 -21.66
C ASP B 90 14.63 -15.37 -20.82
N ALA B 91 14.94 -15.41 -19.52
CA ALA B 91 14.32 -16.39 -18.62
C ALA B 91 12.81 -16.18 -18.52
N ARG B 92 12.38 -14.94 -18.68
CA ARG B 92 10.96 -14.59 -18.53
C ARG B 92 10.20 -14.63 -19.86
N GLY B 93 10.90 -14.96 -20.93
CA GLY B 93 10.28 -15.08 -22.24
C GLY B 93 10.05 -13.75 -22.93
N ARG B 94 10.83 -12.74 -22.54
CA ARG B 94 10.71 -11.42 -23.15
C ARG B 94 11.49 -11.32 -24.47
N ILE B 95 10.78 -10.92 -25.53
CA ILE B 95 11.37 -10.76 -26.85
C ILE B 95 11.33 -9.31 -27.28
N ARG B 96 12.47 -8.63 -27.19
CA ARG B 96 12.56 -7.21 -27.48
C ARG B 96 12.68 -6.91 -28.97
N ASN B 97 12.25 -5.72 -29.36
CA ASN B 97 12.46 -5.24 -30.71
C ASN B 97 13.91 -4.78 -30.88
N GLY B 98 14.43 -4.87 -32.10
CA GLY B 98 15.80 -4.51 -32.36
C GLY B 98 15.94 -3.14 -32.99
N ALA B 99 16.84 -3.02 -33.96
CA ALA B 99 17.09 -1.75 -34.61
C ALA B 99 17.58 -1.93 -36.04
N LEU B 100 17.16 -1.05 -36.93
CA LEU B 100 17.64 -1.03 -38.31
C LEU B 100 18.90 -0.19 -38.43
N LEU B 101 19.93 -0.75 -39.07
CA LEU B 101 21.19 -0.05 -39.25
C LEU B 101 21.45 0.22 -40.73
N ARG B 102 22.04 1.37 -41.02
CA ARG B 102 22.44 1.70 -42.38
C ARG B 102 23.90 1.33 -42.59
N VAL B 103 24.17 0.67 -43.72
CA VAL B 103 25.50 0.16 -44.00
C VAL B 103 26.18 0.91 -45.15
N TYR B 104 27.38 1.41 -44.88
CA TYR B 104 28.14 2.17 -45.86
C TYR B 104 29.47 1.50 -46.14
N VAL B 105 29.93 1.57 -47.39
CA VAL B 105 31.24 1.05 -47.74
C VAL B 105 32.04 2.13 -48.47
N PRO B 106 33.37 1.99 -48.47
CA PRO B 106 34.18 2.89 -49.30
C PRO B 106 33.81 2.69 -50.76
N ARG B 107 33.71 3.79 -51.52
CA ARG B 107 33.39 3.69 -52.94
C ARG B 107 34.46 2.89 -53.68
N SER B 108 35.66 2.84 -53.11
CA SER B 108 36.76 2.10 -53.72
C SER B 108 36.47 0.61 -53.79
N SER B 109 35.41 0.17 -53.10
CA SER B 109 35.04 -1.25 -53.07
C SER B 109 33.91 -1.56 -54.04
N LEU B 110 33.31 -0.53 -54.61
CA LEU B 110 32.20 -0.69 -55.55
C LEU B 110 32.51 -1.61 -56.73
N PRO B 111 33.74 -1.55 -57.27
CA PRO B 111 34.10 -2.44 -58.38
C PRO B 111 33.95 -3.92 -58.03
N GLY B 112 33.80 -4.22 -56.73
CA GLY B 112 33.67 -5.60 -56.29
C GLY B 112 32.23 -6.01 -55.99
N PHE B 113 31.28 -5.18 -56.39
CA PHE B 113 29.86 -5.48 -56.19
C PHE B 113 29.21 -6.09 -57.43
N TYR B 114 28.62 -7.26 -57.28
CA TYR B 114 27.98 -7.95 -58.38
C TYR B 114 26.54 -8.32 -58.05
N ARG B 115 25.74 -8.56 -59.08
CA ARG B 115 24.35 -8.96 -58.90
C ARG B 115 24.02 -10.19 -59.74
N THR B 116 23.01 -10.94 -59.30
CA THR B 116 22.58 -12.14 -60.01
C THR B 116 21.08 -12.38 -59.82
N SER B 117 20.51 -13.21 -60.69
CA SER B 117 19.09 -13.54 -60.60
C SER B 117 18.84 -14.83 -59.84
N LEU B 118 19.88 -15.64 -59.70
CA LEU B 118 19.78 -16.91 -58.99
C LEU B 118 19.55 -16.69 -57.50
N THR B 119 19.07 -17.73 -56.82
CA THR B 119 18.87 -17.67 -55.38
C THR B 119 20.16 -17.98 -54.64
N LEU B 120 20.55 -17.08 -53.74
CA LEU B 120 21.82 -17.20 -53.03
C LEU B 120 21.76 -18.25 -51.93
N ALA B 121 22.91 -18.54 -51.32
CA ALA B 121 23.01 -19.52 -50.25
C ALA B 121 22.60 -20.92 -50.72
N ALA B 122 22.57 -21.11 -52.04
CA ALA B 122 22.21 -22.40 -52.62
C ALA B 122 23.30 -22.90 -53.56
N PRO B 123 23.58 -24.20 -53.51
CA PRO B 123 24.64 -24.86 -54.30
C PRO B 123 24.54 -24.60 -55.80
N GLU B 124 23.33 -24.33 -56.30
CA GLU B 124 23.12 -24.12 -57.73
C GLU B 124 23.60 -22.74 -58.19
N ALA B 125 23.81 -21.84 -57.23
CA ALA B 125 24.22 -20.47 -57.54
C ALA B 125 25.69 -20.25 -57.26
N ALA B 126 26.30 -21.17 -56.50
CA ALA B 126 27.70 -21.05 -56.13
C ALA B 126 28.61 -20.89 -57.34
N GLY B 127 28.30 -21.64 -58.40
CA GLY B 127 29.10 -21.59 -59.61
C GLY B 127 29.04 -20.26 -60.33
N GLU B 128 27.83 -19.72 -60.47
CA GLU B 128 27.64 -18.44 -61.14
C GLU B 128 28.28 -17.29 -60.35
N VAL B 129 28.18 -17.37 -59.02
CA VAL B 129 28.77 -16.35 -58.16
C VAL B 129 30.30 -16.37 -58.24
N GLU B 130 30.87 -17.57 -58.23
CA GLU B 130 32.31 -17.72 -58.33
C GLU B 130 32.81 -17.23 -59.69
N ARG B 131 31.93 -17.23 -60.68
CA ARG B 131 32.28 -16.72 -62.01
C ARG B 131 32.35 -15.20 -61.99
N LEU B 132 31.32 -14.58 -61.42
CA LEU B 132 31.23 -13.12 -61.38
C LEU B 132 32.35 -12.47 -60.56
N ILE B 133 32.64 -13.03 -59.40
CA ILE B 133 33.66 -12.47 -58.52
C ILE B 133 35.08 -12.89 -58.92
N GLY B 134 35.17 -13.80 -59.88
CA GLY B 134 36.44 -14.20 -60.45
C GLY B 134 37.31 -15.05 -59.54
N HIS B 135 36.69 -15.73 -58.58
CA HIS B 135 37.41 -16.63 -57.69
C HIS B 135 36.47 -17.48 -56.86
N PRO B 136 36.95 -18.61 -56.34
CA PRO B 136 36.13 -19.52 -55.54
C PRO B 136 35.62 -18.86 -54.26
N LEU B 137 34.45 -19.28 -53.80
CA LEU B 137 33.91 -18.80 -52.54
C LEU B 137 34.83 -19.20 -51.40
N PRO B 138 34.71 -18.55 -50.24
CA PRO B 138 33.75 -17.49 -49.90
C PRO B 138 34.08 -16.16 -50.56
N LEU B 139 33.16 -15.21 -50.44
CA LEU B 139 33.38 -13.84 -50.88
C LEU B 139 34.47 -13.22 -50.01
N ARG B 140 35.31 -12.40 -50.62
CA ARG B 140 36.35 -11.69 -49.89
C ARG B 140 36.11 -10.18 -49.93
N LEU B 141 36.93 -9.47 -50.70
CA LEU B 141 36.76 -8.03 -50.87
C LEU B 141 35.72 -7.73 -51.95
N ASP B 142 34.64 -8.49 -51.93
CA ASP B 142 33.57 -8.33 -52.91
C ASP B 142 32.21 -8.66 -52.32
N ALA B 143 31.16 -8.37 -53.08
CA ALA B 143 29.79 -8.56 -52.59
C ALA B 143 28.87 -9.09 -53.68
N ILE B 144 27.82 -9.79 -53.27
CA ILE B 144 26.86 -10.35 -54.21
C ILE B 144 25.42 -10.03 -53.79
N THR B 145 24.61 -9.62 -54.75
CA THR B 145 23.21 -9.31 -54.49
C THR B 145 22.30 -10.18 -55.33
N GLY B 146 21.28 -10.76 -54.69
CA GLY B 146 20.33 -11.62 -55.37
C GLY B 146 19.21 -12.04 -54.44
N PRO B 147 18.14 -12.63 -55.00
CA PRO B 147 16.99 -13.06 -54.21
C PRO B 147 17.39 -13.99 -53.06
N GLU B 148 16.93 -13.68 -51.86
CA GLU B 148 17.21 -14.50 -50.68
C GLU B 148 16.54 -15.87 -50.82
N GLU B 149 15.42 -15.87 -51.54
CA GLU B 149 14.68 -17.09 -51.84
C GLU B 149 13.92 -16.86 -53.14
N GLU B 150 13.59 -17.94 -53.84
CA GLU B 150 12.91 -17.83 -55.13
C GLU B 150 11.70 -16.90 -55.10
N GLY B 151 11.74 -15.86 -55.92
CA GLY B 151 10.65 -14.91 -56.02
C GLY B 151 10.52 -13.99 -54.82
N GLY B 152 11.62 -13.83 -54.07
CA GLY B 152 11.61 -13.02 -52.88
C GLY B 152 12.44 -11.75 -52.96
N HIS B 153 12.72 -11.17 -51.81
CA HIS B 153 13.53 -9.95 -51.70
C HIS B 153 14.96 -10.15 -52.19
N LEU B 154 15.63 -9.04 -52.50
CA LEU B 154 17.04 -9.08 -52.81
C LEU B 154 17.84 -8.95 -51.50
N GLU B 155 18.85 -9.80 -51.34
CA GLU B 155 19.75 -9.69 -50.21
C GLU B 155 21.17 -9.49 -50.70
N THR B 156 21.98 -8.81 -49.89
CA THR B 156 23.37 -8.58 -50.24
C THR B 156 24.29 -9.25 -49.23
N ILE B 157 25.28 -9.97 -49.75
CA ILE B 157 26.29 -10.60 -48.90
C ILE B 157 27.63 -9.90 -49.08
N LEU B 158 28.09 -9.21 -48.03
CA LEU B 158 29.40 -8.59 -48.06
C LEU B 158 30.44 -9.58 -47.52
N GLY B 159 31.41 -9.92 -48.35
CA GLY B 159 32.51 -10.75 -47.90
C GLY B 159 33.07 -10.17 -46.62
N TRP B 160 33.48 -11.02 -45.69
CA TRP B 160 33.93 -10.56 -44.39
C TRP B 160 35.02 -9.48 -44.45
N PRO B 161 36.03 -9.67 -45.32
CA PRO B 161 37.06 -8.64 -45.48
C PRO B 161 36.45 -7.29 -45.82
N LEU B 162 35.45 -7.28 -46.70
CA LEU B 162 34.80 -6.03 -47.11
C LEU B 162 33.88 -5.51 -46.01
N ALA B 163 33.16 -6.41 -45.35
CA ALA B 163 32.25 -6.04 -44.28
C ALA B 163 32.97 -5.27 -43.17
N GLU B 164 34.20 -5.68 -42.88
CA GLU B 164 34.97 -5.05 -41.81
C GLU B 164 35.51 -3.67 -42.19
N ARG B 165 35.26 -3.26 -43.43
CA ARG B 165 35.65 -1.94 -43.89
C ARG B 165 34.45 -1.02 -44.05
N THR B 166 33.30 -1.46 -43.50
CA THR B 166 32.08 -0.67 -43.60
C THR B 166 32.01 0.36 -42.47
N VAL B 167 31.13 1.33 -42.65
CA VAL B 167 30.75 2.24 -41.58
C VAL B 167 29.25 2.09 -41.38
N VAL B 168 28.85 1.75 -40.16
CA VAL B 168 27.44 1.50 -39.87
C VAL B 168 26.88 2.53 -38.90
N ILE B 169 25.81 3.20 -39.33
CA ILE B 169 25.13 4.18 -38.48
C ILE B 169 23.66 3.79 -38.34
N PRO B 170 23.00 4.28 -37.28
CA PRO B 170 21.59 3.95 -37.05
C PRO B 170 20.68 4.45 -38.15
N SER B 171 19.55 3.77 -38.36
CA SER B 171 18.53 4.25 -39.28
C SER B 171 17.52 5.12 -38.53
N ALA B 172 16.84 5.99 -39.27
CA ALA B 172 15.78 6.80 -38.67
C ALA B 172 14.46 6.04 -38.68
N ILE B 173 14.49 4.82 -39.20
CA ILE B 173 13.33 3.95 -39.19
C ILE B 173 13.28 3.17 -37.88
N PRO B 174 12.20 3.37 -37.09
CA PRO B 174 12.04 2.73 -35.78
C PRO B 174 11.46 1.34 -35.90
N THR B 175 11.77 0.48 -34.94
CA THR B 175 11.07 -0.80 -34.79
C THR B 175 9.94 -0.59 -33.80
N ASP B 176 8.92 -1.45 -33.84
CA ASP B 176 7.76 -1.28 -32.97
C ASP B 176 7.85 -2.20 -31.76
N PRO B 177 8.03 -1.61 -30.56
CA PRO B 177 8.12 -2.34 -29.29
C PRO B 177 6.80 -3.01 -28.93
N ARG B 178 5.71 -2.50 -29.48
CA ARG B 178 4.38 -3.01 -29.18
C ARG B 178 3.83 -3.87 -30.33
N ASN B 179 4.71 -4.19 -31.27
CA ASN B 179 4.34 -5.06 -32.39
C ASN B 179 5.55 -5.83 -32.90
N VAL B 180 6.26 -6.47 -31.98
CA VAL B 180 7.45 -7.24 -32.33
C VAL B 180 7.07 -8.45 -33.16
N GLY B 181 7.55 -8.49 -34.40
CA GLY B 181 7.21 -9.56 -35.32
C GLY B 181 6.29 -9.06 -36.41
N GLY B 182 5.86 -7.81 -36.28
CA GLY B 182 5.04 -7.19 -37.30
C GLY B 182 5.89 -6.81 -38.50
N ASP B 183 5.25 -6.30 -39.54
CA ASP B 183 5.99 -5.89 -40.73
C ASP B 183 6.22 -4.38 -40.75
N LEU B 184 7.24 -3.96 -41.50
CA LEU B 184 7.58 -2.56 -41.60
C LEU B 184 6.46 -1.78 -42.27
N ASP B 185 5.94 -0.78 -41.56
CA ASP B 185 4.91 0.09 -42.12
C ASP B 185 5.53 1.17 -42.98
N PRO B 186 5.24 1.16 -44.29
CA PRO B 186 5.80 2.14 -45.22
C PRO B 186 5.60 3.57 -44.74
N SER B 187 4.51 3.79 -43.99
CA SER B 187 4.19 5.12 -43.49
C SER B 187 5.13 5.57 -42.38
N SER B 188 5.90 4.64 -41.82
CA SER B 188 6.80 4.94 -40.73
C SER B 188 8.21 5.21 -41.21
N ILE B 189 8.42 5.07 -42.53
CA ILE B 189 9.71 5.37 -43.14
C ILE B 189 9.77 6.85 -43.49
N PRO B 190 10.63 7.60 -42.78
CA PRO B 190 10.77 9.05 -43.03
C PRO B 190 11.06 9.33 -44.50
N ASP B 191 10.28 10.23 -45.10
CA ASP B 191 10.45 10.57 -46.51
C ASP B 191 11.86 11.06 -46.81
N LYS B 192 12.45 11.76 -45.86
CA LYS B 192 13.79 12.31 -46.05
C LYS B 192 14.88 11.24 -45.96
N GLU B 193 14.57 10.10 -45.37
CA GLU B 193 15.51 8.98 -45.35
C GLU B 193 15.41 8.20 -46.67
N GLN B 194 14.19 8.02 -47.14
CA GLN B 194 13.94 7.36 -48.42
C GLN B 194 14.72 8.06 -49.53
N ALA B 195 14.86 9.38 -49.39
CA ALA B 195 15.50 10.20 -50.41
C ALA B 195 17.00 9.95 -50.50
N ILE B 196 17.58 9.39 -49.43
CA ILE B 196 19.01 9.13 -49.39
C ILE B 196 19.33 7.63 -49.36
N SER B 197 18.39 6.81 -49.82
CA SER B 197 18.54 5.36 -49.72
C SER B 197 18.69 4.67 -51.08
N ALA B 198 18.96 5.46 -52.11
CA ALA B 198 19.22 4.90 -53.43
C ALA B 198 20.43 3.98 -53.37
N LEU B 199 20.38 2.87 -54.09
CA LEU B 199 21.47 1.91 -54.09
C LEU B 199 22.35 2.08 -55.32
N PRO B 200 23.63 1.69 -55.21
CA PRO B 200 24.55 1.76 -56.35
C PRO B 200 24.13 0.79 -57.45
N ASP B 201 24.67 0.98 -58.64
CA ASP B 201 24.38 0.09 -59.76
C ASP B 201 25.41 -1.04 -59.77
N TYR B 202 24.94 -2.28 -59.60
CA TYR B 202 25.84 -3.43 -59.50
C TYR B 202 26.10 -4.09 -60.86
N ALA B 203 27.26 -4.70 -60.99
CA ALA B 203 27.67 -5.34 -62.24
C ALA B 203 27.06 -6.73 -62.41
N SER B 204 26.56 -7.01 -63.61
CA SER B 204 25.99 -8.31 -63.92
C SER B 204 27.02 -9.20 -64.63
N GLN B 205 28.17 -8.62 -64.94
CA GLN B 205 29.23 -9.33 -65.64
C GLN B 205 30.54 -9.30 -64.88
N PRO B 206 31.39 -10.32 -65.08
CA PRO B 206 32.70 -10.45 -64.45
C PRO B 206 33.51 -9.19 -64.65
N GLY B 207 34.39 -8.85 -63.70
CA GLY B 207 35.24 -7.69 -63.84
C GLY B 207 36.17 -7.85 -65.04
N VAL C 2 50.57 51.33 29.47
CA VAL C 2 51.09 50.23 30.28
C VAL C 2 51.55 49.06 29.41
N ALA C 3 52.71 48.50 29.74
CA ALA C 3 53.28 47.40 28.97
C ALA C 3 53.00 46.05 29.64
N PHE C 4 52.56 45.09 28.82
CA PHE C 4 52.28 43.75 29.33
C PHE C 4 53.10 42.70 28.59
N THR C 5 53.25 41.54 29.19
CA THR C 5 53.94 40.42 28.55
C THR C 5 52.92 39.55 27.82
N VAL C 6 53.41 38.61 27.02
CA VAL C 6 52.53 37.70 26.30
C VAL C 6 51.70 36.86 27.27
N ASP C 7 52.30 36.55 28.42
CA ASP C 7 51.60 35.78 29.45
C ASP C 7 50.45 36.57 30.05
N GLN C 8 50.69 37.83 30.35
CA GLN C 8 49.67 38.70 30.93
C GLN C 8 48.54 38.96 29.95
N MET C 9 48.88 39.12 28.68
CA MET C 9 47.88 39.34 27.63
C MET C 9 47.02 38.11 27.41
N ARG C 10 47.67 36.94 27.38
CA ARG C 10 46.96 35.69 27.18
C ARG C 10 45.99 35.42 28.33
N SER C 11 46.48 35.58 29.56
CA SER C 11 45.66 35.35 30.74
C SER C 11 44.51 36.36 30.81
N LEU C 12 44.73 37.53 30.21
CA LEU C 12 43.71 38.57 30.18
C LEU C 12 42.66 38.25 29.12
N MET C 13 43.09 37.59 28.05
CA MET C 13 42.19 37.20 26.98
C MET C 13 41.36 35.98 27.35
N ASP C 14 41.81 35.27 28.39
CA ASP C 14 41.13 34.05 28.83
C ASP C 14 39.81 34.39 29.54
N LYS C 15 39.73 35.59 30.09
CA LYS C 15 38.51 36.05 30.74
C LYS C 15 37.71 36.93 29.80
N VAL C 16 36.91 36.30 28.96
CA VAL C 16 36.15 36.98 27.92
C VAL C 16 35.02 37.84 28.51
N THR C 17 34.56 37.47 29.70
CA THR C 17 33.55 38.25 30.39
C THR C 17 34.05 39.67 30.67
N ASN C 18 35.37 39.81 30.74
CA ASN C 18 36.00 41.11 30.99
C ASN C 18 36.67 41.68 29.75
N VAL C 19 36.13 41.34 28.58
CA VAL C 19 36.62 41.88 27.32
C VAL C 19 35.56 42.79 26.69
N ARG C 20 36.02 43.83 25.99
CA ARG C 20 35.11 44.78 25.35
C ARG C 20 35.52 45.04 23.90
N ASN C 21 34.77 44.48 22.97
CA ASN C 21 34.99 44.72 21.55
C ASN C 21 34.15 45.91 21.08
N MET C 22 34.82 47.01 20.77
CA MET C 22 34.11 48.23 20.40
C MET C 22 34.86 49.11 19.39
N SER C 23 34.13 50.01 18.74
CA SER C 23 34.71 50.98 17.84
C SER C 23 34.16 52.36 18.16
N VAL C 24 34.65 53.38 17.45
CA VAL C 24 34.20 54.75 17.68
C VAL C 24 33.42 55.29 16.49
N ILE C 25 32.12 55.48 16.67
CA ILE C 25 31.27 56.05 15.63
C ILE C 25 31.23 57.56 15.78
N ALA C 26 31.97 58.26 14.93
CA ALA C 26 32.07 59.71 15.03
C ALA C 26 32.55 60.34 13.73
N HIS C 27 32.09 61.55 13.46
CA HIS C 27 32.56 62.31 12.31
C HIS C 27 33.95 62.88 12.63
N VAL C 28 34.85 62.82 11.66
CA VAL C 28 36.22 63.26 11.86
C VAL C 28 36.32 64.68 12.41
N ASP C 29 35.35 65.52 12.07
CA ASP C 29 35.37 66.92 12.48
C ASP C 29 34.70 67.15 13.85
N HIS C 30 34.40 66.07 14.55
CA HIS C 30 33.90 66.17 15.91
C HIS C 30 34.88 65.53 16.89
N GLY C 31 36.16 65.61 16.56
CA GLY C 31 37.22 65.12 17.42
C GLY C 31 37.21 63.62 17.62
N LYS C 32 37.12 62.86 16.54
CA LYS C 32 37.17 61.40 16.62
C LYS C 32 38.59 60.95 16.95
N SER C 33 39.54 61.39 16.14
CA SER C 33 40.94 61.05 16.34
C SER C 33 41.47 61.58 17.67
N THR C 34 40.96 62.76 18.05
CA THR C 34 41.36 63.39 19.30
C THR C 34 40.99 62.53 20.50
N LEU C 35 39.72 62.11 20.55
CA LEU C 35 39.23 61.30 21.66
C LEU C 35 39.91 59.93 21.73
N THR C 36 40.07 59.29 20.58
CA THR C 36 40.72 57.98 20.53
C THR C 36 42.15 58.06 21.05
N ASP C 37 42.82 59.17 20.76
CA ASP C 37 44.17 59.40 21.24
C ASP C 37 44.21 59.47 22.76
N SER C 38 43.15 60.01 23.35
CA SER C 38 43.04 60.13 24.80
C SER C 38 43.01 58.74 25.44
N LEU C 39 42.19 57.86 24.88
CA LEU C 39 42.07 56.49 25.38
C LEU C 39 43.39 55.73 25.26
N VAL C 40 44.04 55.90 24.11
CA VAL C 40 45.32 55.25 23.88
C VAL C 40 46.40 55.83 24.78
N GLN C 41 46.29 57.13 25.06
CA GLN C 41 47.29 57.81 25.88
C GLN C 41 47.13 57.41 27.35
N ARG C 42 45.90 57.12 27.75
CA ARG C 42 45.59 56.81 29.14
C ARG C 42 45.69 55.32 29.44
N ALA C 43 45.11 54.50 28.57
CA ALA C 43 45.02 53.07 28.82
C ALA C 43 45.73 52.22 27.77
N GLY C 44 46.35 52.88 26.80
CA GLY C 44 47.03 52.19 25.72
C GLY C 44 47.93 51.06 26.19
N ILE C 45 47.81 49.91 25.55
CA ILE C 45 48.61 48.74 25.90
C ILE C 45 49.77 48.55 24.92
N ILE C 46 50.99 48.83 25.39
CA ILE C 46 52.18 48.59 24.60
C ILE C 46 52.75 47.22 24.92
N SER C 47 53.62 46.72 24.06
CA SER C 47 54.15 45.36 24.22
C SER C 47 55.49 45.33 24.95
N ALA C 48 55.65 44.34 25.83
CA ALA C 48 56.91 44.10 26.49
C ALA C 48 57.53 42.82 25.95
N GLY C 67 60.47 43.04 14.65
CA GLY C 67 60.39 44.26 13.87
C GLY C 67 59.41 44.22 12.72
N ILE C 68 58.45 43.31 12.77
CA ILE C 68 57.41 43.24 11.74
C ILE C 68 56.27 44.19 12.06
N THR C 69 56.10 45.21 11.22
CA THR C 69 55.06 46.20 11.44
C THR C 69 53.88 45.95 10.51
N ILE C 70 52.70 46.40 10.94
CA ILE C 70 51.49 46.23 10.14
C ILE C 70 50.71 47.54 10.07
N LYS C 71 49.68 47.55 9.25
CA LYS C 71 48.77 48.69 9.17
C LYS C 71 47.79 48.63 10.33
N SER C 72 47.83 49.65 11.19
CA SER C 72 47.01 49.69 12.40
C SER C 72 45.54 49.42 12.11
N THR C 73 45.04 48.29 12.59
CA THR C 73 43.64 47.90 12.36
C THR C 73 42.87 47.83 13.67
N ALA C 74 43.58 47.60 14.76
CA ALA C 74 42.96 47.52 16.09
C ALA C 74 43.96 47.88 17.18
N ILE C 75 43.45 48.28 18.34
CA ILE C 75 44.29 48.68 19.46
C ILE C 75 43.76 48.13 20.78
N SER C 76 44.65 47.63 21.62
CA SER C 76 44.27 47.06 22.90
C SER C 76 44.40 48.08 24.03
N LEU C 77 43.36 48.16 24.86
CA LEU C 77 43.34 49.05 26.00
C LEU C 77 43.14 48.27 27.30
N TYR C 78 43.68 48.79 28.40
CA TYR C 78 43.54 48.15 29.69
C TYR C 78 42.89 49.09 30.71
N SER C 79 42.04 48.54 31.56
CA SER C 79 41.37 49.33 32.59
C SER C 79 40.96 48.46 33.77
N GLU C 80 41.30 48.91 34.98
CA GLU C 80 40.94 48.20 36.19
C GLU C 80 39.96 49.01 37.05
N MET C 81 39.18 48.32 37.88
CA MET C 81 38.18 48.99 38.71
C MET C 81 38.06 48.33 40.08
N SER C 82 37.40 49.02 41.00
CA SER C 82 37.19 48.48 42.35
C SER C 82 36.10 47.41 42.35
N ASP C 83 36.09 46.59 43.40
CA ASP C 83 35.12 45.51 43.52
C ASP C 83 33.71 46.05 43.69
N GLU C 84 33.60 47.32 44.08
CA GLU C 84 32.30 47.97 44.25
C GLU C 84 31.77 48.46 42.90
N ASP C 85 32.67 48.76 41.98
CA ASP C 85 32.29 49.17 40.64
C ASP C 85 31.86 47.97 39.82
N VAL C 86 32.55 46.85 40.04
CA VAL C 86 32.26 45.60 39.33
C VAL C 86 30.85 45.11 39.61
N LYS C 87 30.31 45.50 40.76
CA LYS C 87 28.96 45.09 41.14
C LYS C 87 27.89 45.86 40.36
N GLU C 88 28.27 47.02 39.83
CA GLU C 88 27.33 47.83 39.05
C GLU C 88 27.13 47.27 37.65
N ILE C 89 27.94 46.30 37.27
CA ILE C 89 27.85 45.70 35.94
C ILE C 89 26.76 44.63 35.87
N LYS C 90 25.82 44.83 34.96
CA LYS C 90 24.68 43.92 34.83
C LYS C 90 24.97 42.76 33.89
N GLN C 91 26.15 42.18 34.03
CA GLN C 91 26.53 41.02 33.25
C GLN C 91 27.63 40.23 33.96
N LYS C 92 27.73 38.95 33.66
CA LYS C 92 28.72 38.10 34.31
C LYS C 92 30.13 38.63 34.10
N THR C 93 30.80 38.98 35.19
CA THR C 93 32.17 39.47 35.13
C THR C 93 33.08 38.63 36.03
N ASP C 94 34.38 38.68 35.76
CA ASP C 94 35.34 37.87 36.49
C ASP C 94 36.63 38.66 36.72
N GLY C 95 36.78 39.21 37.93
CA GLY C 95 37.95 39.99 38.27
C GLY C 95 37.71 41.47 38.15
N ASN C 96 38.77 42.26 38.28
CA ASN C 96 38.66 43.71 38.21
C ASN C 96 39.35 44.29 36.98
N SER C 97 40.10 43.46 36.27
CA SER C 97 40.80 43.89 35.07
C SER C 97 39.92 43.73 33.83
N PHE C 98 40.07 44.64 32.87
CA PHE C 98 39.28 44.61 31.65
C PHE C 98 40.11 44.91 30.41
N LEU C 99 40.00 44.06 29.41
CA LEU C 99 40.69 44.28 28.14
C LEU C 99 39.71 44.86 27.12
N ILE C 100 40.01 46.06 26.64
CA ILE C 100 39.15 46.73 25.68
C ILE C 100 39.79 46.80 24.29
N ASN C 101 39.11 46.21 23.32
CA ASN C 101 39.60 46.22 21.95
C ASN C 101 38.99 47.35 21.13
N LEU C 102 39.78 48.39 20.87
CA LEU C 102 39.34 49.51 20.06
C LEU C 102 39.66 49.24 18.59
N ILE C 103 38.62 49.04 17.80
CA ILE C 103 38.78 48.67 16.40
C ILE C 103 38.63 49.88 15.48
N ASP C 104 39.63 50.08 14.63
CA ASP C 104 39.69 51.23 13.74
C ASP C 104 38.48 51.30 12.80
N SER C 105 38.05 52.52 12.51
CA SER C 105 36.90 52.75 11.62
C SER C 105 37.29 53.70 10.50
N PRO C 106 36.62 53.59 9.35
CA PRO C 106 36.87 54.46 8.20
C PRO C 106 36.67 55.94 8.54
N GLY C 107 37.15 56.83 7.67
CA GLY C 107 37.00 58.26 7.88
C GLY C 107 35.79 58.82 7.17
N HIS C 108 35.51 58.31 5.97
CA HIS C 108 34.34 58.73 5.20
C HIS C 108 33.29 57.62 5.15
N VAL C 109 32.03 58.02 5.00
CA VAL C 109 30.92 57.07 5.00
C VAL C 109 30.74 56.35 3.67
N ASP C 110 31.27 56.93 2.58
CA ASP C 110 31.19 56.29 1.28
C ASP C 110 32.03 55.01 1.24
N PHE C 111 32.79 54.78 2.30
CA PHE C 111 33.48 53.51 2.50
C PHE C 111 32.53 52.55 3.19
N SER C 112 31.39 52.27 2.56
CA SER C 112 30.36 51.44 3.16
C SER C 112 30.86 50.05 3.55
N SER C 113 31.64 49.44 2.66
CA SER C 113 32.16 48.10 2.91
C SER C 113 33.07 48.09 4.15
N GLU C 114 33.97 49.07 4.22
CA GLU C 114 34.94 49.13 5.30
C GLU C 114 34.25 49.33 6.65
N VAL C 115 33.21 50.15 6.66
CA VAL C 115 32.47 50.45 7.88
C VAL C 115 31.81 49.19 8.46
N THR C 116 31.10 48.46 7.62
CA THR C 116 30.38 47.27 8.04
C THR C 116 31.32 46.21 8.59
N ALA C 117 32.51 46.13 7.99
CA ALA C 117 33.53 45.18 8.44
C ALA C 117 33.95 45.45 9.88
N ALA C 118 34.17 46.72 10.18
CA ALA C 118 34.58 47.13 11.51
C ALA C 118 33.47 46.86 12.54
N LEU C 119 32.24 47.16 12.16
CA LEU C 119 31.10 46.99 13.05
C LEU C 119 30.84 45.52 13.39
N ARG C 120 30.99 44.66 12.39
CA ARG C 120 30.60 43.26 12.53
C ARG C 120 31.38 42.51 13.61
N VAL C 121 32.59 42.96 13.90
CA VAL C 121 33.42 42.30 14.91
C VAL C 121 33.42 43.07 16.23
N THR C 122 32.58 44.10 16.32
CA THR C 122 32.43 44.86 17.55
C THR C 122 31.07 44.58 18.17
N ASP C 123 31.00 44.71 19.50
CA ASP C 123 29.75 44.50 20.23
C ASP C 123 29.19 45.81 20.75
N GLY C 124 30.10 46.73 21.09
CA GLY C 124 29.70 48.03 21.60
C GLY C 124 30.24 49.17 20.74
N ALA C 125 29.67 50.36 20.90
CA ALA C 125 30.08 51.51 20.10
C ALA C 125 30.11 52.79 20.93
N LEU C 126 31.19 53.55 20.79
CA LEU C 126 31.29 54.87 21.39
C LEU C 126 30.88 55.92 20.37
N VAL C 127 29.69 56.50 20.56
CA VAL C 127 29.18 57.50 19.62
C VAL C 127 29.49 58.91 20.07
N VAL C 128 30.13 59.68 19.19
CA VAL C 128 30.50 61.06 19.50
C VAL C 128 29.62 62.04 18.73
N VAL C 129 28.92 62.89 19.48
CA VAL C 129 28.07 63.91 18.89
C VAL C 129 28.54 65.31 19.29
N ASP C 130 28.10 66.32 18.55
CA ASP C 130 28.50 67.70 18.83
C ASP C 130 27.48 68.40 19.71
N THR C 131 27.95 69.31 20.55
CA THR C 131 27.06 70.08 21.42
C THR C 131 26.19 71.04 20.60
N ILE C 132 26.84 71.88 19.81
CA ILE C 132 26.15 72.90 19.02
C ILE C 132 25.32 72.29 17.92
N GLU C 133 25.97 71.58 17.00
CA GLU C 133 25.32 71.01 15.83
C GLU C 133 24.45 69.79 16.17
N GLY C 134 24.88 69.01 17.15
CA GLY C 134 24.12 67.85 17.58
C GLY C 134 24.51 66.57 16.87
N VAL C 135 23.52 65.93 16.24
CA VAL C 135 23.75 64.69 15.51
C VAL C 135 23.75 64.92 14.01
N CYS C 136 24.93 64.90 13.39
CA CYS C 136 25.02 65.07 11.95
C CYS C 136 24.40 63.87 11.23
N VAL C 137 24.00 64.08 9.99
CA VAL C 137 23.32 63.05 9.21
C VAL C 137 24.21 61.83 8.96
N GLN C 138 25.52 62.04 8.92
CA GLN C 138 26.46 60.95 8.68
C GLN C 138 26.51 59.99 9.86
N THR C 139 26.81 60.51 11.04
CA THR C 139 26.88 59.69 12.25
C THR C 139 25.55 58.98 12.49
N GLU C 140 24.45 59.64 12.12
CA GLU C 140 23.12 59.06 12.24
C GLU C 140 22.99 57.82 11.35
N THR C 141 23.58 57.89 10.17
CA THR C 141 23.51 56.80 9.20
C THR C 141 24.34 55.60 9.66
N VAL C 142 25.55 55.86 10.13
CA VAL C 142 26.43 54.81 10.63
C VAL C 142 25.82 54.17 11.88
N LEU C 143 25.17 54.99 12.69
CA LEU C 143 24.51 54.52 13.91
C LEU C 143 23.44 53.48 13.60
N ARG C 144 22.71 53.69 12.50
CA ARG C 144 21.70 52.75 12.06
C ARG C 144 22.31 51.41 11.67
N GLN C 145 23.44 51.45 10.97
CA GLN C 145 24.14 50.24 10.57
C GLN C 145 24.58 49.46 11.80
N ALA C 146 25.11 50.19 12.79
CA ALA C 146 25.53 49.58 14.04
C ALA C 146 24.37 48.88 14.73
N LEU C 147 23.20 49.53 14.71
CA LEU C 147 22.01 48.97 15.34
C LEU C 147 21.52 47.74 14.58
N GLY C 148 21.77 47.72 13.28
CA GLY C 148 21.46 46.55 12.47
C GLY C 148 22.33 45.37 12.85
N GLU C 149 23.48 45.67 13.44
CA GLU C 149 24.40 44.64 13.92
C GLU C 149 24.12 44.33 15.40
N ARG C 150 23.10 44.99 15.93
CA ARG C 150 22.75 44.86 17.35
C ARG C 150 23.90 45.29 18.25
N ILE C 151 24.55 46.38 17.86
CA ILE C 151 25.63 46.96 18.65
C ILE C 151 25.06 47.96 19.65
N LYS C 152 25.57 47.92 20.88
CA LYS C 152 25.09 48.81 21.93
C LYS C 152 25.83 50.14 21.92
N PRO C 153 25.09 51.24 21.69
CA PRO C 153 25.60 52.61 21.63
C PRO C 153 25.93 53.20 23.01
N VAL C 154 26.92 54.08 23.03
CA VAL C 154 27.24 54.88 24.21
C VAL C 154 27.62 56.27 23.73
N VAL C 155 26.95 57.29 24.27
CA VAL C 155 27.04 58.64 23.72
C VAL C 155 27.97 59.57 24.52
N VAL C 156 28.72 60.40 23.80
CA VAL C 156 29.51 61.45 24.42
C VAL C 156 29.29 62.78 23.69
N ILE C 157 28.88 63.81 24.44
CA ILE C 157 28.67 65.13 23.87
C ILE C 157 30.01 65.87 23.84
N ASN C 158 30.58 66.02 22.65
CA ASN C 158 31.89 66.65 22.50
C ASN C 158 31.81 68.13 22.14
N LYS C 159 32.94 68.81 22.24
CA LYS C 159 33.04 70.22 21.90
C LYS C 159 32.08 71.08 22.72
N VAL C 160 32.05 70.84 24.03
CA VAL C 160 31.21 71.62 24.93
C VAL C 160 31.86 72.98 25.20
N ASP C 161 33.17 73.04 25.04
CA ASP C 161 33.92 74.26 25.26
C ASP C 161 33.45 75.39 24.33
N ARG C 162 33.04 75.03 23.13
CA ARG C 162 32.54 76.01 22.17
C ARG C 162 31.35 76.78 22.73
N ALA C 163 30.34 76.05 23.18
CA ALA C 163 29.12 76.66 23.70
C ALA C 163 29.42 77.69 24.78
N LEU C 164 30.51 77.48 25.52
CA LEU C 164 30.89 78.38 26.59
C LEU C 164 31.69 79.57 26.07
N LEU C 165 32.93 79.31 25.69
CA LEU C 165 33.86 80.34 25.27
C LEU C 165 33.34 81.20 24.11
N GLU C 166 32.69 80.57 23.15
CA GLU C 166 32.20 81.27 21.97
C GLU C 166 30.93 82.09 22.24
N LEU C 167 29.81 81.39 22.38
CA LEU C 167 28.51 82.04 22.40
C LEU C 167 28.00 82.37 23.81
N GLN C 168 28.89 82.29 24.80
CA GLN C 168 28.54 82.60 26.18
C GLN C 168 27.10 82.18 26.51
N VAL C 169 26.91 80.88 26.76
CA VAL C 169 25.59 80.35 27.01
C VAL C 169 25.35 80.10 28.50
N SER C 170 24.09 80.17 28.92
CA SER C 170 23.73 79.95 30.32
C SER C 170 23.65 78.47 30.66
N LYS C 171 23.63 78.16 31.95
CA LYS C 171 23.62 76.77 32.41
C LYS C 171 22.34 76.04 31.98
N GLU C 172 21.22 76.75 32.02
CA GLU C 172 19.94 76.17 31.64
C GLU C 172 19.85 75.95 30.12
N ASP C 173 20.36 76.93 29.37
CA ASP C 173 20.40 76.80 27.92
C ASP C 173 21.30 75.64 27.52
N LEU C 174 22.43 75.51 28.19
CA LEU C 174 23.38 74.44 27.93
C LEU C 174 22.75 73.08 28.20
N TYR C 175 22.07 72.97 29.33
CA TYR C 175 21.39 71.72 29.69
C TYR C 175 20.33 71.38 28.65
N GLN C 176 19.57 72.38 28.25
CA GLN C 176 18.51 72.20 27.25
C GLN C 176 19.08 71.71 25.92
N THR C 177 20.34 72.05 25.66
CA THR C 177 21.00 71.60 24.44
C THR C 177 21.36 70.12 24.54
N PHE C 178 21.82 69.71 25.72
CA PHE C 178 22.16 68.31 25.96
C PHE C 178 20.91 67.44 25.88
N ALA C 179 19.83 67.91 26.50
CA ALA C 179 18.56 67.18 26.51
C ALA C 179 18.05 66.95 25.10
N ARG C 180 18.18 67.96 24.25
CA ARG C 180 17.71 67.87 22.87
C ARG C 180 18.64 67.01 22.02
N THR C 181 19.93 67.03 22.35
CA THR C 181 20.91 66.21 21.65
C THR C 181 20.71 64.73 22.01
N VAL C 182 20.63 64.45 23.30
CA VAL C 182 20.36 63.10 23.78
C VAL C 182 19.02 62.61 23.22
N GLU C 183 18.04 63.50 23.17
CA GLU C 183 16.74 63.18 22.60
C GLU C 183 16.88 62.80 21.12
N SER C 184 17.72 63.54 20.41
CA SER C 184 17.98 63.26 19.00
C SER C 184 18.49 61.84 18.82
N VAL C 185 19.50 61.47 19.61
CA VAL C 185 20.09 60.14 19.54
C VAL C 185 19.07 59.05 19.87
N ASN C 186 18.37 59.22 20.99
CA ASN C 186 17.40 58.22 21.43
C ASN C 186 16.25 58.01 20.45
N VAL C 187 15.94 59.04 19.67
CA VAL C 187 14.95 58.93 18.61
C VAL C 187 15.43 57.95 17.55
N ILE C 188 16.72 57.99 17.25
CA ILE C 188 17.32 57.08 16.28
C ILE C 188 17.40 55.66 16.85
N VAL C 189 17.89 55.55 18.08
CA VAL C 189 18.05 54.26 18.73
C VAL C 189 16.74 53.50 18.85
N SER C 190 15.74 54.15 19.46
CA SER C 190 14.45 53.50 19.68
C SER C 190 13.80 53.10 18.36
N THR C 191 13.98 53.92 17.33
CA THR C 191 13.36 53.67 16.03
C THR C 191 13.97 52.49 15.28
N TYR C 192 15.28 52.31 15.38
CA TYR C 192 15.97 51.31 14.56
C TYR C 192 16.56 50.14 15.34
N ALA C 193 16.47 50.17 16.66
CA ALA C 193 16.97 49.07 17.47
C ALA C 193 15.95 47.94 17.55
N ASP C 194 16.44 46.72 17.74
CA ASP C 194 15.57 45.55 17.85
C ASP C 194 14.88 45.53 19.21
N GLU C 195 13.55 45.41 19.19
CA GLU C 195 12.78 45.39 20.42
C GLU C 195 13.14 44.21 21.31
N VAL C 196 13.63 43.14 20.70
CA VAL C 196 14.05 41.95 21.44
C VAL C 196 15.17 42.29 22.42
N LEU C 197 16.00 43.26 22.05
CA LEU C 197 17.12 43.68 22.88
C LEU C 197 16.64 44.46 24.10
N GLY C 198 15.36 44.81 24.13
CA GLY C 198 14.79 45.57 25.22
C GLY C 198 14.96 47.07 25.02
N ASP C 199 15.65 47.72 25.96
CA ASP C 199 15.89 49.15 25.88
C ASP C 199 17.37 49.44 25.63
N VAL C 200 17.67 50.10 24.53
CA VAL C 200 19.05 50.38 24.15
C VAL C 200 19.33 51.89 24.17
N GLN C 201 18.32 52.67 24.52
CA GLN C 201 18.45 54.12 24.60
C GLN C 201 19.45 54.53 25.67
N VAL C 202 20.05 55.70 25.50
CA VAL C 202 21.05 56.19 26.44
C VAL C 202 20.44 57.17 27.44
N TYR C 203 20.92 57.10 28.68
CA TYR C 203 20.44 57.97 29.75
C TYR C 203 21.60 58.51 30.57
N PRO C 204 21.71 59.85 30.66
CA PRO C 204 22.75 60.51 31.44
C PRO C 204 22.75 60.05 32.89
N ALA C 205 21.56 59.84 33.46
CA ALA C 205 21.43 59.45 34.85
C ALA C 205 21.83 58.00 35.08
N ARG C 206 22.02 57.25 34.00
CA ARG C 206 22.46 55.86 34.09
C ARG C 206 23.95 55.73 33.83
N GLY C 207 24.55 56.79 33.31
CA GLY C 207 25.98 56.81 33.06
C GLY C 207 26.36 56.38 31.66
N THR C 208 25.38 56.35 30.76
CA THR C 208 25.63 55.98 29.37
C THR C 208 25.79 57.21 28.48
N VAL C 209 25.93 58.37 29.11
CA VAL C 209 26.16 59.61 28.38
C VAL C 209 27.24 60.44 29.07
N ALA C 210 28.23 60.88 28.31
CA ALA C 210 29.32 61.69 28.85
C ALA C 210 29.36 63.07 28.21
N PHE C 211 29.95 64.02 28.91
CA PHE C 211 30.07 65.39 28.40
C PHE C 211 31.49 65.89 28.60
N GLY C 212 32.04 66.55 27.60
CA GLY C 212 33.39 67.08 27.71
C GLY C 212 33.93 67.69 26.44
N SER C 213 35.24 67.89 26.41
CA SER C 213 35.91 68.47 25.26
C SER C 213 37.20 67.72 24.94
N GLY C 214 37.34 67.30 23.68
CA GLY C 214 38.53 66.61 23.24
C GLY C 214 39.75 67.51 23.25
N LEU C 215 39.54 68.77 22.88
CA LEU C 215 40.62 69.76 22.86
C LEU C 215 41.36 69.82 24.20
N HIS C 216 40.70 70.38 25.21
CA HIS C 216 41.31 70.53 26.52
C HIS C 216 41.64 69.18 27.14
N GLY C 217 40.84 68.16 26.79
CA GLY C 217 41.07 66.81 27.25
C GLY C 217 40.33 66.48 28.54
N TRP C 218 39.12 67.02 28.68
CA TRP C 218 38.31 66.74 29.86
C TRP C 218 36.94 66.19 29.48
N ALA C 219 36.38 65.36 30.36
CA ALA C 219 35.06 64.79 30.15
C ALA C 219 34.55 64.17 31.45
N PHE C 220 33.23 64.12 31.60
CA PHE C 220 32.63 63.59 32.82
C PHE C 220 31.32 62.86 32.55
N THR C 221 30.96 61.96 33.46
CA THR C 221 29.63 61.35 33.45
C THR C 221 28.94 61.72 34.75
N ILE C 222 27.61 61.61 34.76
CA ILE C 222 26.84 61.93 35.95
C ILE C 222 27.25 61.03 37.12
N ARG C 223 27.65 59.80 36.81
CA ARG C 223 28.09 58.86 37.83
C ARG C 223 29.32 59.38 38.56
N GLN C 224 30.24 60.01 37.82
CA GLN C 224 31.47 60.54 38.40
C GLN C 224 31.21 61.59 39.47
N PHE C 225 30.35 62.55 39.15
CA PHE C 225 29.97 63.58 40.12
C PHE C 225 29.28 62.96 41.32
N ALA C 226 28.37 62.01 41.06
CA ALA C 226 27.66 61.32 42.12
C ALA C 226 28.62 60.65 43.09
N THR C 227 29.70 60.08 42.55
CA THR C 227 30.70 59.41 43.35
C THR C 227 31.44 60.39 44.27
N ARG C 228 31.62 61.62 43.79
CA ARG C 228 32.30 62.64 44.58
C ARG C 228 31.41 63.16 45.70
N TYR C 229 30.14 63.38 45.39
CA TYR C 229 29.19 63.87 46.39
C TYR C 229 28.83 62.78 47.40
N ALA C 230 29.23 61.55 47.11
CA ALA C 230 28.88 60.42 47.96
C ALA C 230 29.93 60.15 49.04
N LYS C 231 31.09 60.77 48.89
CA LYS C 231 32.17 60.63 49.87
C LYS C 231 32.43 61.92 50.62
N LYS C 232 32.11 63.04 49.98
CA LYS C 232 32.23 64.34 50.62
C LYS C 232 31.09 64.52 51.62
N PHE C 233 30.09 63.64 51.52
CA PHE C 233 28.98 63.62 52.45
C PHE C 233 28.70 62.18 52.86
N GLY C 234 27.43 61.83 52.95
CA GLY C 234 27.04 60.47 53.30
C GLY C 234 25.90 59.97 52.43
N VAL C 235 25.50 60.79 51.46
CA VAL C 235 24.38 60.48 50.59
C VAL C 235 24.63 59.21 49.77
N ASP C 236 23.55 58.63 49.25
CA ASP C 236 23.64 57.42 48.45
C ASP C 236 23.94 57.78 47.00
N LYS C 237 24.93 57.12 46.42
CA LYS C 237 25.34 57.40 45.05
C LYS C 237 24.22 57.16 44.06
N ALA C 238 23.62 55.97 44.13
CA ALA C 238 22.58 55.58 43.18
C ALA C 238 21.39 56.55 43.19
N LYS C 239 21.08 57.09 44.36
CA LYS C 239 19.95 58.00 44.50
C LYS C 239 20.35 59.44 44.17
N MET C 240 21.66 59.69 44.14
CA MET C 240 22.17 61.02 43.84
C MET C 240 22.26 61.24 42.33
N MET C 241 22.88 60.30 41.63
CA MET C 241 23.04 60.40 40.18
C MET C 241 21.68 60.31 39.49
N ASP C 242 20.67 59.89 40.22
CA ASP C 242 19.31 59.81 39.69
C ASP C 242 18.64 61.18 39.80
N ARG C 243 19.16 62.00 40.70
CA ARG C 243 18.67 63.36 40.88
C ARG C 243 19.48 64.35 40.03
N LEU C 244 20.68 63.92 39.64
CA LEU C 244 21.61 64.77 38.91
C LEU C 244 21.22 64.98 37.45
N TRP C 245 20.05 64.49 37.08
CA TRP C 245 19.52 64.72 35.74
C TRP C 245 18.00 64.80 35.78
N GLY C 246 17.44 65.59 34.87
CA GLY C 246 16.00 65.75 34.80
C GLY C 246 15.48 66.80 35.77
N ASP C 247 14.26 66.58 36.25
CA ASP C 247 13.58 67.56 37.09
C ASP C 247 13.70 67.24 38.58
N SER C 248 14.91 67.35 39.11
CA SER C 248 15.15 67.22 40.54
C SER C 248 15.84 68.48 41.04
N PHE C 249 15.19 69.17 41.97
CA PHE C 249 15.67 70.46 42.44
C PHE C 249 15.98 70.47 43.92
N PHE C 250 17.12 71.06 44.26
CA PHE C 250 17.46 71.27 45.67
C PHE C 250 17.28 72.74 46.03
N ASN C 251 16.36 73.01 46.94
CA ASN C 251 16.06 74.37 47.36
C ASN C 251 17.14 74.95 48.26
N PRO C 252 17.73 76.08 47.84
CA PRO C 252 18.79 76.75 48.61
C PRO C 252 18.33 77.22 49.99
N LYS C 253 17.10 77.73 50.09
CA LYS C 253 16.58 78.24 51.35
C LYS C 253 16.06 77.11 52.25
N THR C 254 15.12 76.34 51.74
CA THR C 254 14.53 75.21 52.47
C THR C 254 15.55 74.11 52.70
N LYS C 255 16.50 74.00 51.78
CA LYS C 255 17.51 72.94 51.81
C LYS C 255 16.88 71.56 51.82
N LYS C 256 15.82 71.42 51.03
CA LYS C 256 15.15 70.14 50.82
C LYS C 256 15.16 69.79 49.33
N TRP C 257 14.92 68.51 49.03
CA TRP C 257 14.81 68.06 47.65
C TRP C 257 13.37 68.15 47.16
N THR C 258 13.19 68.54 45.90
CA THR C 258 11.86 68.73 45.33
C THR C 258 11.84 68.31 43.87
N ASN C 259 10.66 67.92 43.39
CA ASN C 259 10.48 67.56 41.98
C ASN C 259 9.76 68.67 41.21
N LYS C 260 9.38 69.73 41.92
CA LYS C 260 8.74 70.88 41.29
C LYS C 260 9.76 72.00 41.07
N ASP C 261 9.67 72.65 39.92
CA ASP C 261 10.63 73.69 39.55
C ASP C 261 10.40 75.01 40.27
N THR C 262 9.49 75.00 41.25
CA THR C 262 9.21 76.20 42.04
C THR C 262 8.89 75.83 43.49
N ASP C 263 9.22 76.74 44.40
CA ASP C 263 8.93 76.54 45.82
C ASP C 263 7.47 76.86 46.12
N ALA C 264 7.06 76.68 47.38
CA ALA C 264 5.70 76.96 47.79
C ALA C 264 5.32 78.42 47.56
N GLU C 265 6.32 79.26 47.39
CA GLU C 265 6.11 80.68 47.16
C GLU C 265 5.89 80.99 45.68
N GLY C 266 6.36 80.10 44.82
CA GLY C 266 6.19 80.28 43.39
C GLY C 266 7.45 80.80 42.71
N LYS C 267 8.55 80.81 43.44
CA LYS C 267 9.82 81.29 42.92
C LYS C 267 10.60 80.14 42.27
N PRO C 268 11.10 80.38 41.04
CA PRO C 268 11.80 79.37 40.24
C PRO C 268 12.94 78.70 41.00
N LEU C 269 13.17 77.42 40.71
CA LEU C 269 14.25 76.66 41.32
C LEU C 269 15.18 76.12 40.25
N GLU C 270 16.47 76.00 40.58
CA GLU C 270 17.47 75.52 39.64
C GLU C 270 17.65 74.01 39.76
N ARG C 271 17.62 73.32 38.63
CA ARG C 271 17.78 71.87 38.63
C ARG C 271 19.16 71.46 39.15
N ALA C 272 19.27 70.22 39.61
CA ALA C 272 20.49 69.74 40.24
C ALA C 272 21.67 69.69 39.27
N PHE C 273 21.39 69.38 38.01
CA PHE C 273 22.45 69.29 37.00
C PHE C 273 23.17 70.62 36.84
N ASN C 274 22.40 71.70 36.84
CA ASN C 274 22.97 73.04 36.68
C ASN C 274 23.65 73.51 37.96
N MET C 275 23.16 73.02 39.09
CA MET C 275 23.63 73.50 40.39
C MET C 275 24.87 72.78 40.89
N PHE C 276 24.86 71.45 40.77
CA PHE C 276 25.94 70.63 41.31
C PHE C 276 27.01 70.28 40.28
N ILE C 277 26.65 70.29 39.00
CA ILE C 277 27.58 69.89 37.95
C ILE C 277 28.08 71.08 37.12
N LEU C 278 27.17 71.78 36.47
CA LEU C 278 27.53 72.87 35.58
C LEU C 278 28.09 74.09 36.30
N ASP C 279 27.51 74.43 37.46
CA ASP C 279 27.94 75.60 38.20
C ASP C 279 29.42 75.56 38.61
N PRO C 280 29.84 74.44 39.22
CA PRO C 280 31.27 74.33 39.60
C PRO C 280 32.19 74.47 38.40
N ILE C 281 31.71 74.07 37.22
CA ILE C 281 32.48 74.17 36.00
C ILE C 281 32.47 75.59 35.45
N PHE C 282 31.30 76.20 35.44
CA PHE C 282 31.15 77.59 35.00
C PHE C 282 32.00 78.52 35.86
N ARG C 283 32.19 78.14 37.12
CA ARG C 283 33.05 78.89 38.03
C ARG C 283 34.45 79.07 37.45
N LEU C 284 35.15 77.95 37.29
CA LEU C 284 36.52 77.96 36.78
C LEU C 284 36.62 78.66 35.43
N PHE C 285 35.60 78.48 34.59
CA PHE C 285 35.59 79.09 33.27
C PHE C 285 35.45 80.61 33.34
N THR C 286 34.82 81.09 34.41
CA THR C 286 34.62 82.53 34.59
C THR C 286 35.77 83.15 35.37
N ALA C 287 36.30 82.39 36.32
CA ALA C 287 37.38 82.87 37.18
C ALA C 287 38.73 82.88 36.47
N ILE C 288 39.01 81.82 35.74
CA ILE C 288 40.30 81.67 35.07
C ILE C 288 40.40 82.49 33.79
N MET C 289 39.33 82.48 32.98
CA MET C 289 39.33 83.18 31.71
C MET C 289 39.33 84.71 31.86
N ASN C 290 39.05 85.18 33.07
CA ASN C 290 39.07 86.62 33.35
C ASN C 290 40.27 87.01 34.18
N PHE C 291 41.16 86.05 34.42
CA PHE C 291 42.40 86.29 35.14
C PHE C 291 42.17 86.84 36.55
N LYS C 292 41.11 86.41 37.19
CA LYS C 292 40.84 86.79 38.57
C LYS C 292 41.69 85.94 39.51
N LYS C 293 42.96 86.30 39.64
CA LYS C 293 43.94 85.50 40.36
C LYS C 293 43.66 85.38 41.86
N ASP C 294 42.62 86.06 42.33
CA ASP C 294 42.27 86.01 43.75
C ASP C 294 41.23 84.93 44.03
N GLU C 295 40.41 84.62 43.04
CA GLU C 295 39.40 83.59 43.17
C GLU C 295 39.98 82.21 42.89
N ILE C 296 40.76 82.11 41.82
CA ILE C 296 41.30 80.84 41.35
C ILE C 296 41.91 79.97 42.45
N PRO C 297 42.86 80.52 43.22
CA PRO C 297 43.52 79.74 44.27
C PRO C 297 42.52 79.15 45.27
N VAL C 298 41.49 79.92 45.58
CA VAL C 298 40.48 79.48 46.55
C VAL C 298 39.48 78.53 45.90
N LEU C 299 39.34 78.64 44.57
CA LEU C 299 38.38 77.82 43.84
C LEU C 299 38.95 76.44 43.53
N LEU C 300 40.24 76.37 43.25
CA LEU C 300 40.91 75.10 42.98
C LEU C 300 40.96 74.24 44.24
N GLU C 301 41.36 74.86 45.35
CA GLU C 301 41.40 74.17 46.63
C GLU C 301 40.03 73.64 46.99
N LYS C 302 38.99 74.29 46.47
CA LYS C 302 37.62 73.91 46.76
C LYS C 302 37.21 72.65 45.99
N LEU C 303 38.01 72.29 44.99
CA LEU C 303 37.72 71.13 44.16
C LEU C 303 38.83 70.07 44.21
N GLU C 304 39.61 70.09 45.28
CA GLU C 304 40.70 69.12 45.44
C GLU C 304 41.66 69.14 44.26
N ILE C 305 42.09 70.34 43.87
CA ILE C 305 42.98 70.49 42.73
C ILE C 305 44.32 71.08 43.14
N VAL C 306 45.36 70.24 43.11
CA VAL C 306 46.70 70.69 43.46
C VAL C 306 47.60 70.75 42.25
N LEU C 307 47.94 71.97 41.81
CA LEU C 307 48.80 72.15 40.66
C LEU C 307 50.22 71.68 40.97
N LYS C 308 50.99 71.40 39.93
CA LYS C 308 52.33 70.84 40.10
C LYS C 308 53.41 71.88 39.90
N GLY C 309 53.45 72.89 40.77
CA GLY C 309 54.49 73.90 40.74
C GLY C 309 54.49 74.75 39.49
N ASP C 310 55.20 74.28 38.46
CA ASP C 310 55.36 75.02 37.22
C ASP C 310 54.02 75.42 36.61
N GLU C 311 53.03 74.55 36.74
CA GLU C 311 51.72 74.77 36.13
C GLU C 311 50.94 75.91 36.78
N LYS C 312 51.49 76.46 37.86
CA LYS C 312 50.77 77.49 38.63
C LYS C 312 50.85 78.87 37.99
N ASP C 313 51.87 79.09 37.16
CA ASP C 313 52.08 80.40 36.55
C ASP C 313 51.33 80.57 35.23
N LEU C 314 50.44 79.63 34.93
CA LEU C 314 49.66 79.69 33.69
C LEU C 314 48.44 80.58 33.84
N GLU C 315 47.96 81.11 32.72
CA GLU C 315 46.76 81.96 32.71
C GLU C 315 46.12 81.99 31.32
N GLY C 316 44.79 82.02 31.30
CA GLY C 316 44.06 81.99 30.04
C GLY C 316 43.75 80.56 29.62
N LYS C 317 43.86 80.29 28.32
CA LYS C 317 43.65 78.95 27.81
C LYS C 317 44.74 78.00 28.30
N ALA C 318 45.95 78.54 28.46
CA ALA C 318 47.08 77.73 28.93
C ALA C 318 46.83 77.20 30.34
N LEU C 319 46.06 77.93 31.12
CA LEU C 319 45.74 77.54 32.49
C LEU C 319 44.49 76.67 32.54
N LEU C 320 43.46 77.11 31.84
CA LEU C 320 42.18 76.40 31.83
C LEU C 320 42.34 74.95 31.36
N LYS C 321 43.18 74.73 30.37
CA LYS C 321 43.41 73.40 29.83
C LYS C 321 44.01 72.47 30.89
N VAL C 322 45.06 72.92 31.56
CA VAL C 322 45.75 72.11 32.54
C VAL C 322 44.85 71.78 33.74
N VAL C 323 44.07 72.76 34.17
CA VAL C 323 43.18 72.58 35.32
C VAL C 323 42.06 71.59 35.02
N MET C 324 41.48 71.69 33.82
CA MET C 324 40.38 70.83 33.42
C MET C 324 40.80 69.37 33.31
N ARG C 325 42.04 69.12 32.89
CA ARG C 325 42.55 67.76 32.78
C ARG C 325 42.70 67.12 34.15
N LYS C 326 43.36 67.83 35.06
CA LYS C 326 43.57 67.33 36.41
C LYS C 326 42.25 67.14 37.15
N PHE C 327 41.23 67.88 36.72
CA PHE C 327 39.93 67.83 37.37
C PHE C 327 39.07 66.69 36.83
N LEU C 328 38.79 66.73 35.53
CA LEU C 328 37.97 65.71 34.89
C LEU C 328 38.66 65.10 33.68
N PRO C 329 39.64 64.22 33.92
CA PRO C 329 40.35 63.53 32.82
C PRO C 329 39.37 62.88 31.86
N ALA C 330 39.37 63.30 30.60
CA ALA C 330 38.44 62.78 29.59
C ALA C 330 38.43 61.25 29.47
N ALA C 331 39.60 60.64 29.37
CA ALA C 331 39.70 59.20 29.12
C ALA C 331 39.09 58.37 30.24
N ASP C 332 39.18 58.87 31.47
CA ASP C 332 38.64 58.16 32.62
C ASP C 332 37.12 58.07 32.58
N ALA C 333 36.48 59.09 32.03
CA ALA C 333 35.02 59.10 31.89
C ALA C 333 34.57 58.19 30.75
N LEU C 334 35.40 58.08 29.72
CA LEU C 334 35.09 57.26 28.56
C LEU C 334 35.27 55.77 28.87
N LEU C 335 36.40 55.44 29.49
CA LEU C 335 36.67 54.06 29.90
C LEU C 335 35.59 53.57 30.84
N GLU C 336 35.12 54.46 31.71
CA GLU C 336 34.08 54.13 32.67
C GLU C 336 32.85 53.58 31.95
N MET C 337 32.37 54.32 30.96
CA MET C 337 31.20 53.93 30.19
C MET C 337 31.41 52.60 29.48
N ILE C 338 32.58 52.46 28.86
CA ILE C 338 32.90 51.26 28.08
C ILE C 338 32.86 50.00 28.96
N VAL C 339 33.50 50.07 30.11
CA VAL C 339 33.59 48.92 31.01
C VAL C 339 32.27 48.62 31.70
N LEU C 340 31.54 49.67 32.07
CA LEU C 340 30.32 49.51 32.86
C LEU C 340 29.08 49.18 32.03
N HIS C 341 29.02 49.67 30.80
CA HIS C 341 27.78 49.58 30.03
C HIS C 341 27.89 48.82 28.71
N LEU C 342 29.05 48.83 28.08
CA LEU C 342 29.24 48.09 26.82
C LEU C 342 29.34 46.59 27.06
N PRO C 343 28.60 45.81 26.26
CA PRO C 343 28.51 44.34 26.38
C PRO C 343 29.83 43.64 26.12
N SER C 344 30.03 42.51 26.79
CA SER C 344 31.16 41.64 26.53
C SER C 344 30.80 40.67 25.42
N PRO C 345 31.80 40.01 24.83
CA PRO C 345 31.53 39.01 23.79
C PRO C 345 30.59 37.94 24.32
N VAL C 346 30.71 37.60 25.60
CA VAL C 346 29.84 36.61 26.23
C VAL C 346 28.38 37.04 26.15
N THR C 347 28.12 38.31 26.43
CA THR C 347 26.75 38.83 26.45
C THR C 347 26.21 39.06 25.03
N ALA C 348 27.00 39.75 24.22
CA ALA C 348 26.55 40.16 22.89
C ALA C 348 26.31 38.98 21.95
N GLN C 349 27.22 38.02 21.94
CA GLN C 349 27.14 36.89 21.02
C GLN C 349 25.87 36.06 21.23
N ALA C 350 25.25 36.21 22.41
CA ALA C 350 24.03 35.49 22.72
C ALA C 350 22.87 35.94 21.83
N TYR C 351 22.84 37.22 21.51
CA TYR C 351 21.77 37.77 20.67
C TYR C 351 22.28 38.21 19.28
N ARG C 352 23.55 38.02 19.01
CA ARG C 352 24.12 38.36 17.71
C ARG C 352 24.35 37.13 16.84
N ALA C 353 24.51 35.98 17.48
CA ALA C 353 24.88 34.74 16.80
C ALA C 353 24.01 34.41 15.59
N GLU C 354 22.69 34.41 15.78
CA GLU C 354 21.77 34.00 14.72
C GLU C 354 21.91 34.80 13.44
N GLN C 355 22.12 36.11 13.58
CA GLN C 355 22.22 36.98 12.41
C GLN C 355 23.61 36.92 11.78
N LEU C 356 24.59 36.46 12.56
CA LEU C 356 25.96 36.35 12.08
C LEU C 356 26.23 34.98 11.47
N TYR C 357 25.29 34.06 11.66
CA TYR C 357 25.42 32.71 11.14
C TYR C 357 24.38 32.44 10.05
N GLU C 358 24.85 32.04 8.88
CA GLU C 358 23.98 31.82 7.73
C GLU C 358 23.48 30.37 7.65
N GLY C 359 23.71 29.62 8.70
CA GLY C 359 23.19 28.26 8.80
C GLY C 359 22.06 28.21 9.79
N PRO C 360 21.56 26.99 10.09
CA PRO C 360 20.49 26.80 11.08
C PRO C 360 20.85 27.43 12.42
N ALA C 361 19.85 28.00 13.10
CA ALA C 361 20.08 28.67 14.37
C ALA C 361 20.13 27.67 15.52
N ASP C 362 20.01 26.38 15.19
CA ASP C 362 19.97 25.35 16.22
C ASP C 362 21.08 24.32 16.09
N ASP C 363 21.91 24.45 15.06
CA ASP C 363 23.03 23.51 14.87
C ASP C 363 24.14 23.77 15.90
N ALA C 364 25.02 22.80 16.07
CA ALA C 364 26.06 22.86 17.08
C ALA C 364 26.94 24.10 16.99
N ASN C 365 27.20 24.56 15.77
CA ASN C 365 28.06 25.71 15.56
C ASN C 365 27.43 27.03 16.00
N CYS C 366 26.17 27.25 15.64
CA CYS C 366 25.47 28.46 16.04
C CYS C 366 25.26 28.49 17.55
N ILE C 367 25.08 27.30 18.14
CA ILE C 367 24.95 27.18 19.58
C ILE C 367 26.26 27.52 20.27
N ALA C 368 27.37 27.11 19.65
CA ALA C 368 28.70 27.39 20.18
C ALA C 368 28.99 28.88 20.18
N ILE C 369 28.44 29.58 19.18
CA ILE C 369 28.63 31.02 19.06
C ILE C 369 27.80 31.79 20.09
N LYS C 370 26.57 31.34 20.30
CA LYS C 370 25.71 31.93 21.32
C LYS C 370 26.34 31.79 22.69
N ASN C 371 26.94 30.63 22.94
CA ASN C 371 27.55 30.35 24.23
C ASN C 371 28.99 30.86 24.32
N CYS C 372 29.52 31.34 23.19
CA CYS C 372 30.91 31.77 23.15
C CYS C 372 31.78 30.64 23.67
N ASP C 373 31.50 29.43 23.20
CA ASP C 373 32.14 28.21 23.69
C ASP C 373 33.51 28.02 23.06
N PRO C 374 34.57 28.11 23.89
CA PRO C 374 35.96 27.96 23.47
C PRO C 374 36.38 26.50 23.25
N LYS C 375 35.55 25.56 23.69
CA LYS C 375 35.86 24.15 23.56
C LYS C 375 35.20 23.52 22.33
N ALA C 376 34.44 24.33 21.60
CA ALA C 376 33.70 23.86 20.43
C ALA C 376 34.55 23.89 19.17
N ASP C 377 33.97 23.47 18.05
CA ASP C 377 34.63 23.57 16.77
C ASP C 377 34.87 25.04 16.42
N LEU C 378 35.93 25.31 15.70
CA LEU C 378 36.32 26.68 15.39
C LEU C 378 35.28 27.42 14.56
N MET C 379 35.03 28.67 14.94
CA MET C 379 34.23 29.59 14.14
C MET C 379 34.91 30.95 14.17
N LEU C 380 35.77 31.18 13.18
CA LEU C 380 36.57 32.40 13.13
C LEU C 380 36.20 33.25 11.94
N TYR C 381 35.87 34.50 12.19
CA TYR C 381 35.45 35.41 11.13
C TYR C 381 36.58 36.35 10.71
N VAL C 382 37.04 36.20 9.47
CA VAL C 382 38.09 37.08 8.94
C VAL C 382 37.45 38.30 8.27
N SER C 383 37.62 39.46 8.90
CA SER C 383 36.98 40.68 8.41
C SER C 383 37.77 41.34 7.29
N LYS C 384 39.10 41.17 7.30
CA LYS C 384 39.95 41.77 6.28
C LYS C 384 41.38 41.24 6.32
N MET C 385 42.14 41.58 5.29
CA MET C 385 43.56 41.25 5.24
C MET C 385 44.39 42.51 5.43
N VAL C 386 45.39 42.44 6.29
CA VAL C 386 46.21 43.60 6.63
C VAL C 386 47.62 43.50 6.04
N PRO C 387 48.02 44.52 5.27
CA PRO C 387 49.35 44.62 4.69
C PRO C 387 50.42 44.68 5.77
N THR C 388 51.51 43.96 5.58
CA THR C 388 52.59 43.95 6.56
C THR C 388 53.93 44.23 5.88
N SER C 389 54.96 44.50 6.68
CA SER C 389 56.30 44.73 6.16
C SER C 389 57.00 43.41 5.89
N ASP C 390 56.31 42.31 6.19
CA ASP C 390 56.88 40.98 6.02
C ASP C 390 56.78 40.49 4.57
N LYS C 391 57.56 41.09 3.69
CA LYS C 391 57.65 40.65 2.31
C LYS C 391 56.30 40.62 1.60
N GLY C 392 55.56 41.73 1.70
CA GLY C 392 54.28 41.86 1.03
C GLY C 392 53.26 40.80 1.44
N ARG C 393 53.43 40.24 2.63
CA ARG C 393 52.51 39.22 3.13
C ARG C 393 51.39 39.87 3.93
N PHE C 394 50.19 39.33 3.81
CA PHE C 394 49.04 39.84 4.53
C PHE C 394 48.69 38.94 5.71
N TYR C 395 48.35 39.55 6.84
CA TYR C 395 47.85 38.81 7.99
C TYR C 395 46.34 38.91 8.05
N ALA C 396 45.68 37.79 8.29
CA ALA C 396 44.23 37.78 8.41
C ALA C 396 43.79 38.41 9.73
N PHE C 397 42.96 39.43 9.65
CA PHE C 397 42.42 40.06 10.86
C PHE C 397 40.96 39.68 11.03
N GLY C 398 40.62 39.20 12.21
CA GLY C 398 39.25 38.79 12.47
C GLY C 398 38.95 38.55 13.94
N ARG C 399 37.91 37.77 14.19
CA ARG C 399 37.45 37.53 15.55
C ARG C 399 37.04 36.07 15.74
N VAL C 400 37.48 35.48 16.84
CA VAL C 400 37.10 34.12 17.18
C VAL C 400 35.75 34.10 17.87
N PHE C 401 34.74 33.55 17.19
CA PHE C 401 33.40 33.48 17.74
C PHE C 401 33.14 32.18 18.50
N ALA C 402 33.77 31.10 18.05
CA ALA C 402 33.62 29.81 18.71
C ALA C 402 34.92 29.02 18.67
N GLY C 403 35.16 28.22 19.72
CA GLY C 403 36.35 27.40 19.80
C GLY C 403 37.60 28.21 20.06
N THR C 404 38.75 27.58 19.86
CA THR C 404 40.03 28.26 20.04
C THR C 404 40.92 28.01 18.83
N VAL C 405 41.73 29.01 18.48
CA VAL C 405 42.66 28.88 17.37
C VAL C 405 44.09 28.75 17.88
N LYS C 406 44.84 27.80 17.32
CA LYS C 406 46.19 27.52 17.77
C LYS C 406 47.20 27.61 16.63
N SER C 407 48.41 28.08 16.95
CA SER C 407 49.48 28.12 15.97
C SER C 407 49.83 26.70 15.51
N GLY C 408 49.88 26.51 14.19
CA GLY C 408 50.17 25.20 13.63
C GLY C 408 48.91 24.41 13.31
N GLN C 409 47.82 24.77 13.98
CA GLN C 409 46.54 24.10 13.78
C GLN C 409 46.13 24.11 12.31
N LYS C 410 45.47 23.04 11.88
CA LYS C 410 44.95 22.96 10.52
C LYS C 410 43.46 23.31 10.53
N VAL C 411 43.06 24.21 9.64
CA VAL C 411 41.69 24.70 9.63
C VAL C 411 41.04 24.64 8.25
N ARG C 412 39.72 24.82 8.22
CA ARG C 412 38.97 24.89 6.97
C ARG C 412 38.75 26.34 6.58
N ILE C 413 39.34 26.74 5.46
CA ILE C 413 39.21 28.12 4.97
C ILE C 413 38.07 28.21 3.96
N GLN C 414 36.93 28.74 4.41
CA GLN C 414 35.73 28.78 3.59
C GLN C 414 35.52 30.18 3.00
N GLY C 415 35.74 30.29 1.70
CA GLY C 415 35.59 31.56 1.00
C GLY C 415 34.16 32.02 0.90
N PRO C 416 33.94 33.19 0.30
CA PRO C 416 32.63 33.82 0.15
C PRO C 416 31.63 32.94 -0.60
N ASN C 417 32.14 32.01 -1.41
CA ASN C 417 31.29 31.17 -2.24
C ASN C 417 31.09 29.77 -1.66
N TYR C 418 31.70 29.51 -0.51
CA TYR C 418 31.63 28.19 0.09
C TYR C 418 30.23 27.78 0.51
N VAL C 419 29.95 26.49 0.41
CA VAL C 419 28.69 25.90 0.87
C VAL C 419 28.99 24.51 1.46
N PRO C 420 28.48 24.24 2.66
CA PRO C 420 28.72 23.00 3.40
C PRO C 420 28.60 21.74 2.54
N GLY C 421 27.78 21.80 1.50
CA GLY C 421 27.56 20.65 0.63
C GLY C 421 28.69 20.36 -0.32
N LYS C 422 29.20 21.40 -0.97
CA LYS C 422 30.23 21.25 -1.99
C LYS C 422 31.64 21.38 -1.42
N LYS C 423 32.60 21.52 -2.33
CA LYS C 423 34.00 21.74 -1.96
C LYS C 423 34.56 22.97 -2.66
N ASP C 424 33.66 23.73 -3.30
CA ASP C 424 34.06 24.94 -4.01
C ASP C 424 34.50 26.03 -3.04
N ASP C 425 35.63 26.67 -3.34
CA ASP C 425 36.15 27.75 -2.52
C ASP C 425 36.47 27.26 -1.11
N LEU C 426 37.02 26.06 -1.02
CA LEU C 426 37.38 25.47 0.26
C LEU C 426 38.85 25.08 0.29
N PHE C 427 39.55 25.50 1.34
CA PHE C 427 40.95 25.16 1.50
C PHE C 427 41.22 24.66 2.92
N ILE C 428 41.78 23.47 3.03
CA ILE C 428 42.16 22.93 4.33
C ILE C 428 43.65 23.14 4.55
N LYS C 429 44.00 24.28 5.14
CA LYS C 429 45.39 24.64 5.34
C LYS C 429 45.71 24.84 6.82
N ALA C 430 46.95 25.19 7.12
CA ALA C 430 47.39 25.32 8.50
C ALA C 430 47.68 26.77 8.86
N ILE C 431 47.28 27.15 10.07
CA ILE C 431 47.58 28.48 10.60
C ILE C 431 49.04 28.52 11.01
N GLN C 432 49.87 29.20 10.21
CA GLN C 432 51.31 29.22 10.46
C GLN C 432 51.65 29.92 11.78
N ARG C 433 50.80 30.84 12.20
CA ARG C 433 51.10 31.64 13.38
C ARG C 433 49.89 32.44 13.86
N VAL C 434 49.70 32.51 15.17
CA VAL C 434 48.66 33.33 15.76
C VAL C 434 49.30 34.52 16.46
N VAL C 435 48.92 35.72 16.06
CA VAL C 435 49.56 36.94 16.58
C VAL C 435 48.58 37.97 17.13
N LEU C 436 49.08 38.82 18.01
CA LEU C 436 48.30 39.91 18.58
C LEU C 436 48.47 41.17 17.72
N MET C 437 47.37 41.65 17.16
CA MET C 437 47.38 42.88 16.38
C MET C 437 47.39 44.09 17.31
N MET C 438 48.50 44.30 18.00
CA MET C 438 48.63 45.39 18.97
C MET C 438 48.95 46.72 18.29
N GLY C 439 47.95 47.32 17.66
CA GLY C 439 48.15 48.57 16.96
C GLY C 439 48.90 48.39 15.65
N ARG C 440 50.19 48.70 15.68
CA ARG C 440 51.00 48.66 14.45
C ARG C 440 52.05 47.56 14.53
N PHE C 441 52.02 46.78 15.61
CA PHE C 441 52.96 45.67 15.79
C PHE C 441 52.22 44.35 15.98
N VAL C 442 52.95 43.25 15.83
CA VAL C 442 52.38 41.93 16.03
C VAL C 442 53.11 41.21 17.16
N GLU C 443 52.42 40.26 17.81
CA GLU C 443 53.00 39.53 18.92
C GLU C 443 52.53 38.07 18.91
N PRO C 444 53.44 37.15 18.57
CA PRO C 444 53.14 35.72 18.46
C PRO C 444 52.63 35.12 19.78
N ILE C 445 51.51 34.40 19.70
CA ILE C 445 50.98 33.69 20.85
C ILE C 445 50.59 32.27 20.46
N ASP C 446 50.47 31.39 21.45
CA ASP C 446 50.18 29.99 21.19
C ASP C 446 48.76 29.78 20.67
N ASP C 447 47.78 30.21 21.44
CA ASP C 447 46.37 30.06 21.04
C ASP C 447 45.53 31.27 21.44
N CYS C 448 44.26 31.24 21.03
CA CYS C 448 43.35 32.35 21.30
C CYS C 448 41.91 31.84 21.38
N PRO C 449 41.31 31.92 22.59
CA PRO C 449 39.96 31.42 22.83
C PRO C 449 38.88 32.32 22.23
N ALA C 450 37.67 31.80 22.10
CA ALA C 450 36.55 32.54 21.51
C ALA C 450 36.24 33.83 22.27
N GLY C 451 35.81 34.84 21.54
CA GLY C 451 35.47 36.13 22.12
C GLY C 451 36.52 37.19 21.88
N ASN C 452 37.72 36.76 21.48
CA ASN C 452 38.84 37.67 21.29
C ASN C 452 39.05 38.11 19.84
N ILE C 453 39.72 39.24 19.67
CA ILE C 453 40.14 39.71 18.36
C ILE C 453 41.59 39.29 18.13
N ILE C 454 41.87 38.70 16.98
CA ILE C 454 43.18 38.11 16.74
C ILE C 454 43.64 38.26 15.30
N GLY C 455 44.93 38.04 15.06
CA GLY C 455 45.49 38.07 13.72
C GLY C 455 46.09 36.72 13.36
N LEU C 456 45.98 36.35 12.09
CA LEU C 456 46.45 35.06 11.64
C LEU C 456 47.48 35.19 10.53
N VAL C 457 48.51 34.36 10.58
CA VAL C 457 49.59 34.40 9.60
C VAL C 457 49.63 33.15 8.74
N GLY C 458 49.70 33.34 7.43
CA GLY C 458 49.89 32.22 6.51
C GLY C 458 48.65 31.69 5.82
N ILE C 459 47.67 32.56 5.60
CA ILE C 459 46.46 32.16 4.89
C ILE C 459 46.06 33.21 3.86
N ASP C 460 46.96 34.15 3.61
CA ASP C 460 46.73 35.22 2.66
C ASP C 460 46.60 34.72 1.22
N GLN C 461 47.20 33.57 0.92
CA GLN C 461 47.13 33.00 -0.42
C GLN C 461 45.89 32.14 -0.62
N PHE C 462 44.97 32.18 0.35
CA PHE C 462 43.76 31.39 0.28
C PHE C 462 42.52 32.27 0.45
N LEU C 463 42.66 33.32 1.25
CA LEU C 463 41.60 34.31 1.40
C LEU C 463 41.99 35.62 0.72
N LEU C 464 41.06 36.18 -0.04
CA LEU C 464 41.31 37.44 -0.73
C LEU C 464 41.11 38.62 0.21
N LYS C 465 39.97 38.65 0.89
CA LYS C 465 39.65 39.73 1.81
C LYS C 465 38.96 39.24 3.08
N THR C 466 37.84 38.55 2.90
CA THR C 466 37.04 38.10 4.03
C THR C 466 36.56 36.67 3.84
N GLY C 467 36.27 35.99 4.95
CA GLY C 467 35.80 34.62 4.90
C GLY C 467 35.65 34.01 6.28
N THR C 468 35.31 32.73 6.32
CA THR C 468 35.12 32.03 7.58
C THR C 468 36.14 30.91 7.75
N LEU C 469 36.60 30.72 8.98
CA LEU C 469 37.51 29.63 9.31
C LEU C 469 36.84 28.69 10.32
N THR C 470 36.72 27.42 9.95
CA THR C 470 36.06 26.42 10.80
C THR C 470 36.88 25.14 10.89
N THR C 471 36.42 24.22 11.73
CA THR C 471 37.02 22.90 11.84
C THR C 471 35.95 21.82 11.70
N SER C 472 34.70 22.25 11.63
CA SER C 472 33.58 21.34 11.43
C SER C 472 33.30 21.15 9.95
N GLU C 473 33.02 19.91 9.55
CA GLU C 473 32.77 19.59 8.15
C GLU C 473 31.36 20.02 7.75
N THR C 474 30.53 20.36 8.73
CA THR C 474 29.16 20.75 8.47
C THR C 474 28.88 22.19 8.89
N ALA C 475 29.95 22.97 9.04
CA ALA C 475 29.82 24.36 9.47
C ALA C 475 29.55 25.30 8.29
N HIS C 476 28.46 26.05 8.38
CA HIS C 476 28.12 27.05 7.37
C HIS C 476 29.01 28.28 7.51
N ASN C 477 29.00 29.12 6.48
CA ASN C 477 29.71 30.40 6.53
C ASN C 477 29.04 31.37 7.49
N MET C 478 29.79 32.37 7.93
CA MET C 478 29.21 33.45 8.71
C MET C 478 28.86 34.61 7.79
N LYS C 479 27.88 35.41 8.20
CA LYS C 479 27.39 36.52 7.39
C LYS C 479 28.51 37.17 6.59
N VAL C 480 28.56 36.86 5.29
CA VAL C 480 29.64 37.31 4.43
C VAL C 480 29.41 38.74 3.94
N MET C 481 30.51 39.45 3.67
CA MET C 481 30.43 40.79 3.10
C MET C 481 30.88 40.75 1.64
N LYS C 482 29.94 40.99 0.74
CA LYS C 482 30.22 40.98 -0.69
C LYS C 482 31.40 41.86 -1.04
N PHE C 483 32.07 41.53 -2.14
CA PHE C 483 33.11 42.38 -2.69
C PHE C 483 33.44 41.94 -4.11
N SER C 484 33.59 42.92 -5.00
CA SER C 484 33.90 42.62 -6.39
C SER C 484 35.41 42.66 -6.64
N VAL C 485 35.86 41.86 -7.59
CA VAL C 485 37.28 41.81 -7.95
C VAL C 485 37.44 42.23 -9.41
N SER C 486 36.32 42.48 -10.08
CA SER C 486 36.32 42.85 -11.48
C SER C 486 36.80 44.28 -11.68
N PRO C 487 37.90 44.45 -12.45
CA PRO C 487 38.47 45.76 -12.79
C PRO C 487 37.66 46.45 -13.88
N VAL C 488 36.63 47.19 -13.49
CA VAL C 488 35.71 47.81 -14.44
C VAL C 488 36.10 49.24 -14.82
N VAL C 489 37.01 49.84 -14.06
CA VAL C 489 37.47 51.19 -14.34
C VAL C 489 38.99 51.25 -14.37
N GLN C 490 39.54 52.15 -15.18
CA GLN C 490 40.98 52.29 -15.31
C GLN C 490 41.37 53.68 -15.79
N VAL C 491 42.58 54.09 -15.43
CA VAL C 491 43.13 55.36 -15.90
C VAL C 491 44.57 55.15 -16.36
N ALA C 492 44.90 55.72 -17.51
CA ALA C 492 46.27 55.63 -18.02
C ALA C 492 47.18 56.56 -17.22
N VAL C 493 48.22 55.98 -16.64
CA VAL C 493 49.17 56.76 -15.86
C VAL C 493 50.55 56.76 -16.52
N GLU C 494 50.75 57.70 -17.44
CA GLU C 494 52.03 57.84 -18.12
C GLU C 494 52.91 58.83 -17.38
N VAL C 495 54.21 58.83 -17.70
CA VAL C 495 55.16 59.69 -17.02
C VAL C 495 55.19 61.11 -17.59
N LYS C 496 55.61 62.05 -16.77
CA LYS C 496 55.79 63.44 -17.19
C LYS C 496 57.24 63.86 -16.95
N ASN C 497 57.81 63.35 -15.88
CA ASN C 497 59.19 63.63 -15.53
C ASN C 497 60.04 62.34 -15.50
N ALA C 498 60.81 62.14 -16.56
CA ALA C 498 61.65 60.94 -16.67
C ALA C 498 62.67 60.89 -15.54
N ASN C 499 62.78 61.98 -14.78
CA ASN C 499 63.70 62.05 -13.65
C ASN C 499 63.22 61.18 -12.49
N ASP C 500 61.92 61.16 -12.27
CA ASP C 500 61.34 60.34 -11.21
C ASP C 500 60.58 59.15 -11.79
N LEU C 501 60.85 58.87 -13.07
CA LEU C 501 60.21 57.75 -13.76
C LEU C 501 60.54 56.39 -13.16
N PRO C 502 61.84 56.14 -12.88
CA PRO C 502 62.24 54.86 -12.31
C PRO C 502 61.47 54.52 -11.03
N LYS C 503 60.94 55.53 -10.37
CA LYS C 503 60.16 55.33 -9.14
C LYS C 503 58.76 54.79 -9.46
N LEU C 504 58.24 55.18 -10.63
CA LEU C 504 56.90 54.78 -11.04
C LEU C 504 56.86 53.33 -11.51
N VAL C 505 57.68 53.00 -12.51
CA VAL C 505 57.71 51.65 -13.08
C VAL C 505 57.77 50.58 -12.00
N GLU C 506 58.66 50.77 -11.03
CA GLU C 506 58.79 49.83 -9.92
C GLU C 506 57.63 49.98 -8.95
N GLY C 507 57.19 51.21 -8.73
CA GLY C 507 56.10 51.49 -7.82
C GLY C 507 54.76 50.92 -8.26
N LEU C 508 54.57 50.83 -9.57
CA LEU C 508 53.34 50.27 -10.13
C LEU C 508 53.17 48.83 -9.70
N LYS C 509 54.25 48.06 -9.76
CA LYS C 509 54.23 46.66 -9.34
C LYS C 509 54.26 46.56 -7.82
N ARG C 510 54.52 47.68 -7.16
CA ARG C 510 54.45 47.74 -5.70
C ARG C 510 52.99 47.90 -5.26
N LEU C 511 52.26 48.72 -6.01
CA LEU C 511 50.85 48.95 -5.74
C LEU C 511 50.07 47.65 -5.85
N SER C 512 50.43 46.83 -6.83
CA SER C 512 49.79 45.53 -7.03
C SER C 512 50.03 44.63 -5.83
N LYS C 513 51.14 44.87 -5.13
CA LYS C 513 51.49 44.07 -3.95
C LYS C 513 50.71 44.51 -2.72
N SER C 514 50.39 45.79 -2.65
CA SER C 514 49.70 46.34 -1.49
C SER C 514 48.19 46.14 -1.58
N ASP C 515 47.70 45.77 -2.75
CA ASP C 515 46.28 45.56 -2.96
C ASP C 515 46.01 44.49 -4.01
N PRO C 516 45.37 43.38 -3.60
CA PRO C 516 45.05 42.25 -4.48
C PRO C 516 44.05 42.62 -5.57
N CYS C 517 43.31 43.70 -5.37
CA CYS C 517 42.27 44.10 -6.33
C CYS C 517 42.77 45.09 -7.37
N VAL C 518 43.76 45.90 -7.01
CA VAL C 518 44.34 46.84 -7.95
C VAL C 518 45.15 46.08 -8.99
N LEU C 519 45.06 46.50 -10.25
CA LEU C 519 45.71 45.78 -11.33
C LEU C 519 46.50 46.69 -12.27
N THR C 520 47.83 46.62 -12.17
CA THR C 520 48.69 47.36 -13.07
C THR C 520 49.20 46.43 -14.17
N TYR C 521 49.03 46.85 -15.42
CA TYR C 521 49.42 46.01 -16.55
C TYR C 521 49.96 46.84 -17.71
N MET C 522 50.29 46.15 -18.80
CA MET C 522 50.82 46.79 -20.00
C MET C 522 49.91 46.55 -21.19
N SER C 523 49.36 47.63 -21.74
CA SER C 523 48.56 47.53 -22.96
C SER C 523 49.50 47.32 -24.14
N GLU C 524 48.96 46.81 -25.24
CA GLU C 524 49.77 46.53 -26.41
C GLU C 524 50.31 47.80 -27.05
N SER C 525 49.83 48.94 -26.56
CA SER C 525 50.29 50.24 -27.04
C SER C 525 51.46 50.75 -26.20
N GLY C 526 51.99 49.89 -25.36
CA GLY C 526 53.14 50.23 -24.53
C GLY C 526 52.77 51.04 -23.31
N GLU C 527 51.48 51.23 -23.08
CA GLU C 527 51.00 52.00 -21.93
C GLU C 527 50.90 51.18 -20.66
N HIS C 528 51.05 51.83 -19.52
CA HIS C 528 50.87 51.19 -18.23
C HIS C 528 49.62 51.74 -17.54
N ILE C 529 48.61 50.89 -17.42
CA ILE C 529 47.33 51.31 -16.87
C ILE C 529 47.11 50.76 -15.47
N VAL C 530 46.25 51.43 -14.70
CA VAL C 530 45.87 50.95 -13.38
C VAL C 530 44.37 50.75 -13.30
N ALA C 531 43.94 49.50 -13.13
CA ALA C 531 42.52 49.18 -13.06
C ALA C 531 42.05 49.07 -11.62
N GLY C 532 40.80 49.48 -11.39
CA GLY C 532 40.24 49.46 -10.05
C GLY C 532 38.87 48.81 -9.98
N THR C 533 38.34 48.72 -8.76
CA THR C 533 37.04 48.12 -8.53
C THR C 533 35.91 49.09 -8.85
N GLY C 534 36.15 50.37 -8.62
CA GLY C 534 35.18 51.40 -8.89
C GLY C 534 35.80 52.78 -8.85
N GLU C 535 34.98 53.81 -9.00
CA GLU C 535 35.48 55.19 -8.99
C GLU C 535 36.29 55.49 -7.74
N LEU C 536 35.67 55.26 -6.58
CA LEU C 536 36.31 55.58 -5.30
C LEU C 536 37.58 54.78 -5.07
N HIS C 537 37.50 53.47 -5.30
CA HIS C 537 38.64 52.60 -5.13
C HIS C 537 39.81 53.02 -6.00
N LEU C 538 39.51 53.37 -7.25
CA LEU C 538 40.55 53.75 -8.20
C LEU C 538 41.26 55.03 -7.78
N GLU C 539 40.49 56.05 -7.42
CA GLU C 539 41.07 57.35 -7.08
C GLU C 539 41.84 57.34 -5.77
N ILE C 540 41.66 56.28 -4.98
CA ILE C 540 42.38 56.13 -3.73
C ILE C 540 43.67 55.35 -3.93
N CYS C 541 43.61 54.32 -4.76
CA CYS C 541 44.81 53.58 -5.14
C CYS C 541 45.66 54.49 -6.01
N LEU C 542 45.08 55.61 -6.40
CA LEU C 542 45.70 56.56 -7.30
C LEU C 542 46.51 57.58 -6.50
N GLN C 543 45.94 58.03 -5.39
CA GLN C 543 46.60 59.00 -4.52
C GLN C 543 47.89 58.42 -3.96
N ASP C 544 47.84 57.17 -3.53
CA ASP C 544 48.98 56.50 -2.93
C ASP C 544 50.07 56.21 -3.96
N LEU C 545 49.69 56.15 -5.23
CA LEU C 545 50.63 55.90 -6.31
C LEU C 545 51.53 57.12 -6.54
N GLU C 546 50.93 58.30 -6.51
CA GLU C 546 51.66 59.54 -6.74
C GLU C 546 52.26 60.09 -5.45
N HIS C 547 52.28 59.27 -4.41
CA HIS C 547 52.78 59.70 -3.11
C HIS C 547 53.69 58.66 -2.46
N ASP C 548 53.59 57.41 -2.93
CA ASP C 548 54.41 56.33 -2.41
C ASP C 548 55.31 55.75 -3.48
N HIS C 549 54.92 55.96 -4.73
CA HIS C 549 55.67 55.43 -5.87
C HIS C 549 56.07 56.54 -6.83
N ALA C 550 55.73 57.77 -6.47
CA ALA C 550 56.06 58.94 -7.26
C ALA C 550 56.05 60.20 -6.41
N GLY C 551 56.22 61.36 -7.04
CA GLY C 551 56.25 62.62 -6.33
C GLY C 551 55.05 63.50 -6.63
N VAL C 552 54.74 63.65 -7.91
CA VAL C 552 53.64 64.50 -8.35
C VAL C 552 52.77 63.77 -9.37
N PRO C 553 51.44 63.86 -9.21
CA PRO C 553 50.49 63.22 -10.12
C PRO C 553 50.88 63.38 -11.59
N LEU C 554 51.24 62.27 -12.23
CA LEU C 554 51.72 62.30 -13.60
C LEU C 554 50.59 62.41 -14.61
N LYS C 555 50.77 61.76 -15.75
CA LYS C 555 49.78 61.76 -16.82
C LYS C 555 48.57 60.91 -16.43
N ILE C 556 47.77 61.41 -15.50
CA ILE C 556 46.58 60.70 -15.04
C ILE C 556 45.36 61.06 -15.89
N SER C 557 45.05 60.20 -16.86
CA SER C 557 43.98 60.47 -17.80
C SER C 557 42.59 60.33 -17.14
N PRO C 558 41.54 60.78 -17.84
CA PRO C 558 40.17 60.60 -17.36
C PRO C 558 39.84 59.14 -17.16
N PRO C 559 38.88 58.84 -16.26
CA PRO C 559 38.45 57.47 -15.99
C PRO C 559 37.90 56.79 -17.23
N VAL C 560 38.24 55.51 -17.41
CA VAL C 560 37.75 54.74 -18.55
C VAL C 560 37.09 53.44 -18.08
N VAL C 561 35.92 53.15 -18.64
CA VAL C 561 35.19 51.94 -18.30
C VAL C 561 35.58 50.78 -19.21
N ALA C 562 35.79 49.61 -18.62
CA ALA C 562 36.12 48.41 -19.39
C ALA C 562 34.89 47.87 -20.10
N TYR C 563 35.08 47.42 -21.33
CA TYR C 563 33.98 46.83 -22.10
C TYR C 563 34.35 45.44 -22.60
N ARG C 564 33.37 44.74 -23.16
CA ARG C 564 33.59 43.41 -23.72
C ARG C 564 33.08 43.33 -25.14
N GLU C 565 33.74 42.54 -25.97
CA GLU C 565 33.31 42.36 -27.36
C GLU C 565 32.68 40.98 -27.53
N THR C 566 31.47 40.94 -28.08
CA THR C 566 30.74 39.69 -28.26
C THR C 566 30.01 39.65 -29.60
N VAL C 567 29.46 38.49 -29.92
CA VAL C 567 28.69 38.32 -31.15
C VAL C 567 27.24 37.99 -30.80
N GLU C 568 26.32 38.32 -31.72
CA GLU C 568 24.90 38.16 -31.45
C GLU C 568 24.31 36.98 -32.23
N SER C 569 25.06 36.48 -33.20
CA SER C 569 24.61 35.35 -34.01
C SER C 569 25.78 34.63 -34.67
N GLU C 570 25.47 33.73 -35.59
CA GLU C 570 26.49 32.97 -36.30
C GLU C 570 27.00 33.75 -37.51
N SER C 571 28.28 33.57 -37.82
CA SER C 571 28.88 34.23 -38.98
C SER C 571 28.01 34.06 -40.22
N SER C 572 27.71 35.18 -40.87
CA SER C 572 26.85 35.17 -42.05
C SER C 572 27.42 34.27 -43.14
N GLN C 573 28.74 34.12 -43.16
CA GLN C 573 29.40 33.19 -44.06
C GLN C 573 30.71 32.71 -43.45
N THR C 574 31.26 31.64 -44.01
CA THR C 574 32.49 31.04 -43.49
C THR C 574 33.66 32.02 -43.59
N ALA C 575 34.42 32.13 -42.52
CA ALA C 575 35.61 32.97 -42.51
C ALA C 575 36.82 32.15 -42.97
N LEU C 576 37.58 32.70 -43.90
CA LEU C 576 38.74 32.01 -44.44
C LEU C 576 39.97 32.90 -44.38
N SER C 577 41.06 32.35 -43.86
CA SER C 577 42.30 33.10 -43.74
C SER C 577 43.47 32.21 -44.13
N LYS C 578 44.43 32.80 -44.84
CA LYS C 578 45.58 32.04 -45.33
C LYS C 578 46.87 32.58 -44.70
N SER C 579 47.82 31.68 -44.43
CA SER C 579 49.10 32.08 -43.85
C SER C 579 49.93 32.87 -44.86
N PRO C 580 50.83 33.72 -44.37
CA PRO C 580 51.68 34.57 -45.21
C PRO C 580 52.45 33.79 -46.29
N ASN C 581 52.76 32.53 -46.03
CA ASN C 581 53.48 31.72 -47.02
C ASN C 581 52.52 31.07 -48.03
N LYS C 582 51.23 31.23 -47.80
CA LYS C 582 50.19 30.80 -48.73
C LYS C 582 49.97 29.29 -48.77
N HIS C 583 50.60 28.57 -47.85
CA HIS C 583 50.50 27.12 -47.83
C HIS C 583 49.46 26.58 -46.85
N ASN C 584 49.08 27.41 -45.88
CA ASN C 584 48.14 26.98 -44.85
C ASN C 584 46.85 27.79 -44.84
N ARG C 585 45.74 27.10 -44.60
CA ARG C 585 44.44 27.75 -44.55
C ARG C 585 43.61 27.31 -43.35
N ILE C 586 42.76 28.20 -42.87
CA ILE C 586 41.86 27.90 -41.77
C ILE C 586 40.47 28.44 -42.07
N TYR C 587 39.47 27.56 -41.99
CA TYR C 587 38.09 27.94 -42.16
C TYR C 587 37.38 27.85 -40.81
N LEU C 588 36.60 28.88 -40.47
CA LEU C 588 35.89 28.85 -39.21
C LEU C 588 34.66 29.73 -39.20
N LYS C 589 33.82 29.55 -38.17
CA LYS C 589 32.64 30.38 -37.96
C LYS C 589 32.52 30.71 -36.49
N ALA C 590 32.04 31.92 -36.20
CA ALA C 590 31.81 32.34 -34.83
C ALA C 590 30.33 32.29 -34.51
N GLU C 591 30.02 32.10 -33.23
CA GLU C 591 28.65 32.12 -32.75
C GLU C 591 28.62 32.39 -31.26
N PRO C 592 27.48 32.87 -30.75
CA PRO C 592 27.38 33.29 -29.36
C PRO C 592 27.38 32.11 -28.38
N ILE C 593 27.97 32.32 -27.21
CA ILE C 593 27.83 31.39 -26.11
C ILE C 593 26.77 31.95 -25.17
N ASP C 594 25.79 31.11 -24.80
CA ASP C 594 24.73 31.54 -23.90
C ASP C 594 25.29 32.08 -22.58
N GLU C 595 24.59 33.07 -22.02
CA GLU C 595 25.00 33.69 -20.77
C GLU C 595 25.26 32.70 -19.64
N GLU C 596 24.32 31.78 -19.46
CA GLU C 596 24.42 30.80 -18.39
C GLU C 596 25.69 29.95 -18.51
N VAL C 597 26.12 29.71 -19.74
CA VAL C 597 27.35 28.96 -19.98
C VAL C 597 28.59 29.81 -19.69
N SER C 598 28.54 31.06 -20.12
CA SER C 598 29.64 31.99 -19.84
C SER C 598 29.79 32.17 -18.34
N LEU C 599 28.66 32.31 -17.65
CA LEU C 599 28.65 32.43 -16.19
C LEU C 599 29.22 31.17 -15.56
N ALA C 600 28.81 30.01 -16.07
CA ALA C 600 29.26 28.73 -15.54
C ALA C 600 30.78 28.61 -15.63
N ILE C 601 31.32 29.11 -16.74
CA ILE C 601 32.77 29.13 -16.94
C ILE C 601 33.43 30.10 -15.95
N GLU C 602 32.78 31.24 -15.73
CA GLU C 602 33.31 32.25 -14.81
C GLU C 602 33.12 31.84 -13.36
N ASN C 603 32.19 30.92 -13.11
CA ASN C 603 31.90 30.48 -11.76
C ASN C 603 32.55 29.13 -11.41
N GLY C 604 33.36 28.63 -12.33
CA GLY C 604 34.11 27.41 -12.09
C GLY C 604 33.35 26.12 -12.31
N ILE C 605 32.09 26.24 -12.72
CA ILE C 605 31.28 25.06 -13.04
C ILE C 605 31.89 24.32 -14.21
N ILE C 606 32.28 25.07 -15.24
CA ILE C 606 32.93 24.52 -16.42
C ILE C 606 34.40 24.90 -16.41
N ASN C 607 35.24 23.98 -15.94
CA ASN C 607 36.67 24.24 -15.77
C ASN C 607 37.51 23.80 -16.96
N PRO C 608 38.53 24.59 -17.30
CA PRO C 608 39.48 24.31 -18.38
C PRO C 608 40.36 23.11 -18.07
N ARG C 609 40.72 22.93 -16.80
CA ARG C 609 41.59 21.81 -16.42
C ARG C 609 40.79 20.59 -15.96
N ASP C 610 39.47 20.68 -16.08
CA ASP C 610 38.59 19.57 -15.74
C ASP C 610 38.73 18.46 -16.78
N ASP C 611 38.39 17.23 -16.39
CA ASP C 611 38.37 16.12 -17.33
C ASP C 611 37.37 16.45 -18.43
N PHE C 612 37.83 16.44 -19.68
CA PHE C 612 37.01 16.85 -20.80
C PHE C 612 35.73 16.03 -20.94
N LYS C 613 35.79 14.75 -20.60
CA LYS C 613 34.61 13.89 -20.67
C LYS C 613 33.60 14.22 -19.59
N ALA C 614 34.10 14.55 -18.39
CA ALA C 614 33.23 14.91 -17.28
C ALA C 614 32.62 16.29 -17.49
N ARG C 615 33.43 17.20 -18.02
CA ARG C 615 32.98 18.55 -18.32
C ARG C 615 31.93 18.53 -19.44
N ALA C 616 32.18 17.71 -20.45
CA ALA C 616 31.24 17.59 -21.56
C ALA C 616 29.89 17.06 -21.08
N ARG C 617 29.94 16.13 -20.14
CA ARG C 617 28.73 15.58 -19.54
C ARG C 617 27.89 16.71 -18.95
N ILE C 618 28.56 17.61 -18.24
CA ILE C 618 27.90 18.77 -17.62
C ILE C 618 27.31 19.73 -18.65
N MET C 619 28.10 20.04 -19.69
CA MET C 619 27.68 21.01 -20.69
C MET C 619 26.49 20.51 -21.51
N ALA C 620 26.41 19.20 -21.68
CA ALA C 620 25.32 18.59 -22.44
C ALA C 620 24.06 18.44 -21.59
N ASP C 621 24.23 17.99 -20.35
CA ASP C 621 23.10 17.73 -19.47
C ASP C 621 22.45 19.00 -18.92
N ASP C 622 23.27 20.00 -18.62
CA ASP C 622 22.79 21.20 -17.94
C ASP C 622 22.64 22.42 -18.85
N TYR C 623 23.37 22.44 -19.97
CA TYR C 623 23.40 23.63 -20.81
C TYR C 623 23.06 23.39 -22.29
N GLY C 624 22.42 22.25 -22.57
CA GLY C 624 21.93 21.96 -23.89
C GLY C 624 22.99 21.97 -24.99
N TRP C 625 24.19 21.51 -24.65
CA TRP C 625 25.26 21.39 -25.63
C TRP C 625 25.25 20.03 -26.29
N ASP C 626 25.65 19.97 -27.55
CA ASP C 626 25.91 18.69 -28.19
C ASP C 626 27.17 18.09 -27.57
N VAL C 627 27.02 16.93 -26.95
CA VAL C 627 28.13 16.29 -26.24
C VAL C 627 29.32 16.04 -27.16
N THR C 628 29.06 15.87 -28.45
CA THR C 628 30.13 15.72 -29.44
C THR C 628 30.94 17.01 -29.58
N ASP C 629 30.24 18.15 -29.52
CA ASP C 629 30.90 19.44 -29.58
C ASP C 629 31.71 19.71 -28.31
N ALA C 630 31.04 19.60 -27.15
CA ALA C 630 31.67 19.86 -25.86
C ALA C 630 32.90 18.98 -25.66
N ARG C 631 32.86 17.79 -26.23
CA ARG C 631 33.94 16.83 -26.11
C ARG C 631 35.17 17.28 -26.90
N LYS C 632 34.96 18.22 -27.82
CA LYS C 632 36.03 18.67 -28.71
C LYS C 632 36.43 20.12 -28.48
N ILE C 633 36.39 20.55 -27.22
CA ILE C 633 36.87 21.87 -26.83
C ILE C 633 38.40 21.88 -26.88
N TRP C 634 38.96 22.88 -27.55
CA TRP C 634 40.42 22.96 -27.68
C TRP C 634 41.03 23.86 -26.61
N CYS C 635 40.32 24.91 -26.24
CA CYS C 635 40.81 25.83 -25.22
C CYS C 635 39.78 26.88 -24.81
N PHE C 636 40.08 27.57 -23.72
CA PHE C 636 39.30 28.71 -23.26
C PHE C 636 40.14 29.95 -23.49
N GLY C 637 39.51 31.13 -23.41
CA GLY C 637 40.23 32.38 -23.59
C GLY C 637 39.45 33.60 -23.14
N PRO C 638 40.15 34.66 -22.73
CA PRO C 638 41.62 34.71 -22.74
C PRO C 638 42.23 34.03 -21.52
N ASP C 639 43.56 34.08 -21.42
CA ASP C 639 44.27 33.57 -20.26
C ASP C 639 44.03 32.08 -20.01
N GLY C 640 43.47 31.40 -21.02
CA GLY C 640 43.27 29.96 -20.95
C GLY C 640 42.11 29.54 -20.08
N ASN C 641 41.29 30.49 -19.66
CA ASN C 641 40.16 30.18 -18.77
C ASN C 641 39.00 31.15 -18.88
N GLY C 642 39.03 32.01 -19.89
CA GLY C 642 37.96 32.97 -20.10
C GLY C 642 36.72 32.34 -20.68
N PRO C 643 35.61 33.10 -20.73
CA PRO C 643 34.33 32.64 -21.26
C PRO C 643 34.29 32.68 -22.79
N ASN C 644 35.32 32.12 -23.42
CA ASN C 644 35.38 31.99 -24.87
C ASN C 644 35.97 30.63 -25.26
N LEU C 645 35.39 30.00 -26.27
CA LEU C 645 35.73 28.62 -26.61
C LEU C 645 36.16 28.42 -28.04
N VAL C 646 37.08 27.48 -28.24
CA VAL C 646 37.43 27.00 -29.57
C VAL C 646 36.99 25.54 -29.70
N ILE C 647 36.12 25.26 -30.65
CA ILE C 647 35.65 23.89 -30.88
C ILE C 647 36.21 23.32 -32.18
N ASP C 648 36.75 22.10 -32.11
CA ASP C 648 37.29 21.43 -33.28
C ASP C 648 36.19 20.70 -34.03
N GLN C 649 35.83 21.20 -35.20
CA GLN C 649 34.78 20.59 -36.02
C GLN C 649 35.30 20.12 -37.38
N THR C 650 36.60 19.91 -37.48
CA THR C 650 37.20 19.49 -38.74
C THR C 650 37.04 17.99 -38.96
N LYS C 651 37.09 17.57 -40.23
CA LYS C 651 36.96 16.16 -40.58
C LYS C 651 38.24 15.65 -41.22
N ALA C 652 38.85 14.65 -40.60
CA ALA C 652 40.02 13.98 -41.17
C ALA C 652 41.06 14.97 -41.70
N VAL C 653 41.68 15.73 -40.80
CA VAL C 653 42.75 16.65 -41.18
C VAL C 653 44.09 16.17 -40.64
N GLN C 654 44.96 15.70 -41.52
CA GLN C 654 46.26 15.18 -41.13
C GLN C 654 47.15 16.29 -40.55
N TYR C 655 47.91 15.94 -39.52
CA TYR C 655 48.84 16.88 -38.88
C TYR C 655 48.13 17.91 -38.01
N LEU C 656 46.81 17.82 -37.92
CA LEU C 656 46.03 18.81 -37.21
C LEU C 656 46.54 19.04 -35.78
N HIS C 657 46.82 17.95 -35.08
CA HIS C 657 47.28 18.03 -33.70
C HIS C 657 48.60 18.78 -33.58
N GLU C 658 49.31 18.93 -34.68
CA GLU C 658 50.63 19.55 -34.68
C GLU C 658 50.55 21.08 -34.71
N ILE C 659 49.39 21.61 -35.06
CA ILE C 659 49.19 23.05 -35.07
C ILE C 659 48.26 23.49 -33.94
N LYS C 660 47.98 22.57 -33.02
CA LYS C 660 47.06 22.85 -31.92
C LYS C 660 47.57 23.97 -31.01
N ASP C 661 48.84 23.86 -30.63
CA ASP C 661 49.45 24.85 -29.73
C ASP C 661 49.44 26.25 -30.35
N SER C 662 49.62 26.32 -31.65
CA SER C 662 49.59 27.60 -32.36
C SER C 662 48.18 28.17 -32.40
N VAL C 663 47.21 27.33 -32.76
CA VAL C 663 45.81 27.74 -32.79
C VAL C 663 45.36 28.26 -31.44
N VAL C 664 45.69 27.53 -30.38
CA VAL C 664 45.34 27.93 -29.03
C VAL C 664 45.99 29.25 -28.63
N ALA C 665 47.27 29.40 -29.00
CA ALA C 665 48.00 30.62 -28.70
C ALA C 665 47.40 31.82 -29.42
N ALA C 666 46.89 31.60 -30.62
CA ALA C 666 46.26 32.65 -31.40
C ALA C 666 44.94 33.08 -30.77
N PHE C 667 44.21 32.11 -30.24
CA PHE C 667 42.92 32.36 -29.61
C PHE C 667 43.07 33.20 -28.36
N GLN C 668 44.07 32.87 -27.55
CA GLN C 668 44.35 33.62 -26.34
C GLN C 668 44.58 35.09 -26.69
N TRP C 669 45.25 35.30 -27.81
CA TRP C 669 45.60 36.64 -28.27
C TRP C 669 44.38 37.36 -28.85
N ALA C 670 43.61 36.66 -29.68
CA ALA C 670 42.42 37.22 -30.30
C ALA C 670 41.36 37.62 -29.27
N THR C 671 41.09 36.73 -28.32
CA THR C 671 40.06 36.98 -27.31
C THR C 671 40.51 38.03 -26.30
N LYS C 672 41.83 38.19 -26.16
CA LYS C 672 42.38 39.19 -25.25
C LYS C 672 42.13 40.61 -25.74
N GLU C 673 42.13 40.78 -27.07
CA GLU C 673 41.94 42.09 -27.68
C GLU C 673 41.18 41.95 -29.00
N GLY C 674 39.91 42.31 -28.98
CA GLY C 674 39.04 42.14 -30.13
C GLY C 674 39.26 43.13 -31.26
N PRO C 675 38.67 42.85 -32.42
CA PRO C 675 38.80 43.64 -33.65
C PRO C 675 38.01 44.95 -33.62
N ILE C 676 37.09 45.09 -32.67
CA ILE C 676 36.27 46.30 -32.61
C ILE C 676 37.03 47.50 -32.07
N PHE C 677 37.66 47.35 -30.91
CA PHE C 677 38.46 48.44 -30.35
C PHE C 677 39.43 47.98 -29.25
N GLY C 678 39.89 46.74 -29.34
CA GLY C 678 40.94 46.25 -28.48
C GLY C 678 40.49 45.65 -27.15
N GLU C 679 39.21 45.76 -26.84
CA GLU C 679 38.68 45.17 -25.61
C GLU C 679 38.56 43.66 -25.75
N GLU C 680 38.64 42.95 -24.63
CA GLU C 680 38.65 41.50 -24.68
C GLU C 680 37.27 40.91 -24.90
N MET C 681 37.23 39.73 -25.51
CA MET C 681 35.98 39.09 -25.91
C MET C 681 35.26 38.43 -24.76
N ARG C 682 33.97 38.21 -24.94
CA ARG C 682 33.17 37.45 -23.98
C ARG C 682 32.04 36.71 -24.68
N SER C 683 31.79 35.48 -24.25
CA SER C 683 30.69 34.68 -24.79
C SER C 683 30.86 34.43 -26.29
N VAL C 684 32.09 34.24 -26.73
CA VAL C 684 32.35 33.99 -28.14
C VAL C 684 32.83 32.56 -28.37
N ARG C 685 32.10 31.84 -29.21
CA ARG C 685 32.47 30.47 -29.57
C ARG C 685 32.96 30.43 -31.01
N VAL C 686 34.14 29.83 -31.20
CA VAL C 686 34.70 29.68 -32.54
C VAL C 686 34.72 28.21 -32.96
N ASN C 687 34.09 27.93 -34.10
CA ASN C 687 34.09 26.58 -34.65
C ASN C 687 35.04 26.47 -35.82
N ILE C 688 36.12 25.72 -35.65
CA ILE C 688 37.04 25.44 -36.75
C ILE C 688 36.42 24.38 -37.65
N LEU C 689 35.97 24.81 -38.83
CA LEU C 689 35.26 23.93 -39.75
C LEU C 689 36.18 23.10 -40.62
N ASP C 690 37.34 23.66 -40.97
CA ASP C 690 38.26 22.99 -41.88
C ASP C 690 39.65 23.60 -41.82
N VAL C 691 40.65 22.79 -42.15
CA VAL C 691 42.04 23.25 -42.16
C VAL C 691 42.86 22.53 -43.23
N THR C 692 43.63 23.28 -44.00
CA THR C 692 44.58 22.70 -44.95
C THR C 692 45.99 23.03 -44.50
N LEU C 693 46.87 22.02 -44.50
CA LEU C 693 48.23 22.21 -44.00
C LEU C 693 49.29 21.75 -44.99
N HIS C 694 50.43 22.44 -44.97
CA HIS C 694 51.58 22.01 -45.75
C HIS C 694 52.13 20.73 -45.14
N ALA C 695 52.57 19.81 -45.99
CA ALA C 695 53.08 18.52 -45.53
C ALA C 695 54.25 18.68 -44.55
N ASP C 696 55.14 19.62 -44.85
CA ASP C 696 56.33 19.83 -44.03
C ASP C 696 56.07 20.76 -42.84
N ALA C 697 56.62 20.40 -41.69
CA ALA C 697 56.36 21.14 -40.46
C ALA C 697 57.02 22.52 -40.41
N ILE C 698 58.10 22.69 -41.15
CA ILE C 698 58.84 23.96 -41.12
C ILE C 698 58.10 25.11 -41.80
N DDE C 699 57.01 24.78 -42.47
CA DDE C 699 56.21 25.77 -43.20
C DDE C 699 54.84 25.90 -42.52
O DDE C 699 53.90 26.47 -43.10
CB DDE C 699 56.00 25.34 -44.64
CG DDE C 699 57.30 25.28 -45.45
ND1 DDE C 699 58.03 26.34 -45.76
CD2 DDE C 699 57.90 24.20 -45.96
CE1 DDE C 699 59.09 25.93 -46.46
NE2 DDE C 699 59.01 24.62 -46.59
NAD DDE C 699 64.12 29.47 -45.59
CBI DDE C 699 62.91 28.98 -45.34
OAG DDE C 699 62.43 28.90 -44.21
CBW DDE C 699 62.13 28.45 -46.56
NCB DDE C 699 61.60 29.62 -47.31
CAB DDE C 699 60.70 29.28 -48.42
CAC DDE C 699 60.94 30.56 -46.39
CAA DDE C 699 62.73 30.29 -47.95
CAU DDE C 699 61.03 27.53 -45.97
CAT DDE C 699 60.19 26.83 -47.03
N ARG C 700 54.73 25.36 -41.31
CA ARG C 700 53.49 25.51 -40.56
C ARG C 700 53.79 25.67 -39.08
N GLY C 701 54.82 26.44 -38.77
CA GLY C 701 55.17 26.77 -37.40
C GLY C 701 54.29 27.89 -36.87
N GLY C 702 54.61 28.36 -35.67
CA GLY C 702 53.84 29.41 -35.02
C GLY C 702 53.72 30.68 -35.86
N GLY C 703 54.80 31.02 -36.55
CA GLY C 703 54.83 32.23 -37.35
C GLY C 703 53.82 32.22 -38.49
N GLN C 704 53.45 31.02 -38.94
CA GLN C 704 52.52 30.89 -40.06
C GLN C 704 51.08 30.67 -39.59
N ILE C 705 50.91 29.85 -38.57
CA ILE C 705 49.57 29.45 -38.13
C ILE C 705 48.92 30.49 -37.21
N ILE C 706 49.67 30.99 -36.24
CA ILE C 706 49.15 31.95 -35.25
C ILE C 706 48.47 33.17 -35.89
N PRO C 707 49.14 33.85 -36.82
CA PRO C 707 48.50 34.99 -37.48
C PRO C 707 47.28 34.57 -38.28
N THR C 708 47.32 33.38 -38.88
CA THR C 708 46.23 32.86 -39.68
C THR C 708 44.97 32.65 -38.85
N MET C 709 45.12 31.96 -37.73
CA MET C 709 44.01 31.70 -36.81
C MET C 709 43.47 33.01 -36.24
N ARG C 710 44.38 33.93 -35.94
CA ARG C 710 44.02 35.20 -35.32
C ARG C 710 43.21 36.06 -36.28
N ARG C 711 43.62 36.09 -37.55
CA ARG C 711 42.91 36.86 -38.56
C ARG C 711 41.58 36.20 -38.94
N ALA C 712 41.58 34.87 -38.97
CA ALA C 712 40.36 34.13 -39.29
C ALA C 712 39.31 34.34 -38.20
N THR C 713 39.75 34.32 -36.94
CA THR C 713 38.86 34.59 -35.82
C THR C 713 38.28 35.99 -35.92
N TYR C 714 39.13 36.95 -36.30
CA TYR C 714 38.69 38.33 -36.48
C TYR C 714 37.58 38.41 -37.53
N ALA C 715 37.83 37.79 -38.69
CA ALA C 715 36.86 37.77 -39.77
C ALA C 715 35.54 37.14 -39.34
N GLY C 716 35.63 35.98 -38.71
CA GLY C 716 34.45 35.27 -38.24
C GLY C 716 33.68 36.11 -37.24
N PHE C 717 34.40 36.81 -36.38
CA PHE C 717 33.80 37.67 -35.38
C PHE C 717 33.01 38.81 -36.04
N LEU C 718 33.62 39.46 -37.02
CA LEU C 718 33.00 40.61 -37.68
C LEU C 718 31.86 40.20 -38.59
N LEU C 719 31.80 38.92 -38.93
CA LEU C 719 30.73 38.38 -39.76
C LEU C 719 29.57 37.86 -38.91
N ALA C 720 29.74 37.89 -37.59
CA ALA C 720 28.78 37.28 -36.67
C ALA C 720 27.95 38.30 -35.89
N ASP C 721 27.69 39.46 -36.50
CA ASP C 721 26.84 40.47 -35.88
C ASP C 721 27.39 40.89 -34.51
N PRO C 722 28.51 41.64 -34.51
CA PRO C 722 29.23 42.01 -33.28
C PRO C 722 28.52 43.08 -32.46
N LYS C 723 28.71 43.01 -31.14
CA LYS C 723 28.32 44.09 -30.24
C LYS C 723 29.23 44.17 -29.03
N ILE C 724 28.99 45.15 -28.17
CA ILE C 724 29.80 45.34 -26.98
C ILE C 724 28.97 45.18 -25.71
N GLN C 725 29.63 44.82 -24.62
CA GLN C 725 28.98 44.64 -23.34
C GLN C 725 29.52 45.65 -22.32
N GLU C 726 28.63 46.21 -21.53
CA GLU C 726 29.01 47.15 -20.49
C GLU C 726 28.90 46.50 -19.12
N PRO C 727 29.76 46.91 -18.17
CA PRO C 727 29.73 46.41 -16.80
C PRO C 727 28.55 47.00 -16.03
N VAL C 728 27.96 46.21 -15.15
CA VAL C 728 26.81 46.67 -14.36
C VAL C 728 27.01 46.40 -12.88
N PHE C 729 26.83 47.43 -12.06
CA PHE C 729 26.93 47.28 -10.62
C PHE C 729 25.62 46.77 -10.03
N LEU C 730 25.73 46.07 -8.91
CA LEU C 730 24.57 45.77 -8.07
C LEU C 730 24.69 46.62 -6.82
N VAL C 731 23.78 47.56 -6.65
CA VAL C 731 23.84 48.49 -5.53
C VAL C 731 22.82 48.16 -4.45
N GLU C 732 23.31 47.98 -3.23
CA GLU C 732 22.47 47.72 -2.08
C GLU C 732 22.44 48.95 -1.18
N ILE C 733 21.26 49.53 -0.97
CA ILE C 733 21.14 50.78 -0.24
C ILE C 733 20.18 50.69 0.94
N GLN C 734 20.67 51.01 2.13
CA GLN C 734 19.81 51.18 3.29
C GLN C 734 19.31 52.62 3.32
N CYS C 735 18.02 52.80 3.58
CA CYS C 735 17.44 54.13 3.58
C CYS C 735 16.06 54.15 4.23
N PRO C 736 15.82 55.16 5.09
CA PRO C 736 14.53 55.36 5.76
C PRO C 736 13.40 55.52 4.75
N GLU C 737 12.21 55.01 5.09
CA GLU C 737 11.06 55.06 4.19
C GLU C 737 10.79 56.48 3.70
N GLN C 738 11.13 57.47 4.51
CA GLN C 738 10.89 58.87 4.18
C GLN C 738 11.82 59.37 3.08
N ALA C 739 12.99 58.76 2.96
CA ALA C 739 13.99 59.21 2.00
C ALA C 739 14.15 58.24 0.83
N VAL C 740 13.35 57.18 0.82
CA VAL C 740 13.44 56.16 -0.22
C VAL C 740 13.13 56.72 -1.60
N GLY C 741 12.19 57.66 -1.66
CA GLY C 741 11.79 58.26 -2.92
C GLY C 741 12.93 58.93 -3.66
N GLY C 742 13.87 59.48 -2.90
CA GLY C 742 15.02 60.14 -3.48
C GLY C 742 15.97 59.19 -4.19
N ILE C 743 16.02 57.95 -3.72
CA ILE C 743 16.85 56.93 -4.36
C ILE C 743 16.40 56.70 -5.80
N TYR C 744 15.10 56.47 -5.98
CA TYR C 744 14.54 56.27 -7.32
C TYR C 744 14.79 57.49 -8.19
N SER C 745 14.83 58.66 -7.56
CA SER C 745 15.09 59.91 -8.27
C SER C 745 16.43 59.89 -8.99
N VAL C 746 17.42 59.23 -8.38
CA VAL C 746 18.77 59.18 -8.93
C VAL C 746 18.94 58.05 -9.93
N LEU C 747 18.32 56.90 -9.65
CA LEU C 747 18.43 55.73 -10.51
C LEU C 747 17.79 55.97 -11.88
N ASN C 748 16.73 56.77 -11.92
CA ASN C 748 16.00 57.01 -13.16
C ASN C 748 16.71 57.98 -14.10
N LYS C 749 17.77 58.61 -13.62
CA LYS C 749 18.59 59.47 -14.45
C LYS C 749 19.99 58.88 -14.66
N LYS C 750 20.18 57.65 -14.19
CA LYS C 750 21.44 56.94 -14.34
C LYS C 750 21.24 55.60 -15.06
N ARG C 751 20.08 55.42 -15.68
CA ARG C 751 19.76 54.18 -16.38
C ARG C 751 19.71 53.00 -15.42
N GLY C 752 19.31 53.28 -14.17
CA GLY C 752 19.23 52.26 -13.15
C GLY C 752 17.97 51.44 -13.21
N GLN C 753 18.01 50.24 -12.62
CA GLN C 753 16.90 49.31 -12.66
C GLN C 753 16.74 48.59 -11.32
N VAL C 754 15.64 48.89 -10.62
CA VAL C 754 15.40 48.31 -9.31
C VAL C 754 15.15 46.80 -9.38
N VAL C 755 15.83 46.07 -8.50
CA VAL C 755 15.72 44.63 -8.44
C VAL C 755 14.75 44.19 -7.34
N SER C 756 14.79 44.90 -6.22
CA SER C 756 13.94 44.57 -5.07
C SER C 756 13.85 45.71 -4.06
N GLU C 757 12.81 45.67 -3.23
CA GLU C 757 12.62 46.66 -2.19
C GLU C 757 12.02 46.01 -0.95
N GLU C 758 12.88 45.48 -0.09
CA GLU C 758 12.43 44.86 1.15
C GLU C 758 12.49 45.82 2.32
N GLN C 759 11.96 45.38 3.46
CA GLN C 759 11.87 46.24 4.64
C GLN C 759 12.46 45.53 5.86
N ARG C 760 12.20 46.10 7.02
CA ARG C 760 12.64 45.53 8.29
C ARG C 760 11.43 45.34 9.19
N PRO C 761 11.37 44.19 9.90
CA PRO C 761 10.21 43.80 10.72
C PRO C 761 9.51 44.97 11.41
N GLY C 762 10.24 45.74 12.21
CA GLY C 762 9.63 46.81 12.97
C GLY C 762 10.02 48.21 12.51
N THR C 763 11.31 48.40 12.27
CA THR C 763 11.84 49.70 11.86
C THR C 763 11.29 50.13 10.51
N PRO C 764 11.31 51.45 10.25
CA PRO C 764 10.88 52.00 8.96
C PRO C 764 12.04 52.09 7.99
N LEU C 765 13.00 51.18 8.12
CA LEU C 765 14.18 51.18 7.27
C LEU C 765 13.98 50.28 6.05
N PHE C 766 14.26 50.81 4.88
CA PHE C 766 14.12 50.05 3.63
C PHE C 766 15.48 49.72 3.02
N THR C 767 15.57 48.56 2.40
CA THR C 767 16.78 48.14 1.69
C THR C 767 16.48 48.03 0.19
N VAL C 768 17.02 48.96 -0.58
CA VAL C 768 16.80 49.00 -2.02
C VAL C 768 17.98 48.41 -2.79
N LYS C 769 17.69 47.39 -3.60
CA LYS C 769 18.71 46.81 -4.48
C LYS C 769 18.38 47.13 -5.92
N ALA C 770 19.40 47.52 -6.69
CA ALA C 770 19.20 47.90 -8.08
C ALA C 770 20.45 47.70 -8.91
N TYR C 771 20.28 47.65 -10.24
CA TYR C 771 21.40 47.57 -11.15
C TYR C 771 21.80 48.98 -11.59
N LEU C 772 23.10 49.24 -11.60
CA LEU C 772 23.62 50.55 -12.00
C LEU C 772 24.81 50.40 -12.94
N PRO C 773 24.65 50.85 -14.20
CA PRO C 773 25.73 50.81 -15.18
C PRO C 773 26.98 51.51 -14.64
N VAL C 774 28.13 50.88 -14.80
CA VAL C 774 29.38 51.41 -14.26
C VAL C 774 29.75 52.77 -14.85
N ASN C 775 29.39 52.99 -16.11
CA ASN C 775 29.66 54.26 -16.78
C ASN C 775 28.66 55.35 -16.38
N GLU C 776 27.80 55.02 -15.42
CA GLU C 776 26.83 55.97 -14.88
C GLU C 776 27.02 56.14 -13.39
N SER C 777 28.04 55.48 -12.84
CA SER C 777 28.26 55.46 -11.41
C SER C 777 29.21 56.56 -10.93
N PHE C 778 29.70 57.38 -11.86
CA PHE C 778 30.61 58.46 -11.50
C PHE C 778 29.86 59.62 -10.83
N GLY C 779 30.24 59.91 -9.59
CA GLY C 779 29.58 60.96 -8.82
C GLY C 779 28.24 60.51 -8.29
N PHE C 780 28.01 59.19 -8.30
CA PHE C 780 26.74 58.64 -7.85
C PHE C 780 26.54 58.84 -6.35
N THR C 781 27.58 58.54 -5.57
CA THR C 781 27.54 58.70 -4.13
C THR C 781 27.17 60.14 -3.73
N GLY C 782 27.81 61.11 -4.37
CA GLY C 782 27.55 62.51 -4.07
C GLY C 782 26.13 62.90 -4.44
N GLU C 783 25.66 62.40 -5.57
CA GLU C 783 24.33 62.72 -6.07
C GLU C 783 23.25 62.01 -5.25
N LEU C 784 23.63 60.89 -4.63
CA LEU C 784 22.69 60.09 -3.85
C LEU C 784 22.36 60.72 -2.51
N ARG C 785 23.33 61.42 -1.92
CA ARG C 785 23.13 62.04 -0.61
C ARG C 785 22.39 63.37 -0.71
N GLN C 786 22.24 63.89 -1.92
CA GLN C 786 21.43 65.08 -2.15
C GLN C 786 19.95 64.72 -2.23
N ALA C 787 19.66 63.60 -2.87
CA ALA C 787 18.28 63.16 -3.04
C ALA C 787 17.73 62.54 -1.77
N THR C 788 18.62 62.13 -0.86
CA THR C 788 18.21 61.50 0.39
C THR C 788 18.67 62.28 1.61
N GLY C 789 19.27 63.45 1.37
CA GLY C 789 19.75 64.29 2.45
C GLY C 789 20.91 63.69 3.20
N GLY C 790 21.43 62.56 2.69
CA GLY C 790 22.55 61.90 3.31
C GLY C 790 22.12 60.77 4.23
N GLN C 791 20.88 60.33 4.09
CA GLN C 791 20.33 59.27 4.92
C GLN C 791 20.52 57.90 4.28
N ALA C 792 20.82 57.90 2.98
CA ALA C 792 21.03 56.65 2.24
C ALA C 792 22.43 56.10 2.49
N PHE C 793 22.53 54.78 2.57
CA PHE C 793 23.82 54.13 2.78
C PHE C 793 24.12 53.18 1.61
N PRO C 794 24.87 53.68 0.62
CA PRO C 794 25.17 52.98 -0.63
C PRO C 794 26.17 51.83 -0.46
N GLN C 795 26.12 50.86 -1.36
CA GLN C 795 27.01 49.71 -1.31
C GLN C 795 26.88 48.89 -2.58
N MET C 796 27.90 48.93 -3.43
CA MET C 796 27.80 48.30 -4.74
C MET C 796 29.02 47.47 -5.12
N VAL C 797 28.77 46.34 -5.78
CA VAL C 797 29.82 45.50 -6.33
C VAL C 797 29.48 45.14 -7.77
N PHE C 798 30.48 44.73 -8.54
CA PHE C 798 30.27 44.32 -9.91
C PHE C 798 29.35 43.10 -9.96
N ASP C 799 28.34 43.15 -10.83
CA ASP C 799 27.37 42.06 -10.93
C ASP C 799 27.45 41.30 -12.25
N HIS C 800 27.07 41.94 -13.35
CA HIS C 800 26.99 41.27 -14.64
C HIS C 800 27.45 42.15 -15.81
N TRP C 801 27.51 41.54 -16.99
CA TRP C 801 27.79 42.27 -18.23
C TRP C 801 26.50 42.39 -19.04
N SER C 802 26.21 43.60 -19.50
CA SER C 802 24.99 43.85 -20.25
C SER C 802 25.30 44.22 -21.70
N THR C 803 24.68 43.51 -22.63
CA THR C 803 24.91 43.73 -24.06
C THR C 803 24.12 44.94 -24.57
N LEU C 804 24.82 45.87 -25.21
CA LEU C 804 24.18 47.02 -25.84
C LEU C 804 23.55 46.63 -27.17
N GLY C 805 22.31 47.08 -27.39
CA GLY C 805 21.59 46.75 -28.60
C GLY C 805 22.07 47.50 -29.83
N SER C 806 22.60 48.70 -29.61
CA SER C 806 23.06 49.55 -30.71
C SER C 806 24.23 48.94 -31.47
N ASP C 807 24.37 49.33 -32.74
CA ASP C 807 25.43 48.81 -33.61
C ASP C 807 26.76 49.51 -33.36
N PRO C 808 27.74 48.76 -32.82
CA PRO C 808 29.07 49.28 -32.52
C PRO C 808 29.80 49.79 -33.76
N LEU C 809 29.43 49.26 -34.92
CA LEU C 809 30.04 49.68 -36.19
C LEU C 809 29.45 50.98 -36.70
N ASP C 810 28.33 51.39 -36.10
CA ASP C 810 27.70 52.66 -36.44
C ASP C 810 28.12 53.74 -35.44
N PRO C 811 29.04 54.62 -35.85
CA PRO C 811 29.63 55.65 -34.99
C PRO C 811 28.58 56.54 -34.33
N THR C 812 27.40 56.66 -34.94
CA THR C 812 26.36 57.55 -34.44
C THR C 812 25.56 56.93 -33.30
N SER C 813 25.50 55.60 -33.28
CA SER C 813 24.77 54.89 -32.24
C SER C 813 25.50 54.97 -30.90
N LYS C 814 24.78 54.67 -29.83
CA LYS C 814 25.35 54.76 -28.48
C LYS C 814 26.54 53.82 -28.28
N ALA C 815 26.53 52.69 -28.99
CA ALA C 815 27.62 51.74 -28.91
C ALA C 815 28.81 52.19 -29.77
N GLY C 816 28.53 52.56 -31.01
CA GLY C 816 29.56 53.03 -31.92
C GLY C 816 30.18 54.32 -31.44
N GLU C 817 29.46 55.03 -30.59
CA GLU C 817 29.94 56.27 -30.01
C GLU C 817 31.11 55.98 -29.07
N ILE C 818 30.92 54.97 -28.22
CA ILE C 818 31.96 54.54 -27.28
C ILE C 818 33.14 53.96 -28.03
N VAL C 819 32.85 53.17 -29.06
CA VAL C 819 33.88 52.57 -29.91
C VAL C 819 34.71 53.65 -30.60
N LEU C 820 34.04 54.67 -31.12
CA LEU C 820 34.71 55.76 -31.81
C LEU C 820 35.64 56.53 -30.87
N ALA C 821 35.12 56.88 -29.70
CA ALA C 821 35.87 57.66 -28.73
C ALA C 821 37.10 56.90 -28.23
N ALA C 822 36.98 55.57 -28.18
CA ALA C 822 38.06 54.73 -27.70
C ALA C 822 39.14 54.55 -28.77
N ARG C 823 38.72 54.34 -30.01
CA ARG C 823 39.66 54.17 -31.11
C ARG C 823 40.45 55.44 -31.34
N LYS C 824 39.79 56.58 -31.24
CA LYS C 824 40.46 57.87 -31.35
C LYS C 824 41.46 58.03 -30.22
N ARG C 825 41.05 57.63 -29.02
CA ARG C 825 41.89 57.72 -27.83
C ARG C 825 43.20 56.92 -27.96
N HIS C 826 43.11 55.74 -28.56
CA HIS C 826 44.27 54.87 -28.70
C HIS C 826 45.09 55.18 -29.96
N GLY C 827 44.65 56.19 -30.71
CA GLY C 827 45.35 56.59 -31.93
C GLY C 827 45.14 55.62 -33.07
N MET C 828 44.10 54.80 -32.98
CA MET C 828 43.75 53.88 -34.04
C MET C 828 43.02 54.62 -35.15
N LYS C 829 42.76 53.93 -36.25
CA LYS C 829 41.96 54.50 -37.33
C LYS C 829 40.49 54.51 -36.91
N GLU C 830 39.86 55.66 -36.99
CA GLU C 830 38.49 55.84 -36.50
C GLU C 830 37.54 54.75 -36.96
N GLU C 831 37.62 54.41 -38.26
CA GLU C 831 36.74 53.39 -38.84
C GLU C 831 37.16 51.97 -38.47
N VAL C 832 36.21 51.18 -37.99
CA VAL C 832 36.46 49.78 -37.66
C VAL C 832 36.66 48.97 -38.93
N PRO C 833 37.82 48.31 -39.05
CA PRO C 833 38.16 47.50 -40.22
C PRO C 833 37.08 46.46 -40.52
N GLY C 834 36.67 46.36 -41.78
CA GLY C 834 35.69 45.36 -42.16
C GLY C 834 36.28 43.97 -42.12
N TRP C 835 35.43 42.96 -42.25
CA TRP C 835 35.90 41.58 -42.21
C TRP C 835 36.81 41.26 -43.40
N GLN C 836 36.62 41.98 -44.50
CA GLN C 836 37.42 41.75 -45.70
C GLN C 836 38.91 41.96 -45.48
N GLU C 837 39.26 42.79 -44.49
CA GLU C 837 40.65 43.05 -44.15
C GLU C 837 41.34 41.80 -43.61
N TYR C 838 40.61 41.02 -42.83
CA TYR C 838 41.16 39.83 -42.18
C TYR C 838 40.89 38.56 -42.98
N TYR C 839 39.93 38.65 -43.89
CA TYR C 839 39.59 37.55 -44.78
C TYR C 839 40.71 37.41 -45.81
N ASP C 840 40.90 36.20 -46.32
CA ASP C 840 41.89 35.95 -47.35
C ASP C 840 41.72 36.96 -48.48
N LYS C 841 42.81 37.58 -48.89
CA LYS C 841 42.74 38.61 -49.93
C LYS C 841 42.70 37.99 -51.31
N LEU C 842 41.52 38.02 -51.93
CA LEU C 842 41.32 37.40 -53.23
C LEU C 842 39.90 37.65 -53.75
N ALA D 1 76.56 58.34 -43.59
CA ALA D 1 75.17 58.08 -43.24
C ALA D 1 74.23 58.36 -44.41
N PHE D 2 73.25 57.49 -44.60
CA PHE D 2 72.35 57.58 -45.74
C PHE D 2 70.89 57.73 -45.29
N LEU D 3 70.70 58.08 -44.03
CA LEU D 3 69.36 58.17 -43.45
C LEU D 3 68.75 59.57 -43.54
N GLY D 4 69.58 60.55 -43.86
CA GLY D 4 69.10 61.92 -43.99
C GLY D 4 69.08 62.66 -42.67
N ASP D 5 68.35 63.77 -42.63
CA ASP D 5 68.29 64.61 -41.44
C ASP D 5 67.06 64.30 -40.58
N GLY D 6 67.25 64.36 -39.27
CA GLY D 6 66.16 64.11 -38.35
C GLY D 6 66.64 63.48 -37.05
N GLY D 7 65.72 62.85 -36.33
CA GLY D 7 66.06 62.20 -35.08
C GLY D 7 66.58 60.79 -35.32
N ASP D 8 66.94 60.12 -34.23
CA ASP D 8 67.44 58.76 -34.30
C ASP D 8 66.37 57.80 -34.85
N VAL D 9 66.74 57.04 -35.87
CA VAL D 9 65.82 56.08 -36.47
C VAL D 9 65.87 54.76 -35.71
N SER D 10 64.71 54.18 -35.46
CA SER D 10 64.62 52.91 -34.77
C SER D 10 63.38 52.16 -35.23
N PHE D 11 63.35 50.85 -34.97
CA PHE D 11 62.24 50.03 -35.41
C PHE D 11 61.38 49.57 -34.23
N SER D 12 60.06 49.67 -34.41
CA SER D 12 59.12 49.33 -33.36
C SER D 12 57.83 48.78 -33.96
N THR D 13 57.10 48.00 -33.17
CA THR D 13 55.82 47.48 -33.60
C THR D 13 54.84 48.63 -33.84
N ARG D 14 55.08 49.74 -33.15
CA ARG D 14 54.27 50.95 -33.34
C ARG D 14 54.60 51.60 -34.69
N GLY D 15 55.70 51.19 -35.29
CA GLY D 15 56.13 51.74 -36.57
C GLY D 15 57.55 52.26 -36.51
N THR D 16 58.12 52.56 -37.67
CA THR D 16 59.48 53.09 -37.73
C THR D 16 59.54 54.51 -37.20
N GLN D 17 60.35 54.71 -36.17
CA GLN D 17 60.43 56.00 -35.49
C GLN D 17 61.32 57.00 -36.22
N ASN D 18 60.88 58.26 -36.24
CA ASN D 18 61.64 59.33 -36.89
C ASN D 18 61.93 59.06 -38.36
N TRP D 19 60.92 58.58 -39.08
CA TRP D 19 61.08 58.29 -40.49
C TRP D 19 59.84 58.67 -41.29
N THR D 20 59.74 59.94 -41.63
CA THR D 20 58.64 60.44 -42.44
C THR D 20 58.88 60.14 -43.91
N VAL D 21 57.87 60.41 -44.73
CA VAL D 21 58.02 60.26 -46.17
C VAL D 21 58.98 61.32 -46.70
N GLU D 22 58.89 62.52 -46.13
CA GLU D 22 59.73 63.62 -46.53
C GLU D 22 61.20 63.27 -46.31
N ARG D 23 61.50 62.64 -45.19
CA ARG D 23 62.87 62.23 -44.89
C ARG D 23 63.34 61.12 -45.84
N LEU D 24 62.42 60.25 -46.24
CA LEU D 24 62.74 59.19 -47.18
C LEU D 24 63.11 59.77 -48.54
N LEU D 25 62.36 60.78 -48.97
CA LEU D 25 62.63 61.43 -50.25
C LEU D 25 63.99 62.10 -50.26
N GLN D 26 64.38 62.65 -49.11
CA GLN D 26 65.71 63.27 -48.98
C GLN D 26 66.80 62.20 -49.04
N ALA D 27 66.60 61.12 -48.28
CA ALA D 27 67.59 60.04 -48.21
C ALA D 27 67.75 59.37 -49.57
N HIS D 28 66.64 59.22 -50.29
CA HIS D 28 66.67 58.59 -51.61
C HIS D 28 67.43 59.46 -52.61
N ARG D 29 67.09 60.75 -52.65
CA ARG D 29 67.75 61.68 -53.56
C ARG D 29 69.25 61.71 -53.31
N GLN D 30 69.65 61.76 -52.04
CA GLN D 30 71.07 61.84 -51.70
C GLN D 30 71.81 60.55 -52.03
N LEU D 31 71.06 59.46 -52.19
CA LEU D 31 71.65 58.19 -52.60
C LEU D 31 71.92 58.15 -54.10
N GLU D 32 70.97 58.69 -54.87
CA GLU D 32 71.14 58.83 -56.32
C GLU D 32 72.30 59.76 -56.63
N GLU D 33 72.38 60.85 -55.86
CA GLU D 33 73.44 61.84 -56.04
C GLU D 33 74.81 61.25 -55.77
N ARG D 34 74.84 60.07 -55.17
CA ARG D 34 76.10 59.39 -54.87
C ARG D 34 76.30 58.14 -55.73
N GLY D 35 75.48 58.01 -56.77
CA GLY D 35 75.62 56.91 -57.70
C GLY D 35 75.03 55.59 -57.24
N TYR D 36 74.06 55.65 -56.34
CA TYR D 36 73.35 54.45 -55.90
C TYR D 36 72.01 54.31 -56.60
N VAL D 37 71.51 53.08 -56.69
CA VAL D 37 70.25 52.81 -57.35
C VAL D 37 69.38 51.87 -56.54
N PHE D 38 68.08 52.16 -56.51
CA PHE D 38 67.10 51.32 -55.82
C PHE D 38 66.82 50.04 -56.60
N VAL D 39 66.88 48.90 -55.92
CA VAL D 39 66.66 47.61 -56.59
C VAL D 39 65.56 46.76 -55.97
N GLY D 40 64.96 47.21 -54.88
CA GLY D 40 63.86 46.48 -54.29
C GLY D 40 63.69 46.56 -52.78
N TYR D 41 62.74 45.76 -52.28
CA TYR D 41 62.38 45.75 -50.86
C TYR D 41 62.80 44.46 -50.16
N HIS D 42 63.05 44.56 -48.87
CA HIS D 42 63.35 43.39 -48.05
C HIS D 42 62.52 43.44 -46.77
N GLY D 43 61.61 42.47 -46.62
CA GLY D 43 60.79 42.38 -45.43
C GLY D 43 61.42 41.46 -44.40
N THR D 44 61.50 41.92 -43.15
CA THR D 44 62.08 41.13 -42.08
C THR D 44 61.54 41.54 -40.72
N PHE D 45 62.01 40.89 -39.66
CA PHE D 45 61.60 41.23 -38.30
C PHE D 45 62.40 42.40 -37.73
N LEU D 46 61.89 42.98 -36.65
CA LEU D 46 62.45 44.22 -36.11
C LEU D 46 63.96 44.20 -35.88
N GLU D 47 64.45 43.26 -35.08
CA GLU D 47 65.87 43.20 -34.76
C GLU D 47 66.73 43.06 -36.01
N ALA D 48 66.22 42.33 -37.00
CA ALA D 48 66.93 42.15 -38.26
C ALA D 48 67.06 43.48 -39.01
N ALA D 49 65.97 44.23 -39.05
CA ALA D 49 65.98 45.55 -39.67
C ALA D 49 67.03 46.44 -39.01
N GLN D 50 67.05 46.43 -37.69
CA GLN D 50 68.04 47.17 -36.92
C GLN D 50 69.46 46.76 -37.34
N SER D 51 69.67 45.45 -37.44
CA SER D 51 70.97 44.92 -37.80
C SER D 51 71.38 45.32 -39.21
N ILE D 52 70.45 45.21 -40.14
CA ILE D 52 70.71 45.47 -41.54
C ILE D 52 70.98 46.96 -41.82
N VAL D 53 70.17 47.83 -41.25
CA VAL D 53 70.26 49.25 -41.54
C VAL D 53 71.44 49.94 -40.83
N PHE D 54 71.84 49.43 -39.67
CA PHE D 54 72.90 50.07 -38.90
C PHE D 54 74.22 49.29 -38.87
N GLY D 55 74.16 48.01 -39.26
CA GLY D 55 75.37 47.20 -39.34
C GLY D 55 75.71 46.83 -40.77
N GLY D 56 74.71 46.86 -41.63
CA GLY D 56 74.89 46.48 -43.02
C GLY D 56 74.52 45.03 -43.26
N VAL D 57 74.18 44.70 -44.51
CA VAL D 57 73.86 43.33 -44.88
C VAL D 57 75.09 42.44 -44.76
N ARG D 58 74.98 41.38 -43.98
CA ARG D 58 76.09 40.45 -43.79
C ARG D 58 75.70 39.00 -44.06
N ALA D 59 76.56 38.28 -44.77
CA ALA D 59 76.28 36.91 -45.17
C ALA D 59 76.08 35.98 -43.99
N ARG D 60 75.15 35.04 -44.13
CA ARG D 60 74.81 34.10 -43.08
C ARG D 60 74.39 32.77 -43.69
N SER D 61 74.10 31.80 -42.82
CA SER D 61 73.59 30.51 -43.25
C SER D 61 72.11 30.62 -43.56
N GLN D 62 71.64 29.77 -44.47
CA GLN D 62 70.22 29.74 -44.82
C GLN D 62 69.83 28.39 -45.42
N ASP D 63 68.70 27.86 -44.97
CA ASP D 63 68.28 26.52 -45.39
C ASP D 63 67.77 26.48 -46.84
N LEU D 64 68.69 26.18 -47.75
CA LEU D 64 68.37 26.02 -49.16
C LEU D 64 69.60 25.46 -49.87
N ASP D 65 69.45 25.10 -51.14
CA ASP D 65 70.58 24.59 -51.91
C ASP D 65 71.66 25.66 -51.96
N ALA D 66 72.84 25.32 -51.48
CA ALA D 66 73.95 26.26 -51.34
C ALA D 66 74.17 27.14 -52.56
N ILE D 67 73.82 26.62 -53.74
CA ILE D 67 74.05 27.33 -54.99
C ILE D 67 73.14 28.54 -55.17
N TRP D 68 72.10 28.64 -54.35
CA TRP D 68 71.13 29.73 -54.48
C TRP D 68 71.23 30.71 -53.32
N ARG D 69 72.30 30.61 -52.54
CA ARG D 69 72.45 31.47 -51.37
C ARG D 69 72.71 32.93 -51.77
N GLY D 70 72.22 33.84 -50.95
CA GLY D 70 72.36 35.26 -51.21
C GLY D 70 71.28 36.06 -50.51
N PHE D 71 71.24 37.35 -50.79
CA PHE D 71 70.27 38.21 -50.16
C PHE D 71 69.03 38.34 -51.05
N TYR D 72 67.87 38.10 -50.47
CA TYR D 72 66.63 38.07 -51.24
C TYR D 72 65.82 39.34 -51.05
N ILE D 73 65.46 39.95 -52.18
CA ILE D 73 64.64 41.16 -52.17
C ILE D 73 63.55 41.03 -53.22
N ALA D 74 62.64 42.01 -53.26
CA ALA D 74 61.57 41.98 -54.24
C ALA D 74 61.22 43.39 -54.71
N GLY D 75 61.13 43.57 -56.02
CA GLY D 75 60.77 44.85 -56.59
C GLY D 75 59.42 45.32 -56.09
N ASP D 76 58.51 44.37 -55.87
CA ASP D 76 57.18 44.69 -55.36
C ASP D 76 57.13 44.51 -53.84
N PRO D 77 56.81 45.59 -53.12
CA PRO D 77 56.75 45.59 -51.66
C PRO D 77 55.73 44.58 -51.13
N ALA D 78 54.73 44.26 -51.95
CA ALA D 78 53.72 43.27 -51.57
C ALA D 78 54.35 41.93 -51.21
N LEU D 79 55.35 41.53 -51.97
CA LEU D 79 56.02 40.25 -51.73
C LEU D 79 56.86 40.29 -50.45
N ALA D 80 57.69 41.31 -50.31
CA ALA D 80 58.55 41.44 -49.15
C ALA D 80 57.72 41.62 -47.88
N TYR D 81 56.56 42.25 -48.04
CA TYR D 81 55.66 42.52 -46.92
C TYR D 81 55.36 41.27 -46.12
N GLY D 82 55.11 40.16 -46.81
CA GLY D 82 54.79 38.90 -46.17
C GLY D 82 55.87 38.34 -45.28
N TYR D 83 57.10 38.83 -45.44
CA TYR D 83 58.22 38.37 -44.64
C TYR D 83 58.56 39.38 -43.53
N ALA D 84 57.86 40.49 -43.53
CA ALA D 84 58.11 41.54 -42.53
C ALA D 84 57.38 41.23 -41.23
N GLN D 85 57.86 40.21 -40.52
CA GLN D 85 57.24 39.77 -39.27
C GLN D 85 58.12 38.74 -38.55
N ASP D 86 57.79 38.47 -37.30
CA ASP D 86 58.43 37.40 -36.55
C ASP D 86 58.07 36.05 -37.15
N GLN D 87 59.00 35.10 -37.09
CA GLN D 87 58.74 33.74 -37.53
C GLN D 87 58.53 32.84 -36.33
N GLU D 88 58.81 33.39 -35.14
CA GLU D 88 58.62 32.66 -33.89
C GLU D 88 57.88 33.51 -32.86
N PRO D 89 56.93 32.90 -32.16
CA PRO D 89 56.10 33.57 -31.15
C PRO D 89 56.91 34.13 -29.98
N ASP D 90 56.32 35.09 -29.27
CA ASP D 90 56.92 35.61 -28.04
C ASP D 90 56.95 34.53 -26.97
N ALA D 91 57.17 34.94 -25.72
CA ALA D 91 56.93 34.07 -24.59
C ALA D 91 55.44 34.10 -24.32
N ARG D 92 54.79 35.13 -24.84
CA ARG D 92 53.35 35.31 -24.71
C ARG D 92 52.63 34.67 -25.89
N GLY D 93 53.41 34.03 -26.76
CA GLY D 93 52.87 33.33 -27.90
C GLY D 93 52.28 34.25 -28.97
N ARG D 94 52.81 35.46 -29.08
CA ARG D 94 52.33 36.40 -30.09
C ARG D 94 53.38 36.62 -31.18
N ILE D 95 52.91 37.04 -32.35
CA ILE D 95 53.80 37.31 -33.47
C ILE D 95 53.86 38.81 -33.75
N ARG D 96 55.04 39.39 -33.60
CA ARG D 96 55.22 40.82 -33.86
C ARG D 96 55.32 41.13 -35.35
N ASN D 97 54.76 42.27 -35.74
CA ASN D 97 54.93 42.78 -37.09
C ASN D 97 56.37 43.24 -37.30
N GLY D 98 56.84 43.21 -38.53
CA GLY D 98 58.20 43.58 -38.84
C GLY D 98 58.32 44.92 -39.54
N ALA D 99 59.27 45.03 -40.46
CA ALA D 99 59.49 46.27 -41.18
C ALA D 99 59.95 46.04 -42.61
N LEU D 100 59.49 46.89 -43.52
CA LEU D 100 59.93 46.88 -44.90
C LEU D 100 61.18 47.72 -45.08
N LEU D 101 62.18 47.18 -45.76
CA LEU D 101 63.42 47.89 -46.01
C LEU D 101 63.61 48.17 -47.49
N ARG D 102 64.17 49.33 -47.80
CA ARG D 102 64.52 49.67 -49.18
C ARG D 102 66.00 49.34 -49.43
N VAL D 103 66.27 48.64 -50.52
CA VAL D 103 67.62 48.17 -50.82
C VAL D 103 68.25 48.92 -52.00
N TYR D 104 69.45 49.44 -51.78
CA TYR D 104 70.18 50.20 -52.79
C TYR D 104 71.53 49.56 -53.08
N VAL D 105 71.93 49.57 -54.35
CA VAL D 105 73.26 49.12 -54.74
C VAL D 105 73.98 50.20 -55.53
N PRO D 106 75.32 50.15 -55.56
CA PRO D 106 76.08 51.06 -56.42
C PRO D 106 75.71 50.81 -57.88
N ARG D 107 75.50 51.87 -58.66
CA ARG D 107 75.17 51.73 -60.08
C ARG D 107 76.24 50.94 -60.82
N SER D 108 77.47 50.95 -60.31
CA SER D 108 78.56 50.22 -60.93
C SER D 108 78.29 48.72 -60.96
N SER D 109 77.32 48.27 -60.17
CA SER D 109 77.01 46.85 -60.07
C SER D 109 75.92 46.42 -61.04
N LEU D 110 75.23 47.39 -61.63
CA LEU D 110 74.13 47.12 -62.56
C LEU D 110 74.46 46.16 -63.70
N PRO D 111 75.67 46.29 -64.29
CA PRO D 111 76.04 45.37 -65.37
C PRO D 111 75.94 43.90 -64.97
N GLY D 112 75.92 43.63 -63.66
CA GLY D 112 75.82 42.27 -63.16
C GLY D 112 74.41 41.81 -62.83
N PHE D 113 73.42 42.64 -63.17
CA PHE D 113 72.03 42.30 -62.91
C PHE D 113 71.36 41.64 -64.13
N TYR D 114 70.73 40.50 -63.90
CA TYR D 114 70.08 39.75 -64.97
C TYR D 114 68.67 39.34 -64.59
N ARG D 115 67.89 38.94 -65.59
CA ARG D 115 66.51 38.53 -65.37
C ARG D 115 66.16 37.32 -66.22
N THR D 116 65.19 36.54 -65.77
CA THR D 116 64.74 35.36 -66.51
C THR D 116 63.27 35.06 -66.20
N SER D 117 62.64 34.31 -67.08
CA SER D 117 61.24 33.94 -66.91
C SER D 117 61.09 32.65 -66.10
N LEU D 118 62.20 31.94 -65.95
CA LEU D 118 62.21 30.67 -65.22
C LEU D 118 62.07 30.90 -63.71
N THR D 119 61.46 29.94 -63.03
CA THR D 119 61.31 30.01 -61.58
C THR D 119 62.63 29.74 -60.87
N LEU D 120 63.03 30.66 -59.99
CA LEU D 120 64.34 30.57 -59.32
C LEU D 120 64.38 29.50 -58.24
N ALA D 121 65.57 29.28 -57.69
CA ALA D 121 65.79 28.33 -56.60
C ALA D 121 65.35 26.91 -56.95
N ALA D 122 65.41 26.58 -58.24
CA ALA D 122 65.08 25.24 -58.71
C ALA D 122 66.20 24.70 -59.60
N PRO D 123 66.44 23.39 -59.55
CA PRO D 123 67.48 22.75 -60.36
C PRO D 123 67.31 23.01 -61.84
N GLU D 124 66.06 23.17 -62.29
CA GLU D 124 65.76 23.36 -63.70
C GLU D 124 66.10 24.77 -64.17
N ALA D 125 66.53 25.62 -63.25
CA ALA D 125 66.85 27.01 -63.56
C ALA D 125 68.33 27.31 -63.36
N ALA D 126 69.02 26.42 -62.64
CA ALA D 126 70.43 26.61 -62.33
C ALA D 126 71.26 26.84 -63.59
N GLY D 127 71.02 26.04 -64.62
CA GLY D 127 71.78 26.12 -65.85
C GLY D 127 71.62 27.44 -66.57
N GLU D 128 70.37 27.90 -66.69
CA GLU D 128 70.07 29.14 -67.40
C GLU D 128 70.67 30.35 -66.68
N VAL D 129 70.60 30.36 -65.36
CA VAL D 129 71.17 31.44 -64.57
C VAL D 129 72.69 31.50 -64.75
N GLU D 130 73.32 30.33 -64.70
CA GLU D 130 74.78 30.25 -64.87
C GLU D 130 75.21 30.75 -66.25
N ARG D 131 74.33 30.59 -67.23
CA ARG D 131 74.61 31.07 -68.58
C ARG D 131 74.58 32.60 -68.63
N LEU D 132 73.59 33.18 -67.96
CA LEU D 132 73.42 34.63 -67.94
C LEU D 132 74.58 35.32 -67.21
N ILE D 133 74.89 34.85 -66.00
CA ILE D 133 75.93 35.48 -65.19
C ILE D 133 77.34 35.13 -65.67
N GLY D 134 77.44 34.11 -66.53
CA GLY D 134 78.70 33.77 -67.14
C GLY D 134 79.63 32.94 -66.27
N HIS D 135 79.07 32.30 -65.24
CA HIS D 135 79.85 31.44 -64.37
C HIS D 135 78.93 30.58 -63.49
N PRO D 136 79.46 29.47 -62.96
CA PRO D 136 78.68 28.57 -62.11
C PRO D 136 78.16 29.26 -60.85
N LEU D 137 77.01 28.82 -60.36
CA LEU D 137 76.48 29.32 -59.09
C LEU D 137 77.44 28.95 -57.97
N PRO D 138 77.33 29.62 -56.81
CA PRO D 138 76.32 30.63 -56.50
C PRO D 138 76.64 32.01 -57.09
N LEU D 139 75.67 32.91 -57.01
CA LEU D 139 75.88 34.29 -57.44
C LEU D 139 76.97 34.94 -56.60
N ARG D 140 77.78 35.78 -57.25
CA ARG D 140 78.83 36.50 -56.55
C ARG D 140 78.59 38.01 -56.65
N LEU D 141 79.35 38.68 -57.49
CA LEU D 141 79.15 40.10 -57.74
C LEU D 141 78.13 40.29 -58.84
N ASP D 142 77.00 39.62 -58.70
CA ASP D 142 75.93 39.67 -59.69
C ASP D 142 74.59 39.30 -59.05
N ALA D 143 73.51 39.57 -59.77
CA ALA D 143 72.17 39.35 -59.26
C ALA D 143 71.27 38.70 -60.31
N ILE D 144 70.21 38.06 -59.86
CA ILE D 144 69.26 37.43 -60.76
C ILE D 144 67.82 37.70 -60.31
N THR D 145 66.97 38.07 -61.26
CA THR D 145 65.57 38.33 -60.99
C THR D 145 64.69 37.37 -61.78
N GLY D 146 63.74 36.75 -61.10
CA GLY D 146 62.82 35.82 -61.72
C GLY D 146 61.68 35.50 -60.77
N PRO D 147 60.64 34.81 -61.28
CA PRO D 147 59.49 34.44 -60.45
C PRO D 147 59.90 33.59 -59.25
N GLU D 148 59.47 34.00 -58.06
CA GLU D 148 59.70 33.22 -56.85
C GLU D 148 59.01 31.88 -56.98
N GLU D 149 57.91 31.88 -57.74
CA GLU D 149 57.18 30.67 -58.10
C GLU D 149 56.43 30.99 -59.38
N GLU D 150 56.25 29.99 -60.24
CA GLU D 150 55.58 30.23 -61.51
C GLU D 150 54.23 30.90 -61.30
N GLY D 151 54.00 32.00 -62.00
CA GLY D 151 52.77 32.76 -61.87
C GLY D 151 52.78 33.72 -60.69
N GLY D 152 53.86 33.68 -59.91
CA GLY D 152 53.97 34.51 -58.72
C GLY D 152 54.81 35.76 -58.91
N HIS D 153 55.00 36.49 -57.81
CA HIS D 153 55.79 37.72 -57.83
C HIS D 153 57.24 37.47 -58.22
N LEU D 154 57.90 38.52 -58.70
CA LEU D 154 59.33 38.45 -59.01
C LEU D 154 60.16 38.62 -57.74
N GLU D 155 61.25 37.89 -57.64
CA GLU D 155 62.20 38.07 -56.56
C GLU D 155 63.60 38.26 -57.12
N THR D 156 64.42 39.01 -56.41
CA THR D 156 65.79 39.24 -56.83
C THR D 156 66.75 38.64 -55.81
N ILE D 157 67.75 37.93 -56.30
CA ILE D 157 68.78 37.36 -55.43
C ILE D 157 70.10 38.09 -55.66
N LEU D 158 70.56 38.79 -54.64
CA LEU D 158 71.87 39.44 -54.71
C LEU D 158 72.93 38.49 -54.16
N GLY D 159 73.93 38.19 -54.98
CA GLY D 159 75.06 37.41 -54.49
C GLY D 159 75.58 38.08 -53.23
N TRP D 160 76.10 37.28 -52.31
CA TRP D 160 76.56 37.82 -51.04
C TRP D 160 77.62 38.93 -51.18
N PRO D 161 78.59 38.74 -52.07
CA PRO D 161 79.57 39.81 -52.32
C PRO D 161 78.87 41.12 -52.71
N LEU D 162 77.81 41.02 -53.52
CA LEU D 162 77.06 42.19 -53.94
C LEU D 162 76.20 42.76 -52.82
N ALA D 163 75.55 41.87 -52.07
CA ALA D 163 74.66 42.28 -50.99
C ALA D 163 75.39 43.07 -49.90
N GLU D 164 76.66 42.76 -49.69
CA GLU D 164 77.44 43.42 -48.65
C GLU D 164 77.93 44.79 -49.09
N ARG D 165 77.61 45.16 -50.33
CA ARG D 165 77.95 46.49 -50.84
C ARG D 165 76.70 47.35 -50.97
N THR D 166 75.59 46.84 -50.45
CA THR D 166 74.32 47.56 -50.53
C THR D 166 74.21 48.64 -49.45
N VAL D 167 73.23 49.52 -49.63
CA VAL D 167 72.83 50.46 -48.60
C VAL D 167 71.34 50.24 -48.38
N VAL D 168 70.95 49.96 -47.14
CA VAL D 168 69.57 49.68 -46.82
C VAL D 168 68.98 50.72 -45.88
N ILE D 169 67.87 51.33 -46.28
CA ILE D 169 67.17 52.30 -45.46
C ILE D 169 65.72 51.88 -45.25
N PRO D 170 65.08 52.38 -44.17
CA PRO D 170 63.69 52.03 -43.90
C PRO D 170 62.76 52.50 -45.00
N SER D 171 61.65 51.78 -45.19
CA SER D 171 60.62 52.20 -46.13
C SER D 171 59.58 53.04 -45.40
N ALA D 172 58.86 53.87 -46.16
CA ALA D 172 57.79 54.67 -45.58
C ALA D 172 56.49 53.86 -45.56
N ILE D 173 56.57 52.61 -46.00
CA ILE D 173 55.44 51.69 -45.97
C ILE D 173 55.41 50.99 -44.62
N PRO D 174 54.35 51.24 -43.84
CA PRO D 174 54.23 50.65 -42.50
C PRO D 174 53.72 49.21 -42.57
N THR D 175 54.07 48.41 -41.57
CA THR D 175 53.42 47.14 -41.36
C THR D 175 52.28 47.37 -40.37
N ASP D 176 51.36 46.43 -40.29
CA ASP D 176 50.19 46.61 -39.43
C ASP D 176 50.26 45.75 -38.17
N PRO D 177 50.47 46.40 -37.01
CA PRO D 177 50.55 45.75 -35.70
C PRO D 177 49.27 45.00 -35.35
N ARG D 178 48.13 45.49 -35.84
CA ARG D 178 46.84 44.88 -35.54
C ARG D 178 46.33 43.97 -36.66
N ASN D 179 47.13 43.81 -37.71
CA ASN D 179 46.77 42.91 -38.80
C ASN D 179 47.97 42.15 -39.33
N VAL D 180 48.75 41.60 -38.40
CA VAL D 180 49.93 40.82 -38.78
C VAL D 180 49.52 39.58 -39.58
N GLY D 181 50.24 39.33 -40.66
CA GLY D 181 49.94 38.20 -41.52
C GLY D 181 49.03 38.58 -42.68
N GLY D 182 48.49 39.79 -42.62
CA GLY D 182 47.64 40.29 -43.69
C GLY D 182 48.47 40.69 -44.89
N ASP D 183 47.79 40.88 -46.03
CA ASP D 183 48.48 41.30 -47.24
C ASP D 183 48.60 42.81 -47.30
N LEU D 184 49.63 43.31 -47.99
CA LEU D 184 49.85 44.73 -48.13
C LEU D 184 48.70 45.41 -48.88
N ASP D 185 48.14 46.45 -48.27
CA ASP D 185 47.11 47.24 -48.92
C ASP D 185 47.75 48.32 -49.78
N PRO D 186 47.50 48.28 -51.09
CA PRO D 186 48.08 49.24 -52.04
C PRO D 186 47.94 50.69 -51.59
N SER D 187 46.83 51.02 -50.94
CA SER D 187 46.56 52.39 -50.53
C SER D 187 47.40 52.83 -49.34
N SER D 188 48.01 51.87 -48.65
CA SER D 188 48.87 52.18 -47.52
C SER D 188 50.25 52.63 -48.00
N ILE D 189 50.47 52.55 -49.31
CA ILE D 189 51.73 52.98 -49.91
C ILE D 189 51.65 54.45 -50.31
N PRO D 190 52.51 55.28 -49.71
CA PRO D 190 52.56 56.71 -50.04
C PRO D 190 52.86 56.92 -51.52
N ASP D 191 52.04 57.72 -52.19
CA ASP D 191 52.25 58.01 -53.61
C ASP D 191 53.65 58.54 -53.89
N LYS D 192 54.20 59.28 -52.94
CA LYS D 192 55.52 59.86 -53.10
C LYS D 192 56.63 58.80 -53.10
N GLU D 193 56.39 57.70 -52.38
CA GLU D 193 57.36 56.60 -52.38
C GLU D 193 57.25 55.78 -53.65
N GLN D 194 56.02 55.58 -54.12
CA GLN D 194 55.78 54.85 -55.36
C GLN D 194 56.50 55.54 -56.52
N ALA D 195 56.64 56.85 -56.43
CA ALA D 195 57.26 57.65 -57.49
C ALA D 195 58.77 57.43 -57.57
N ILE D 196 59.36 56.99 -56.47
CA ILE D 196 60.81 56.78 -56.42
C ILE D 196 61.16 55.29 -56.33
N SER D 197 60.21 54.44 -56.70
CA SER D 197 60.39 53.00 -56.55
C SER D 197 60.48 52.27 -57.88
N ALA D 198 60.72 53.01 -58.96
CA ALA D 198 60.95 52.40 -60.27
C ALA D 198 62.21 51.55 -60.22
N LEU D 199 62.20 50.44 -60.95
CA LEU D 199 63.34 49.53 -60.97
C LEU D 199 64.14 49.68 -62.25
N PRO D 200 65.43 49.32 -62.19
CA PRO D 200 66.28 49.36 -63.39
C PRO D 200 65.86 48.29 -64.39
N ASP D 201 66.22 48.46 -65.65
CA ASP D 201 65.99 47.44 -66.65
C ASP D 201 67.15 46.44 -66.64
N TYR D 202 66.85 45.18 -66.35
CA TYR D 202 67.88 44.15 -66.23
C TYR D 202 68.17 43.48 -67.57
N ALA D 203 69.37 42.95 -67.71
CA ALA D 203 69.76 42.25 -68.93
C ALA D 203 69.14 40.87 -69.00
N SER D 204 68.62 40.50 -70.16
CA SER D 204 68.05 39.17 -70.36
C SER D 204 69.00 38.28 -71.15
N GLN D 205 70.14 38.83 -71.54
CA GLN D 205 71.16 38.08 -72.26
C GLN D 205 72.53 38.24 -71.61
N PRO D 206 73.38 37.22 -71.71
CA PRO D 206 74.72 37.25 -71.10
C PRO D 206 75.55 38.42 -71.61
N GLY D 207 76.43 38.93 -70.76
CA GLY D 207 77.29 40.05 -71.13
C GLY D 207 78.34 39.66 -72.15
N VAL E 2 -28.50 -46.78 43.00
CA VAL E 2 -29.23 -47.85 43.65
C VAL E 2 -29.20 -49.12 42.80
N ALA E 3 -28.15 -49.91 42.96
CA ALA E 3 -27.98 -51.12 42.16
C ALA E 3 -28.51 -52.37 42.87
N PHE E 4 -29.07 -53.28 42.07
CA PHE E 4 -29.58 -54.54 42.61
C PHE E 4 -29.13 -55.71 41.74
N THR E 5 -29.29 -56.93 42.28
CA THR E 5 -28.96 -58.13 41.53
C THR E 5 -30.22 -58.69 40.87
N VAL E 6 -30.04 -59.66 39.98
CA VAL E 6 -31.16 -60.28 39.30
C VAL E 6 -32.08 -60.97 40.30
N ASP E 7 -31.55 -61.28 41.47
CA ASP E 7 -32.33 -61.90 42.53
C ASP E 7 -33.16 -60.87 43.30
N GLN E 8 -32.53 -59.76 43.66
CA GLN E 8 -33.22 -58.69 44.37
C GLN E 8 -34.42 -58.18 43.56
N MET E 9 -34.19 -57.96 42.26
CA MET E 9 -35.26 -57.54 41.37
C MET E 9 -36.34 -58.62 41.29
N ARG E 10 -35.90 -59.85 41.07
CA ARG E 10 -36.82 -60.99 40.95
C ARG E 10 -37.72 -61.10 42.18
N SER E 11 -37.11 -61.08 43.36
CA SER E 11 -37.85 -61.19 44.61
C SER E 11 -38.90 -60.08 44.72
N LEU E 12 -38.57 -58.91 44.19
CA LEU E 12 -39.46 -57.76 44.23
C LEU E 12 -40.62 -57.94 43.26
N MET E 13 -40.37 -58.62 42.16
CA MET E 13 -41.40 -58.88 41.15
C MET E 13 -42.48 -59.80 41.69
N ASP E 14 -42.16 -60.48 42.79
CA ASP E 14 -43.11 -61.36 43.45
C ASP E 14 -44.17 -60.56 44.20
N LYS E 15 -43.73 -59.47 44.83
CA LYS E 15 -44.64 -58.56 45.51
C LYS E 15 -45.38 -57.70 44.50
N VAL E 16 -46.35 -58.29 43.81
CA VAL E 16 -47.12 -57.59 42.80
C VAL E 16 -47.93 -56.44 43.38
N THR E 17 -48.18 -56.51 44.69
CA THR E 17 -48.94 -55.47 45.38
C THR E 17 -48.06 -54.25 45.67
N ASN E 18 -46.77 -54.37 45.39
CA ASN E 18 -45.84 -53.26 45.59
C ASN E 18 -45.22 -52.77 44.29
N VAL E 19 -45.88 -53.09 43.18
CA VAL E 19 -45.40 -52.68 41.86
C VAL E 19 -46.23 -51.53 41.31
N ARG E 20 -45.57 -50.59 40.66
CA ARG E 20 -46.23 -49.41 40.10
C ARG E 20 -45.94 -49.27 38.61
N ASN E 21 -46.96 -49.48 37.79
CA ASN E 21 -46.83 -49.32 36.34
C ASN E 21 -47.48 -48.02 35.87
N MET E 22 -46.72 -47.16 35.21
CA MET E 22 -47.24 -45.87 34.79
C MET E 22 -46.43 -45.21 33.67
N SER E 23 -47.01 -44.15 33.10
CA SER E 23 -46.35 -43.37 32.07
C SER E 23 -46.44 -41.89 32.44
N VAL E 24 -45.95 -41.02 31.57
CA VAL E 24 -45.96 -39.58 31.83
C VAL E 24 -46.80 -38.81 30.81
N ILE E 25 -47.94 -38.30 31.25
CA ILE E 25 -48.81 -37.50 30.40
C ILE E 25 -48.41 -36.02 30.49
N ALA E 26 -47.71 -35.53 29.48
CA ALA E 26 -47.24 -34.15 29.50
C ALA E 26 -46.76 -33.67 28.13
N HIS E 27 -46.91 -32.38 27.88
CA HIS E 27 -46.37 -31.76 26.68
C HIS E 27 -44.87 -31.59 26.84
N VAL E 28 -44.13 -31.73 25.75
CA VAL E 28 -42.67 -31.69 25.80
C VAL E 28 -42.12 -30.37 26.36
N ASP E 29 -42.95 -29.33 26.36
CA ASP E 29 -42.52 -28.02 26.84
C ASP E 29 -43.06 -27.69 28.23
N HIS E 30 -43.46 -28.73 28.97
CA HIS E 30 -43.90 -28.56 30.35
C HIS E 30 -42.92 -29.21 31.31
N GLY E 31 -41.68 -29.36 30.87
CA GLY E 31 -40.65 -30.00 31.68
C GLY E 31 -40.94 -31.47 31.90
N LYS E 32 -41.54 -32.10 30.90
CA LYS E 32 -41.86 -33.53 30.98
C LYS E 32 -40.59 -34.36 31.18
N SER E 33 -39.63 -34.18 30.27
CA SER E 33 -38.38 -34.93 30.34
C SER E 33 -37.52 -34.50 31.52
N THR E 34 -37.66 -33.23 31.92
CA THR E 34 -36.87 -32.68 33.01
C THR E 34 -37.33 -33.24 34.35
N LEU E 35 -38.62 -33.59 34.44
CA LEU E 35 -39.16 -34.18 35.66
C LEU E 35 -38.84 -35.67 35.73
N THR E 36 -38.95 -36.35 34.60
CA THR E 36 -38.65 -37.78 34.54
C THR E 36 -37.19 -38.04 34.92
N ASP E 37 -36.29 -37.19 34.44
CA ASP E 37 -34.87 -37.32 34.73
C ASP E 37 -34.60 -37.16 36.23
N SER E 38 -35.56 -36.57 36.93
CA SER E 38 -35.43 -36.35 38.37
C SER E 38 -35.62 -37.66 39.13
N LEU E 39 -36.72 -38.36 38.86
CA LEU E 39 -37.00 -39.62 39.52
C LEU E 39 -35.97 -40.69 39.14
N VAL E 40 -35.35 -40.52 37.98
CA VAL E 40 -34.35 -41.47 37.50
C VAL E 40 -33.01 -41.26 38.21
N GLN E 41 -32.65 -40.00 38.43
CA GLN E 41 -31.42 -39.68 39.15
C GLN E 41 -31.60 -39.79 40.65
N ARG E 42 -32.67 -40.47 41.06
CA ARG E 42 -32.99 -40.64 42.47
C ARG E 42 -33.29 -42.11 42.80
N ALA E 43 -34.32 -42.65 42.15
CA ALA E 43 -34.72 -44.03 42.38
C ALA E 43 -34.26 -44.93 41.24
N GLY E 44 -33.39 -44.39 40.37
CA GLY E 44 -32.87 -45.14 39.25
C GLY E 44 -32.29 -46.47 39.68
N ILE E 45 -32.67 -47.53 38.97
CA ILE E 45 -32.24 -48.87 39.34
C ILE E 45 -31.28 -49.48 38.33
N ILE E 46 -30.05 -49.74 38.79
CA ILE E 46 -29.04 -50.38 37.96
C ILE E 46 -28.86 -51.82 38.43
N SER E 47 -28.36 -52.68 37.54
CA SER E 47 -28.08 -54.07 37.90
C SER E 47 -26.72 -54.15 38.58
N ALA E 48 -26.28 -55.37 38.85
CA ALA E 48 -24.96 -55.59 39.44
C ALA E 48 -23.88 -54.94 38.56
N GLY E 67 -24.41 -57.42 27.33
CA GLY E 67 -23.53 -56.81 26.36
C GLY E 67 -24.33 -56.23 25.20
N ILE E 68 -25.64 -56.21 25.36
CA ILE E 68 -26.54 -55.71 24.32
C ILE E 68 -27.29 -54.47 24.81
N THR E 69 -27.38 -53.46 23.94
CA THR E 69 -28.09 -52.24 24.27
C THR E 69 -29.32 -52.04 23.40
N ILE E 70 -30.43 -51.66 24.04
CA ILE E 70 -31.68 -51.44 23.33
C ILE E 70 -32.15 -50.00 23.48
N LYS E 71 -33.30 -49.68 22.89
CA LYS E 71 -33.90 -48.37 23.03
C LYS E 71 -34.57 -48.23 24.39
N SER E 72 -34.30 -47.13 25.07
CA SER E 72 -34.90 -46.88 26.39
C SER E 72 -36.42 -46.81 26.30
N THR E 73 -37.09 -47.89 26.66
CA THR E 73 -38.54 -47.95 26.60
C THR E 73 -39.15 -47.88 28.01
N ALA E 74 -38.46 -48.47 28.98
CA ALA E 74 -38.94 -48.47 30.35
C ALA E 74 -37.79 -48.36 31.34
N ILE E 75 -38.00 -47.57 32.40
CA ILE E 75 -36.99 -47.40 33.44
C ILE E 75 -37.49 -47.95 34.77
N SER E 76 -36.61 -48.62 35.50
CA SER E 76 -36.96 -49.19 36.78
C SER E 76 -36.59 -48.27 37.94
N LEU E 77 -37.57 -47.97 38.79
CA LEU E 77 -37.35 -47.10 39.94
C LEU E 77 -37.64 -47.85 41.24
N TYR E 78 -37.09 -47.35 42.34
CA TYR E 78 -37.25 -48.01 43.63
C TYR E 78 -37.45 -47.00 44.77
N SER E 79 -38.57 -47.12 45.45
CA SER E 79 -38.89 -46.25 46.58
C SER E 79 -39.31 -47.06 47.79
N GLU E 80 -38.86 -46.66 48.97
CA GLU E 80 -39.17 -47.38 50.20
C GLU E 80 -39.95 -46.53 51.20
N MET E 81 -41.06 -47.07 51.68
CA MET E 81 -41.89 -46.36 52.66
C MET E 81 -41.66 -46.93 54.06
N SER E 82 -42.59 -46.65 54.97
CA SER E 82 -42.51 -47.16 56.33
C SER E 82 -43.74 -48.00 56.67
N ASP E 83 -43.68 -48.74 57.77
CA ASP E 83 -44.79 -49.59 58.18
C ASP E 83 -46.09 -48.81 58.35
N GLU E 84 -45.97 -47.51 58.59
CA GLU E 84 -47.13 -46.65 58.75
C GLU E 84 -47.60 -46.12 57.40
N ASP E 85 -46.64 -45.83 56.52
CA ASP E 85 -46.96 -45.37 55.18
C ASP E 85 -47.57 -46.50 54.36
N VAL E 86 -47.25 -47.73 54.74
CA VAL E 86 -47.81 -48.92 54.09
C VAL E 86 -49.23 -49.15 54.57
N LYS E 87 -49.56 -48.57 55.72
CA LYS E 87 -50.91 -48.69 56.28
C LYS E 87 -51.82 -47.56 55.81
N GLU E 88 -51.22 -46.44 55.42
CA GLU E 88 -51.99 -45.30 54.93
C GLU E 88 -52.65 -45.61 53.59
N ILE E 89 -51.84 -46.13 52.67
CA ILE E 89 -52.34 -46.49 51.34
C ILE E 89 -53.53 -47.43 51.46
N LYS E 90 -54.71 -46.93 51.13
CA LYS E 90 -55.94 -47.72 51.20
C LYS E 90 -55.78 -49.05 50.47
N GLN E 91 -54.88 -49.07 49.50
CA GLN E 91 -54.62 -50.26 48.71
C GLN E 91 -53.91 -51.33 49.55
N LYS E 92 -54.10 -52.59 49.16
CA LYS E 92 -53.45 -53.70 49.84
C LYS E 92 -52.03 -53.89 49.34
N THR E 93 -51.06 -53.71 50.23
CA THR E 93 -49.65 -53.85 49.86
C THR E 93 -48.95 -54.89 50.72
N ASP E 94 -47.65 -55.06 50.48
CA ASP E 94 -46.85 -56.05 51.19
C ASP E 94 -45.37 -55.70 51.18
N GLY E 95 -44.91 -55.10 52.28
CA GLY E 95 -43.50 -54.73 52.41
C GLY E 95 -43.28 -53.23 52.33
N ASN E 96 -42.03 -52.84 52.20
CA ASN E 96 -41.66 -51.43 52.13
C ASN E 96 -41.04 -51.06 50.78
N SER E 97 -40.56 -52.07 50.06
CA SER E 97 -39.94 -51.87 48.76
C SER E 97 -40.99 -51.75 47.66
N PHE E 98 -40.80 -50.79 46.76
CA PHE E 98 -41.75 -50.55 45.68
C PHE E 98 -41.07 -50.46 44.32
N LEU E 99 -41.50 -51.31 43.39
CA LEU E 99 -41.00 -51.29 42.03
C LEU E 99 -41.78 -50.29 41.19
N ILE E 100 -41.08 -49.54 40.35
CA ILE E 100 -41.72 -48.54 39.50
C ILE E 100 -41.33 -48.70 38.04
N ASN E 101 -42.30 -49.06 37.21
CA ASN E 101 -42.07 -49.22 35.78
C ASN E 101 -42.42 -47.95 35.02
N LEU E 102 -41.41 -47.32 34.43
CA LEU E 102 -41.61 -46.07 33.69
C LEU E 102 -41.75 -46.33 32.20
N ILE E 103 -42.97 -46.57 31.76
CA ILE E 103 -43.25 -46.80 30.34
C ILE E 103 -43.15 -45.51 29.55
N ASP E 104 -42.24 -45.49 28.58
CA ASP E 104 -42.00 -44.29 27.78
C ASP E 104 -43.23 -43.86 27.01
N SER E 105 -43.39 -42.55 26.83
CA SER E 105 -44.51 -41.99 26.08
C SER E 105 -44.02 -41.08 24.96
N PRO E 106 -44.65 -41.18 23.78
CA PRO E 106 -44.27 -40.38 22.60
C PRO E 106 -44.32 -38.88 22.89
N GLY E 107 -43.63 -38.10 22.06
CA GLY E 107 -43.62 -36.65 22.20
C GLY E 107 -44.91 -36.02 21.72
N HIS E 108 -45.16 -36.12 20.42
CA HIS E 108 -46.39 -35.60 19.84
C HIS E 108 -47.56 -36.53 20.10
N VAL E 109 -48.76 -35.97 20.19
CA VAL E 109 -49.97 -36.78 20.37
C VAL E 109 -50.41 -37.35 19.04
N ASP E 110 -49.81 -36.85 17.96
CA ASP E 110 -50.09 -37.34 16.62
C ASP E 110 -49.84 -38.85 16.53
N PHE E 111 -49.06 -39.37 17.49
CA PHE E 111 -48.79 -40.79 17.57
C PHE E 111 -49.91 -41.49 18.34
N SER E 112 -51.14 -41.07 18.08
CA SER E 112 -52.32 -41.58 18.78
C SER E 112 -52.29 -43.09 18.96
N SER E 113 -51.91 -43.81 17.92
CA SER E 113 -51.90 -45.27 17.94
C SER E 113 -51.01 -45.82 19.05
N GLU E 114 -49.72 -45.48 19.00
CA GLU E 114 -48.75 -46.00 19.96
C GLU E 114 -48.92 -45.39 21.35
N VAL E 115 -49.61 -44.26 21.42
CA VAL E 115 -49.91 -43.64 22.70
C VAL E 115 -50.90 -44.50 23.47
N THR E 116 -51.83 -45.11 22.75
CA THR E 116 -52.81 -46.01 23.34
C THR E 116 -52.13 -47.31 23.78
N ALA E 117 -50.95 -47.56 23.23
CA ALA E 117 -50.19 -48.75 23.57
C ALA E 117 -49.60 -48.64 24.97
N ALA E 118 -48.84 -47.58 25.21
CA ALA E 118 -48.24 -47.34 26.51
C ALA E 118 -49.30 -47.04 27.56
N LEU E 119 -50.54 -46.90 27.10
CA LEU E 119 -51.66 -46.57 27.97
C LEU E 119 -52.39 -47.84 28.40
N ARG E 120 -52.64 -48.72 27.43
CA ARG E 120 -53.40 -49.94 27.67
C ARG E 120 -52.64 -50.93 28.54
N VAL E 121 -51.38 -50.64 28.81
CA VAL E 121 -50.53 -51.56 29.58
C VAL E 121 -50.26 -51.06 30.99
N THR E 122 -50.50 -49.78 31.23
CA THR E 122 -50.22 -49.19 32.53
C THR E 122 -51.49 -49.00 33.36
N ASP E 123 -51.32 -48.61 34.61
CA ASP E 123 -52.45 -48.33 35.50
C ASP E 123 -52.24 -47.02 36.25
N GLY E 124 -51.23 -46.26 35.81
CA GLY E 124 -50.93 -44.97 36.40
C GLY E 124 -50.43 -43.99 35.34
N ALA E 125 -50.40 -42.71 35.69
CA ALA E 125 -49.95 -41.68 34.76
C ALA E 125 -49.55 -40.40 35.48
N LEU E 126 -48.54 -39.72 34.96
CA LEU E 126 -48.04 -38.50 35.57
C LEU E 126 -48.39 -37.28 34.72
N VAL E 127 -49.50 -36.63 35.07
CA VAL E 127 -49.95 -35.44 34.34
C VAL E 127 -49.13 -34.21 34.72
N VAL E 128 -48.10 -33.93 33.92
CA VAL E 128 -47.25 -32.77 34.16
C VAL E 128 -47.81 -31.52 33.47
N VAL E 129 -48.35 -30.61 34.26
CA VAL E 129 -48.96 -29.39 33.75
C VAL E 129 -48.06 -28.19 34.01
N ASP E 130 -48.30 -27.09 33.29
CA ASP E 130 -47.53 -25.87 33.48
C ASP E 130 -48.19 -24.94 34.48
N THR E 131 -47.42 -23.99 35.01
CA THR E 131 -47.94 -23.03 35.96
C THR E 131 -48.60 -21.85 35.24
N ILE E 132 -47.91 -21.31 34.25
CA ILE E 132 -48.39 -20.15 33.50
C ILE E 132 -49.46 -20.53 32.49
N GLU E 133 -49.11 -21.41 31.56
CA GLU E 133 -50.03 -21.82 30.51
C GLU E 133 -51.16 -22.70 31.02
N GLY E 134 -50.94 -23.34 32.17
CA GLY E 134 -51.91 -24.26 32.72
C GLY E 134 -52.04 -25.50 31.86
N VAL E 135 -53.21 -26.13 31.89
CA VAL E 135 -53.45 -27.32 31.10
C VAL E 135 -53.60 -26.97 29.63
N CYS E 136 -52.61 -27.38 28.84
CA CYS E 136 -52.63 -27.09 27.40
C CYS E 136 -53.61 -28.00 26.67
N VAL E 137 -53.80 -27.72 25.38
CA VAL E 137 -54.72 -28.50 24.56
C VAL E 137 -54.24 -29.93 24.39
N GLN E 138 -52.92 -30.10 24.33
CA GLN E 138 -52.32 -31.41 24.09
C GLN E 138 -52.40 -32.34 25.30
N THR E 139 -51.88 -31.87 26.43
CA THR E 139 -51.85 -32.69 27.64
C THR E 139 -53.25 -33.10 28.09
N GLU E 140 -54.23 -32.25 27.79
CA GLU E 140 -55.61 -32.52 28.17
C GLU E 140 -56.22 -33.62 27.30
N THR E 141 -55.87 -33.61 26.01
CA THR E 141 -56.37 -34.61 25.08
C THR E 141 -55.97 -36.02 25.52
N VAL E 142 -54.68 -36.20 25.78
CA VAL E 142 -54.15 -37.49 26.22
C VAL E 142 -54.89 -37.97 27.46
N LEU E 143 -55.26 -37.04 28.32
CA LEU E 143 -55.95 -37.37 29.56
C LEU E 143 -57.28 -38.06 29.30
N ARG E 144 -58.02 -37.56 28.32
CA ARG E 144 -59.31 -38.16 27.95
C ARG E 144 -59.14 -39.62 27.57
N GLN E 145 -58.00 -39.96 26.97
CA GLN E 145 -57.70 -41.33 26.61
C GLN E 145 -57.38 -42.17 27.84
N ALA E 146 -56.50 -41.65 28.69
CA ALA E 146 -56.14 -42.34 29.93
C ALA E 146 -57.38 -42.66 30.75
N LEU E 147 -58.35 -41.76 30.70
CA LEU E 147 -59.61 -41.95 31.41
C LEU E 147 -60.42 -43.09 30.79
N GLY E 148 -60.36 -43.21 29.47
CA GLY E 148 -61.05 -44.27 28.77
C GLY E 148 -60.38 -45.61 29.00
N GLU E 149 -59.17 -45.58 29.56
CA GLU E 149 -58.41 -46.78 29.84
C GLU E 149 -58.36 -47.08 31.33
N ARG E 150 -59.13 -46.32 32.11
CA ARG E 150 -59.20 -46.53 33.55
C ARG E 150 -57.82 -46.48 34.19
N ILE E 151 -57.23 -45.29 34.23
CA ILE E 151 -55.89 -45.10 34.77
C ILE E 151 -55.84 -43.93 35.76
N LYS E 152 -55.24 -44.16 36.92
CA LYS E 152 -55.16 -43.14 37.96
C LYS E 152 -54.27 -41.97 37.54
N PRO E 153 -54.85 -40.77 37.44
CA PRO E 153 -54.12 -39.56 37.08
C PRO E 153 -53.41 -38.94 38.27
N VAL E 154 -52.24 -38.36 38.04
CA VAL E 154 -51.50 -37.65 39.08
C VAL E 154 -51.00 -36.31 38.56
N VAL E 155 -51.42 -35.23 39.21
CA VAL E 155 -51.09 -33.89 38.74
C VAL E 155 -49.78 -33.35 39.32
N VAL E 156 -48.94 -32.82 38.44
CA VAL E 156 -47.68 -32.20 38.84
C VAL E 156 -47.48 -30.88 38.10
N ILE E 157 -47.63 -29.77 38.82
CA ILE E 157 -47.49 -28.46 38.22
C ILE E 157 -46.02 -28.04 38.13
N ASN E 158 -45.46 -28.16 36.94
CA ASN E 158 -44.05 -27.87 36.72
C ASN E 158 -43.79 -26.43 36.28
N LYS E 159 -42.51 -26.05 36.26
CA LYS E 159 -42.11 -24.72 35.84
C LYS E 159 -42.71 -23.62 36.72
N VAL E 160 -42.58 -23.79 38.02
CA VAL E 160 -43.07 -22.78 38.96
C VAL E 160 -42.09 -21.60 39.02
N ASP E 161 -40.85 -21.86 38.62
CA ASP E 161 -39.83 -20.82 38.60
C ASP E 161 -40.14 -19.77 37.54
N ARG E 162 -40.86 -20.20 36.50
CA ARG E 162 -41.22 -19.31 35.40
C ARG E 162 -42.17 -18.21 35.87
N ALA E 163 -42.83 -18.46 37.00
CA ALA E 163 -43.77 -17.49 37.55
C ALA E 163 -43.10 -16.54 38.53
N LEU E 164 -41.97 -16.96 39.07
CA LEU E 164 -41.24 -16.15 40.06
C LEU E 164 -40.20 -15.25 39.40
N LEU E 165 -39.42 -15.82 38.50
CA LEU E 165 -38.33 -15.09 37.85
C LEU E 165 -38.83 -14.11 36.80
N GLU E 166 -39.86 -14.52 36.05
CA GLU E 166 -40.40 -13.68 34.98
C GLU E 166 -41.55 -12.80 35.47
N LEU E 167 -42.72 -13.42 35.62
CA LEU E 167 -43.93 -12.70 36.01
C LEU E 167 -43.78 -11.98 37.35
N GLN E 168 -42.85 -12.45 38.17
CA GLN E 168 -42.64 -11.89 39.50
C GLN E 168 -43.94 -11.93 40.30
N VAL E 169 -44.72 -12.97 40.07
CA VAL E 169 -46.03 -13.12 40.72
C VAL E 169 -45.90 -13.17 42.24
N SER E 170 -46.88 -12.60 42.93
CA SER E 170 -46.89 -12.60 44.38
C SER E 170 -47.32 -13.96 44.92
N LYS E 171 -47.57 -14.03 46.23
CA LYS E 171 -47.94 -15.29 46.87
C LYS E 171 -49.43 -15.61 46.67
N GLU E 172 -50.28 -14.60 46.82
CA GLU E 172 -51.72 -14.78 46.64
C GLU E 172 -52.06 -14.98 45.16
N ASP E 173 -51.37 -14.27 44.29
CA ASP E 173 -51.61 -14.37 42.87
C ASP E 173 -51.10 -15.69 42.30
N LEU E 174 -50.08 -16.25 42.93
CA LEU E 174 -49.54 -17.53 42.49
C LEU E 174 -50.38 -18.69 43.02
N TYR E 175 -51.02 -18.47 44.17
CA TYR E 175 -51.92 -19.46 44.72
C TYR E 175 -53.17 -19.60 43.87
N GLN E 176 -53.67 -18.46 43.39
CA GLN E 176 -54.85 -18.45 42.52
C GLN E 176 -54.49 -19.01 41.15
N THR E 177 -53.21 -19.30 40.94
CA THR E 177 -52.75 -19.86 39.68
C THR E 177 -52.91 -21.37 39.66
N PHE E 178 -52.42 -22.04 40.70
CA PHE E 178 -52.54 -23.49 40.80
C PHE E 178 -53.99 -23.89 41.06
N ALA E 179 -54.72 -23.01 41.75
CA ALA E 179 -56.13 -23.27 42.07
C ALA E 179 -56.97 -23.37 40.81
N ARG E 180 -56.60 -22.60 39.78
CA ARG E 180 -57.30 -22.63 38.51
C ARG E 180 -56.69 -23.67 37.58
N THR E 181 -55.41 -23.96 37.79
CA THR E 181 -54.72 -24.97 37.00
C THR E 181 -55.25 -26.36 37.32
N VAL E 182 -55.42 -26.63 38.62
CA VAL E 182 -55.95 -27.91 39.06
C VAL E 182 -57.47 -27.98 38.86
N GLU E 183 -58.12 -26.81 38.89
CA GLU E 183 -59.55 -26.74 38.65
C GLU E 183 -59.85 -27.05 37.18
N SER E 184 -58.90 -26.71 36.31
CA SER E 184 -59.01 -27.01 34.90
C SER E 184 -58.75 -28.50 34.65
N VAL E 185 -58.29 -29.18 35.70
CA VAL E 185 -58.01 -30.61 35.62
C VAL E 185 -59.19 -31.42 36.16
N ASN E 186 -59.67 -31.06 37.35
CA ASN E 186 -60.76 -31.79 37.98
C ASN E 186 -62.03 -31.77 37.14
N VAL E 187 -62.29 -30.65 36.49
CA VAL E 187 -63.44 -30.53 35.60
C VAL E 187 -63.33 -31.54 34.47
N ILE E 188 -62.14 -31.65 33.90
CA ILE E 188 -61.88 -32.63 32.84
C ILE E 188 -61.92 -34.04 33.42
N VAL E 189 -61.54 -34.17 34.68
CA VAL E 189 -61.56 -35.47 35.35
C VAL E 189 -62.98 -35.93 35.63
N SER E 190 -63.65 -35.24 36.55
CA SER E 190 -65.02 -35.60 36.96
C SER E 190 -65.92 -35.89 35.76
N THR E 191 -65.65 -35.22 34.65
CA THR E 191 -66.45 -35.42 33.44
C THR E 191 -66.18 -36.76 32.80
N TYR E 192 -64.97 -36.93 32.24
CA TYR E 192 -64.63 -38.15 31.53
C TYR E 192 -64.17 -39.26 32.46
N ALA E 193 -64.58 -39.18 33.74
CA ALA E 193 -64.23 -40.20 34.72
C ALA E 193 -65.35 -41.22 34.86
N ASP E 194 -65.00 -42.50 34.72
CA ASP E 194 -65.97 -43.58 34.86
C ASP E 194 -66.67 -43.57 36.21
N GLU E 195 -67.86 -44.16 36.25
CA GLU E 195 -68.65 -44.21 37.46
C GLU E 195 -68.08 -45.24 38.44
N VAL E 196 -67.63 -46.37 37.90
CA VAL E 196 -67.08 -47.45 38.71
C VAL E 196 -65.83 -47.01 39.47
N LEU E 197 -64.96 -46.28 38.79
CA LEU E 197 -63.72 -45.79 39.40
C LEU E 197 -64.00 -44.81 40.52
N GLY E 198 -65.21 -44.24 40.53
CA GLY E 198 -65.60 -43.29 41.55
C GLY E 198 -64.78 -42.01 41.50
N ASP E 199 -64.92 -41.19 42.54
CA ASP E 199 -64.18 -39.94 42.62
C ASP E 199 -62.68 -40.19 42.51
N VAL E 200 -62.08 -39.72 41.42
CA VAL E 200 -60.67 -39.91 41.18
C VAL E 200 -59.95 -38.57 41.03
N GLN E 201 -60.69 -37.49 41.24
CA GLN E 201 -60.14 -36.15 41.16
C GLN E 201 -58.90 -36.00 42.03
N VAL E 202 -57.94 -35.20 41.55
CA VAL E 202 -56.70 -34.97 42.29
C VAL E 202 -56.87 -33.83 43.30
N TYR E 203 -56.50 -34.10 44.55
CA TYR E 203 -56.61 -33.09 45.61
C TYR E 203 -55.24 -32.80 46.22
N PRO E 204 -54.82 -31.53 46.16
CA PRO E 204 -53.53 -31.10 46.70
C PRO E 204 -53.39 -31.39 48.19
N ALA E 205 -54.48 -31.21 48.93
CA ALA E 205 -54.47 -31.40 50.38
C ALA E 205 -54.45 -32.88 50.78
N ARG E 206 -54.42 -33.76 49.79
CA ARG E 206 -54.40 -35.20 50.05
C ARG E 206 -53.09 -35.81 49.59
N GLY E 207 -52.32 -35.06 48.82
CA GLY E 207 -51.03 -35.52 48.34
C GLY E 207 -51.06 -36.07 46.94
N THR E 208 -52.06 -35.66 46.16
CA THR E 208 -52.16 -36.09 44.76
C THR E 208 -51.85 -34.95 43.79
N VAL E 209 -51.39 -33.83 44.34
CA VAL E 209 -51.01 -32.69 43.51
C VAL E 209 -49.71 -32.05 44.03
N ALA E 210 -48.68 -32.07 43.20
CA ALA E 210 -47.39 -31.51 43.56
C ALA E 210 -47.08 -30.24 42.78
N PHE E 211 -46.03 -29.53 43.18
CA PHE E 211 -45.65 -28.29 42.53
C PHE E 211 -44.14 -28.11 42.57
N GLY E 212 -43.57 -27.54 41.52
CA GLY E 212 -42.15 -27.30 41.45
C GLY E 212 -41.63 -27.07 40.05
N SER E 213 -40.31 -27.11 39.90
CA SER E 213 -39.68 -26.92 38.60
C SER E 213 -38.62 -27.98 38.34
N GLY E 214 -38.38 -28.27 37.06
CA GLY E 214 -37.39 -29.25 36.66
C GLY E 214 -36.04 -28.62 36.41
N LEU E 215 -36.04 -27.45 35.79
CA LEU E 215 -34.80 -26.74 35.49
C LEU E 215 -33.95 -26.55 36.75
N HIS E 216 -34.60 -26.12 37.83
CA HIS E 216 -33.90 -25.91 39.10
C HIS E 216 -33.78 -27.23 39.87
N GLY E 217 -34.68 -28.16 39.58
CA GLY E 217 -34.66 -29.47 40.21
C GLY E 217 -35.27 -29.47 41.60
N TRP E 218 -36.40 -28.78 41.75
CA TRP E 218 -37.10 -28.74 43.03
C TRP E 218 -38.60 -28.93 42.85
N ALA E 219 -39.21 -29.72 43.73
CA ALA E 219 -40.64 -29.96 43.69
C ALA E 219 -41.12 -30.41 45.06
N PHE E 220 -42.39 -30.11 45.37
CA PHE E 220 -42.93 -30.43 46.68
C PHE E 220 -44.40 -30.82 46.61
N THR E 221 -44.81 -31.72 47.50
CA THR E 221 -46.21 -32.05 47.67
C THR E 221 -46.66 -31.47 49.00
N ILE E 222 -47.96 -31.20 49.13
CA ILE E 222 -48.49 -30.65 50.36
C ILE E 222 -48.28 -31.62 51.53
N ARG E 223 -48.16 -32.90 51.21
CA ARG E 223 -47.95 -33.93 52.23
C ARG E 223 -46.52 -33.90 52.76
N GLN E 224 -45.61 -33.29 52.01
CA GLN E 224 -44.22 -33.21 52.41
C GLN E 224 -44.01 -32.18 53.53
N PHE E 225 -44.49 -30.96 53.30
CA PHE E 225 -44.40 -29.92 54.32
C PHE E 225 -45.28 -30.22 55.52
N ALA E 226 -46.19 -31.18 55.35
CA ALA E 226 -47.08 -31.59 56.43
C ALA E 226 -46.36 -32.49 57.42
N THR E 227 -45.37 -33.23 56.93
CA THR E 227 -44.59 -34.11 57.78
C THR E 227 -43.57 -33.31 58.60
N ARG E 228 -43.35 -32.07 58.19
CA ARG E 228 -42.40 -31.18 58.85
C ARG E 228 -43.06 -30.32 59.91
N TYR E 229 -44.21 -29.73 59.57
CA TYR E 229 -44.92 -28.86 60.49
C TYR E 229 -45.87 -29.64 61.40
N ALA E 230 -45.80 -30.96 61.33
CA ALA E 230 -46.61 -31.81 62.19
C ALA E 230 -45.96 -31.96 63.56
N LYS E 231 -44.66 -31.69 63.63
CA LYS E 231 -43.91 -31.79 64.87
C LYS E 231 -43.72 -30.43 65.51
N LYS E 232 -43.42 -29.43 64.69
CA LYS E 232 -43.19 -28.07 65.18
C LYS E 232 -44.45 -27.47 65.80
N PHE E 233 -45.61 -27.90 65.34
CA PHE E 233 -46.88 -27.40 65.85
C PHE E 233 -47.65 -28.46 66.63
N GLY E 234 -47.08 -29.67 66.69
CA GLY E 234 -47.67 -30.75 67.45
C GLY E 234 -49.09 -31.11 67.04
N VAL E 235 -49.27 -31.39 65.75
CA VAL E 235 -50.57 -31.79 65.23
C VAL E 235 -50.40 -32.90 64.20
N ASP E 236 -51.22 -33.94 64.31
CA ASP E 236 -51.20 -35.05 63.36
C ASP E 236 -51.21 -34.52 61.93
N LYS E 237 -50.32 -35.05 61.10
CA LYS E 237 -50.18 -34.57 59.73
C LYS E 237 -51.46 -34.79 58.92
N ALA E 238 -52.32 -35.67 59.41
CA ALA E 238 -53.61 -35.92 58.76
C ALA E 238 -54.42 -34.63 58.69
N LYS E 239 -54.42 -33.90 59.80
CA LYS E 239 -55.15 -32.63 59.86
C LYS E 239 -54.26 -31.49 59.38
N MET E 240 -52.95 -31.65 59.50
CA MET E 240 -51.99 -30.63 59.10
C MET E 240 -52.01 -30.44 57.58
N MET E 241 -52.40 -31.49 56.86
CA MET E 241 -52.51 -31.43 55.40
C MET E 241 -53.72 -30.62 54.98
N ASP E 242 -54.79 -30.70 55.76
CA ASP E 242 -56.05 -30.04 55.45
C ASP E 242 -55.92 -28.52 55.53
N ARG E 243 -55.27 -28.04 56.57
CA ARG E 243 -55.13 -26.60 56.80
C ARG E 243 -54.31 -25.90 55.71
N LEU E 244 -53.16 -26.49 55.37
CA LEU E 244 -52.27 -25.91 54.38
C LEU E 244 -53.03 -25.38 53.16
N TRP E 245 -53.76 -26.27 52.49
CA TRP E 245 -54.53 -25.88 51.32
C TRP E 245 -55.94 -25.44 51.69
N GLY E 246 -56.52 -24.58 50.86
CA GLY E 246 -57.88 -24.12 51.08
C GLY E 246 -57.98 -22.96 52.03
N ASP E 247 -59.20 -22.63 52.44
CA ASP E 247 -59.45 -21.51 53.35
C ASP E 247 -59.12 -21.87 54.79
N SER E 248 -57.83 -21.82 55.13
CA SER E 248 -57.38 -22.03 56.49
C SER E 248 -56.23 -21.09 56.81
N PHE E 249 -56.42 -20.25 57.82
CA PHE E 249 -55.44 -19.21 58.13
C PHE E 249 -54.88 -19.35 59.54
N PHE E 250 -53.71 -18.77 59.75
CA PHE E 250 -53.06 -18.81 61.07
C PHE E 250 -52.64 -17.40 61.50
N ASN E 251 -53.48 -16.77 62.32
CA ASN E 251 -53.21 -15.42 62.80
C ASN E 251 -52.02 -15.40 63.77
N PRO E 252 -50.94 -14.73 63.36
CA PRO E 252 -49.71 -14.63 64.15
C PRO E 252 -49.95 -13.94 65.51
N LYS E 253 -51.01 -13.14 65.58
CA LYS E 253 -51.33 -12.42 66.81
C LYS E 253 -52.06 -13.31 67.81
N THR E 254 -53.19 -13.87 67.38
CA THR E 254 -54.01 -14.71 68.25
C THR E 254 -53.39 -16.10 68.45
N LYS E 255 -52.50 -16.48 67.54
CA LYS E 255 -51.83 -17.77 67.59
C LYS E 255 -52.80 -18.94 67.53
N LYS E 256 -53.90 -18.75 66.80
CA LYS E 256 -54.89 -19.81 66.62
C LYS E 256 -55.41 -19.82 65.18
N TRP E 257 -55.79 -21.02 64.71
CA TRP E 257 -56.27 -21.18 63.34
C TRP E 257 -57.73 -20.74 63.20
N THR E 258 -58.05 -20.16 62.04
CA THR E 258 -59.40 -19.67 61.77
C THR E 258 -59.76 -19.90 60.30
N ASN E 259 -61.06 -19.98 60.03
CA ASN E 259 -61.54 -20.18 58.66
C ASN E 259 -61.98 -18.88 58.01
N LYS E 260 -61.65 -17.76 58.66
CA LYS E 260 -61.97 -16.44 58.13
C LYS E 260 -60.74 -15.73 57.59
N ASP E 261 -60.86 -15.14 56.41
CA ASP E 261 -59.75 -14.41 55.82
C ASP E 261 -59.71 -12.98 56.34
N THR E 262 -60.19 -12.79 57.57
CA THR E 262 -60.28 -11.47 58.17
C THR E 262 -60.22 -11.52 59.70
N ASP E 263 -59.31 -10.75 60.28
CA ASP E 263 -59.18 -10.65 61.72
C ASP E 263 -60.37 -9.90 62.31
N ALA E 264 -60.53 -9.98 63.63
CA ALA E 264 -61.64 -9.33 64.31
C ALA E 264 -61.79 -7.87 63.91
N GLU E 265 -60.66 -7.17 63.78
CA GLU E 265 -60.68 -5.73 63.46
C GLU E 265 -60.84 -5.48 61.97
N GLY E 266 -60.93 -6.56 61.18
CA GLY E 266 -61.08 -6.45 59.74
C GLY E 266 -59.75 -6.44 59.01
N LYS E 267 -58.75 -7.06 59.62
CA LYS E 267 -57.41 -7.12 59.02
C LYS E 267 -57.22 -8.40 58.22
N PRO E 268 -56.71 -8.27 56.98
CA PRO E 268 -56.49 -9.41 56.09
C PRO E 268 -55.48 -10.40 56.66
N LEU E 269 -55.88 -11.66 56.77
CA LEU E 269 -54.98 -12.70 57.26
C LEU E 269 -54.41 -13.50 56.08
N GLU E 270 -53.19 -14.00 56.25
CA GLU E 270 -52.53 -14.75 55.19
C GLU E 270 -52.86 -16.23 55.27
N ARG E 271 -53.01 -16.86 54.11
CA ARG E 271 -53.38 -18.27 54.04
C ARG E 271 -52.28 -19.16 54.61
N ALA E 272 -52.67 -20.34 55.09
CA ALA E 272 -51.72 -21.29 55.65
C ALA E 272 -50.69 -21.70 54.60
N PHE E 273 -51.13 -21.77 53.34
CA PHE E 273 -50.25 -22.15 52.26
C PHE E 273 -49.30 -21.01 51.89
N ASN E 274 -49.82 -19.78 51.91
CA ASN E 274 -49.03 -18.62 51.54
C ASN E 274 -48.05 -18.19 52.63
N MET E 275 -48.30 -18.64 53.85
CA MET E 275 -47.48 -18.23 54.99
C MET E 275 -46.54 -19.33 55.46
N PHE E 276 -46.87 -20.58 55.13
CA PHE E 276 -46.06 -21.72 55.59
C PHE E 276 -45.34 -22.42 54.45
N ILE E 277 -45.88 -22.33 53.23
CA ILE E 277 -45.31 -23.04 52.09
C ILE E 277 -44.65 -22.10 51.09
N LEU E 278 -45.41 -21.11 50.61
CA LEU E 278 -44.89 -20.16 49.62
C LEU E 278 -43.92 -19.18 50.25
N ASP E 279 -44.18 -18.78 51.49
CA ASP E 279 -43.36 -17.80 52.18
C ASP E 279 -41.90 -18.22 52.29
N PRO E 280 -41.64 -19.43 52.82
CA PRO E 280 -40.24 -19.89 52.98
C PRO E 280 -39.49 -19.93 51.66
N ILE E 281 -40.09 -20.52 50.63
CA ILE E 281 -39.45 -20.65 49.34
C ILE E 281 -39.23 -19.27 48.69
N PHE E 282 -40.16 -18.36 48.93
CA PHE E 282 -40.06 -17.00 48.39
C PHE E 282 -38.83 -16.26 48.93
N ARG E 283 -38.62 -16.34 50.23
CA ARG E 283 -37.51 -15.63 50.87
C ARG E 283 -36.16 -16.15 50.43
N LEU E 284 -36.10 -17.45 50.11
CA LEU E 284 -34.88 -18.05 49.59
C LEU E 284 -34.57 -17.51 48.20
N PHE E 285 -35.62 -17.19 47.45
CA PHE E 285 -35.48 -16.58 46.13
C PHE E 285 -35.15 -15.10 46.26
N THR E 286 -35.62 -14.49 47.34
CA THR E 286 -35.42 -13.07 47.57
C THR E 286 -34.04 -12.77 48.16
N ALA E 287 -33.50 -13.72 48.91
CA ALA E 287 -32.22 -13.55 49.57
C ALA E 287 -31.04 -14.00 48.71
N ILE E 288 -31.28 -14.98 47.85
CA ILE E 288 -30.23 -15.52 47.00
C ILE E 288 -30.03 -14.72 45.72
N MET E 289 -31.13 -14.36 45.07
CA MET E 289 -31.06 -13.59 43.82
C MET E 289 -30.40 -12.23 44.03
N ASN E 290 -30.82 -11.52 45.06
CA ASN E 290 -30.28 -10.19 45.35
C ASN E 290 -28.90 -10.22 45.98
N PHE E 291 -28.30 -11.42 46.04
CA PHE E 291 -26.96 -11.59 46.59
C PHE E 291 -26.86 -11.07 48.01
N LYS E 292 -27.95 -11.18 48.76
CA LYS E 292 -27.97 -10.75 50.15
C LYS E 292 -27.18 -11.72 51.03
N LYS E 293 -25.88 -11.50 51.11
CA LYS E 293 -24.98 -12.40 51.83
C LYS E 293 -25.21 -12.40 53.33
N ASP E 294 -26.01 -11.46 53.81
CA ASP E 294 -26.32 -11.35 55.24
C ASP E 294 -27.52 -12.22 55.61
N GLU E 295 -28.34 -12.54 54.63
CA GLU E 295 -29.56 -13.31 54.87
C GLU E 295 -29.39 -14.78 54.50
N ILE E 296 -28.71 -15.04 53.38
CA ILE E 296 -28.54 -16.39 52.87
C ILE E 296 -28.15 -17.42 53.95
N PRO E 297 -27.05 -17.15 54.66
CA PRO E 297 -26.60 -18.10 55.70
C PRO E 297 -27.67 -18.36 56.75
N VAL E 298 -28.13 -17.29 57.41
CA VAL E 298 -29.13 -17.41 58.47
C VAL E 298 -30.43 -18.02 57.97
N LEU E 299 -30.77 -17.73 56.72
CA LEU E 299 -32.01 -18.22 56.12
C LEU E 299 -31.96 -19.72 55.88
N LEU E 300 -30.79 -20.21 55.48
CA LEU E 300 -30.62 -21.64 55.20
C LEU E 300 -30.61 -22.48 56.48
N GLU E 301 -30.09 -21.91 57.56
CA GLU E 301 -29.99 -22.63 58.83
C GLU E 301 -31.35 -22.92 59.43
N LYS E 302 -32.23 -21.93 59.44
CA LYS E 302 -33.57 -22.08 60.02
C LYS E 302 -34.39 -23.13 59.28
N LEU E 303 -34.11 -23.31 57.99
CA LEU E 303 -34.84 -24.27 57.17
C LEU E 303 -34.11 -25.59 57.06
N GLU E 304 -33.06 -25.76 57.85
CA GLU E 304 -32.28 -27.00 57.87
C GLU E 304 -31.67 -27.27 56.49
N ILE E 305 -30.94 -26.30 55.96
CA ILE E 305 -30.31 -26.44 54.66
C ILE E 305 -28.80 -26.25 54.75
N VAL E 306 -28.07 -27.36 54.77
CA VAL E 306 -26.62 -27.31 54.85
C VAL E 306 -25.98 -27.47 53.48
N LEU E 307 -25.15 -26.50 53.10
CA LEU E 307 -24.47 -26.53 51.81
C LEU E 307 -23.21 -27.37 51.87
N LYS E 308 -22.82 -27.95 50.74
CA LYS E 308 -21.66 -28.82 50.69
C LYS E 308 -20.38 -28.07 50.31
N GLY E 309 -20.09 -26.99 51.04
CA GLY E 309 -18.86 -26.25 50.86
C GLY E 309 -18.82 -25.36 49.63
N ASP E 310 -18.47 -25.96 48.49
CA ASP E 310 -18.33 -25.22 47.24
C ASP E 310 -19.63 -24.51 46.85
N GLU E 311 -20.72 -24.88 47.51
CA GLU E 311 -22.03 -24.33 47.19
C GLU E 311 -22.36 -23.11 48.06
N LYS E 312 -21.41 -22.71 48.90
CA LYS E 312 -21.63 -21.59 49.81
C LYS E 312 -21.12 -20.28 49.21
N ASP E 313 -20.25 -20.39 48.22
CA ASP E 313 -19.71 -19.21 47.54
C ASP E 313 -20.53 -18.88 46.30
N LEU E 314 -21.44 -19.78 45.93
CA LEU E 314 -22.29 -19.59 44.76
C LEU E 314 -23.25 -18.43 44.97
N GLU E 315 -23.48 -17.66 43.90
CA GLU E 315 -24.41 -16.54 43.94
C GLU E 315 -25.27 -16.52 42.69
N GLY E 316 -26.39 -15.81 42.75
CA GLY E 316 -27.32 -15.74 41.64
C GLY E 316 -28.04 -17.06 41.43
N LYS E 317 -28.42 -17.35 40.19
CA LYS E 317 -29.14 -18.58 39.88
C LYS E 317 -28.30 -19.82 40.17
N ALA E 318 -27.01 -19.60 40.40
CA ALA E 318 -26.10 -20.71 40.69
C ALA E 318 -26.28 -21.22 42.11
N LEU E 319 -26.70 -20.34 43.01
CA LEU E 319 -26.90 -20.69 44.41
C LEU E 319 -28.32 -21.18 44.68
N LEU E 320 -29.28 -20.53 44.04
CA LEU E 320 -30.69 -20.85 44.25
C LEU E 320 -31.02 -22.25 43.75
N LYS E 321 -30.40 -22.66 42.64
CA LYS E 321 -30.63 -23.98 42.08
C LYS E 321 -30.09 -25.09 42.97
N VAL E 322 -29.22 -24.72 43.90
CA VAL E 322 -28.62 -25.68 44.82
C VAL E 322 -29.40 -25.77 46.13
N VAL E 323 -29.79 -24.61 46.65
CA VAL E 323 -30.54 -24.56 47.89
C VAL E 323 -31.90 -25.23 47.76
N MET E 324 -32.46 -25.19 46.57
CA MET E 324 -33.77 -25.78 46.31
C MET E 324 -33.70 -27.31 46.18
N ARG E 325 -32.54 -27.82 45.80
CA ARG E 325 -32.36 -29.25 45.63
C ARG E 325 -32.38 -29.98 46.97
N LYS E 326 -31.72 -29.40 47.97
CA LYS E 326 -31.65 -30.00 49.29
C LYS E 326 -32.89 -29.68 50.12
N PHE E 327 -33.46 -28.50 49.88
CA PHE E 327 -34.66 -28.06 50.59
C PHE E 327 -35.87 -28.88 50.18
N LEU E 328 -36.05 -29.05 48.87
CA LEU E 328 -37.17 -29.83 48.34
C LEU E 328 -36.76 -30.63 47.12
N PRO E 329 -36.22 -31.84 47.34
CA PRO E 329 -35.83 -32.75 46.26
C PRO E 329 -37.00 -33.04 45.32
N ALA E 330 -36.92 -32.55 44.09
CA ALA E 330 -38.00 -32.71 43.13
C ALA E 330 -38.36 -34.17 42.89
N ALA E 331 -37.33 -35.03 42.90
CA ALA E 331 -37.52 -36.44 42.62
C ALA E 331 -38.37 -37.14 43.68
N ASP E 332 -38.14 -36.79 44.94
CA ASP E 332 -38.85 -37.43 46.05
C ASP E 332 -40.33 -37.08 46.06
N ALA E 333 -40.64 -35.81 45.78
CA ALA E 333 -42.03 -35.37 45.71
C ALA E 333 -42.74 -36.07 44.56
N LEU E 334 -41.98 -36.47 43.56
CA LEU E 334 -42.51 -37.15 42.39
C LEU E 334 -42.55 -38.66 42.60
N LEU E 335 -41.88 -39.13 43.64
CA LEU E 335 -41.87 -40.55 43.99
C LEU E 335 -42.86 -40.86 45.10
N GLU E 336 -43.32 -39.81 45.78
CA GLU E 336 -44.24 -39.95 46.90
C GLU E 336 -45.63 -40.32 46.42
N MET E 337 -46.23 -39.45 45.61
CA MET E 337 -47.58 -39.65 45.10
C MET E 337 -47.73 -40.99 44.38
N ILE E 338 -46.69 -41.40 43.67
CA ILE E 338 -46.70 -42.64 42.91
C ILE E 338 -47.03 -43.83 43.81
N VAL E 339 -46.25 -44.01 44.86
CA VAL E 339 -46.43 -45.14 45.76
C VAL E 339 -47.71 -45.03 46.58
N LEU E 340 -47.96 -43.85 47.11
CA LEU E 340 -49.09 -43.63 48.01
C LEU E 340 -50.45 -43.80 47.32
N HIS E 341 -50.53 -43.39 46.06
CA HIS E 341 -51.82 -43.35 45.37
C HIS E 341 -51.94 -44.37 44.23
N LEU E 342 -51.09 -44.24 43.23
CA LEU E 342 -51.16 -45.11 42.06
C LEU E 342 -51.35 -46.57 42.43
N PRO E 343 -52.39 -47.21 41.87
CA PRO E 343 -52.72 -48.62 42.12
C PRO E 343 -51.63 -49.56 41.63
N SER E 344 -51.78 -50.85 41.94
CA SER E 344 -50.83 -51.86 41.52
C SER E 344 -51.45 -52.80 40.49
N PRO E 345 -50.64 -53.66 39.87
CA PRO E 345 -51.12 -54.64 38.90
C PRO E 345 -52.21 -55.55 39.47
N VAL E 346 -52.43 -55.49 40.79
CA VAL E 346 -53.48 -56.29 41.42
C VAL E 346 -54.78 -55.51 41.46
N THR E 347 -54.67 -54.19 41.60
CA THR E 347 -55.84 -53.33 41.69
C THR E 347 -56.47 -53.08 40.33
N ALA E 348 -55.69 -52.57 39.39
CA ALA E 348 -56.18 -52.21 38.07
C ALA E 348 -56.75 -53.41 37.31
N GLN E 349 -55.96 -54.47 37.21
CA GLN E 349 -56.35 -55.66 36.46
C GLN E 349 -57.67 -56.25 36.96
N ALA E 350 -58.07 -55.87 38.17
CA ALA E 350 -59.32 -56.36 38.75
C ALA E 350 -60.52 -55.78 38.03
N TYR E 351 -60.44 -54.52 37.64
CA TYR E 351 -61.54 -53.84 36.97
C TYR E 351 -61.23 -53.53 35.51
N ARG E 352 -59.97 -53.75 35.12
CA ARG E 352 -59.52 -53.40 33.78
C ARG E 352 -59.27 -54.64 32.93
N ALA E 353 -59.72 -55.80 33.41
CA ALA E 353 -59.54 -57.06 32.69
C ALA E 353 -60.53 -57.20 31.56
N GLU E 354 -61.80 -56.99 31.85
CA GLU E 354 -62.86 -57.11 30.85
C GLU E 354 -62.64 -56.16 29.68
N GLN E 355 -62.07 -54.99 29.97
CA GLN E 355 -61.83 -53.97 28.95
C GLN E 355 -60.63 -54.34 28.07
N LEU E 356 -59.77 -55.23 28.57
CA LEU E 356 -58.55 -55.59 27.85
C LEU E 356 -58.57 -57.03 27.34
N TYR E 357 -59.77 -57.61 27.22
CA TYR E 357 -59.89 -58.97 26.70
C TYR E 357 -61.04 -59.07 25.70
N GLU E 358 -60.69 -59.36 24.45
CA GLU E 358 -61.67 -59.48 23.39
C GLU E 358 -62.29 -60.87 23.32
N GLY E 359 -62.77 -61.34 24.46
CA GLY E 359 -63.40 -62.65 24.54
C GLY E 359 -64.46 -62.69 25.63
N PRO E 360 -64.92 -63.89 25.99
CA PRO E 360 -65.92 -64.07 27.05
C PRO E 360 -65.49 -63.43 28.35
N ALA E 361 -66.33 -62.57 28.91
CA ALA E 361 -66.02 -61.88 30.16
C ALA E 361 -65.93 -62.87 31.33
N ASP E 362 -66.33 -64.12 31.08
CA ASP E 362 -66.31 -65.16 32.10
C ASP E 362 -65.35 -66.28 31.72
N ASP E 363 -64.59 -66.07 30.65
CA ASP E 363 -63.63 -67.07 30.18
C ASP E 363 -62.62 -67.40 31.28
N ALA E 364 -62.11 -68.62 31.25
CA ALA E 364 -61.14 -69.07 32.25
C ALA E 364 -59.91 -68.17 32.29
N ASN E 365 -59.64 -67.50 31.18
CA ASN E 365 -58.48 -66.62 31.08
C ASN E 365 -58.76 -65.21 31.59
N CYS E 366 -59.90 -64.66 31.21
CA CYS E 366 -60.28 -63.31 31.60
C CYS E 366 -60.39 -63.21 33.13
N ILE E 367 -60.78 -64.31 33.77
CA ILE E 367 -60.87 -64.37 35.22
C ILE E 367 -59.47 -64.37 35.83
N ALA E 368 -58.54 -65.03 35.15
CA ALA E 368 -57.15 -65.09 35.59
C ALA E 368 -56.50 -63.71 35.50
N ILE E 369 -57.12 -62.82 34.74
CA ILE E 369 -56.61 -61.47 34.59
C ILE E 369 -57.04 -60.59 35.76
N LYS E 370 -58.32 -60.67 36.12
CA LYS E 370 -58.83 -59.93 37.27
C LYS E 370 -58.09 -60.33 38.55
N ASN E 371 -57.82 -61.63 38.67
CA ASN E 371 -57.12 -62.15 39.84
C ASN E 371 -55.61 -62.05 39.68
N CYS E 372 -55.16 -61.72 38.48
CA CYS E 372 -53.73 -61.64 38.18
C CYS E 372 -53.06 -62.95 38.58
N ASP E 373 -53.78 -64.06 38.40
CA ASP E 373 -53.31 -65.37 38.80
C ASP E 373 -52.06 -65.81 38.03
N PRO E 374 -50.92 -65.91 38.75
CA PRO E 374 -49.64 -66.32 38.17
C PRO E 374 -49.58 -67.83 37.94
N LYS E 375 -50.73 -68.50 38.00
CA LYS E 375 -50.77 -69.95 37.86
C LYS E 375 -51.50 -70.40 36.59
N ALA E 376 -52.54 -69.67 36.23
CA ALA E 376 -53.36 -70.02 35.06
C ALA E 376 -52.56 -69.93 33.76
N ASP E 377 -53.24 -70.18 32.65
CA ASP E 377 -52.62 -70.12 31.33
C ASP E 377 -52.00 -68.76 31.07
N LEU E 378 -50.87 -68.74 30.36
CA LEU E 378 -50.16 -67.50 30.07
C LEU E 378 -51.03 -66.53 29.30
N MET E 379 -50.96 -65.25 29.69
CA MET E 379 -51.66 -64.19 28.99
C MET E 379 -50.77 -62.96 28.89
N LEU E 380 -49.69 -63.07 28.13
CA LEU E 380 -48.72 -62.00 28.00
C LEU E 380 -49.06 -61.11 26.80
N TYR E 381 -49.28 -59.83 27.07
CA TYR E 381 -49.64 -58.88 26.02
C TYR E 381 -48.40 -58.17 25.47
N VAL E 382 -48.25 -58.18 24.16
CA VAL E 382 -47.13 -57.51 23.51
C VAL E 382 -47.54 -56.15 22.95
N SER E 383 -46.90 -55.10 23.44
CA SER E 383 -47.26 -53.74 23.05
C SER E 383 -46.44 -53.23 21.87
N LYS E 384 -45.12 -53.19 22.05
CA LYS E 384 -44.23 -52.67 21.02
C LYS E 384 -42.96 -53.51 20.88
N MET E 385 -42.34 -53.44 19.71
CA MET E 385 -41.06 -54.08 19.48
C MET E 385 -39.94 -53.06 19.55
N VAL E 386 -38.95 -53.32 20.38
CA VAL E 386 -37.84 -52.39 20.57
C VAL E 386 -36.56 -52.88 19.91
N PRO E 387 -35.94 -52.02 19.08
CA PRO E 387 -34.69 -52.32 18.37
C PRO E 387 -33.57 -52.71 19.33
N THR E 388 -32.67 -53.58 18.87
CA THR E 388 -31.58 -54.06 19.69
C THR E 388 -30.25 -53.99 18.95
N SER E 389 -29.16 -53.86 19.70
CA SER E 389 -27.83 -53.81 19.11
C SER E 389 -27.46 -55.17 18.53
N ASP E 390 -28.01 -56.23 19.12
CA ASP E 390 -27.79 -57.58 18.63
C ASP E 390 -28.45 -57.77 17.26
N LYS E 391 -27.67 -57.55 16.20
CA LYS E 391 -28.17 -57.65 14.84
C LYS E 391 -29.35 -56.67 14.66
N GLY E 392 -30.12 -56.86 13.60
CA GLY E 392 -31.31 -56.05 13.37
C GLY E 392 -32.50 -56.64 14.11
N ARG E 393 -32.22 -57.36 15.18
CA ARG E 393 -33.25 -58.05 15.95
C ARG E 393 -34.06 -57.08 16.81
N PHE E 394 -35.25 -57.51 17.20
CA PHE E 394 -36.12 -56.71 18.05
C PHE E 394 -36.61 -57.56 19.23
N TYR E 395 -36.76 -56.93 20.39
CA TYR E 395 -37.32 -57.62 21.55
C TYR E 395 -38.74 -57.16 21.83
N ALA E 396 -39.62 -58.11 22.13
CA ALA E 396 -41.01 -57.81 22.39
C ALA E 396 -41.21 -57.22 23.79
N PHE E 397 -41.75 -56.00 23.84
CA PHE E 397 -42.05 -55.35 25.11
C PHE E 397 -43.54 -55.50 25.42
N GLY E 398 -43.84 -55.95 26.63
CA GLY E 398 -45.22 -56.14 27.03
C GLY E 398 -45.42 -56.38 28.51
N ARG E 399 -46.62 -56.81 28.88
CA ARG E 399 -46.97 -57.04 30.27
C ARG E 399 -47.64 -58.39 30.45
N VAL E 400 -47.21 -59.14 31.46
CA VAL E 400 -47.80 -60.43 31.77
C VAL E 400 -49.07 -60.24 32.58
N PHE E 401 -50.22 -60.47 31.95
CA PHE E 401 -51.50 -60.27 32.63
C PHE E 401 -52.00 -61.52 33.34
N ALA E 402 -51.36 -62.65 33.04
CA ALA E 402 -51.72 -63.92 33.68
C ALA E 402 -50.63 -64.97 33.48
N GLY E 403 -50.61 -65.95 34.38
CA GLY E 403 -49.64 -67.02 34.31
C GLY E 403 -48.22 -66.52 34.51
N THR E 404 -47.25 -67.29 34.03
CA THR E 404 -45.84 -66.92 34.16
C THR E 404 -45.08 -67.26 32.88
N VAL E 405 -44.21 -66.34 32.46
CA VAL E 405 -43.37 -66.58 31.29
C VAL E 405 -41.99 -67.07 31.72
N LYS E 406 -41.48 -68.07 31.02
CA LYS E 406 -40.18 -68.65 31.36
C LYS E 406 -39.27 -68.77 30.14
N SER E 407 -37.97 -68.76 30.39
CA SER E 407 -36.98 -68.91 29.32
C SER E 407 -37.00 -70.35 28.81
N GLY E 408 -37.18 -70.51 27.51
CA GLY E 408 -37.23 -71.83 26.89
C GLY E 408 -38.66 -72.31 26.75
N GLN E 409 -39.55 -71.73 27.54
CA GLN E 409 -40.96 -72.09 27.50
C GLN E 409 -41.55 -71.87 26.11
N LYS E 410 -42.36 -72.82 25.65
CA LYS E 410 -43.03 -72.69 24.37
C LYS E 410 -44.36 -71.96 24.53
N VAL E 411 -44.62 -70.98 23.65
CA VAL E 411 -45.82 -70.17 23.75
C VAL E 411 -46.52 -70.04 22.40
N ARG E 412 -47.84 -69.86 22.45
CA ARG E 412 -48.64 -69.66 21.25
C ARG E 412 -48.66 -68.18 20.84
N ILE E 413 -47.89 -67.85 19.82
CA ILE E 413 -47.82 -66.47 19.34
C ILE E 413 -49.01 -66.16 18.44
N GLN E 414 -50.03 -65.53 19.01
CA GLN E 414 -51.26 -65.22 18.28
C GLN E 414 -51.22 -63.81 17.70
N GLY E 415 -51.23 -63.72 16.38
CA GLY E 415 -51.19 -62.44 15.70
C GLY E 415 -52.54 -61.75 15.71
N PRO E 416 -52.62 -60.58 15.06
CA PRO E 416 -53.85 -59.78 14.98
C PRO E 416 -55.01 -60.54 14.32
N ASN E 417 -54.74 -61.14 13.16
CA ASN E 417 -55.78 -61.84 12.40
C ASN E 417 -56.12 -63.21 12.97
N TYR E 418 -55.46 -63.59 14.05
CA TYR E 418 -55.67 -64.91 14.65
C TYR E 418 -57.04 -65.04 15.31
N VAL E 419 -57.63 -66.22 15.18
CA VAL E 419 -58.89 -66.55 15.83
C VAL E 419 -58.81 -67.97 16.40
N PRO E 420 -59.17 -68.14 17.67
CA PRO E 420 -59.10 -69.42 18.36
C PRO E 420 -59.70 -70.56 17.55
N GLY E 421 -60.66 -70.24 16.68
CA GLY E 421 -61.29 -71.24 15.85
C GLY E 421 -60.37 -71.82 14.79
N LYS E 422 -59.74 -70.96 14.01
CA LYS E 422 -58.86 -71.40 12.93
C LYS E 422 -57.39 -71.35 13.33
N LYS E 423 -56.52 -71.74 12.41
CA LYS E 423 -55.09 -71.78 12.67
C LYS E 423 -54.34 -70.69 11.91
N ASP E 424 -55.05 -69.61 11.58
CA ASP E 424 -54.47 -68.51 10.83
C ASP E 424 -53.69 -67.55 11.74
N ASP E 425 -52.58 -67.05 11.24
CA ASP E 425 -51.76 -66.09 11.99
C ASP E 425 -51.38 -66.65 13.36
N LEU E 426 -50.84 -67.86 13.36
CA LEU E 426 -50.44 -68.52 14.61
C LEU E 426 -49.04 -69.10 14.47
N PHE E 427 -48.23 -68.95 15.53
CA PHE E 427 -46.87 -69.47 15.53
C PHE E 427 -46.51 -70.06 16.89
N ILE E 428 -46.48 -71.37 16.98
CA ILE E 428 -46.12 -72.06 18.22
C ILE E 428 -44.61 -72.29 18.29
N LYS E 429 -43.91 -71.37 18.94
CA LYS E 429 -42.46 -71.46 19.05
C LYS E 429 -42.03 -71.48 20.52
N ALA E 430 -40.74 -71.25 20.76
CA ALA E 430 -40.19 -71.27 22.11
C ALA E 430 -39.48 -69.97 22.44
N ILE E 431 -39.81 -69.40 23.59
CA ILE E 431 -39.20 -68.16 24.05
C ILE E 431 -37.70 -68.37 24.33
N GLN E 432 -36.86 -67.85 23.45
CA GLN E 432 -35.42 -68.02 23.57
C GLN E 432 -34.90 -67.46 24.90
N ARG E 433 -35.38 -66.29 25.27
CA ARG E 433 -34.90 -65.62 26.48
C ARG E 433 -35.91 -64.59 26.99
N VAL E 434 -35.96 -64.45 28.31
CA VAL E 434 -36.81 -63.44 28.93
C VAL E 434 -35.93 -62.41 29.62
N VAL E 435 -36.09 -61.14 29.26
CA VAL E 435 -35.21 -60.09 29.77
C VAL E 435 -35.96 -58.94 30.44
N LEU E 436 -35.31 -58.30 31.40
CA LEU E 436 -35.86 -57.13 32.07
C LEU E 436 -35.56 -55.88 31.25
N MET E 437 -36.54 -54.98 31.15
CA MET E 437 -36.36 -53.75 30.41
C MET E 437 -35.64 -52.71 31.27
N MET E 438 -34.33 -52.83 31.37
CA MET E 438 -33.52 -51.93 32.18
C MET E 438 -33.14 -50.67 31.41
N GLY E 439 -34.13 -50.07 30.75
CA GLY E 439 -33.90 -48.86 29.98
C GLY E 439 -33.14 -49.11 28.68
N ARG E 440 -31.86 -48.77 28.68
CA ARG E 440 -31.03 -48.94 27.50
C ARG E 440 -30.35 -50.30 27.49
N PHE E 441 -30.42 -51.00 28.61
CA PHE E 441 -29.80 -52.31 28.75
C PHE E 441 -30.82 -53.37 29.13
N VAL E 442 -30.47 -54.63 28.94
CA VAL E 442 -31.35 -55.74 29.28
C VAL E 442 -30.69 -56.69 30.27
N GLU E 443 -31.49 -57.23 31.19
CA GLU E 443 -30.98 -58.17 32.19
C GLU E 443 -31.79 -59.46 32.18
N PRO E 444 -31.18 -60.54 31.69
CA PRO E 444 -31.83 -61.85 31.55
C PRO E 444 -32.50 -62.34 32.83
N ILE E 445 -33.65 -62.99 32.68
CA ILE E 445 -34.38 -63.54 33.81
C ILE E 445 -35.06 -64.84 33.39
N ASP E 446 -35.06 -65.82 34.28
CA ASP E 446 -35.60 -67.14 33.97
C ASP E 446 -37.13 -67.18 33.90
N ASP E 447 -37.78 -66.42 34.78
CA ASP E 447 -39.24 -66.39 34.80
C ASP E 447 -39.78 -65.05 35.29
N CYS E 448 -41.06 -64.81 35.04
CA CYS E 448 -41.70 -63.56 35.42
C CYS E 448 -43.19 -63.75 35.68
N PRO E 449 -43.60 -63.61 36.94
CA PRO E 449 -45.00 -63.74 37.36
C PRO E 449 -45.89 -62.69 36.70
N ALA E 450 -47.21 -62.84 36.83
CA ALA E 450 -48.14 -61.92 36.24
C ALA E 450 -48.16 -60.57 36.97
N GLY E 451 -48.43 -59.50 36.22
CA GLY E 451 -48.52 -58.18 36.79
C GLY E 451 -47.28 -57.34 36.58
N ASN E 452 -46.29 -57.91 35.89
CA ASN E 452 -45.02 -57.21 35.69
C ASN E 452 -44.76 -56.88 34.23
N ILE E 453 -43.97 -55.83 34.00
CA ILE E 453 -43.55 -55.47 32.66
C ILE E 453 -42.25 -56.19 32.33
N ILE E 454 -42.22 -56.86 31.18
CA ILE E 454 -41.07 -57.67 30.81
C ILE E 454 -40.81 -57.63 29.31
N GLY E 455 -39.62 -58.06 28.90
CA GLY E 455 -39.25 -58.13 27.50
C GLY E 455 -38.96 -59.55 27.07
N LEU E 456 -39.14 -59.83 25.78
CA LEU E 456 -38.94 -61.18 25.26
C LEU E 456 -37.98 -61.20 24.08
N VAL E 457 -37.21 -62.28 23.98
CA VAL E 457 -36.20 -62.41 22.93
C VAL E 457 -36.50 -63.60 22.02
N GLY E 458 -36.66 -63.32 20.73
CA GLY E 458 -36.89 -64.38 19.75
C GLY E 458 -38.32 -64.44 19.24
N ILE E 459 -38.94 -63.28 19.08
CA ILE E 459 -40.31 -63.21 18.58
C ILE E 459 -40.40 -62.16 17.47
N ASP E 460 -39.29 -61.47 17.23
CA ASP E 460 -39.24 -60.40 16.25
C ASP E 460 -39.52 -60.87 14.83
N GLN E 461 -39.54 -62.18 14.61
CA GLN E 461 -39.83 -62.74 13.29
C GLN E 461 -41.22 -63.32 13.20
N PHE E 462 -42.01 -63.16 14.27
CA PHE E 462 -43.37 -63.68 14.31
C PHE E 462 -44.38 -62.57 14.58
N LEU E 463 -43.93 -61.53 15.28
CA LEU E 463 -44.79 -60.38 15.57
C LEU E 463 -44.24 -59.11 14.95
N LEU E 464 -45.04 -58.47 14.10
CA LEU E 464 -44.66 -57.21 13.48
C LEU E 464 -44.41 -56.15 14.55
N LYS E 465 -45.45 -55.84 15.32
CA LYS E 465 -45.34 -54.86 16.39
C LYS E 465 -46.17 -55.28 17.60
N THR E 466 -47.42 -55.67 17.34
CA THR E 466 -48.34 -56.05 18.41
C THR E 466 -48.76 -57.51 18.29
N GLY E 467 -48.93 -58.17 19.44
CA GLY E 467 -49.35 -59.55 19.47
C GLY E 467 -49.81 -60.00 20.84
N THR E 468 -50.35 -61.22 20.90
CA THR E 468 -50.84 -61.78 22.16
C THR E 468 -50.29 -63.18 22.39
N LEU E 469 -49.48 -63.34 23.42
CA LEU E 469 -48.91 -64.64 23.75
C LEU E 469 -49.74 -65.36 24.81
N THR E 470 -50.18 -66.57 24.50
CA THR E 470 -51.01 -67.35 25.41
C THR E 470 -50.55 -68.80 25.50
N THR E 471 -51.16 -69.55 26.41
CA THR E 471 -50.89 -70.97 26.53
C THR E 471 -52.19 -71.75 26.33
N SER E 472 -53.31 -71.11 26.68
CA SER E 472 -54.62 -71.70 26.47
C SER E 472 -54.94 -71.77 24.98
N GLU E 473 -55.34 -72.95 24.52
CA GLU E 473 -55.61 -73.17 23.11
C GLU E 473 -56.91 -72.53 22.66
N THR E 474 -57.68 -72.03 23.61
CA THR E 474 -58.94 -71.36 23.32
C THR E 474 -58.94 -69.92 23.82
N ALA E 475 -57.77 -69.28 23.75
CA ALA E 475 -57.61 -67.92 24.22
C ALA E 475 -57.78 -66.90 23.10
N HIS E 476 -58.50 -65.82 23.38
CA HIS E 476 -58.71 -64.76 22.41
C HIS E 476 -57.54 -63.78 22.39
N ASN E 477 -57.63 -62.79 21.51
CA ASN E 477 -56.59 -61.77 21.41
C ASN E 477 -56.94 -60.53 22.23
N MET E 478 -56.11 -60.22 23.22
CA MET E 478 -56.34 -59.08 24.10
C MET E 478 -56.30 -57.77 23.33
N LYS E 479 -57.43 -57.07 23.32
CA LYS E 479 -57.57 -55.78 22.64
C LYS E 479 -56.38 -55.42 21.75
N VAL E 480 -56.37 -55.98 20.55
CA VAL E 480 -55.27 -55.74 19.61
C VAL E 480 -55.27 -54.30 19.10
N MET E 481 -54.06 -53.76 18.93
CA MET E 481 -53.90 -52.41 18.40
C MET E 481 -53.48 -52.48 16.95
N LYS E 482 -54.40 -52.11 16.05
CA LYS E 482 -54.17 -52.25 14.62
C LYS E 482 -52.95 -51.49 14.11
N PHE E 483 -51.93 -52.24 13.69
CA PHE E 483 -50.75 -51.68 13.06
C PHE E 483 -50.52 -52.37 11.72
N SER E 484 -50.48 -51.59 10.64
CA SER E 484 -50.26 -52.15 9.32
C SER E 484 -48.89 -51.75 8.78
N VAL E 485 -48.23 -52.68 8.10
CA VAL E 485 -46.89 -52.44 7.57
C VAL E 485 -46.94 -52.06 6.09
N SER E 486 -48.11 -51.60 5.64
CA SER E 486 -48.28 -51.21 4.25
C SER E 486 -47.66 -49.86 3.93
N PRO E 487 -46.62 -49.86 3.08
CA PRO E 487 -45.92 -48.64 2.65
C PRO E 487 -46.81 -47.80 1.75
N VAL E 488 -47.81 -47.16 2.33
CA VAL E 488 -48.80 -46.42 1.55
C VAL E 488 -48.29 -45.06 1.08
N VAL E 489 -47.44 -44.43 1.88
CA VAL E 489 -46.87 -43.14 1.53
C VAL E 489 -45.36 -43.25 1.40
N GLN E 490 -44.79 -42.58 0.40
CA GLN E 490 -43.35 -42.68 0.17
C GLN E 490 -42.78 -41.42 -0.47
N VAL E 491 -41.44 -41.32 -0.46
CA VAL E 491 -40.74 -40.19 -1.05
C VAL E 491 -39.42 -40.64 -1.65
N ALA E 492 -38.77 -39.73 -2.38
CA ALA E 492 -37.47 -40.03 -2.99
C ALA E 492 -36.34 -39.31 -2.25
N VAL E 493 -35.29 -40.05 -1.93
CA VAL E 493 -34.17 -39.49 -1.19
C VAL E 493 -32.91 -39.37 -2.04
N GLU E 494 -32.35 -38.17 -2.09
CA GLU E 494 -31.14 -37.91 -2.88
C GLU E 494 -30.23 -36.94 -2.13
N VAL E 495 -28.93 -37.21 -2.15
CA VAL E 495 -27.97 -36.37 -1.44
C VAL E 495 -27.68 -35.07 -2.16
N LYS E 496 -27.61 -33.98 -1.41
CA LYS E 496 -27.26 -32.68 -1.97
C LYS E 496 -25.76 -32.63 -2.23
N ASN E 497 -25.00 -33.34 -1.39
CA ASN E 497 -23.56 -33.45 -1.56
C ASN E 497 -23.18 -34.79 -2.18
N ALA E 498 -22.58 -34.75 -3.36
CA ALA E 498 -22.23 -35.96 -4.11
C ALA E 498 -21.23 -36.83 -3.36
N ASN E 499 -20.29 -36.19 -2.66
CA ASN E 499 -19.26 -36.92 -1.93
C ASN E 499 -19.81 -37.73 -0.75
N ASP E 500 -20.91 -37.27 -0.20
CA ASP E 500 -21.53 -37.93 0.96
C ASP E 500 -22.53 -38.99 0.51
N LEU E 501 -22.29 -39.57 -0.67
CA LEU E 501 -23.19 -40.59 -1.22
C LEU E 501 -23.20 -41.88 -0.40
N PRO E 502 -22.00 -42.43 -0.11
CA PRO E 502 -21.94 -43.69 0.64
C PRO E 502 -22.60 -43.58 2.02
N LYS E 503 -22.67 -42.37 2.55
CA LYS E 503 -23.26 -42.15 3.87
C LYS E 503 -24.77 -42.36 3.87
N LEU E 504 -25.40 -42.04 2.74
CA LEU E 504 -26.84 -42.20 2.60
C LEU E 504 -27.23 -43.68 2.51
N VAL E 505 -26.48 -44.42 1.71
CA VAL E 505 -26.74 -45.85 1.53
C VAL E 505 -26.66 -46.57 2.88
N GLU E 506 -25.84 -46.04 3.78
CA GLU E 506 -25.69 -46.62 5.11
C GLU E 506 -26.83 -46.17 6.02
N GLY E 507 -27.25 -44.92 5.87
CA GLY E 507 -28.32 -44.36 6.67
C GLY E 507 -29.65 -45.06 6.45
N LEU E 508 -29.93 -45.43 5.20
CA LEU E 508 -31.16 -46.11 4.86
C LEU E 508 -31.23 -47.49 5.51
N LYS E 509 -30.16 -48.26 5.37
CA LYS E 509 -30.08 -49.58 5.98
C LYS E 509 -30.12 -49.49 7.49
N ARG E 510 -29.63 -48.37 8.02
CA ARG E 510 -29.62 -48.15 9.46
C ARG E 510 -31.00 -47.72 9.95
N LEU E 511 -31.81 -47.20 9.02
CA LEU E 511 -33.16 -46.74 9.34
C LEU E 511 -34.15 -47.91 9.36
N SER E 512 -33.93 -48.88 8.48
CA SER E 512 -34.79 -50.05 8.39
C SER E 512 -34.63 -50.96 9.61
N LYS E 513 -33.54 -50.79 10.33
CA LYS E 513 -33.28 -51.58 11.53
C LYS E 513 -33.83 -50.90 12.78
N SER E 514 -34.14 -49.62 12.66
CA SER E 514 -34.67 -48.86 13.78
C SER E 514 -36.20 -48.78 13.72
N ASP E 515 -36.77 -49.34 12.67
CA ASP E 515 -38.22 -49.33 12.48
C ASP E 515 -38.66 -50.39 11.48
N PRO E 516 -39.45 -51.36 11.96
CA PRO E 516 -39.92 -52.49 11.14
C PRO E 516 -40.94 -52.07 10.08
N CYS E 517 -41.46 -50.85 10.19
CA CYS E 517 -42.51 -50.39 9.27
C CYS E 517 -41.96 -49.59 8.09
N VAL E 518 -40.86 -48.87 8.33
CA VAL E 518 -40.25 -48.06 7.28
C VAL E 518 -39.59 -48.94 6.23
N LEU E 519 -39.68 -48.53 4.97
CA LEU E 519 -39.13 -49.31 3.87
C LEU E 519 -38.22 -48.45 2.99
N THR E 520 -36.96 -48.88 2.86
CA THR E 520 -36.00 -48.17 2.02
C THR E 520 -35.50 -49.08 0.91
N TYR E 521 -35.88 -48.77 -0.33
CA TYR E 521 -35.50 -49.59 -1.46
C TYR E 521 -35.07 -48.74 -2.66
N MET E 522 -34.59 -49.40 -3.71
CA MET E 522 -34.19 -48.72 -4.93
C MET E 522 -35.09 -49.15 -6.10
N SER E 523 -35.38 -48.21 -6.99
CA SER E 523 -36.16 -48.51 -8.18
C SER E 523 -35.22 -48.84 -9.35
N GLU E 524 -35.80 -49.05 -10.53
CA GLU E 524 -35.01 -49.34 -11.71
C GLU E 524 -34.26 -48.10 -12.19
N SER E 525 -34.76 -46.94 -11.82
CA SER E 525 -34.10 -45.68 -12.17
C SER E 525 -32.91 -45.43 -11.26
N GLY E 526 -32.69 -46.33 -10.31
CA GLY E 526 -31.59 -46.22 -9.38
C GLY E 526 -31.92 -45.33 -8.19
N GLU E 527 -33.08 -44.70 -8.23
CA GLU E 527 -33.51 -43.80 -7.17
C GLU E 527 -33.75 -44.53 -5.86
N HIS E 528 -33.32 -43.93 -4.75
CA HIS E 528 -33.58 -44.46 -3.43
C HIS E 528 -34.92 -43.96 -2.91
N ILE E 529 -35.71 -44.87 -2.34
CA ILE E 529 -37.06 -44.53 -1.89
C ILE E 529 -37.24 -44.83 -0.40
N VAL E 530 -38.11 -44.05 0.24
CA VAL E 530 -38.43 -44.26 1.65
C VAL E 530 -39.94 -44.17 1.86
N ALA E 531 -40.54 -45.30 2.24
CA ALA E 531 -41.99 -45.36 2.43
C ALA E 531 -42.38 -45.54 3.89
N GLY E 532 -43.61 -45.17 4.22
CA GLY E 532 -44.11 -45.27 5.58
C GLY E 532 -45.58 -45.65 5.62
N THR E 533 -46.17 -45.57 6.81
CA THR E 533 -47.56 -45.97 7.00
C THR E 533 -48.52 -44.80 6.79
N GLY E 534 -48.02 -43.59 6.97
CA GLY E 534 -48.86 -42.40 6.82
C GLY E 534 -48.04 -41.13 6.67
N GLU E 535 -48.74 -40.00 6.65
CA GLU E 535 -48.10 -38.70 6.49
C GLU E 535 -47.10 -38.44 7.62
N LEU E 536 -47.56 -38.61 8.85
CA LEU E 536 -46.74 -38.38 10.02
C LEU E 536 -45.57 -39.35 10.09
N HIS E 537 -45.90 -40.65 10.09
CA HIS E 537 -44.89 -41.70 10.19
C HIS E 537 -43.70 -41.44 9.26
N LEU E 538 -44.00 -41.06 8.02
CA LEU E 538 -42.94 -40.79 7.04
C LEU E 538 -42.14 -39.55 7.41
N GLU E 539 -42.83 -38.53 7.90
CA GLU E 539 -42.19 -37.27 8.28
C GLU E 539 -41.04 -37.49 9.26
N ILE E 540 -41.32 -38.25 10.31
CA ILE E 540 -40.32 -38.54 11.35
C ILE E 540 -39.10 -39.24 10.78
N CYS E 541 -39.34 -40.33 10.06
CA CYS E 541 -38.25 -41.14 9.48
C CYS E 541 -37.34 -40.30 8.59
N LEU E 542 -37.90 -39.26 7.99
CA LEU E 542 -37.12 -38.37 7.13
C LEU E 542 -36.15 -37.53 7.94
N GLN E 543 -36.64 -36.99 9.05
CA GLN E 543 -35.82 -36.17 9.94
C GLN E 543 -34.65 -36.96 10.49
N ASP E 544 -34.95 -38.10 11.12
CA ASP E 544 -33.94 -38.94 11.75
C ASP E 544 -32.86 -39.37 10.75
N LEU E 545 -33.23 -39.49 9.49
CA LEU E 545 -32.31 -39.93 8.46
C LEU E 545 -31.31 -38.83 8.10
N GLU E 546 -31.80 -37.60 8.00
CA GLU E 546 -30.98 -36.46 7.58
C GLU E 546 -30.07 -35.96 8.71
N HIS E 547 -30.43 -36.28 9.95
CA HIS E 547 -29.68 -35.79 11.10
C HIS E 547 -28.81 -36.88 11.74
N ASP E 548 -29.31 -38.11 11.75
CA ASP E 548 -28.62 -39.19 12.45
C ASP E 548 -28.06 -40.26 11.51
N HIS E 549 -28.95 -41.11 11.00
CA HIS E 549 -28.56 -42.24 10.16
C HIS E 549 -27.53 -41.87 9.10
N ALA E 550 -27.78 -40.78 8.38
CA ALA E 550 -26.87 -40.34 7.32
C ALA E 550 -26.09 -39.09 7.75
N GLY E 551 -26.78 -38.13 8.34
CA GLY E 551 -26.17 -36.89 8.76
C GLY E 551 -25.64 -36.10 7.58
N VAL E 552 -26.41 -36.09 6.49
CA VAL E 552 -26.02 -35.42 5.26
C VAL E 552 -27.18 -34.61 4.69
N PRO E 553 -26.91 -33.38 4.23
CA PRO E 553 -27.93 -32.54 3.60
C PRO E 553 -28.66 -33.30 2.49
N LEU E 554 -29.92 -33.64 2.73
CA LEU E 554 -30.71 -34.40 1.77
C LEU E 554 -31.79 -33.55 1.11
N LYS E 555 -32.09 -33.86 -0.15
CA LYS E 555 -33.15 -33.18 -0.88
C LYS E 555 -34.23 -34.19 -1.25
N ILE E 556 -35.39 -34.09 -0.59
CA ILE E 556 -36.47 -35.04 -0.78
C ILE E 556 -37.49 -34.55 -1.80
N SER E 557 -38.76 -34.89 -1.58
CA SER E 557 -39.83 -34.52 -2.49
C SER E 557 -41.19 -34.65 -1.81
N PRO E 558 -42.22 -33.98 -2.35
CA PRO E 558 -43.57 -34.05 -1.81
C PRO E 558 -44.03 -35.48 -1.54
N PRO E 559 -44.98 -35.65 -0.62
CA PRO E 559 -45.47 -36.96 -0.19
C PRO E 559 -46.28 -37.67 -1.30
N VAL E 560 -45.71 -38.75 -1.84
CA VAL E 560 -46.37 -39.49 -2.90
C VAL E 560 -47.15 -40.69 -2.38
N VAL E 561 -48.34 -40.91 -2.92
CA VAL E 561 -49.17 -42.06 -2.56
C VAL E 561 -48.85 -43.26 -3.44
N ALA E 562 -48.78 -44.44 -2.84
CA ALA E 562 -48.50 -45.67 -3.57
C ALA E 562 -49.78 -46.32 -4.06
N TYR E 563 -49.84 -46.64 -5.35
CA TYR E 563 -51.02 -47.28 -5.93
C TYR E 563 -50.71 -48.71 -6.36
N ARG E 564 -51.74 -49.41 -6.82
CA ARG E 564 -51.58 -50.77 -7.35
C ARG E 564 -52.07 -50.82 -8.79
N GLU E 565 -51.53 -51.74 -9.57
CA GLU E 565 -51.99 -51.95 -10.94
C GLU E 565 -52.67 -53.31 -11.05
N THR E 566 -53.86 -53.33 -11.64
CA THR E 566 -54.62 -54.57 -11.73
C THR E 566 -55.35 -54.66 -13.06
N VAL E 567 -56.00 -55.79 -13.30
CA VAL E 567 -56.80 -56.00 -14.49
C VAL E 567 -58.20 -56.43 -14.06
N GLU E 568 -59.20 -56.10 -14.86
CA GLU E 568 -60.58 -56.41 -14.50
C GLU E 568 -61.24 -57.44 -15.41
N SER E 569 -60.45 -58.02 -16.31
CA SER E 569 -60.96 -59.07 -17.19
C SER E 569 -59.83 -59.87 -17.82
N GLU E 570 -60.18 -60.80 -18.69
CA GLU E 570 -59.21 -61.61 -19.40
C GLU E 570 -58.71 -60.87 -20.63
N SER E 571 -57.44 -61.08 -20.99
CA SER E 571 -56.87 -60.45 -22.17
C SER E 571 -57.77 -60.66 -23.38
N SER E 572 -58.10 -59.56 -24.05
CA SER E 572 -58.98 -59.60 -25.22
C SER E 572 -58.45 -60.55 -26.29
N GLN E 573 -57.13 -60.70 -26.34
CA GLN E 573 -56.49 -61.67 -27.22
C GLN E 573 -55.18 -62.17 -26.63
N THR E 574 -54.62 -63.21 -27.23
CA THR E 574 -53.39 -63.81 -26.73
C THR E 574 -52.21 -62.87 -26.92
N ALA E 575 -51.44 -62.66 -25.86
CA ALA E 575 -50.26 -61.81 -25.94
C ALA E 575 -49.05 -62.64 -26.35
N LEU E 576 -48.26 -62.09 -27.28
CA LEU E 576 -47.10 -62.79 -27.81
C LEU E 576 -45.89 -61.87 -27.82
N SER E 577 -44.73 -62.42 -27.50
CA SER E 577 -43.50 -61.66 -27.50
C SER E 577 -42.32 -62.55 -27.87
N LYS E 578 -41.38 -61.98 -28.63
CA LYS E 578 -40.18 -62.70 -29.04
C LYS E 578 -38.95 -62.23 -28.26
N SER E 579 -37.96 -63.10 -28.16
CA SER E 579 -36.67 -62.71 -27.59
C SER E 579 -35.91 -61.86 -28.60
N PRO E 580 -34.91 -61.10 -28.13
CA PRO E 580 -34.09 -60.28 -29.02
C PRO E 580 -33.53 -61.07 -30.22
N ASN E 581 -32.99 -62.27 -29.97
CA ASN E 581 -32.46 -63.09 -31.06
C ASN E 581 -33.56 -63.70 -31.93
N LYS E 582 -34.80 -63.59 -31.45
CA LYS E 582 -35.97 -64.00 -32.22
C LYS E 582 -36.07 -65.52 -32.41
N HIS E 583 -35.51 -66.27 -31.48
CA HIS E 583 -35.59 -67.72 -31.53
C HIS E 583 -36.51 -68.27 -30.45
N ASN E 584 -36.92 -67.40 -29.53
CA ASN E 584 -37.79 -67.81 -28.43
C ASN E 584 -39.11 -67.02 -28.42
N ARG E 585 -40.19 -67.70 -28.08
CA ARG E 585 -41.50 -67.06 -28.03
C ARG E 585 -42.28 -67.48 -26.79
N ILE E 586 -43.09 -66.56 -26.27
CA ILE E 586 -43.94 -66.83 -25.12
C ILE E 586 -45.34 -66.29 -25.36
N TYR E 587 -46.32 -67.19 -25.30
CA TYR E 587 -47.72 -66.80 -25.45
C TYR E 587 -48.36 -66.85 -24.08
N LEU E 588 -49.12 -65.83 -23.73
CA LEU E 588 -49.78 -65.80 -22.43
C LEU E 588 -51.05 -64.96 -22.42
N LYS E 589 -51.81 -65.10 -21.36
CA LYS E 589 -52.99 -64.28 -21.14
C LYS E 589 -53.13 -63.94 -19.67
N ALA E 590 -53.53 -62.70 -19.39
CA ALA E 590 -53.71 -62.23 -18.03
C ALA E 590 -55.19 -62.25 -17.67
N GLU E 591 -55.47 -62.37 -16.37
CA GLU E 591 -56.84 -62.34 -15.88
C GLU E 591 -56.84 -62.02 -14.38
N PRO E 592 -57.97 -61.50 -13.89
CA PRO E 592 -58.07 -61.03 -12.49
C PRO E 592 -58.04 -62.17 -11.47
N ILE E 593 -57.37 -61.94 -10.35
CA ILE E 593 -57.47 -62.80 -9.19
C ILE E 593 -58.52 -62.22 -8.27
N ASP E 594 -59.43 -63.05 -7.78
CA ASP E 594 -60.49 -62.59 -6.89
C ASP E 594 -59.92 -62.02 -5.60
N GLU E 595 -60.53 -60.94 -5.12
CA GLU E 595 -60.10 -60.28 -3.87
C GLU E 595 -59.91 -61.29 -2.74
N GLU E 596 -60.79 -62.28 -2.67
CA GLU E 596 -60.71 -63.30 -1.64
C GLU E 596 -59.35 -63.99 -1.66
N VAL E 597 -58.91 -64.38 -2.85
CA VAL E 597 -57.63 -65.07 -3.01
C VAL E 597 -56.45 -64.14 -2.75
N SER E 598 -56.54 -62.91 -3.24
CA SER E 598 -55.48 -61.93 -3.03
C SER E 598 -55.29 -61.68 -1.53
N LEU E 599 -56.39 -61.43 -0.83
CA LEU E 599 -56.38 -61.25 0.60
C LEU E 599 -55.81 -62.49 1.30
N ALA E 600 -56.22 -63.65 0.83
CA ALA E 600 -55.76 -64.92 1.39
C ALA E 600 -54.26 -65.08 1.23
N ILE E 601 -53.74 -64.61 0.11
CA ILE E 601 -52.30 -64.65 -0.14
C ILE E 601 -51.58 -63.67 0.80
N GLU E 602 -52.14 -62.49 0.95
CA GLU E 602 -51.57 -61.46 1.82
C GLU E 602 -51.69 -61.84 3.29
N ASN E 603 -52.65 -62.73 3.59
CA ASN E 603 -52.87 -63.16 4.96
C ASN E 603 -52.20 -64.48 5.31
N GLY E 604 -51.46 -65.04 4.35
CA GLY E 604 -50.68 -66.24 4.60
C GLY E 604 -51.43 -67.54 4.36
N ILE E 605 -52.75 -67.47 4.31
CA ILE E 605 -53.56 -68.66 4.05
C ILE E 605 -53.05 -69.42 2.84
N ILE E 606 -52.82 -68.69 1.74
CA ILE E 606 -52.19 -69.25 0.56
C ILE E 606 -50.79 -68.66 0.43
N ASN E 607 -49.76 -69.44 0.74
CA ASN E 607 -48.41 -68.90 0.69
C ASN E 607 -47.41 -69.74 -0.11
N PRO E 608 -46.44 -69.05 -0.74
CA PRO E 608 -45.41 -69.57 -1.65
C PRO E 608 -44.55 -70.68 -1.07
N ARG E 609 -44.44 -70.76 0.25
CA ARG E 609 -43.57 -71.75 0.89
C ARG E 609 -44.29 -73.05 1.21
N ASP E 610 -45.60 -73.08 0.93
CA ASP E 610 -46.41 -74.26 1.20
C ASP E 610 -46.07 -75.42 0.28
N ASP E 611 -46.54 -76.60 0.63
CA ASP E 611 -46.51 -77.75 -0.27
C ASP E 611 -47.53 -77.46 -1.37
N PHE E 612 -47.09 -77.56 -2.63
CA PHE E 612 -47.94 -77.18 -3.75
C PHE E 612 -49.23 -77.99 -3.81
N LYS E 613 -49.20 -79.23 -3.31
CA LYS E 613 -50.38 -80.08 -3.30
C LYS E 613 -51.38 -79.65 -2.23
N ALA E 614 -50.87 -79.35 -1.03
CA ALA E 614 -51.72 -78.90 0.07
C ALA E 614 -52.30 -77.52 -0.24
N ARG E 615 -51.49 -76.67 -0.86
CA ARG E 615 -51.91 -75.33 -1.25
C ARG E 615 -52.98 -75.39 -2.33
N ALA E 616 -52.78 -76.25 -3.31
CA ALA E 616 -53.75 -76.43 -4.38
C ALA E 616 -55.08 -76.92 -3.81
N ARG E 617 -54.99 -77.84 -2.85
CA ARG E 617 -56.17 -78.37 -2.17
C ARG E 617 -57.01 -77.24 -1.59
N ILE E 618 -56.33 -76.26 -0.99
CA ILE E 618 -56.99 -75.10 -0.39
C ILE E 618 -57.63 -74.20 -1.44
N MET E 619 -56.87 -73.90 -2.49
CA MET E 619 -57.32 -72.97 -3.52
C MET E 619 -58.53 -73.51 -4.28
N ALA E 620 -58.60 -74.83 -4.39
CA ALA E 620 -59.69 -75.47 -5.11
C ALA E 620 -60.95 -75.59 -4.24
N ASP E 621 -60.77 -76.05 -3.00
CA ASP E 621 -61.89 -76.29 -2.10
C ASP E 621 -62.51 -75.01 -1.54
N ASP E 622 -61.68 -74.00 -1.28
CA ASP E 622 -62.16 -72.79 -0.61
C ASP E 622 -62.32 -71.59 -1.54
N TYR E 623 -61.69 -71.63 -2.71
CA TYR E 623 -61.69 -70.46 -3.59
C TYR E 623 -62.07 -70.77 -5.05
N GLY E 624 -62.60 -71.97 -5.27
CA GLY E 624 -63.09 -72.35 -6.59
C GLY E 624 -62.05 -72.31 -7.68
N TRP E 625 -60.87 -72.86 -7.40
CA TRP E 625 -59.82 -72.99 -8.39
C TRP E 625 -59.84 -74.39 -8.99
N ASP E 626 -59.46 -74.50 -10.27
CA ASP E 626 -59.20 -75.80 -10.86
C ASP E 626 -57.91 -76.33 -10.24
N VAL E 627 -58.00 -77.48 -9.58
CA VAL E 627 -56.86 -78.01 -8.85
C VAL E 627 -55.69 -78.31 -9.79
N THR E 628 -55.98 -78.44 -11.08
CA THR E 628 -54.94 -78.65 -12.08
C THR E 628 -54.13 -77.37 -12.28
N ASP E 629 -54.81 -76.22 -12.27
CA ASP E 629 -54.17 -74.93 -12.40
C ASP E 629 -53.38 -74.57 -11.15
N ALA E 630 -54.00 -74.74 -9.98
CA ALA E 630 -53.38 -74.41 -8.71
C ALA E 630 -52.15 -75.25 -8.44
N ARG E 631 -52.12 -76.44 -9.03
CA ARG E 631 -51.03 -77.38 -8.86
C ARG E 631 -49.83 -76.97 -9.70
N LYS E 632 -50.08 -76.12 -10.69
CA LYS E 632 -49.04 -75.71 -11.62
C LYS E 632 -48.63 -74.24 -11.46
N ILE E 633 -48.70 -73.74 -10.23
CA ILE E 633 -48.24 -72.40 -9.91
C ILE E 633 -46.72 -72.35 -9.99
N TRP E 634 -46.20 -71.38 -10.75
CA TRP E 634 -44.76 -71.25 -10.93
C TRP E 634 -44.13 -70.29 -9.92
N CYS E 635 -44.87 -69.26 -9.54
CA CYS E 635 -44.37 -68.30 -8.57
C CYS E 635 -45.41 -67.25 -8.18
N PHE E 636 -45.12 -66.53 -7.10
CA PHE E 636 -45.91 -65.37 -6.69
C PHE E 636 -45.07 -64.13 -6.99
N GLY E 637 -45.70 -62.96 -6.97
CA GLY E 637 -44.99 -61.71 -7.21
C GLY E 637 -45.75 -60.49 -6.75
N PRO E 638 -45.01 -59.40 -6.44
CA PRO E 638 -43.55 -59.42 -6.48
C PRO E 638 -42.93 -59.98 -5.21
N ASP E 639 -41.61 -59.87 -5.14
CA ASP E 639 -40.82 -60.32 -4.00
C ASP E 639 -41.12 -61.77 -3.64
N GLY E 640 -41.51 -62.56 -4.64
CA GLY E 640 -41.72 -63.98 -4.46
C GLY E 640 -42.92 -64.39 -3.62
N ASN E 641 -43.71 -63.41 -3.16
CA ASN E 641 -44.85 -63.72 -2.30
C ASN E 641 -46.06 -62.81 -2.48
N GLY E 642 -46.04 -61.98 -3.51
CA GLY E 642 -47.12 -61.04 -3.75
C GLY E 642 -48.38 -61.71 -4.30
N PRO E 643 -49.52 -60.98 -4.25
CA PRO E 643 -50.82 -61.42 -4.74
C PRO E 643 -50.90 -61.46 -6.27
N ASN E 644 -49.86 -61.98 -6.91
CA ASN E 644 -49.86 -62.17 -8.35
C ASN E 644 -49.29 -63.54 -8.68
N LEU E 645 -49.90 -64.24 -9.64
CA LEU E 645 -49.56 -65.63 -9.91
C LEU E 645 -49.20 -65.90 -11.36
N VAL E 646 -48.21 -66.76 -11.56
CA VAL E 646 -47.93 -67.32 -12.87
C VAL E 646 -48.37 -68.78 -12.90
N ILE E 647 -49.25 -69.11 -13.84
CA ILE E 647 -49.70 -70.48 -14.00
C ILE E 647 -49.18 -71.09 -15.30
N ASP E 648 -48.66 -72.31 -15.21
CA ASP E 648 -48.15 -73.01 -16.39
C ASP E 648 -49.24 -73.85 -17.04
N GLN E 649 -49.75 -73.38 -18.19
CA GLN E 649 -50.80 -74.08 -18.90
C GLN E 649 -50.33 -74.54 -20.28
N THR E 650 -49.03 -74.74 -20.42
CA THR E 650 -48.47 -75.16 -21.70
C THR E 650 -48.65 -76.66 -21.93
N LYS E 651 -48.78 -77.05 -23.20
CA LYS E 651 -48.94 -78.45 -23.56
C LYS E 651 -47.70 -78.97 -24.27
N ALA E 652 -47.07 -79.99 -23.69
CA ALA E 652 -45.97 -80.70 -24.35
C ALA E 652 -44.85 -79.77 -24.85
N VAL E 653 -44.37 -78.90 -23.98
CA VAL E 653 -43.23 -78.04 -24.31
C VAL E 653 -41.96 -78.59 -23.68
N GLN E 654 -40.98 -78.92 -24.50
CA GLN E 654 -39.75 -79.53 -24.03
C GLN E 654 -38.70 -78.49 -23.66
N TYR E 655 -37.86 -78.81 -22.68
CA TYR E 655 -36.86 -77.90 -22.14
C TYR E 655 -37.51 -76.84 -21.24
N LEU E 656 -38.84 -76.89 -21.11
CA LEU E 656 -39.58 -75.85 -20.41
C LEU E 656 -38.99 -75.52 -19.04
N HIS E 657 -38.58 -76.56 -18.32
CA HIS E 657 -38.01 -76.38 -16.98
C HIS E 657 -36.71 -75.59 -17.00
N GLU E 658 -36.05 -75.54 -18.15
CA GLU E 658 -34.76 -74.87 -18.26
C GLU E 658 -34.87 -73.35 -18.35
N ILE E 659 -36.09 -72.85 -18.55
CA ILE E 659 -36.32 -71.41 -18.63
C ILE E 659 -37.19 -70.92 -17.48
N LYS E 660 -37.49 -71.80 -16.53
CA LYS E 660 -38.39 -71.45 -15.43
C LYS E 660 -37.82 -70.33 -14.55
N ASP E 661 -36.55 -70.44 -14.19
CA ASP E 661 -35.90 -69.43 -13.36
C ASP E 661 -35.94 -68.05 -14.01
N SER E 662 -35.79 -68.02 -15.34
CA SER E 662 -35.85 -66.79 -16.10
C SER E 662 -37.26 -66.20 -16.12
N VAL E 663 -38.24 -67.05 -16.39
CA VAL E 663 -39.64 -66.64 -16.39
C VAL E 663 -40.05 -66.11 -15.01
N VAL E 664 -39.61 -66.80 -13.97
CA VAL E 664 -39.91 -66.39 -12.60
C VAL E 664 -39.28 -65.03 -12.29
N ALA E 665 -38.02 -64.87 -12.66
CA ALA E 665 -37.30 -63.62 -12.44
C ALA E 665 -37.97 -62.45 -13.15
N ALA E 666 -38.42 -62.70 -14.38
CA ALA E 666 -39.09 -61.67 -15.16
C ALA E 666 -40.40 -61.25 -14.48
N PHE E 667 -41.10 -62.22 -13.92
CA PHE E 667 -42.38 -61.96 -13.28
C PHE E 667 -42.22 -61.12 -12.01
N GLN E 668 -41.08 -61.29 -11.34
CA GLN E 668 -40.79 -60.53 -10.13
C GLN E 668 -40.66 -59.04 -10.42
N TRP E 669 -40.12 -58.72 -11.59
CA TRP E 669 -39.97 -57.32 -11.98
C TRP E 669 -41.22 -56.78 -12.65
N ALA E 670 -41.88 -57.63 -13.42
CA ALA E 670 -43.11 -57.23 -14.11
C ALA E 670 -44.19 -56.80 -13.12
N THR E 671 -44.31 -57.55 -12.03
CA THR E 671 -45.31 -57.24 -11.01
C THR E 671 -44.80 -56.19 -10.03
N LYS E 672 -43.49 -55.97 -10.03
CA LYS E 672 -42.88 -54.97 -9.16
C LYS E 672 -43.17 -53.57 -9.67
N GLU E 673 -43.06 -53.40 -10.98
CA GLU E 673 -43.30 -52.11 -11.62
C GLU E 673 -44.11 -52.31 -12.89
N GLY E 674 -45.39 -51.94 -12.84
CA GLY E 674 -46.31 -52.18 -13.94
C GLY E 674 -46.14 -51.26 -15.13
N PRO E 675 -46.80 -51.62 -16.24
CA PRO E 675 -46.75 -50.90 -17.52
C PRO E 675 -47.52 -49.59 -17.52
N ILE E 676 -48.41 -49.39 -16.55
CA ILE E 676 -49.23 -48.18 -16.52
C ILE E 676 -48.43 -46.97 -16.06
N PHE E 677 -47.88 -47.04 -14.84
CA PHE E 677 -47.02 -45.98 -14.34
C PHE E 677 -46.06 -46.46 -13.25
N GLY E 678 -45.54 -47.66 -13.41
CA GLY E 678 -44.48 -48.17 -12.57
C GLY E 678 -44.87 -48.60 -11.17
N GLU E 679 -46.16 -48.83 -10.94
CA GLU E 679 -46.64 -49.27 -9.63
C GLU E 679 -46.79 -50.78 -9.57
N GLU E 680 -46.74 -51.32 -8.35
CA GLU E 680 -46.85 -52.76 -8.15
C GLU E 680 -48.19 -53.29 -8.63
N MET E 681 -48.16 -54.48 -9.23
CA MET E 681 -49.38 -55.15 -9.65
C MET E 681 -50.06 -55.82 -8.46
N ARG E 682 -51.37 -56.01 -8.57
CA ARG E 682 -52.11 -56.73 -7.53
C ARG E 682 -53.28 -57.49 -8.15
N SER E 683 -53.51 -58.70 -7.65
CA SER E 683 -54.61 -59.53 -8.11
C SER E 683 -54.50 -59.83 -9.60
N VAL E 684 -53.27 -59.99 -10.08
CA VAL E 684 -53.04 -60.29 -11.48
C VAL E 684 -52.57 -61.73 -11.67
N ARG E 685 -53.31 -62.49 -12.47
CA ARG E 685 -52.93 -63.86 -12.77
C ARG E 685 -52.51 -63.99 -14.23
N VAL E 686 -51.36 -64.61 -14.45
CA VAL E 686 -50.85 -64.79 -15.81
C VAL E 686 -50.79 -66.28 -16.17
N ASN E 687 -51.45 -66.62 -17.27
CA ASN E 687 -51.42 -67.98 -17.77
C ASN E 687 -50.51 -68.10 -18.99
N ILE E 688 -49.42 -68.85 -18.85
CA ILE E 688 -48.55 -69.13 -19.97
C ILE E 688 -49.17 -70.22 -20.83
N LEU E 689 -49.69 -69.84 -22.00
CA LEU E 689 -50.43 -70.76 -22.86
C LEU E 689 -49.51 -71.65 -23.70
N ASP E 690 -48.40 -71.10 -24.16
CA ASP E 690 -47.48 -71.83 -25.02
C ASP E 690 -46.10 -71.21 -25.03
N VAL E 691 -45.09 -72.01 -25.37
CA VAL E 691 -43.72 -71.54 -25.45
C VAL E 691 -42.94 -72.28 -26.53
N THR E 692 -42.17 -71.53 -27.32
CA THR E 692 -41.28 -72.13 -28.30
C THR E 692 -39.84 -71.75 -27.95
N LEU E 693 -38.97 -72.74 -27.86
CA LEU E 693 -37.60 -72.51 -27.44
C LEU E 693 -36.60 -72.97 -28.49
N HIS E 694 -35.44 -72.33 -28.51
CA HIS E 694 -34.34 -72.76 -29.35
C HIS E 694 -33.77 -74.06 -28.78
N ALA E 695 -33.30 -74.94 -29.66
CA ALA E 695 -32.74 -76.22 -29.24
C ALA E 695 -31.53 -76.05 -28.33
N ASP E 696 -30.69 -75.06 -28.64
CA ASP E 696 -29.47 -74.83 -27.87
C ASP E 696 -29.73 -73.89 -26.70
N ALA E 697 -29.32 -74.30 -25.51
CA ALA E 697 -29.53 -73.52 -24.29
C ALA E 697 -28.77 -72.21 -24.31
N ILE E 698 -27.76 -72.13 -25.17
CA ILE E 698 -26.91 -70.94 -25.26
C ILE E 698 -27.70 -69.76 -25.83
N DDE E 699 -28.79 -70.07 -26.53
CA DDE E 699 -29.63 -69.04 -27.14
C DDE E 699 -30.94 -68.86 -26.38
O DDE E 699 -31.94 -68.40 -26.95
CB DDE E 699 -29.93 -69.38 -28.61
CG DDE E 699 -28.72 -69.42 -29.48
ND1 DDE E 699 -27.70 -68.49 -29.40
CD2 DDE E 699 -28.36 -70.26 -30.47
CE1 DDE E 699 -26.77 -68.76 -30.30
NE2 DDE E 699 -27.14 -69.84 -30.95
N ARG E 700 -30.95 -69.23 -25.11
CA ARG E 700 -32.13 -69.03 -24.27
C ARG E 700 -31.79 -68.85 -22.79
N GLY E 701 -30.72 -68.09 -22.53
CA GLY E 701 -30.36 -67.72 -21.17
C GLY E 701 -31.23 -66.58 -20.67
N GLY E 702 -30.92 -66.07 -19.50
CA GLY E 702 -31.70 -64.99 -18.91
C GLY E 702 -31.86 -63.80 -19.84
N GLY E 703 -30.77 -63.43 -20.50
CA GLY E 703 -30.77 -62.30 -21.40
C GLY E 703 -31.85 -62.35 -22.47
N GLN E 704 -32.19 -63.56 -22.90
CA GLN E 704 -33.18 -63.73 -23.98
C GLN E 704 -34.60 -63.91 -23.45
N ILE E 705 -34.75 -64.73 -22.42
CA ILE E 705 -36.09 -65.09 -21.94
C ILE E 705 -36.68 -64.04 -21.00
N ILE E 706 -35.86 -63.47 -20.12
CA ILE E 706 -36.33 -62.50 -19.15
C ILE E 706 -37.09 -61.33 -19.77
N PRO E 707 -36.50 -60.65 -20.76
CA PRO E 707 -37.20 -59.54 -21.43
C PRO E 707 -38.44 -60.01 -22.18
N THR E 708 -38.37 -61.18 -22.80
CA THR E 708 -39.50 -61.75 -23.52
C THR E 708 -40.70 -61.94 -22.60
N MET E 709 -40.47 -62.60 -21.47
CA MET E 709 -41.54 -62.85 -20.50
C MET E 709 -42.13 -61.56 -19.96
N ARG E 710 -41.27 -60.60 -19.68
CA ARG E 710 -41.71 -59.33 -19.11
C ARG E 710 -42.62 -58.58 -20.08
N ARG E 711 -42.16 -58.44 -21.32
CA ARG E 711 -42.92 -57.75 -22.36
C ARG E 711 -44.25 -58.45 -22.62
N ALA E 712 -44.21 -59.77 -22.73
CA ALA E 712 -45.43 -60.54 -22.98
C ALA E 712 -46.42 -60.35 -21.82
N THR E 713 -45.88 -60.21 -20.61
CA THR E 713 -46.72 -59.95 -19.44
C THR E 713 -47.37 -58.57 -19.56
N TYR E 714 -46.57 -57.58 -19.95
CA TYR E 714 -47.06 -56.22 -20.17
C TYR E 714 -48.17 -56.19 -21.21
N ALA E 715 -47.92 -56.83 -22.34
CA ALA E 715 -48.91 -56.91 -23.42
C ALA E 715 -50.21 -57.56 -22.94
N GLY E 716 -50.07 -58.65 -22.20
CA GLY E 716 -51.22 -59.35 -21.68
C GLY E 716 -52.00 -58.51 -20.69
N PHE E 717 -51.24 -57.78 -19.86
CA PHE E 717 -51.83 -56.90 -18.86
C PHE E 717 -52.65 -55.79 -19.52
N LEU E 718 -52.04 -55.09 -20.47
CA LEU E 718 -52.69 -53.98 -21.15
C LEU E 718 -53.87 -54.44 -22.00
N LEU E 719 -53.93 -55.73 -22.30
CA LEU E 719 -55.03 -56.30 -23.07
C LEU E 719 -56.16 -56.80 -22.17
N ALA E 720 -55.93 -56.76 -20.86
CA ALA E 720 -56.87 -57.31 -19.89
C ALA E 720 -57.68 -56.24 -19.16
N ASP E 721 -57.93 -55.12 -19.83
CA ASP E 721 -58.73 -54.04 -19.26
C ASP E 721 -58.13 -53.53 -17.95
N PRO E 722 -57.03 -52.77 -18.06
CA PRO E 722 -56.25 -52.32 -16.90
C PRO E 722 -56.99 -51.32 -16.02
N LYS E 723 -56.83 -51.47 -14.71
CA LYS E 723 -57.34 -50.53 -13.72
C LYS E 723 -56.29 -50.28 -12.67
N ILE E 724 -56.45 -49.19 -11.92
CA ILE E 724 -55.55 -48.91 -10.82
C ILE E 724 -56.30 -48.94 -9.50
N GLN E 725 -55.60 -49.29 -8.42
CA GLN E 725 -56.21 -49.36 -7.10
C GLN E 725 -55.58 -48.32 -6.17
N GLU E 726 -56.41 -47.73 -5.31
CA GLU E 726 -55.92 -46.77 -4.34
C GLU E 726 -56.08 -47.32 -2.92
N PRO E 727 -55.11 -47.00 -2.06
CA PRO E 727 -55.13 -47.44 -0.66
C PRO E 727 -56.13 -46.62 0.17
N VAL E 728 -56.72 -47.23 1.19
CA VAL E 728 -57.72 -46.55 2.01
C VAL E 728 -57.63 -46.94 3.48
N PHE E 729 -57.65 -45.93 4.35
CA PHE E 729 -57.57 -46.15 5.79
C PHE E 729 -58.92 -46.55 6.38
N LEU E 730 -58.88 -47.10 7.59
CA LEU E 730 -60.09 -47.38 8.35
C LEU E 730 -60.07 -46.50 9.60
N VAL E 731 -60.72 -45.34 9.52
CA VAL E 731 -60.69 -44.38 10.62
C VAL E 731 -61.85 -44.54 11.59
N GLU E 732 -61.53 -45.03 12.79
CA GLU E 732 -62.50 -45.15 13.87
C GLU E 732 -62.37 -43.96 14.83
N ILE E 733 -63.50 -43.40 15.24
CA ILE E 733 -63.49 -42.19 16.06
C ILE E 733 -64.47 -42.25 17.22
N GLN E 734 -63.99 -41.91 18.42
CA GLN E 734 -64.84 -41.77 19.59
C GLN E 734 -65.12 -40.30 19.85
N CYS E 735 -66.39 -39.95 20.04
CA CYS E 735 -66.79 -38.56 20.21
C CYS E 735 -68.19 -38.43 20.79
N PRO E 736 -68.38 -37.47 21.70
CA PRO E 736 -69.70 -37.17 22.27
C PRO E 736 -70.74 -36.93 21.18
N GLU E 737 -71.99 -37.29 21.45
CA GLU E 737 -73.06 -37.17 20.46
C GLU E 737 -73.24 -35.73 19.98
N GLN E 738 -72.80 -34.77 20.78
CA GLN E 738 -72.97 -33.36 20.45
C GLN E 738 -72.02 -32.93 19.33
N ALA E 739 -70.89 -33.63 19.21
CA ALA E 739 -69.87 -33.26 18.24
C ALA E 739 -69.66 -34.34 17.18
N VAL E 740 -70.58 -35.30 17.11
CA VAL E 740 -70.52 -36.33 16.08
C VAL E 740 -70.79 -35.71 14.71
N GLY E 741 -71.37 -34.52 14.72
CA GLY E 741 -71.65 -33.79 13.50
C GLY E 741 -70.39 -33.38 12.75
N GLY E 742 -69.41 -32.90 13.50
CA GLY E 742 -68.15 -32.48 12.91
C GLY E 742 -67.45 -33.61 12.19
N ILE E 743 -67.80 -34.84 12.54
CA ILE E 743 -67.25 -36.01 11.88
C ILE E 743 -67.69 -36.08 10.43
N TYR E 744 -69.00 -36.12 10.21
CA TYR E 744 -69.55 -36.21 8.87
C TYR E 744 -69.34 -34.91 8.09
N SER E 745 -68.89 -33.88 8.80
CA SER E 745 -68.64 -32.58 8.18
C SER E 745 -67.31 -32.56 7.43
N VAL E 746 -66.37 -33.38 7.89
CA VAL E 746 -65.05 -33.44 7.28
C VAL E 746 -64.92 -34.65 6.36
N LEU E 747 -65.67 -35.71 6.65
CA LEU E 747 -65.63 -36.92 5.84
C LEU E 747 -66.12 -36.65 4.42
N ASN E 748 -67.22 -35.93 4.29
CA ASN E 748 -67.78 -35.60 2.99
C ASN E 748 -66.97 -34.56 2.24
N LYS E 749 -65.83 -34.18 2.81
CA LYS E 749 -64.91 -33.24 2.18
C LYS E 749 -63.57 -33.93 1.94
N LYS E 750 -63.53 -35.23 2.21
CA LYS E 750 -62.31 -36.02 2.04
C LYS E 750 -62.63 -37.36 1.39
N ARG E 751 -63.81 -37.46 0.78
CA ARG E 751 -64.26 -38.70 0.14
C ARG E 751 -64.33 -39.86 1.15
N GLY E 752 -64.65 -39.54 2.39
CA GLY E 752 -64.76 -40.56 3.43
C GLY E 752 -66.09 -41.28 3.38
N GLN E 753 -66.06 -42.58 3.67
CA GLN E 753 -67.28 -43.40 3.64
C GLN E 753 -67.59 -43.97 5.02
N VAL E 754 -68.68 -43.50 5.62
CA VAL E 754 -69.09 -43.97 6.93
C VAL E 754 -69.48 -45.45 6.90
N VAL E 755 -68.76 -46.26 7.66
CA VAL E 755 -69.00 -47.70 7.71
C VAL E 755 -70.12 -48.06 8.68
N SER E 756 -69.92 -47.72 9.95
CA SER E 756 -70.90 -48.05 10.98
C SER E 756 -70.81 -47.11 12.18
N GLU E 757 -71.94 -46.52 12.54
CA GLU E 757 -72.01 -45.63 13.70
C GLU E 757 -72.72 -46.33 14.86
N GLU E 758 -72.03 -46.43 15.99
CA GLU E 758 -72.61 -47.04 17.18
C GLU E 758 -72.48 -46.14 18.39
N GLN E 759 -73.14 -46.51 19.49
CA GLN E 759 -73.14 -45.69 20.70
C GLN E 759 -72.81 -46.53 21.93
N ARG E 760 -72.25 -45.87 22.94
CA ARG E 760 -71.94 -46.54 24.20
C ARG E 760 -73.21 -46.65 25.04
N PRO E 761 -73.46 -47.85 25.58
CA PRO E 761 -74.67 -48.16 26.35
C PRO E 761 -75.06 -47.07 27.34
N GLY E 762 -74.11 -46.59 28.12
CA GLY E 762 -74.38 -45.58 29.13
C GLY E 762 -74.12 -44.16 28.67
N THR E 763 -72.85 -43.80 28.58
CA THR E 763 -72.46 -42.44 28.18
C THR E 763 -72.80 -42.18 26.72
N PRO E 764 -73.10 -40.90 26.40
CA PRO E 764 -73.39 -40.47 25.02
C PRO E 764 -72.13 -40.48 24.16
N LEU E 765 -71.24 -41.44 24.40
CA LEU E 765 -69.99 -41.53 23.65
C LEU E 765 -70.16 -42.41 22.41
N PHE E 766 -70.38 -41.76 21.26
CA PHE E 766 -70.53 -42.46 20.00
C PHE E 766 -69.21 -43.09 19.55
N THR E 767 -69.28 -43.87 18.47
CA THR E 767 -68.10 -44.50 17.91
C THR E 767 -68.28 -44.75 16.41
N VAL E 768 -68.04 -43.71 15.62
CA VAL E 768 -68.24 -43.78 14.18
C VAL E 768 -67.01 -44.33 13.46
N LYS E 769 -67.23 -45.36 12.64
CA LYS E 769 -66.17 -45.92 11.82
C LYS E 769 -66.38 -45.52 10.36
N ALA E 770 -65.30 -45.23 9.66
CA ALA E 770 -65.37 -44.82 8.27
C ALA E 770 -64.07 -45.09 7.52
N TYR E 771 -64.16 -45.16 6.20
CA TYR E 771 -62.97 -45.33 5.37
C TYR E 771 -62.49 -43.97 4.86
N LEU E 772 -61.18 -43.83 4.69
CA LEU E 772 -60.61 -42.57 4.24
C LEU E 772 -59.46 -42.80 3.25
N PRO E 773 -59.68 -42.42 1.98
CA PRO E 773 -58.63 -42.52 0.96
C PRO E 773 -57.35 -41.85 1.43
N VAL E 774 -56.22 -42.52 1.24
CA VAL E 774 -54.94 -42.02 1.75
C VAL E 774 -54.55 -40.68 1.14
N ASN E 775 -54.86 -40.48 -0.13
CA ASN E 775 -54.58 -39.20 -0.78
C ASN E 775 -55.56 -38.11 -0.35
N GLU E 776 -56.26 -38.37 0.75
CA GLU E 776 -57.23 -37.43 1.30
C GLU E 776 -57.06 -37.30 2.80
N SER E 777 -55.95 -37.83 3.31
CA SER E 777 -55.72 -37.87 4.75
C SER E 777 -54.64 -36.89 5.22
N PHE E 778 -54.07 -36.16 4.28
CA PHE E 778 -53.05 -35.18 4.60
C PHE E 778 -53.61 -34.03 5.44
N GLY E 779 -53.13 -33.93 6.68
CA GLY E 779 -53.61 -32.91 7.60
C GLY E 779 -55.04 -33.17 8.03
N PHE E 780 -55.42 -34.45 8.02
CA PHE E 780 -56.78 -34.84 8.37
C PHE E 780 -57.15 -34.44 9.80
N THR E 781 -56.31 -34.83 10.76
CA THR E 781 -56.56 -34.51 12.16
C THR E 781 -56.67 -33.00 12.38
N GLY E 782 -55.82 -32.24 11.71
CA GLY E 782 -55.83 -30.80 11.83
C GLY E 782 -57.17 -30.19 11.49
N GLU E 783 -57.94 -30.88 10.66
CA GLU E 783 -59.26 -30.41 10.24
C GLU E 783 -60.36 -30.98 11.11
N LEU E 784 -60.11 -32.15 11.69
CA LEU E 784 -61.08 -32.79 12.57
C LEU E 784 -61.00 -32.23 13.98
N ARG E 785 -59.86 -31.63 14.31
CA ARG E 785 -59.64 -31.03 15.62
C ARG E 785 -60.45 -29.74 15.75
N GLN E 786 -60.74 -29.12 14.62
CA GLN E 786 -61.44 -27.84 14.60
C GLN E 786 -62.81 -27.97 13.94
N ALA E 787 -63.35 -29.19 13.94
CA ALA E 787 -64.66 -29.46 13.36
C ALA E 787 -65.59 -30.08 14.39
N THR E 788 -65.00 -30.71 15.40
CA THR E 788 -65.79 -31.33 16.47
C THR E 788 -65.53 -30.64 17.79
N GLY E 789 -64.66 -29.65 17.78
CA GLY E 789 -64.31 -28.91 18.98
C GLY E 789 -63.10 -29.49 19.69
N GLY E 790 -62.70 -30.69 19.27
CA GLY E 790 -61.56 -31.36 19.85
C GLY E 790 -61.95 -32.52 20.75
N GLN E 791 -63.25 -32.81 20.79
CA GLN E 791 -63.77 -33.89 21.61
C GLN E 791 -63.59 -35.25 20.95
N ALA E 792 -63.44 -35.23 19.62
CA ALA E 792 -63.31 -36.47 18.86
C ALA E 792 -61.88 -37.01 18.91
N PHE E 793 -61.76 -38.32 19.08
CA PHE E 793 -60.45 -38.97 19.09
C PHE E 793 -60.25 -39.83 17.85
N PRO E 794 -59.46 -39.31 16.88
CA PRO E 794 -59.17 -39.99 15.62
C PRO E 794 -58.39 -41.29 15.83
N GLN E 795 -58.36 -42.13 14.80
CA GLN E 795 -57.69 -43.42 14.87
C GLN E 795 -57.87 -44.18 13.57
N MET E 796 -56.79 -44.33 12.80
CA MET E 796 -56.90 -44.99 11.50
C MET E 796 -55.65 -45.79 11.11
N VAL E 797 -55.86 -46.86 10.36
CA VAL E 797 -54.78 -47.70 9.84
C VAL E 797 -55.15 -48.22 8.46
N PHE E 798 -54.16 -48.60 7.68
CA PHE E 798 -54.42 -49.11 6.33
C PHE E 798 -55.38 -50.30 6.35
N ASP E 799 -56.41 -50.25 5.51
CA ASP E 799 -57.44 -51.28 5.50
C ASP E 799 -57.45 -52.13 4.23
N HIS E 800 -57.78 -51.51 3.10
CA HIS E 800 -57.96 -52.24 1.86
C HIS E 800 -57.58 -51.43 0.62
N TRP E 801 -57.57 -52.10 -0.53
CA TRP E 801 -57.37 -51.44 -1.82
C TRP E 801 -58.69 -51.25 -2.52
N SER E 802 -58.85 -50.12 -3.22
CA SER E 802 -60.08 -49.82 -3.92
C SER E 802 -59.83 -49.54 -5.40
N THR E 803 -60.42 -50.36 -6.26
CA THR E 803 -60.24 -50.22 -7.70
C THR E 803 -61.05 -49.05 -8.24
N LEU E 804 -60.36 -48.12 -8.91
CA LEU E 804 -61.03 -47.00 -9.55
C LEU E 804 -61.71 -47.45 -10.84
N GLY E 805 -62.96 -47.05 -11.00
CA GLY E 805 -63.75 -47.46 -12.15
C GLY E 805 -63.36 -46.78 -13.44
N SER E 806 -62.70 -45.63 -13.32
CA SER E 806 -62.30 -44.85 -14.49
C SER E 806 -61.14 -45.50 -15.24
N ASP E 807 -61.00 -45.15 -16.52
CA ASP E 807 -59.96 -45.70 -17.38
C ASP E 807 -58.64 -44.98 -17.20
N PRO E 808 -57.63 -45.67 -16.64
CA PRO E 808 -56.32 -45.08 -16.36
C PRO E 808 -55.57 -44.68 -17.63
N LEU E 809 -56.05 -45.12 -18.79
CA LEU E 809 -55.44 -44.78 -20.06
C LEU E 809 -55.96 -43.44 -20.58
N ASP E 810 -57.14 -43.05 -20.12
CA ASP E 810 -57.72 -41.76 -20.49
C ASP E 810 -57.27 -40.68 -19.51
N PRO E 811 -56.39 -39.78 -19.97
CA PRO E 811 -55.81 -38.72 -19.14
C PRO E 811 -56.86 -37.84 -18.46
N THR E 812 -57.98 -37.61 -19.15
CA THR E 812 -59.02 -36.73 -18.62
C THR E 812 -59.85 -37.38 -17.52
N SER E 813 -59.75 -38.71 -17.44
CA SER E 813 -60.49 -39.46 -16.42
C SER E 813 -59.85 -39.29 -15.06
N LYS E 814 -60.55 -39.73 -14.02
CA LYS E 814 -60.06 -39.58 -12.65
C LYS E 814 -58.77 -40.36 -12.43
N ALA E 815 -58.72 -41.58 -12.95
CA ALA E 815 -57.53 -42.42 -12.84
C ALA E 815 -56.45 -41.97 -13.82
N GLY E 816 -56.89 -41.47 -14.98
CA GLY E 816 -55.98 -41.02 -16.01
C GLY E 816 -55.08 -39.87 -15.56
N GLU E 817 -55.67 -38.89 -14.88
CA GLU E 817 -54.90 -37.74 -14.41
C GLU E 817 -53.88 -38.17 -13.35
N ILE E 818 -54.25 -39.15 -12.55
CA ILE E 818 -53.33 -39.69 -11.54
C ILE E 818 -52.13 -40.33 -12.23
N VAL E 819 -52.40 -41.11 -13.28
CA VAL E 819 -51.35 -41.75 -14.06
C VAL E 819 -50.50 -40.71 -14.77
N LEU E 820 -51.16 -39.75 -15.41
CA LEU E 820 -50.49 -38.69 -16.13
C LEU E 820 -49.51 -37.93 -15.25
N ALA E 821 -49.99 -37.46 -14.09
CA ALA E 821 -49.16 -36.72 -13.16
C ALA E 821 -47.99 -37.55 -12.68
N ALA E 822 -48.26 -38.82 -12.38
CA ALA E 822 -47.23 -39.73 -11.90
C ALA E 822 -46.17 -40.00 -12.97
N ARG E 823 -46.61 -40.04 -14.22
CA ARG E 823 -45.71 -40.27 -15.35
C ARG E 823 -44.76 -39.11 -15.57
N LYS E 824 -45.31 -37.90 -15.60
CA LYS E 824 -44.50 -36.70 -15.78
C LYS E 824 -43.52 -36.54 -14.64
N ARG E 825 -43.94 -36.93 -13.44
CA ARG E 825 -43.10 -36.82 -12.25
C ARG E 825 -41.87 -37.72 -12.35
N HIS E 826 -42.03 -38.86 -13.02
CA HIS E 826 -40.93 -39.80 -13.16
C HIS E 826 -40.14 -39.56 -14.44
N GLY E 827 -40.55 -38.55 -15.20
CA GLY E 827 -39.86 -38.18 -16.42
C GLY E 827 -39.99 -39.23 -17.50
N MET E 828 -41.22 -39.71 -17.72
CA MET E 828 -41.48 -40.63 -18.81
C MET E 828 -42.63 -40.15 -19.70
N LYS E 829 -42.77 -40.78 -20.86
CA LYS E 829 -43.72 -40.35 -21.88
C LYS E 829 -45.14 -40.20 -21.34
N GLU E 830 -45.67 -38.98 -21.44
CA GLU E 830 -47.02 -38.68 -20.97
C GLU E 830 -48.02 -39.78 -21.32
N GLU E 831 -47.93 -40.28 -22.54
CA GLU E 831 -48.86 -41.29 -23.03
C GLU E 831 -48.42 -42.69 -22.60
N VAL E 832 -49.36 -43.46 -22.07
CA VAL E 832 -49.09 -44.84 -21.69
C VAL E 832 -49.01 -45.71 -22.94
N PRO E 833 -47.87 -46.39 -23.12
CA PRO E 833 -47.62 -47.23 -24.29
C PRO E 833 -48.70 -48.30 -24.46
N GLY E 834 -49.21 -48.45 -25.67
CA GLY E 834 -50.23 -49.45 -25.95
C GLY E 834 -49.66 -50.86 -25.87
N TRP E 835 -50.54 -51.85 -25.95
CA TRP E 835 -50.10 -53.23 -25.89
C TRP E 835 -49.27 -53.61 -27.12
N GLN E 836 -49.44 -52.87 -28.21
CA GLN E 836 -48.69 -53.14 -29.44
C GLN E 836 -47.20 -52.90 -29.27
N GLU E 837 -46.83 -52.07 -28.31
CA GLU E 837 -45.42 -51.75 -28.07
C GLU E 837 -44.67 -52.93 -27.45
N TYR E 838 -45.38 -53.72 -26.64
CA TYR E 838 -44.78 -54.87 -25.99
C TYR E 838 -45.06 -56.16 -26.74
N TYR E 839 -46.17 -56.17 -27.47
CA TYR E 839 -46.50 -57.30 -28.33
C TYR E 839 -45.42 -57.43 -29.39
N ASP E 840 -45.19 -58.66 -29.87
CA ASP E 840 -44.21 -58.89 -30.90
C ASP E 840 -44.44 -57.95 -32.07
N LYS E 841 -43.41 -57.20 -32.46
CA LYS E 841 -43.53 -56.25 -33.56
C LYS E 841 -43.61 -56.96 -34.89
N LEU E 842 -44.81 -56.96 -35.49
CA LEU E 842 -45.02 -57.64 -36.76
C LEU E 842 -46.43 -57.43 -37.30
N ALA F 1 -9.66 -37.50 -27.84
CA ALA F 1 -10.71 -36.50 -27.78
C ALA F 1 -11.51 -36.44 -29.08
N PHE F 2 -12.40 -37.41 -29.27
CA PHE F 2 -13.25 -37.44 -30.45
C PHE F 2 -14.71 -37.20 -30.09
N LEU F 3 -14.96 -36.86 -28.83
CA LEU F 3 -16.33 -36.72 -28.33
C LEU F 3 -16.87 -35.29 -28.43
N GLY F 4 -16.00 -34.34 -28.75
CA GLY F 4 -16.41 -32.96 -28.92
C GLY F 4 -16.47 -32.17 -27.63
N ASP F 5 -17.18 -31.04 -27.66
CA ASP F 5 -17.26 -30.16 -26.50
C ASP F 5 -18.50 -30.40 -25.66
N GLY F 6 -18.38 -30.20 -24.36
CA GLY F 6 -19.48 -30.38 -23.44
C GLY F 6 -19.06 -31.01 -22.12
N GLY F 7 -20.02 -31.55 -21.39
CA GLY F 7 -19.74 -32.21 -20.14
C GLY F 7 -19.19 -33.62 -20.31
N ASP F 8 -19.00 -34.32 -19.19
CA ASP F 8 -18.50 -35.69 -19.23
C ASP F 8 -19.54 -36.67 -19.76
N VAL F 9 -19.17 -37.39 -20.82
CA VAL F 9 -20.05 -38.38 -21.41
C VAL F 9 -19.98 -39.69 -20.62
N SER F 10 -21.14 -40.21 -20.23
CA SER F 10 -21.20 -41.48 -19.52
C SER F 10 -22.44 -42.27 -19.94
N PHE F 11 -22.49 -43.54 -19.60
CA PHE F 11 -23.60 -44.38 -19.98
C PHE F 11 -24.43 -44.83 -18.78
N SER F 12 -25.75 -44.79 -18.95
CA SER F 12 -26.66 -45.27 -17.91
C SER F 12 -27.98 -45.71 -18.53
N THR F 13 -28.72 -46.53 -17.78
CA THR F 13 -30.03 -46.99 -18.21
C THR F 13 -30.95 -45.81 -18.50
N ARG F 14 -30.68 -44.69 -17.83
CA ARG F 14 -31.47 -43.47 -18.01
C ARG F 14 -31.13 -42.80 -19.35
N GLY F 15 -30.04 -43.27 -19.97
CA GLY F 15 -29.60 -42.70 -21.24
C GLY F 15 -28.18 -42.19 -21.15
N THR F 16 -27.56 -41.95 -22.31
CA THR F 16 -26.21 -41.43 -22.37
C THR F 16 -26.15 -39.97 -21.92
N GLN F 17 -25.40 -39.72 -20.86
CA GLN F 17 -25.31 -38.39 -20.28
C GLN F 17 -24.43 -37.45 -21.10
N ASN F 18 -24.87 -36.20 -21.23
CA ASN F 18 -24.11 -35.16 -21.92
C ASN F 18 -23.83 -35.47 -23.38
N TRP F 19 -24.83 -36.03 -24.06
CA TRP F 19 -24.66 -36.37 -25.46
C TRP F 19 -25.89 -36.01 -26.28
N THR F 20 -25.92 -34.78 -26.78
CA THR F 20 -27.00 -34.31 -27.64
C THR F 20 -26.69 -34.63 -29.09
N VAL F 21 -27.71 -34.58 -29.95
CA VAL F 21 -27.52 -34.81 -31.37
C VAL F 21 -26.63 -33.73 -31.98
N GLU F 22 -26.69 -32.53 -31.41
CA GLU F 22 -25.85 -31.44 -31.89
C GLU F 22 -24.39 -31.72 -31.59
N ARG F 23 -24.12 -32.29 -30.43
CA ARG F 23 -22.75 -32.65 -30.06
C ARG F 23 -22.23 -33.79 -30.95
N LEU F 24 -23.12 -34.71 -31.30
CA LEU F 24 -22.76 -35.81 -32.18
C LEU F 24 -22.35 -35.31 -33.56
N LEU F 25 -23.09 -34.34 -34.08
CA LEU F 25 -22.79 -33.75 -35.38
C LEU F 25 -21.42 -33.09 -35.39
N GLN F 26 -21.01 -32.56 -34.24
CA GLN F 26 -19.70 -31.96 -34.09
C GLN F 26 -18.63 -33.05 -34.06
N ALA F 27 -18.87 -34.09 -33.26
CA ALA F 27 -17.93 -35.19 -33.14
C ALA F 27 -17.79 -35.93 -34.46
N HIS F 28 -18.89 -36.02 -35.21
CA HIS F 28 -18.88 -36.66 -36.51
C HIS F 28 -18.09 -35.84 -37.53
N ARG F 29 -18.35 -34.53 -37.56
CA ARG F 29 -17.66 -33.63 -38.48
C ARG F 29 -16.16 -33.68 -38.26
N GLN F 30 -15.75 -33.61 -36.99
CA GLN F 30 -14.34 -33.60 -36.64
C GLN F 30 -13.66 -34.93 -36.97
N LEU F 31 -14.45 -35.99 -37.03
CA LEU F 31 -13.92 -37.31 -37.40
C LEU F 31 -13.60 -37.37 -38.89
N GLU F 32 -14.50 -36.82 -39.70
CA GLU F 32 -14.31 -36.77 -41.15
C GLU F 32 -13.17 -35.81 -41.50
N GLU F 33 -13.10 -34.70 -40.77
CA GLU F 33 -12.04 -33.73 -40.99
C GLU F 33 -10.66 -34.31 -40.72
N ARG F 34 -10.64 -35.49 -40.10
CA ARG F 34 -9.38 -36.13 -39.74
C ARG F 34 -9.16 -37.43 -40.51
N GLY F 35 -10.01 -37.69 -41.49
CA GLY F 35 -9.84 -38.84 -42.37
C GLY F 35 -10.46 -40.13 -41.86
N TYR F 36 -11.54 -40.00 -41.10
CA TYR F 36 -12.27 -41.17 -40.62
C TYR F 36 -13.62 -41.28 -41.31
N VAL F 37 -14.15 -42.50 -41.37
CA VAL F 37 -15.43 -42.75 -42.03
C VAL F 37 -16.33 -43.67 -41.21
N PHE F 38 -17.61 -43.34 -41.17
CA PHE F 38 -18.61 -44.13 -40.45
C PHE F 38 -18.87 -45.46 -41.15
N VAL F 39 -18.88 -46.54 -40.38
CA VAL F 39 -19.07 -47.87 -40.97
C VAL F 39 -20.20 -48.68 -40.32
N GLY F 40 -20.79 -48.16 -39.25
CA GLY F 40 -21.93 -48.83 -38.65
C GLY F 40 -22.11 -48.66 -37.15
N TYR F 41 -23.10 -49.36 -36.61
CA TYR F 41 -23.42 -49.30 -35.19
C TYR F 41 -22.97 -50.56 -34.45
N HIS F 42 -22.73 -50.42 -33.15
CA HIS F 42 -22.45 -51.57 -32.30
C HIS F 42 -23.27 -51.47 -31.01
N GLY F 43 -24.13 -52.45 -30.78
CA GLY F 43 -24.94 -52.49 -29.58
C GLY F 43 -24.30 -53.35 -28.51
N THR F 44 -24.29 -52.84 -27.28
CA THR F 44 -23.69 -53.57 -26.16
C THR F 44 -24.23 -53.09 -24.82
N PHE F 45 -23.75 -53.70 -23.74
CA PHE F 45 -24.17 -53.27 -22.40
C PHE F 45 -23.35 -52.09 -21.90
N LEU F 46 -23.85 -51.42 -20.87
CA LEU F 46 -23.29 -50.16 -20.39
C LEU F 46 -21.77 -50.21 -20.09
N GLU F 47 -21.34 -51.18 -19.30
CA GLU F 47 -19.92 -51.30 -18.96
C GLU F 47 -19.05 -51.47 -20.20
N ALA F 48 -19.53 -52.23 -21.17
CA ALA F 48 -18.80 -52.45 -22.40
C ALA F 48 -18.67 -51.16 -23.19
N ALA F 49 -19.73 -50.36 -23.19
CA ALA F 49 -19.74 -49.08 -23.88
C ALA F 49 -18.69 -48.14 -23.28
N GLN F 50 -18.58 -48.15 -21.96
CA GLN F 50 -17.59 -47.35 -21.27
C GLN F 50 -16.19 -47.80 -21.62
N SER F 51 -16.00 -49.11 -21.74
CA SER F 51 -14.70 -49.68 -22.06
C SER F 51 -14.30 -49.35 -23.49
N ILE F 52 -15.27 -49.44 -24.40
CA ILE F 52 -15.02 -49.23 -25.82
C ILE F 52 -14.78 -47.77 -26.16
N VAL F 53 -15.61 -46.89 -25.63
CA VAL F 53 -15.51 -45.46 -25.91
C VAL F 53 -14.32 -44.82 -25.20
N PHE F 54 -14.14 -45.18 -23.92
CA PHE F 54 -13.03 -44.65 -23.14
C PHE F 54 -11.97 -45.71 -22.88
N GLY F 55 -11.33 -46.17 -23.95
CA GLY F 55 -10.30 -47.19 -23.83
C GLY F 55 -10.01 -47.87 -25.16
N GLY F 56 -11.00 -47.83 -26.05
CA GLY F 56 -10.85 -48.40 -27.37
C GLY F 56 -11.25 -49.86 -27.46
N VAL F 57 -11.51 -50.30 -28.68
CA VAL F 57 -11.85 -51.69 -28.96
C VAL F 57 -10.60 -52.57 -28.84
N ARG F 58 -10.70 -53.64 -28.05
CA ARG F 58 -9.60 -54.58 -27.83
C ARG F 58 -10.08 -55.99 -28.18
N ALA F 59 -9.19 -56.81 -28.71
CA ALA F 59 -9.56 -58.19 -29.03
C ALA F 59 -9.86 -58.99 -27.76
N ARG F 60 -10.82 -59.90 -27.85
CA ARG F 60 -11.20 -60.75 -26.73
C ARG F 60 -11.80 -62.06 -27.22
N SER F 61 -12.15 -62.94 -26.29
CA SER F 61 -12.70 -64.26 -26.63
C SER F 61 -14.17 -64.20 -27.02
N GLN F 62 -14.54 -64.95 -28.06
CA GLN F 62 -15.91 -65.02 -28.52
C GLN F 62 -16.28 -66.48 -28.80
N ASP F 63 -17.47 -66.88 -28.38
CA ASP F 63 -17.93 -68.25 -28.60
C ASP F 63 -18.40 -68.47 -30.04
N LEU F 64 -17.44 -68.78 -30.91
CA LEU F 64 -17.73 -69.10 -32.31
C LEU F 64 -16.49 -69.71 -32.93
N ASP F 65 -16.58 -70.11 -34.19
CA ASP F 65 -15.43 -70.66 -34.89
C ASP F 65 -14.35 -69.59 -34.99
N ALA F 66 -13.16 -69.93 -34.53
CA ALA F 66 -12.04 -68.98 -34.47
C ALA F 66 -11.86 -68.19 -35.76
N ILE F 67 -12.11 -68.83 -36.90
CA ILE F 67 -11.90 -68.18 -38.19
C ILE F 67 -12.82 -66.98 -38.39
N TRP F 68 -13.92 -66.94 -37.66
CA TRP F 68 -14.89 -65.85 -37.81
C TRP F 68 -14.75 -64.81 -36.71
N ARG F 69 -13.70 -64.89 -35.91
CA ARG F 69 -13.51 -63.96 -34.81
C ARG F 69 -13.28 -62.54 -35.31
N GLY F 70 -13.74 -61.56 -34.55
CA GLY F 70 -13.60 -60.16 -34.92
C GLY F 70 -14.66 -59.28 -34.27
N PHE F 71 -14.66 -58.01 -34.61
CA PHE F 71 -15.60 -57.05 -34.05
C PHE F 71 -16.81 -56.90 -34.97
N TYR F 72 -17.99 -57.20 -34.43
CA TYR F 72 -19.23 -57.19 -35.21
C TYR F 72 -19.99 -55.88 -35.09
N ILE F 73 -20.47 -55.38 -36.23
CA ILE F 73 -21.29 -54.16 -36.26
C ILE F 73 -22.35 -54.28 -37.34
N ALA F 74 -23.22 -53.28 -37.42
CA ALA F 74 -24.29 -53.28 -38.42
C ALA F 74 -24.53 -51.88 -38.97
N GLY F 75 -24.67 -51.79 -40.28
CA GLY F 75 -24.97 -50.52 -40.92
C GLY F 75 -26.34 -50.01 -40.51
N ASP F 76 -27.24 -50.95 -40.23
CA ASP F 76 -28.59 -50.61 -39.79
C ASP F 76 -28.67 -50.73 -38.26
N PRO F 77 -28.96 -49.62 -37.57
CA PRO F 77 -29.00 -49.58 -36.11
C PRO F 77 -30.00 -50.57 -35.52
N ALA F 78 -31.05 -50.88 -36.27
CA ALA F 78 -32.08 -51.80 -35.81
C ALA F 78 -31.49 -53.14 -35.39
N LEU F 79 -30.55 -53.65 -36.19
CA LEU F 79 -29.89 -54.91 -35.88
C LEU F 79 -29.06 -54.82 -34.61
N ALA F 80 -28.16 -53.84 -34.56
CA ALA F 80 -27.30 -53.66 -33.39
C ALA F 80 -28.11 -53.36 -32.13
N TYR F 81 -29.29 -52.77 -32.32
CA TYR F 81 -30.16 -52.38 -31.22
C TYR F 81 -30.49 -53.57 -30.32
N GLY F 82 -30.61 -54.75 -30.92
CA GLY F 82 -30.96 -55.95 -30.19
C GLY F 82 -29.88 -56.45 -29.26
N TYR F 83 -28.66 -55.98 -29.46
CA TYR F 83 -27.54 -56.39 -28.62
C TYR F 83 -27.20 -55.34 -27.57
N ALA F 84 -27.91 -54.22 -27.63
CA ALA F 84 -27.70 -53.13 -26.66
C ALA F 84 -28.44 -53.42 -25.36
N GLN F 85 -27.94 -54.40 -24.61
CA GLN F 85 -28.57 -54.82 -23.36
C GLN F 85 -27.67 -55.80 -22.62
N ASP F 86 -28.03 -56.13 -21.39
CA ASP F 86 -27.34 -57.17 -20.64
C ASP F 86 -27.61 -58.53 -21.27
N GLN F 87 -26.69 -59.47 -21.07
CA GLN F 87 -26.89 -60.84 -21.50
C GLN F 87 -27.07 -61.74 -20.28
N GLU F 88 -26.67 -61.22 -19.13
CA GLU F 88 -26.83 -61.93 -17.86
C GLU F 88 -27.59 -61.07 -16.85
N PRO F 89 -28.54 -61.68 -16.13
CA PRO F 89 -29.32 -60.99 -15.09
C PRO F 89 -28.43 -60.25 -14.11
N ASP F 90 -28.89 -59.09 -13.65
CA ASP F 90 -28.14 -58.27 -12.71
C ASP F 90 -28.18 -58.86 -11.30
N ALA F 91 -27.69 -58.09 -10.33
CA ALA F 91 -27.69 -58.52 -8.93
C ALA F 91 -29.09 -58.60 -8.37
N ARG F 92 -30.06 -58.07 -9.12
CA ARG F 92 -31.46 -58.06 -8.68
C ARG F 92 -32.33 -58.85 -9.65
N GLY F 93 -31.68 -59.63 -10.51
CA GLY F 93 -32.40 -60.38 -11.54
C GLY F 93 -32.75 -59.49 -12.72
N ARG F 94 -32.24 -58.26 -12.69
CA ARG F 94 -32.51 -57.28 -13.73
C ARG F 94 -31.86 -57.64 -15.06
N ILE F 95 -32.36 -57.03 -16.13
CA ILE F 95 -31.68 -57.02 -17.42
C ILE F 95 -31.76 -55.60 -17.95
N ARG F 96 -30.66 -54.86 -17.79
CA ARG F 96 -30.63 -53.45 -18.16
C ARG F 96 -30.49 -53.25 -19.66
N ASN F 97 -31.07 -52.16 -20.16
CA ASN F 97 -30.84 -51.73 -21.53
C ASN F 97 -29.39 -51.27 -21.67
N GLY F 98 -28.87 -51.35 -22.89
CA GLY F 98 -27.50 -50.96 -23.14
C GLY F 98 -27.40 -49.64 -23.88
N ALA F 99 -26.45 -49.55 -24.80
CA ALA F 99 -26.24 -48.32 -25.57
C ALA F 99 -25.80 -48.62 -27.00
N LEU F 100 -26.32 -47.84 -27.95
CA LEU F 100 -25.90 -47.92 -29.33
C LEU F 100 -24.65 -47.07 -29.57
N LEU F 101 -23.62 -47.69 -30.15
CA LEU F 101 -22.37 -47.00 -30.43
C LEU F 101 -22.16 -46.82 -31.93
N ARG F 102 -21.52 -45.72 -32.30
CA ARG F 102 -21.17 -45.48 -33.70
C ARG F 102 -19.71 -45.83 -33.93
N VAL F 103 -19.44 -46.63 -34.95
CA VAL F 103 -18.09 -47.09 -35.24
C VAL F 103 -17.47 -46.40 -36.45
N TYR F 104 -16.27 -45.88 -36.28
CA TYR F 104 -15.55 -45.21 -37.35
C TYR F 104 -14.21 -45.90 -37.60
N VAL F 105 -13.80 -45.96 -38.86
CA VAL F 105 -12.48 -46.46 -39.23
C VAL F 105 -11.75 -45.43 -40.06
N PRO F 106 -10.41 -45.49 -40.08
CA PRO F 106 -9.65 -44.60 -40.96
C PRO F 106 -10.02 -44.88 -42.42
N ARG F 107 -10.13 -43.83 -43.22
CA ARG F 107 -10.46 -44.00 -44.63
C ARG F 107 -9.44 -44.87 -45.35
N SER F 108 -8.22 -44.90 -44.83
CA SER F 108 -7.15 -45.69 -45.42
C SER F 108 -7.45 -47.20 -45.38
N SER F 109 -8.43 -47.59 -44.58
CA SER F 109 -8.75 -49.00 -44.40
C SER F 109 -9.86 -49.47 -45.33
N LEU F 110 -10.54 -48.52 -45.96
CA LEU F 110 -11.65 -48.81 -46.87
C LEU F 110 -11.33 -49.84 -47.95
N PRO F 111 -10.12 -49.77 -48.53
CA PRO F 111 -9.76 -50.75 -49.58
C PRO F 111 -9.80 -52.19 -49.08
N GLY F 112 -9.94 -52.38 -47.77
CA GLY F 112 -10.02 -53.71 -47.20
C GLY F 112 -11.44 -54.14 -46.86
N PHE F 113 -12.41 -53.32 -47.25
CA PHE F 113 -13.81 -53.60 -47.00
C PHE F 113 -14.48 -54.31 -48.18
N TYR F 114 -15.10 -55.46 -47.92
CA TYR F 114 -15.75 -56.24 -48.97
C TYR F 114 -17.18 -56.62 -48.58
N ARG F 115 -17.98 -56.97 -49.58
CA ARG F 115 -19.34 -57.45 -49.32
C ARG F 115 -19.66 -58.71 -50.11
N THR F 116 -20.59 -59.50 -49.58
CA THR F 116 -21.05 -60.71 -50.24
C THR F 116 -22.52 -60.97 -49.89
N SER F 117 -23.20 -61.68 -50.77
CA SER F 117 -24.62 -62.00 -50.58
C SER F 117 -24.79 -63.23 -49.70
N LEU F 118 -23.69 -63.93 -49.45
CA LEU F 118 -23.72 -65.16 -48.67
C LEU F 118 -23.83 -64.87 -47.16
N THR F 119 -24.48 -65.77 -46.45
CA THR F 119 -24.66 -65.64 -45.01
C THR F 119 -23.34 -65.90 -44.28
N LEU F 120 -22.89 -64.93 -43.49
CA LEU F 120 -21.60 -65.01 -42.82
C LEU F 120 -21.60 -66.01 -41.66
N ALA F 121 -20.41 -66.25 -41.12
CA ALA F 121 -20.24 -67.16 -39.98
C ALA F 121 -20.64 -68.59 -40.32
N ALA F 122 -20.47 -68.96 -41.58
CA ALA F 122 -20.80 -70.30 -42.06
C ALA F 122 -19.69 -70.87 -42.93
N PRO F 123 -19.55 -72.20 -42.93
CA PRO F 123 -18.55 -72.91 -43.74
C PRO F 123 -18.68 -72.60 -45.23
N GLU F 124 -19.92 -72.39 -45.68
CA GLU F 124 -20.19 -72.12 -47.09
C GLU F 124 -19.66 -70.75 -47.50
N ALA F 125 -19.66 -69.82 -46.57
CA ALA F 125 -19.22 -68.45 -46.84
C ALA F 125 -17.72 -68.30 -46.66
N ALA F 126 -17.13 -69.17 -45.85
CA ALA F 126 -15.71 -69.10 -45.55
C ALA F 126 -14.84 -68.99 -46.80
N GLY F 127 -15.03 -69.94 -47.72
CA GLY F 127 -14.25 -69.96 -48.95
C GLY F 127 -14.40 -68.69 -49.77
N GLU F 128 -15.64 -68.21 -49.89
CA GLU F 128 -15.93 -67.01 -50.65
C GLU F 128 -15.29 -65.77 -50.03
N VAL F 129 -15.39 -65.66 -48.71
CA VAL F 129 -14.79 -64.53 -48.00
C VAL F 129 -13.27 -64.54 -48.16
N GLU F 130 -12.67 -65.71 -48.07
CA GLU F 130 -11.23 -65.85 -48.24
C GLU F 130 -10.77 -65.44 -49.64
N ARG F 131 -11.63 -65.65 -50.63
CA ARG F 131 -11.33 -65.24 -51.99
C ARG F 131 -11.31 -63.72 -52.11
N LEU F 132 -12.26 -63.08 -51.45
CA LEU F 132 -12.40 -61.63 -51.51
C LEU F 132 -11.24 -60.90 -50.82
N ILE F 133 -10.96 -61.29 -49.58
CA ILE F 133 -9.93 -60.61 -48.79
C ILE F 133 -8.52 -61.02 -49.20
N GLY F 134 -8.42 -62.07 -50.01
CA GLY F 134 -7.15 -62.49 -50.57
C GLY F 134 -6.27 -63.33 -49.66
N HIS F 135 -6.84 -63.83 -48.57
CA HIS F 135 -6.11 -64.69 -47.65
C HIS F 135 -7.06 -65.50 -46.76
N PRO F 136 -6.54 -66.57 -46.13
CA PRO F 136 -7.37 -67.41 -45.26
C PRO F 136 -7.87 -66.66 -44.03
N LEU F 137 -9.01 -67.06 -43.51
CA LEU F 137 -9.52 -66.50 -42.26
C LEU F 137 -8.54 -66.81 -41.13
N PRO F 138 -8.64 -66.06 -40.02
CA PRO F 138 -9.62 -65.01 -39.75
C PRO F 138 -9.32 -63.71 -40.50
N LEU F 139 -10.27 -62.79 -40.45
CA LEU F 139 -10.06 -61.44 -40.98
C LEU F 139 -8.97 -60.75 -40.16
N ARG F 140 -8.15 -59.94 -40.84
CA ARG F 140 -7.10 -59.20 -40.17
C ARG F 140 -7.30 -57.71 -40.35
N LEU F 141 -6.55 -57.12 -41.27
CA LEU F 141 -6.72 -55.72 -41.62
C LEU F 141 -7.74 -55.56 -42.74
N ASP F 142 -8.90 -56.17 -42.55
CA ASP F 142 -9.96 -56.12 -43.54
C ASP F 142 -11.31 -56.42 -42.93
N ALA F 143 -12.38 -56.15 -43.68
CA ALA F 143 -13.74 -56.34 -43.18
C ALA F 143 -14.62 -57.00 -44.23
N ILE F 144 -15.69 -57.65 -43.78
CA ILE F 144 -16.63 -58.29 -44.67
C ILE F 144 -18.07 -58.01 -44.24
N THR F 145 -18.91 -57.64 -45.21
CA THR F 145 -20.30 -57.36 -44.94
C THR F 145 -21.20 -58.36 -45.67
N GLY F 146 -22.20 -58.85 -44.97
CA GLY F 146 -23.15 -59.79 -45.55
C GLY F 146 -24.29 -60.07 -44.59
N PRO F 147 -25.31 -60.81 -45.06
CA PRO F 147 -26.45 -61.16 -44.21
C PRO F 147 -26.01 -61.95 -42.98
N GLU F 148 -26.50 -61.53 -41.81
CA GLU F 148 -26.26 -62.27 -40.57
C GLU F 148 -26.97 -63.61 -40.64
N GLU F 149 -28.17 -63.59 -41.22
CA GLU F 149 -28.93 -64.80 -41.51
C GLU F 149 -29.52 -64.66 -42.91
N GLU F 150 -29.89 -65.79 -43.50
CA GLU F 150 -30.54 -65.78 -44.81
C GLU F 150 -31.80 -64.91 -44.76
N GLY F 151 -31.80 -63.84 -45.56
CA GLY F 151 -32.94 -62.95 -45.63
C GLY F 151 -33.01 -61.95 -44.49
N GLY F 152 -31.97 -61.90 -43.66
CA GLY F 152 -31.92 -60.99 -42.53
C GLY F 152 -31.12 -59.74 -42.79
N HIS F 153 -30.84 -59.00 -41.71
CA HIS F 153 -30.06 -57.76 -41.78
C HIS F 153 -28.60 -58.03 -42.13
N LEU F 154 -27.93 -57.00 -42.66
CA LEU F 154 -26.51 -57.08 -42.95
C LEU F 154 -25.70 -56.85 -41.68
N GLU F 155 -24.62 -57.61 -41.53
CA GLU F 155 -23.68 -57.38 -40.44
C GLU F 155 -22.27 -57.26 -41.01
N THR F 156 -21.45 -56.47 -40.35
CA THR F 156 -20.08 -56.27 -40.78
C THR F 156 -19.12 -56.82 -39.73
N ILE F 157 -18.17 -57.64 -40.17
CA ILE F 157 -17.15 -58.15 -39.28
C ILE F 157 -15.84 -57.44 -39.57
N LEU F 158 -15.35 -56.68 -38.60
CA LEU F 158 -14.05 -56.03 -38.72
C LEU F 158 -13.00 -56.94 -38.09
N GLY F 159 -11.99 -57.31 -38.86
CA GLY F 159 -10.88 -58.06 -38.32
C GLY F 159 -10.35 -57.32 -37.11
N TRP F 160 -9.92 -58.05 -36.10
CA TRP F 160 -9.43 -57.44 -34.86
C TRP F 160 -8.38 -56.36 -35.08
N PRO F 161 -7.40 -56.63 -35.97
CA PRO F 161 -6.40 -55.58 -36.25
C PRO F 161 -7.08 -54.30 -36.71
N LEU F 162 -8.08 -54.42 -37.59
CA LEU F 162 -8.82 -53.26 -38.08
C LEU F 162 -9.62 -52.63 -36.96
N ALA F 163 -10.32 -53.47 -36.20
CA ALA F 163 -11.19 -53.02 -35.12
C ALA F 163 -10.45 -52.20 -34.07
N GLU F 164 -9.19 -52.56 -33.81
CA GLU F 164 -8.39 -51.86 -32.80
C GLU F 164 -7.92 -50.49 -33.31
N ARG F 165 -8.20 -50.20 -34.57
CA ARG F 165 -7.85 -48.91 -35.16
C ARG F 165 -9.10 -48.08 -35.41
N THR F 166 -10.21 -48.49 -34.81
CA THR F 166 -11.45 -47.75 -34.95
C THR F 166 -11.57 -46.65 -33.90
N VAL F 167 -12.46 -45.70 -34.14
CA VAL F 167 -12.86 -44.74 -33.12
C VAL F 167 -14.36 -44.86 -32.91
N VAL F 168 -14.76 -45.17 -31.69
CA VAL F 168 -16.17 -45.36 -31.39
C VAL F 168 -16.71 -44.24 -30.51
N ILE F 169 -17.86 -43.69 -30.91
CA ILE F 169 -18.54 -42.66 -30.15
C ILE F 169 -19.99 -43.08 -29.94
N PRO F 170 -20.65 -42.48 -28.94
CA PRO F 170 -22.06 -42.83 -28.67
C PRO F 170 -22.99 -42.42 -29.82
N SER F 171 -24.09 -43.15 -29.98
CA SER F 171 -25.12 -42.77 -30.91
C SER F 171 -26.16 -41.91 -30.20
N ALA F 172 -26.86 -41.07 -30.93
CA ALA F 172 -27.92 -40.26 -30.34
C ALA F 172 -29.22 -41.04 -30.26
N ILE F 173 -29.17 -42.29 -30.69
CA ILE F 173 -30.32 -43.18 -30.61
C ILE F 173 -30.37 -43.86 -29.24
N PRO F 174 -31.41 -43.54 -28.46
CA PRO F 174 -31.55 -44.06 -27.09
C PRO F 174 -32.09 -45.48 -27.08
N THR F 175 -31.73 -46.25 -26.06
CA THR F 175 -32.37 -47.52 -25.79
C THR F 175 -33.47 -47.28 -24.77
N ASP F 176 -34.49 -48.13 -24.74
CA ASP F 176 -35.63 -47.94 -23.86
C ASP F 176 -35.48 -48.74 -22.56
N PRO F 177 -35.25 -48.05 -21.44
CA PRO F 177 -35.07 -48.68 -20.13
C PRO F 177 -36.37 -49.30 -19.63
N ARG F 178 -37.50 -48.83 -20.16
CA ARG F 178 -38.81 -49.34 -19.76
C ARG F 178 -39.40 -50.28 -20.81
N ASN F 179 -38.58 -50.67 -21.77
CA ASN F 179 -38.98 -51.63 -22.80
C ASN F 179 -37.79 -52.42 -23.33
N VAL F 180 -36.98 -52.95 -22.42
CA VAL F 180 -35.82 -53.73 -22.79
C VAL F 180 -36.22 -55.00 -23.54
N GLY F 181 -35.66 -55.18 -24.73
CA GLY F 181 -35.97 -56.35 -25.54
C GLY F 181 -36.90 -56.03 -26.69
N GLY F 182 -37.38 -54.80 -26.75
CA GLY F 182 -38.23 -54.36 -27.83
C GLY F 182 -37.44 -54.03 -29.07
N ASP F 183 -38.12 -53.75 -30.17
CA ASP F 183 -37.44 -53.39 -31.41
C ASP F 183 -37.22 -51.89 -31.51
N LEU F 184 -36.21 -51.51 -32.28
CA LEU F 184 -35.91 -50.10 -32.50
C LEU F 184 -37.04 -49.41 -33.24
N ASP F 185 -37.61 -48.38 -32.62
CA ASP F 185 -38.64 -47.57 -33.25
C ASP F 185 -37.98 -46.54 -34.17
N PRO F 186 -38.21 -46.67 -35.49
CA PRO F 186 -37.60 -45.80 -36.50
C PRO F 186 -37.79 -44.32 -36.17
N SER F 187 -38.87 -44.00 -35.46
CA SER F 187 -39.21 -42.61 -35.16
C SER F 187 -38.33 -42.03 -34.05
N SER F 188 -37.66 -42.89 -33.29
CA SER F 188 -36.77 -42.44 -32.22
C SER F 188 -35.36 -42.21 -32.74
N ILE F 189 -35.18 -42.27 -34.05
CA ILE F 189 -33.90 -41.96 -34.68
C ILE F 189 -33.90 -40.53 -35.19
N PRO F 190 -33.06 -39.67 -34.60
CA PRO F 190 -32.98 -38.26 -34.97
C PRO F 190 -32.61 -38.09 -36.46
N ASP F 191 -33.45 -37.37 -37.19
CA ASP F 191 -33.23 -37.14 -38.61
C ASP F 191 -31.81 -36.64 -38.89
N LYS F 192 -31.28 -35.84 -37.98
CA LYS F 192 -29.93 -35.30 -38.14
C LYS F 192 -28.88 -36.40 -38.14
N GLU F 193 -29.09 -37.43 -37.32
CA GLU F 193 -28.15 -38.55 -37.27
C GLU F 193 -28.27 -39.44 -38.50
N GLN F 194 -29.49 -39.65 -38.96
CA GLN F 194 -29.75 -40.45 -40.15
C GLN F 194 -29.06 -39.83 -41.37
N ALA F 195 -28.92 -38.51 -41.34
CA ALA F 195 -28.32 -37.77 -42.44
C ALA F 195 -26.81 -37.95 -42.50
N ILE F 196 -26.23 -38.42 -41.40
CA ILE F 196 -24.78 -38.63 -41.34
C ILE F 196 -24.44 -40.10 -41.15
N SER F 197 -25.40 -40.98 -41.46
CA SER F 197 -25.23 -42.41 -41.24
C SER F 197 -25.12 -43.20 -42.55
N ALA F 198 -24.84 -42.49 -43.64
CA ALA F 198 -24.62 -43.15 -44.92
C ALA F 198 -23.36 -44.00 -44.85
N LEU F 199 -23.41 -45.17 -45.48
CA LEU F 199 -22.30 -46.11 -45.45
C LEU F 199 -21.47 -46.02 -46.72
N PRO F 200 -20.17 -46.38 -46.63
CA PRO F 200 -19.30 -46.40 -47.80
C PRO F 200 -19.70 -47.52 -48.76
N ASP F 201 -19.29 -47.40 -50.02
CA ASP F 201 -19.58 -48.45 -51.00
C ASP F 201 -18.48 -49.52 -50.95
N TYR F 202 -18.87 -50.74 -50.59
CA TYR F 202 -17.92 -51.82 -50.44
C TYR F 202 -17.67 -52.57 -51.74
N ALA F 203 -16.45 -53.06 -51.93
CA ALA F 203 -16.09 -53.81 -53.12
C ALA F 203 -16.64 -55.24 -53.05
N SER F 204 -17.07 -55.75 -54.19
CA SER F 204 -17.61 -57.10 -54.27
C SER F 204 -16.65 -58.04 -54.99
N GLN F 205 -15.52 -57.49 -55.43
CA GLN F 205 -14.49 -58.27 -56.09
C GLN F 205 -13.15 -58.08 -55.39
N PRO F 206 -12.32 -59.13 -55.39
CA PRO F 206 -11.00 -59.08 -54.74
C PRO F 206 -10.14 -57.94 -55.28
N GLY F 207 -9.17 -57.48 -54.50
CA GLY F 207 -8.29 -56.41 -54.92
C GLY F 207 -7.19 -56.89 -55.85
PA NAD G . 24.00 -14.15 -38.60
O1A NAD G . 23.87 -15.47 -37.89
O2A NAD G . 24.46 -14.15 -40.04
O5B NAD G . 25.04 -13.29 -37.73
C5B NAD G . 24.89 -13.40 -36.30
C4B NAD G . 24.64 -12.02 -35.65
O4B NAD G . 25.84 -11.43 -35.09
C3B NAD G . 24.02 -10.97 -36.59
O3B NAD G . 22.64 -10.80 -36.27
C2B NAD G . 24.73 -9.69 -36.18
O2B NAD G . 23.76 -8.66 -35.93
C1B NAD G . 25.45 -10.07 -34.90
N9A NAD G . 26.58 -9.19 -34.55
C8A NAD G . 26.79 -8.65 -33.34
N7A NAD G . 27.93 -7.92 -33.37
C5A NAD G . 28.43 -8.01 -34.61
C6A NAD G . 29.55 -7.49 -35.25
N6A NAD G . 30.41 -6.70 -34.56
N1A NAD G . 29.77 -7.80 -36.55
C2A NAD G . 28.93 -8.58 -37.23
N3A NAD G . 27.84 -9.10 -36.65
C4A NAD G . 27.58 -8.83 -35.34
O3 NAD G . 22.62 -13.33 -38.46
PN NAD G . 22.07 -12.33 -39.58
O1N NAD G . 23.14 -12.01 -40.59
O2N NAD G . 21.32 -11.21 -38.91
O5D NAD G . 20.98 -13.29 -40.29
C5D NAD G . 21.50 -14.24 -41.22
C4D NAD G . 20.42 -14.66 -42.21
O4D NAD G . 19.41 -13.67 -42.34
C3D NAD G . 21.07 -14.83 -43.57
O3D NAD G . 21.25 -16.22 -43.86
C2D NAD G . 20.14 -14.14 -44.55
O2D NAD G . 19.49 -15.12 -45.37
C1D NAD G . 19.11 -13.40 -43.71
N1N NAD G . 19.21 -11.96 -43.93
C2N NAD G . 19.43 -11.15 -42.88
C3N NAD G . 19.52 -9.77 -43.03
C7N NAD G . 19.77 -8.89 -41.84
O7N NAD G . 19.53 -7.70 -41.92
N7N NAD G . 20.22 -9.43 -40.71
C4N NAD G . 19.37 -9.22 -44.30
C5N NAD G . 19.13 -10.07 -45.37
C6N NAD G . 19.05 -11.44 -45.16
PA NAD H . 66.80 34.02 -45.01
O1A NAD H . 66.83 32.63 -44.43
O2A NAD H . 67.34 34.23 -46.39
O5B NAD H . 67.63 34.96 -44.00
C5B NAD H . 67.28 34.88 -42.61
C4B NAD H . 67.07 36.27 -41.99
O4B NAD H . 68.29 36.87 -41.48
C3B NAD H . 66.44 37.29 -42.96
O3B NAD H . 65.09 37.51 -42.57
C2B NAD H . 67.19 38.58 -42.68
O2B NAD H . 66.26 39.64 -42.49
C1B NAD H . 67.93 38.25 -41.38
N9A NAD H . 69.06 39.15 -41.06
C8A NAD H . 69.27 39.73 -39.88
N7A NAD H . 70.40 40.48 -39.93
C5A NAD H . 70.90 40.36 -41.18
C6A NAD H . 72.00 40.88 -41.82
N6A NAD H . 72.85 41.70 -41.15
N1A NAD H . 72.22 40.55 -43.11
C2A NAD H . 71.39 39.73 -43.76
N3A NAD H . 70.31 39.22 -43.18
C4A NAD H . 70.06 39.51 -41.88
O3 NAD H . 65.30 34.60 -44.91
PN NAD H . 64.70 35.62 -46.01
O1N NAD H . 65.75 35.94 -47.04
O2N NAD H . 64.00 36.74 -45.29
O5D NAD H . 63.58 34.69 -46.68
C5D NAD H . 64.01 33.63 -47.53
C4D NAD H . 62.98 33.37 -48.62
O4D NAD H . 62.06 34.46 -48.74
C3D NAD H . 63.69 33.25 -49.95
O3D NAD H . 63.84 31.88 -50.32
C2D NAD H . 62.79 33.97 -50.94
O2D NAD H . 62.13 33.02 -51.78
C1D NAD H . 61.74 34.69 -50.11
N1N NAD H . 61.81 36.14 -50.35
C2N NAD H . 61.98 36.95 -49.30
C3N NAD H . 62.03 38.33 -49.48
C7N NAD H . 62.23 39.22 -48.29
O7N NAD H . 61.70 40.31 -48.27
N7N NAD H . 62.95 38.78 -47.27
C4N NAD H . 61.90 38.87 -50.75
C5N NAD H . 61.72 38.00 -51.82
C6N NAD H . 61.66 36.63 -51.59
PA NAD I . -19.18 -60.90 -28.80
O1A NAD I . -19.19 -62.21 -28.04
O2A NAD I . -18.73 -60.91 -30.23
O5B NAD I . -18.21 -59.94 -27.97
C5B NAD I . -18.37 -59.94 -26.54
C4B NAD I . -18.61 -58.51 -25.99
O4B NAD I . -17.41 -57.86 -25.51
C3B NAD I . -19.26 -57.55 -26.99
O3B NAD I . -20.63 -57.34 -26.63
C2B NAD I . -18.56 -56.22 -26.75
O2B NAD I . -19.55 -55.21 -26.58
C1B NAD I . -17.81 -56.49 -25.44
N9A NAD I . -16.70 -55.54 -25.14
C8A NAD I . -16.51 -54.92 -23.98
N7A NAD I . -15.40 -54.15 -24.05
C5A NAD I . -14.87 -54.33 -25.27
C6A NAD I . -13.76 -53.82 -25.93
N6A NAD I . -12.94 -52.95 -25.28
N1A NAD I . -13.52 -54.21 -27.20
C2A NAD I . -14.32 -55.06 -27.83
N3A NAD I . -15.40 -55.57 -27.23
C4A NAD I . -15.69 -55.22 -25.95
O3 NAD I . -20.62 -60.20 -28.66
PN NAD I . -21.27 -59.26 -29.79
O1N NAD I . -20.27 -58.94 -30.87
O2N NAD I . -22.06 -58.16 -29.13
O5D NAD I . -22.35 -60.29 -30.40
C5D NAD I . -21.84 -61.26 -31.31
C4D NAD I . -22.91 -61.69 -32.30
O4D NAD I . -23.88 -60.66 -32.50
C3D NAD I . -22.23 -61.94 -33.63
O3D NAD I . -22.08 -63.34 -33.85
C2D NAD I . -23.12 -61.29 -34.66
O2D NAD I . -23.76 -62.31 -35.44
C1D NAD I . -24.17 -60.50 -33.90
N1N NAD I . -24.07 -59.07 -34.22
C2N NAD I . -23.91 -58.18 -33.24
C3N NAD I . -23.83 -56.82 -33.50
C7N NAD I . -23.65 -55.84 -32.38
O7N NAD I . -24.06 -54.70 -32.51
N7N NAD I . -23.06 -56.24 -31.26
C4N NAD I . -23.93 -56.38 -34.82
C5N NAD I . -24.10 -57.32 -35.82
C6N NAD I . -24.18 -58.67 -35.50
#